data_6ZO8
#
_entry.id   6ZO8
#
_cell.length_a   146.414
_cell.length_b   161.617
_cell.length_c   245.041
_cell.angle_alpha   90.000
_cell.angle_beta   90.000
_cell.angle_gamma   90.000
#
_symmetry.space_group_name_H-M   'P 21 21 21'
#
loop_
_entity.id
_entity.type
_entity.pdbx_description
1 polymer 'Multidrug efflux pump subunit AcrB'
2 polymer DARPIN
3 non-polymer DODECYL-BETA-D-MALTOSIDE
4 non-polymer GLYCEROL
5 non-polymer DECANE
6 non-polymer TETRADECANE
7 non-polymer 1,2-ETHANEDIOL
8 non-polymer '(4S,4AS,5AR,12AS)-4,7-BIS(DIMETHYLAMINO)-3,10,12,12A-TETRAHYDROXY-1,11-DIOXO-1,4,4A,5,5A,6,11,12A-OCTAHYDROTETRACENE-2- CARBOXAMIDE'
9 non-polymer DODECYL-ALPHA-D-MALTOSIDE
10 non-polymer PHOSPHATIDYLETHANOLAMINE
11 non-polymer '(2S)-3-hydroxypropane-1,2-diyl didecanoate'
12 non-polymer N-OCTANE
13 non-polymer DODECANE
14 non-polymer HEXANE
15 non-polymer 'SULFATE ION'
16 non-polymer DECYLAMINE-N,N-DIMETHYL-N-OXIDE
17 non-polymer 'SODIUM ION'
18 non-polymer 'CHLORIDE ION'
19 non-polymer '(2S)-3-{[(R)-(2-aminoethoxy)(hydroxy)phosphoryl]oxy}-2-hydroxypropyl hexadecanoate'
20 water water
#
loop_
_entity_poly.entity_id
_entity_poly.type
_entity_poly.pdbx_seq_one_letter_code
_entity_poly.pdbx_strand_id
1 'polypeptide(L)'
;MPNFFIDRPIFAWVIAIIIMLAGGLAILKLPVAQYPTIAPPAVTISASYPGADAKTVQDTVTQVIEQNMNGIDNLMYMSS
NSDSTGTVQITLTFESGTDADIAQVQVQNKLQLAMPLLPQEVQQQGVSVEKSSSSFLMVVGVINTDGTMTQEDISDYVAA
NMKDAISRTSGVGDVQLFGSQYAMRIWMNPNELNKFQLTPVDVITAIKAQNAQVAAGQLGGTPPVKGQQLNASIIAQTRL
TSTEEFGKILLKVNQDGSRVLLRDVAKIELGGENYDIIAEFNGQPASGLGIKLATGANALDTAAAIRAELAKMEPFFPSG
LKIVYPYDTTPFVKISIHEVVKTLVEAIILVFLVMYLFLQNFRATLIPTIAVPVVLLGTFAVLAAFGFSINTLTMFGMVL
AIGLLVDDAIVVVENVERVMAEEGLPPKEATRKSMGQIQGALVGIAMVLSAVFVPMAFFGGSTGAIYRQFSITIVSAMAL
SVLVALILTPALCATMLKPIAKGDHGEGKKGFFGWFNRMFEKSTHHYTDSVGGILRSTGRYLVLYLIIVVGMAYLFVRLP
SSFLPDEDQGVFMTMVQLPAGATQERTQKVLNEVTHYYLTKEKNNVESVFAVNGFGFAGRPQNTGIAFVSLKDWADRPGE
ENKVEAITMRATRAFSQIKDAMVFAFNLPAIVELGTATGFDFELIDQAGLGHEKLTQARNQLLAEAAKHPDMLTSVRPNG
LEDTPQFKIDIDQEKAQALGVSINDINTTLGAAWGGSYVNDFIDRGRVKKVYVMSEAKYRMLPDDIGDWYVRAADGQMVP
FSAFSSSRWEYGSPRLERYNGLPSMEILGQAAPGKSTGEAMELMEQLASKLPTGVGYDWTGMSYQERLSGNQAPSLYAIS
LIVVFLCLAALYESWSIPFSVMLVVPLGVIGALLAATFRGLTNDVYFQVGLLTTIGLSAKNAILIVEFAKDLMDKEGKGL
IEATLDAVRMRLRPILMTSLAFILGVMPLVISTGAGSGAQNAVGTGVMGGMVTATVLAIFFVPVFFVVVRRRFSRKNEDI
EHSHTVDHHLEHHHHHH
;
A,B,C
2 'polypeptide(L)'
;MRGSHHHHHHGSDLGKKLLEAARAGRDDEVRILMANGADVNAADVVGWTPLHLAAYWGHLEIVEVLLKNGADVNAYDTLG
STPLHLAAHFGHLEIVEVLLKNGADVNAKDDNGITPLHLAANRGHLEIVEVLLKYGADVNAQDKFGKTAFDISINNGNED
LAEILQKLN
;
D,E
#
loop_
_chem_comp.id
_chem_comp.type
_chem_comp.name
_chem_comp.formula
C14 non-polymer TETRADECANE 'C14 H30'
CL non-polymer 'CHLORIDE ION' 'Cl -1'
D10 non-polymer DECANE 'C10 H22'
D12 non-polymer DODECANE 'C12 H26'
DDQ non-polymer DECYLAMINE-N,N-DIMETHYL-N-OXIDE 'C12 H27 N O'
DDR non-polymer '(2S)-3-hydroxypropane-1,2-diyl didecanoate' 'C23 H44 O5'
EDO non-polymer 1,2-ETHANEDIOL 'C2 H6 O2'
GOL non-polymer GLYCEROL 'C3 H8 O3'
HEX non-polymer HEXANE 'C6 H14'
LMT D-saccharide DODECYL-BETA-D-MALTOSIDE 'C24 H46 O11'
LMU D-saccharide DODECYL-ALPHA-D-MALTOSIDE 'C24 H46 O11'
LPX non-polymer '(2S)-3-{[(R)-(2-aminoethoxy)(hydroxy)phosphoryl]oxy}-2-hydroxypropyl hexadecanoate' 'C21 H44 N O7 P'
MIY non-polymer '(4S,4AS,5AR,12AS)-4,7-BIS(DIMETHYLAMINO)-3,10,12,12A-TETRAHYDROXY-1,11-DIOXO-1,4,4A,5,5A,6,11,12A-OCTAHYDROTETRACENE-2- CARBOXAMIDE' 'C23 H27 N3 O7'
NA non-polymer 'SODIUM ION' 'Na 1'
OCT non-polymer N-OCTANE 'C8 H18'
PTY non-polymer PHOSPHATIDYLETHANOLAMINE 'C40 H80 N O8 P'
SO4 non-polymer 'SULFATE ION' 'O4 S -2'
#
# COMPACT_ATOMS: atom_id res chain seq x y z
N MET A 1 -14.83 43.48 14.68
CA MET A 1 -15.18 42.13 15.25
C MET A 1 -15.39 42.24 16.76
N PRO A 2 -14.50 42.90 17.54
CA PRO A 2 -14.74 43.09 18.97
C PRO A 2 -16.08 43.81 19.26
N ASN A 3 -16.35 44.91 18.54
CA ASN A 3 -17.59 45.71 18.67
C ASN A 3 -18.81 44.82 18.41
N PHE A 4 -18.77 44.03 17.33
CA PHE A 4 -19.84 43.09 16.93
C PHE A 4 -20.19 42.15 18.09
N PHE A 5 -19.16 41.56 18.73
CA PHE A 5 -19.32 40.49 19.76
C PHE A 5 -19.54 41.11 21.15
N ILE A 6 -19.17 42.37 21.36
CA ILE A 6 -19.52 43.15 22.59
C ILE A 6 -21.04 43.31 22.66
N ASP A 7 -21.69 43.53 21.52
CA ASP A 7 -23.17 43.66 21.38
C ASP A 7 -23.84 42.29 21.43
N ARG A 8 -23.11 41.21 21.08
CA ARG A 8 -23.66 39.84 20.96
C ARG A 8 -22.81 38.86 21.79
N PRO A 9 -22.91 38.90 23.13
CA PRO A 9 -22.12 38.00 23.98
C PRO A 9 -22.44 36.51 23.81
N ILE A 10 -23.70 36.17 23.50
CA ILE A 10 -24.16 34.75 23.34
C ILE A 10 -23.50 34.15 22.08
N PHE A 11 -23.46 34.91 20.98
CA PHE A 11 -22.73 34.53 19.74
C PHE A 11 -21.29 34.19 20.11
N ALA A 12 -20.61 35.09 20.83
CA ALA A 12 -19.22 34.91 21.33
C ALA A 12 -19.10 33.56 22.05
N TRP A 13 -20.00 33.31 23.00
CA TRP A 13 -20.08 32.05 23.79
C TRP A 13 -20.27 30.84 22.85
N VAL A 14 -21.19 30.95 21.90
CA VAL A 14 -21.54 29.87 20.93
C VAL A 14 -20.28 29.45 20.17
N ILE A 15 -19.48 30.41 19.70
CA ILE A 15 -18.21 30.16 18.96
C ILE A 15 -17.21 29.46 19.90
N ALA A 16 -17.09 29.94 21.14
CA ALA A 16 -16.22 29.36 22.19
C ALA A 16 -16.61 27.89 22.41
N ILE A 17 -17.92 27.63 22.54
CA ILE A 17 -18.48 26.27 22.85
C ILE A 17 -18.19 25.32 21.66
N ILE A 18 -18.47 25.76 20.43
CA ILE A 18 -18.26 24.95 19.20
C ILE A 18 -16.77 24.61 19.06
N ILE A 19 -15.88 25.58 19.34
CA ILE A 19 -14.40 25.39 19.36
C ILE A 19 -14.05 24.29 20.38
N MET A 20 -14.71 24.31 21.54
CA MET A 20 -14.44 23.36 22.66
C MET A 20 -15.01 21.97 22.33
N LEU A 21 -16.18 21.90 21.70
CA LEU A 21 -16.77 20.63 21.20
C LEU A 21 -15.79 19.97 20.23
N ALA A 22 -15.41 20.71 19.17
CA ALA A 22 -14.45 20.29 18.13
C ALA A 22 -13.16 19.77 18.79
N GLY A 23 -12.64 20.53 19.76
CA GLY A 23 -11.46 20.16 20.56
C GLY A 23 -11.70 18.88 21.35
N GLY A 24 -12.85 18.80 22.03
CA GLY A 24 -13.26 17.63 22.85
C GLY A 24 -13.35 16.37 22.01
N LEU A 25 -13.99 16.46 20.84
CA LEU A 25 -14.19 15.32 19.89
C LEU A 25 -12.84 14.90 19.29
N ALA A 26 -11.93 15.85 19.10
CA ALA A 26 -10.54 15.61 18.62
C ALA A 26 -9.80 14.77 19.66
N ILE A 27 -9.87 15.15 20.94
CA ILE A 27 -9.16 14.46 22.07
C ILE A 27 -9.59 12.98 22.13
N LEU A 28 -10.87 12.69 21.90
CA LEU A 28 -11.45 11.32 22.00
C LEU A 28 -10.98 10.44 20.84
N LYS A 29 -10.61 11.04 19.70
CA LYS A 29 -10.32 10.32 18.43
C LYS A 29 -8.82 10.43 18.06
N LEU A 30 -8.12 11.46 18.53
CA LEU A 30 -6.68 11.68 18.19
C LEU A 30 -5.86 10.49 18.70
N PRO A 31 -4.88 10.00 17.91
CA PRO A 31 -3.94 8.99 18.40
C PRO A 31 -3.02 9.58 19.48
N VAL A 32 -2.63 8.76 20.45
CA VAL A 32 -1.67 9.11 21.54
C VAL A 32 -0.38 8.30 21.33
N ALA A 33 0.77 8.94 21.52
CA ALA A 33 2.11 8.33 21.41
C ALA A 33 3.08 9.13 22.30
N GLN A 34 4.28 8.59 22.55
CA GLN A 34 5.32 9.29 23.34
C GLN A 34 5.96 10.39 22.48
N TYR A 35 6.35 10.03 21.25
CA TYR A 35 6.95 10.93 20.24
C TYR A 35 6.32 10.67 18.87
N PRO A 36 6.50 11.57 17.89
CA PRO A 36 6.23 11.24 16.49
C PRO A 36 7.27 10.22 15.98
N THR A 37 6.85 9.27 15.14
CA THR A 37 7.71 8.18 14.60
C THR A 37 8.71 8.78 13.60
N ILE A 38 9.99 8.85 13.99
CA ILE A 38 11.12 9.36 13.17
C ILE A 38 11.93 8.17 12.63
N ALA A 39 11.69 6.97 13.17
CA ALA A 39 12.44 5.73 12.86
C ALA A 39 12.25 5.34 11.40
N PRO A 40 13.34 5.06 10.64
CA PRO A 40 13.21 4.62 9.26
C PRO A 40 12.52 3.26 9.19
N PRO A 41 11.57 3.04 8.26
CA PRO A 41 10.94 1.73 8.08
C PRO A 41 11.97 0.63 7.73
N ALA A 42 11.81 -0.55 8.32
CA ALA A 42 12.70 -1.71 8.13
C ALA A 42 11.86 -2.95 7.79
N VAL A 43 12.09 -3.54 6.61
CA VAL A 43 11.48 -4.83 6.17
C VAL A 43 12.49 -5.94 6.43
N THR A 44 12.06 -7.00 7.11
CA THR A 44 12.93 -8.11 7.59
C THR A 44 12.50 -9.42 6.91
N ILE A 45 13.39 -10.01 6.11
CA ILE A 45 13.23 -11.37 5.51
C ILE A 45 13.90 -12.38 6.45
N SER A 46 13.11 -13.31 7.01
CA SER A 46 13.58 -14.41 7.89
C SER A 46 13.33 -15.76 7.20
N ALA A 47 14.34 -16.63 7.19
CA ALA A 47 14.25 -18.02 6.66
C ALA A 47 15.01 -18.97 7.60
N SER A 48 14.70 -20.27 7.51
CA SER A 48 15.14 -21.32 8.45
C SER A 48 15.58 -22.56 7.67
N TYR A 49 16.80 -23.05 7.92
CA TYR A 49 17.38 -24.27 7.31
C TYR A 49 17.73 -25.24 8.44
N PRO A 50 16.83 -26.19 8.79
CA PRO A 50 17.08 -27.11 9.90
C PRO A 50 18.41 -27.87 9.75
N GLY A 51 19.30 -27.72 10.73
CA GLY A 51 20.58 -28.45 10.83
C GLY A 51 21.68 -27.84 9.99
N ALA A 52 21.46 -26.67 9.39
CA ALA A 52 22.46 -25.96 8.55
C ALA A 52 23.44 -25.21 9.45
N ASP A 53 24.71 -25.16 9.02
CA ASP A 53 25.78 -24.31 9.61
C ASP A 53 25.69 -22.92 8.97
N ALA A 54 26.31 -21.92 9.59
CA ALA A 54 26.30 -20.49 9.17
C ALA A 54 26.65 -20.37 7.69
N LYS A 55 27.69 -21.08 7.24
CA LYS A 55 28.22 -21.02 5.86
C LYS A 55 27.19 -21.58 4.88
N THR A 56 26.61 -22.75 5.17
CA THR A 56 25.56 -23.42 4.36
C THR A 56 24.36 -22.48 4.19
N VAL A 57 23.92 -21.86 5.28
CA VAL A 57 22.79 -20.88 5.29
C VAL A 57 23.14 -19.74 4.33
N GLN A 58 24.33 -19.15 4.47
CA GLN A 58 24.81 -17.97 3.68
C GLN A 58 24.81 -18.32 2.19
N ASP A 59 25.38 -19.46 1.82
CA ASP A 59 25.78 -19.79 0.43
C ASP A 59 24.62 -20.45 -0.33
N THR A 60 23.56 -20.90 0.35
CA THR A 60 22.37 -21.53 -0.29
C THR A 60 21.11 -20.69 -0.11
N VAL A 61 21.11 -19.67 0.78
CA VAL A 61 19.91 -18.85 1.08
C VAL A 61 20.26 -17.35 1.01
N THR A 62 21.04 -16.85 1.98
CA THR A 62 21.29 -15.39 2.17
C THR A 62 21.77 -14.78 0.86
N GLN A 63 22.84 -15.32 0.27
CA GLN A 63 23.48 -14.77 -0.96
C GLN A 63 22.47 -14.77 -2.11
N VAL A 64 21.70 -15.85 -2.25
CA VAL A 64 20.69 -16.03 -3.34
C VAL A 64 19.65 -14.91 -3.23
N ILE A 65 19.13 -14.65 -2.03
CA ILE A 65 18.08 -13.64 -1.76
C ILE A 65 18.67 -12.24 -2.00
N GLU A 66 19.87 -11.97 -1.48
CA GLU A 66 20.57 -10.66 -1.56
C GLU A 66 20.78 -10.26 -3.02
N GLN A 67 21.22 -11.20 -3.87
CA GLN A 67 21.50 -10.96 -5.31
C GLN A 67 20.21 -10.60 -6.06
N ASN A 68 19.04 -10.92 -5.50
CA ASN A 68 17.71 -10.64 -6.11
C ASN A 68 17.12 -9.34 -5.54
N MET A 69 17.74 -8.72 -4.54
CA MET A 69 17.26 -7.45 -3.92
C MET A 69 17.81 -6.26 -4.71
N ASN A 70 17.11 -5.88 -5.79
CA ASN A 70 17.48 -4.76 -6.69
C ASN A 70 16.20 -4.07 -7.17
N GLY A 71 16.31 -2.82 -7.62
CA GLY A 71 15.16 -2.00 -8.09
C GLY A 71 14.12 -1.86 -6.99
N ILE A 72 14.57 -1.53 -5.78
CA ILE A 72 13.72 -1.33 -4.57
C ILE A 72 13.84 0.14 -4.16
N ASP A 73 12.73 0.88 -4.23
CA ASP A 73 12.70 2.35 -4.01
C ASP A 73 13.08 2.68 -2.56
N ASN A 74 13.84 3.76 -2.37
CA ASN A 74 14.08 4.44 -1.07
C ASN A 74 14.88 3.52 -0.12
N LEU A 75 15.66 2.58 -0.65
CA LEU A 75 16.52 1.67 0.15
C LEU A 75 17.79 2.43 0.55
N MET A 76 18.03 2.59 1.86
CA MET A 76 19.23 3.26 2.41
C MET A 76 20.38 2.24 2.48
N TYR A 77 20.13 1.06 3.07
CA TYR A 77 21.12 -0.03 3.20
C TYR A 77 20.42 -1.36 3.52
N MET A 78 21.17 -2.45 3.33
CA MET A 78 20.75 -3.86 3.58
C MET A 78 21.83 -4.52 4.46
N SER A 79 21.42 -5.25 5.50
CA SER A 79 22.31 -6.08 6.37
C SER A 79 21.69 -7.47 6.56
N SER A 80 22.52 -8.47 6.85
CA SER A 80 22.07 -9.87 7.06
C SER A 80 23.00 -10.61 8.04
N ASN A 81 22.42 -11.53 8.80
CA ASN A 81 23.14 -12.52 9.66
C ASN A 81 22.75 -13.92 9.17
N SER A 82 23.76 -14.78 8.95
CA SER A 82 23.60 -16.24 8.70
C SER A 82 24.30 -16.98 9.84
N ASP A 83 23.56 -17.67 10.70
CA ASP A 83 24.13 -18.32 11.92
C ASP A 83 23.89 -19.83 11.89
N SER A 84 24.54 -20.54 12.81
CA SER A 84 24.63 -22.03 12.87
C SER A 84 23.41 -22.63 13.61
N THR A 85 22.44 -21.81 14.00
CA THR A 85 21.08 -22.26 14.41
C THR A 85 20.26 -22.59 13.16
N GLY A 86 20.83 -22.36 11.97
CA GLY A 86 20.20 -22.64 10.67
C GLY A 86 19.27 -21.53 10.24
N THR A 87 19.50 -20.31 10.74
CA THR A 87 18.61 -19.13 10.58
C THR A 87 19.35 -18.04 9.79
N VAL A 88 18.61 -17.37 8.90
CA VAL A 88 19.08 -16.15 8.17
C VAL A 88 18.08 -15.03 8.47
N GLN A 89 18.58 -13.80 8.63
CA GLN A 89 17.76 -12.59 8.84
C GLN A 89 18.34 -11.47 7.97
N ILE A 90 17.63 -11.06 6.92
CA ILE A 90 18.02 -9.94 6.03
C ILE A 90 17.12 -8.75 6.35
N THR A 91 17.70 -7.65 6.84
CA THR A 91 17.00 -6.38 7.18
C THR A 91 17.26 -5.37 6.07
N LEU A 92 16.20 -4.79 5.51
CA LEU A 92 16.26 -3.70 4.49
C LEU A 92 15.66 -2.43 5.10
N THR A 93 16.50 -1.42 5.33
CA THR A 93 16.14 -0.14 5.99
C THR A 93 15.89 0.92 4.89
N PHE A 94 14.79 1.65 5.00
CA PHE A 94 14.26 2.58 3.96
C PHE A 94 14.30 4.02 4.49
N GLU A 95 14.37 4.99 3.56
CA GLU A 95 14.31 6.45 3.84
C GLU A 95 13.05 6.76 4.66
N SER A 96 13.14 7.68 5.62
CA SER A 96 11.98 8.22 6.38
C SER A 96 10.91 8.69 5.39
N GLY A 97 9.64 8.34 5.64
CA GLY A 97 8.49 8.74 4.80
C GLY A 97 8.14 7.70 3.76
N THR A 98 8.93 6.62 3.66
CA THR A 98 8.65 5.45 2.78
C THR A 98 7.38 4.76 3.29
N ASP A 99 6.44 4.47 2.40
CA ASP A 99 5.23 3.64 2.67
C ASP A 99 5.70 2.20 2.92
N ALA A 100 5.55 1.72 4.17
CA ALA A 100 5.99 0.39 4.61
C ALA A 100 5.27 -0.72 3.83
N ASP A 101 4.01 -0.49 3.45
CA ASP A 101 3.19 -1.45 2.66
C ASP A 101 3.87 -1.71 1.31
N ILE A 102 4.30 -0.64 0.63
CA ILE A 102 4.92 -0.69 -0.73
C ILE A 102 6.33 -1.29 -0.60
N ALA A 103 7.07 -0.93 0.45
CA ALA A 103 8.41 -1.49 0.78
C ALA A 103 8.30 -3.02 0.87
N GLN A 104 7.40 -3.52 1.72
CA GLN A 104 7.12 -4.97 1.90
C GLN A 104 6.78 -5.61 0.55
N VAL A 105 5.89 -4.98 -0.22
CA VAL A 105 5.40 -5.49 -1.54
C VAL A 105 6.60 -5.61 -2.50
N GLN A 106 7.42 -4.57 -2.59
CA GLN A 106 8.59 -4.52 -3.52
C GLN A 106 9.62 -5.57 -3.08
N VAL A 107 9.89 -5.67 -1.78
CA VAL A 107 10.86 -6.66 -1.19
C VAL A 107 10.38 -8.08 -1.52
N GLN A 108 9.07 -8.34 -1.42
CA GLN A 108 8.50 -9.71 -1.61
C GLN A 108 8.48 -10.07 -3.10
N ASN A 109 8.14 -9.12 -3.98
CA ASN A 109 8.14 -9.35 -5.45
C ASN A 109 9.49 -9.94 -5.86
N LYS A 110 10.57 -9.41 -5.29
CA LYS A 110 11.98 -9.84 -5.57
C LYS A 110 12.28 -11.17 -4.87
N LEU A 111 11.77 -11.38 -3.66
CA LEU A 111 11.96 -12.63 -2.87
C LEU A 111 11.38 -13.82 -3.65
N GLN A 112 10.22 -13.64 -4.30
CA GLN A 112 9.49 -14.71 -5.04
C GLN A 112 10.32 -15.21 -6.23
N LEU A 113 11.24 -14.38 -6.75
CA LEU A 113 12.17 -14.77 -7.84
C LEU A 113 13.26 -15.68 -7.28
N ALA A 114 13.66 -15.46 -6.03
CA ALA A 114 14.71 -16.24 -5.32
C ALA A 114 14.11 -17.54 -4.76
N MET A 115 12.84 -17.52 -4.33
CA MET A 115 12.16 -18.63 -3.60
C MET A 115 12.45 -19.98 -4.25
N PRO A 116 12.20 -20.18 -5.57
CA PRO A 116 12.37 -21.49 -6.20
C PRO A 116 13.83 -22.00 -6.22
N LEU A 117 14.80 -21.09 -6.13
CA LEU A 117 16.25 -21.42 -6.11
C LEU A 117 16.69 -21.81 -4.69
N LEU A 118 15.88 -21.53 -3.67
CA LEU A 118 16.18 -21.88 -2.26
C LEU A 118 15.96 -23.37 -2.06
N PRO A 119 16.71 -24.04 -1.13
CA PRO A 119 16.49 -25.45 -0.82
C PRO A 119 15.04 -25.71 -0.38
N GLN A 120 14.51 -26.89 -0.71
CA GLN A 120 13.10 -27.30 -0.45
C GLN A 120 12.85 -27.32 1.06
N GLU A 121 13.86 -27.70 1.85
CA GLU A 121 13.80 -27.74 3.35
C GLU A 121 13.56 -26.32 3.89
N VAL A 122 14.13 -25.31 3.24
CA VAL A 122 14.02 -23.87 3.64
C VAL A 122 12.63 -23.35 3.25
N GLN A 123 12.16 -23.72 2.06
CA GLN A 123 10.81 -23.35 1.55
C GLN A 123 9.73 -23.88 2.50
N GLN A 124 9.89 -25.11 2.99
CA GLN A 124 8.87 -25.83 3.82
C GLN A 124 8.84 -25.29 5.25
N GLN A 125 9.90 -24.63 5.72
CA GLN A 125 9.94 -23.95 7.05
C GLN A 125 9.16 -22.62 6.97
N GLY A 126 8.88 -22.14 5.76
CA GLY A 126 8.21 -20.84 5.53
C GLY A 126 9.19 -19.69 5.66
N VAL A 127 9.40 -18.95 4.56
CA VAL A 127 10.14 -17.66 4.53
C VAL A 127 9.13 -16.55 4.84
N SER A 128 9.43 -15.67 5.79
CA SER A 128 8.52 -14.59 6.25
C SER A 128 9.10 -13.22 5.90
N VAL A 129 8.24 -12.29 5.47
CA VAL A 129 8.57 -10.87 5.18
C VAL A 129 7.74 -10.00 6.12
N GLU A 130 8.39 -9.24 7.00
CA GLU A 130 7.72 -8.46 8.07
C GLU A 130 8.19 -7.00 8.05
N LYS A 131 7.30 -6.10 8.45
CA LYS A 131 7.54 -4.63 8.60
C LYS A 131 7.24 -4.25 10.05
N SER A 132 8.24 -4.29 10.93
CA SER A 132 8.07 -4.07 12.38
C SER A 132 9.30 -3.37 12.96
N SER A 133 9.17 -2.86 14.19
CA SER A 133 10.29 -2.36 15.03
C SER A 133 11.17 -3.54 15.42
N SER A 134 12.46 -3.28 15.66
CA SER A 134 13.46 -4.28 16.13
C SER A 134 13.17 -4.62 17.61
N SER A 135 12.68 -3.63 18.37
CA SER A 135 12.40 -3.70 19.82
C SER A 135 11.01 -4.30 20.08
N PHE A 136 10.79 -4.81 21.29
CA PHE A 136 9.50 -5.40 21.74
C PHE A 136 8.57 -4.30 22.23
N LEU A 137 7.34 -4.28 21.72
CA LEU A 137 6.23 -3.43 22.21
C LEU A 137 5.87 -3.87 23.63
N MET A 138 5.64 -5.17 23.81
CA MET A 138 5.34 -5.81 25.11
C MET A 138 5.70 -7.29 25.06
N VAL A 139 5.83 -7.91 26.23
CA VAL A 139 5.94 -9.38 26.43
C VAL A 139 4.70 -9.82 27.22
N VAL A 140 3.83 -10.62 26.60
CA VAL A 140 2.68 -11.29 27.27
C VAL A 140 3.18 -12.63 27.81
N GLY A 141 3.35 -12.73 29.13
CA GLY A 141 3.79 -13.97 29.82
C GLY A 141 2.60 -14.85 30.17
N VAL A 142 2.80 -16.17 30.16
CA VAL A 142 1.76 -17.18 30.50
C VAL A 142 2.37 -18.22 31.44
N ILE A 143 1.77 -18.38 32.63
CA ILE A 143 2.20 -19.33 33.70
C ILE A 143 0.98 -20.15 34.14
N ASN A 144 1.22 -21.22 34.89
CA ASN A 144 0.17 -22.05 35.56
C ASN A 144 0.36 -21.96 37.08
N THR A 145 -0.53 -21.25 37.77
CA THR A 145 -0.46 -20.94 39.22
C THR A 145 -0.63 -22.22 40.05
N ASP A 146 -1.39 -23.19 39.54
CA ASP A 146 -1.60 -24.52 40.19
C ASP A 146 -0.33 -25.36 40.05
N GLY A 147 0.36 -25.28 38.90
CA GLY A 147 1.53 -26.11 38.57
C GLY A 147 1.11 -27.44 37.97
N THR A 148 0.05 -27.43 37.15
CA THR A 148 -0.56 -28.62 36.48
C THR A 148 0.09 -28.84 35.10
N MET A 149 0.79 -27.82 34.59
CA MET A 149 1.35 -27.78 33.20
C MET A 149 2.83 -27.38 33.24
N THR A 150 3.67 -28.12 32.52
CA THR A 150 5.13 -27.86 32.38
C THR A 150 5.36 -26.70 31.40
N GLN A 151 6.59 -26.16 31.38
CA GLN A 151 7.04 -25.11 30.43
C GLN A 151 6.61 -25.48 29.00
N GLU A 152 6.81 -26.74 28.62
CA GLU A 152 6.56 -27.27 27.26
C GLU A 152 5.04 -27.28 26.98
N ASP A 153 4.25 -27.71 27.95
CA ASP A 153 2.77 -27.78 27.86
C ASP A 153 2.18 -26.38 27.69
N ILE A 154 2.68 -25.39 28.44
CA ILE A 154 2.21 -23.97 28.38
C ILE A 154 2.55 -23.41 27.00
N SER A 155 3.78 -23.63 26.55
CA SER A 155 4.33 -23.15 25.25
C SER A 155 3.46 -23.69 24.10
N ASP A 156 3.05 -24.97 24.16
CA ASP A 156 2.18 -25.59 23.14
C ASP A 156 0.80 -24.91 23.16
N TYR A 157 0.22 -24.71 24.34
CA TYR A 157 -1.12 -24.08 24.50
C TYR A 157 -1.11 -22.69 23.89
N VAL A 158 -0.09 -21.89 24.21
CA VAL A 158 0.08 -20.50 23.70
C VAL A 158 0.13 -20.54 22.17
N ALA A 159 0.93 -21.45 21.61
CA ALA A 159 1.17 -21.62 20.17
C ALA A 159 -0.11 -22.05 19.46
N ALA A 160 -0.89 -22.94 20.08
CA ALA A 160 -2.02 -23.66 19.44
C ALA A 160 -3.35 -22.92 19.66
N ASN A 161 -3.43 -21.99 20.62
CA ASN A 161 -4.71 -21.39 21.06
C ASN A 161 -4.66 -19.86 21.16
N MET A 162 -3.46 -19.24 21.14
CA MET A 162 -3.33 -17.78 21.42
C MET A 162 -2.55 -17.06 20.31
N LYS A 163 -1.40 -17.62 19.88
CA LYS A 163 -0.40 -16.91 19.03
C LYS A 163 -1.04 -16.42 17.71
N ASP A 164 -1.77 -17.28 17.02
CA ASP A 164 -2.32 -17.01 15.65
C ASP A 164 -3.21 -15.76 15.68
N ALA A 165 -4.16 -15.69 16.62
CA ALA A 165 -5.15 -14.59 16.72
C ALA A 165 -4.44 -13.27 17.05
N ILE A 166 -3.39 -13.32 17.88
CA ILE A 166 -2.55 -12.14 18.24
C ILE A 166 -1.77 -11.69 17.00
N SER A 167 -1.25 -12.66 16.23
CA SER A 167 -0.42 -12.44 15.01
C SER A 167 -1.24 -11.78 13.89
N ARG A 168 -2.56 -11.99 13.89
CA ARG A 168 -3.49 -11.45 12.86
C ARG A 168 -4.01 -10.07 13.28
N THR A 169 -3.89 -9.70 14.55
CA THR A 169 -4.34 -8.39 15.11
C THR A 169 -3.59 -7.27 14.37
N SER A 170 -4.33 -6.24 13.94
CA SER A 170 -3.78 -5.07 13.20
C SER A 170 -2.79 -4.32 14.10
N GLY A 171 -1.61 -4.00 13.58
CA GLY A 171 -0.54 -3.27 14.30
C GLY A 171 0.52 -4.22 14.84
N VAL A 172 0.21 -5.51 14.97
CA VAL A 172 1.18 -6.57 15.39
C VAL A 172 2.03 -6.94 14.17
N GLY A 173 3.27 -6.44 14.12
CA GLY A 173 4.20 -6.62 13.00
C GLY A 173 4.92 -7.96 13.05
N ASP A 174 5.16 -8.47 14.25
CA ASP A 174 5.87 -9.76 14.49
C ASP A 174 5.50 -10.30 15.87
N VAL A 175 5.40 -11.62 16.01
CA VAL A 175 5.12 -12.32 17.30
C VAL A 175 6.13 -13.45 17.47
N GLN A 176 6.96 -13.36 18.53
CA GLN A 176 7.97 -14.38 18.90
C GLN A 176 7.42 -15.22 20.05
N LEU A 177 7.25 -16.53 19.83
CA LEU A 177 6.90 -17.52 20.89
C LEU A 177 8.14 -17.80 21.73
N PHE A 178 8.06 -17.57 23.05
CA PHE A 178 9.14 -17.88 24.03
C PHE A 178 8.97 -19.33 24.48
N GLY A 179 9.26 -20.25 23.56
CA GLY A 179 8.96 -21.69 23.65
C GLY A 179 8.68 -22.25 22.27
N SER A 180 8.11 -23.45 22.20
CA SER A 180 7.86 -24.18 20.94
C SER A 180 6.47 -24.82 20.97
N GLN A 181 5.75 -24.75 19.84
CA GLN A 181 4.55 -25.58 19.58
C GLN A 181 5.00 -27.05 19.58
N TYR A 182 4.13 -27.97 20.00
CA TYR A 182 4.40 -29.42 19.95
C TYR A 182 4.52 -29.86 18.50
N ALA A 183 5.46 -30.76 18.23
CA ALA A 183 5.55 -31.59 17.00
C ALA A 183 5.49 -33.07 17.42
N MET A 184 5.12 -33.96 16.50
CA MET A 184 5.30 -35.42 16.70
C MET A 184 6.80 -35.72 16.52
N ARG A 185 7.50 -35.99 17.63
CA ARG A 185 8.96 -36.25 17.65
C ARG A 185 9.21 -37.76 17.54
N ILE A 186 9.83 -38.20 16.44
CA ILE A 186 10.36 -39.58 16.25
C ILE A 186 11.85 -39.57 16.61
N TRP A 187 12.19 -39.94 17.84
CA TRP A 187 13.59 -40.03 18.35
C TRP A 187 14.18 -41.39 17.96
N MET A 188 14.98 -41.43 16.89
CA MET A 188 15.49 -42.68 16.27
C MET A 188 16.64 -43.25 17.12
N ASN A 189 16.74 -44.59 17.13
CA ASN A 189 17.81 -45.37 17.80
C ASN A 189 18.62 -46.08 16.72
N PRO A 190 19.93 -45.79 16.57
CA PRO A 190 20.73 -46.36 15.48
C PRO A 190 21.04 -47.85 15.65
N ASN A 191 21.08 -48.34 16.89
CA ASN A 191 21.34 -49.76 17.23
C ASN A 191 20.19 -50.61 16.71
N GLU A 192 18.95 -50.18 16.97
CA GLU A 192 17.70 -50.88 16.57
C GLU A 192 17.50 -50.75 15.06
N LEU A 193 17.80 -49.58 14.49
CA LEU A 193 17.69 -49.35 13.01
C LEU A 193 18.62 -50.32 12.27
N ASN A 194 19.87 -50.45 12.72
CA ASN A 194 20.88 -51.37 12.12
C ASN A 194 20.45 -52.82 12.33
N LYS A 195 19.92 -53.14 13.51
CA LYS A 195 19.49 -54.52 13.92
C LYS A 195 18.46 -55.05 12.92
N PHE A 196 17.52 -54.21 12.47
CA PHE A 196 16.44 -54.55 11.51
C PHE A 196 16.82 -54.11 10.08
N GLN A 197 18.06 -53.65 9.89
CA GLN A 197 18.66 -53.27 8.57
C GLN A 197 17.83 -52.16 7.92
N LEU A 198 17.51 -51.11 8.69
CA LEU A 198 16.73 -49.92 8.26
C LEU A 198 17.55 -48.66 8.51
N THR A 199 17.21 -47.56 7.83
CA THR A 199 17.87 -46.24 7.96
C THR A 199 16.81 -45.16 8.19
N PRO A 200 17.22 -43.93 8.58
CA PRO A 200 16.29 -42.80 8.63
C PRO A 200 15.48 -42.59 7.33
N VAL A 201 16.06 -42.97 6.17
CA VAL A 201 15.40 -42.84 4.83
C VAL A 201 14.13 -43.72 4.84
N ASP A 202 14.25 -44.95 5.32
CA ASP A 202 13.12 -45.93 5.42
C ASP A 202 12.05 -45.38 6.37
N VAL A 203 12.46 -44.81 7.51
CA VAL A 203 11.57 -44.20 8.53
C VAL A 203 10.75 -43.08 7.88
N ILE A 204 11.43 -42.17 7.18
CA ILE A 204 10.81 -40.97 6.51
C ILE A 204 9.80 -41.45 5.46
N THR A 205 10.19 -42.44 4.64
CA THR A 205 9.35 -43.03 3.57
C THR A 205 8.04 -43.56 4.17
N ALA A 206 8.13 -44.31 5.27
CA ALA A 206 7.00 -44.96 5.97
C ALA A 206 6.03 -43.91 6.53
N ILE A 207 6.57 -42.87 7.19
CA ILE A 207 5.77 -41.78 7.82
C ILE A 207 4.99 -41.05 6.71
N LYS A 208 5.62 -40.79 5.56
CA LYS A 208 4.96 -40.15 4.39
C LYS A 208 3.87 -41.08 3.84
N ALA A 209 4.12 -42.38 3.82
CA ALA A 209 3.21 -43.41 3.26
C ALA A 209 2.02 -43.63 4.19
N GLN A 210 2.24 -43.66 5.51
CA GLN A 210 1.26 -44.14 6.53
C GLN A 210 0.72 -43.01 7.41
N ASN A 211 1.28 -41.79 7.31
CA ASN A 211 0.67 -40.55 7.87
C ASN A 211 0.31 -39.63 6.70
N ALA A 212 -0.70 -40.04 5.92
CA ALA A 212 -1.15 -39.37 4.67
C ALA A 212 -2.63 -38.99 4.80
N GLN A 213 -3.04 -37.98 4.04
CA GLN A 213 -4.45 -37.53 3.91
C GLN A 213 -4.83 -37.62 2.42
N VAL A 214 -5.45 -38.73 2.02
CA VAL A 214 -5.69 -39.11 0.60
C VAL A 214 -7.04 -38.53 0.15
N ALA A 215 -7.06 -37.89 -1.03
CA ALA A 215 -8.28 -37.55 -1.79
C ALA A 215 -8.70 -38.79 -2.58
N ALA A 216 -9.84 -39.40 -2.22
CA ALA A 216 -10.27 -40.73 -2.69
C ALA A 216 -11.55 -40.66 -3.53
N GLY A 217 -12.08 -39.45 -3.77
CA GLY A 217 -13.26 -39.24 -4.63
C GLY A 217 -14.56 -39.64 -3.93
N GLN A 218 -15.55 -40.05 -4.72
CA GLN A 218 -16.95 -40.27 -4.26
C GLN A 218 -17.54 -41.53 -4.93
N LEU A 219 -18.46 -42.20 -4.24
CA LEU A 219 -19.45 -43.14 -4.83
C LEU A 219 -20.58 -42.30 -5.42
N GLY A 220 -20.98 -42.58 -6.66
CA GLY A 220 -22.04 -41.85 -7.38
C GLY A 220 -21.65 -40.40 -7.62
N GLY A 221 -20.34 -40.14 -7.78
CA GLY A 221 -19.80 -38.80 -8.07
C GLY A 221 -20.08 -38.41 -9.51
N THR A 222 -20.16 -37.10 -9.78
CA THR A 222 -20.42 -36.52 -11.12
C THR A 222 -19.20 -36.76 -12.02
N PRO A 223 -19.37 -37.03 -13.33
CA PRO A 223 -20.67 -37.32 -13.94
C PRO A 223 -21.13 -38.75 -13.62
N PRO A 224 -22.38 -38.97 -13.16
CA PRO A 224 -22.84 -40.29 -12.76
C PRO A 224 -23.53 -41.06 -13.90
N VAL A 225 -23.86 -42.33 -13.67
CA VAL A 225 -24.72 -43.17 -14.56
C VAL A 225 -26.19 -42.83 -14.26
N LYS A 226 -27.09 -43.18 -15.18
CA LYS A 226 -28.57 -43.04 -15.02
C LYS A 226 -29.03 -43.92 -13.85
N GLY A 227 -29.97 -43.41 -13.04
CA GLY A 227 -30.65 -44.16 -11.98
C GLY A 227 -29.81 -44.31 -10.71
N GLN A 228 -28.74 -43.54 -10.58
CA GLN A 228 -27.85 -43.54 -9.38
C GLN A 228 -28.63 -42.97 -8.19
N GLN A 229 -28.60 -43.69 -7.06
CA GLN A 229 -29.30 -43.32 -5.80
C GLN A 229 -28.29 -43.03 -4.69
N LEU A 230 -27.14 -43.74 -4.68
CA LEU A 230 -26.06 -43.56 -3.69
C LEU A 230 -25.11 -42.43 -4.14
N ASN A 231 -24.90 -41.44 -3.28
CA ASN A 231 -23.82 -40.42 -3.40
C ASN A 231 -23.17 -40.25 -2.02
N ALA A 232 -21.90 -40.68 -1.89
CA ALA A 232 -21.13 -40.66 -0.63
C ALA A 232 -19.65 -40.38 -0.92
N SER A 233 -19.03 -39.54 -0.09
CA SER A 233 -17.56 -39.32 -0.06
C SER A 233 -16.87 -40.63 0.31
N ILE A 234 -15.78 -40.98 -0.39
CA ILE A 234 -14.84 -42.07 0.00
C ILE A 234 -13.79 -41.46 0.92
N ILE A 235 -13.63 -42.03 2.12
CA ILE A 235 -12.60 -41.63 3.12
C ILE A 235 -11.58 -42.77 3.22
N ALA A 236 -10.32 -42.50 2.87
CA ALA A 236 -9.18 -43.45 2.97
C ALA A 236 -8.28 -43.01 4.12
N GLN A 237 -6.96 -43.10 3.97
CA GLN A 237 -5.96 -42.68 4.99
C GLN A 237 -6.23 -41.23 5.41
N THR A 238 -6.24 -40.98 6.72
CA THR A 238 -6.30 -39.64 7.36
C THR A 238 -5.03 -39.44 8.19
N ARG A 239 -4.67 -38.18 8.46
CA ARG A 239 -3.48 -37.83 9.30
C ARG A 239 -3.60 -38.57 10.63
N LEU A 240 -2.49 -39.11 11.13
CA LEU A 240 -2.41 -39.74 12.48
C LEU A 240 -2.54 -38.63 13.53
N THR A 241 -3.06 -38.97 14.72
CA THR A 241 -3.51 -37.98 15.75
C THR A 241 -2.75 -38.14 17.07
N SER A 242 -1.94 -39.19 17.23
CA SER A 242 -1.38 -39.61 18.54
C SER A 242 -0.06 -40.37 18.37
N THR A 243 0.74 -40.40 19.43
CA THR A 243 2.01 -41.18 19.54
C THR A 243 1.72 -42.66 19.25
N GLU A 244 0.61 -43.19 19.78
CA GLU A 244 0.18 -44.61 19.62
C GLU A 244 0.08 -44.96 18.13
N GLU A 245 -0.51 -44.09 17.31
CA GLU A 245 -0.76 -44.34 15.87
C GLU A 245 0.57 -44.30 15.11
N PHE A 246 1.45 -43.33 15.41
CA PHE A 246 2.81 -43.21 14.82
C PHE A 246 3.64 -44.44 15.24
N GLY A 247 3.47 -44.90 16.48
CA GLY A 247 4.13 -46.09 17.05
C GLY A 247 3.85 -47.35 16.24
N LYS A 248 2.62 -47.50 15.75
CA LYS A 248 2.18 -48.75 15.07
C LYS A 248 2.31 -48.61 13.54
N ILE A 249 3.08 -47.62 13.07
CA ILE A 249 3.49 -47.52 11.64
C ILE A 249 4.37 -48.75 11.33
N LEU A 250 4.05 -49.48 10.27
CA LEU A 250 4.73 -50.73 9.85
C LEU A 250 5.88 -50.38 8.90
N LEU A 251 7.13 -50.51 9.39
CA LEU A 251 8.37 -50.23 8.61
C LEU A 251 8.64 -51.39 7.65
N LYS A 252 8.62 -52.63 8.15
CA LYS A 252 8.72 -53.84 7.30
C LYS A 252 8.22 -55.07 8.06
N VAL A 253 7.98 -56.16 7.32
CA VAL A 253 7.64 -57.52 7.83
C VAL A 253 8.83 -58.44 7.52
N ASN A 254 9.39 -59.09 8.55
CA ASN A 254 10.58 -59.97 8.45
C ASN A 254 10.23 -61.23 7.65
N GLN A 255 11.24 -62.04 7.33
CA GLN A 255 11.12 -63.32 6.57
C GLN A 255 10.16 -64.27 7.31
N ASP A 256 10.26 -64.32 8.64
CA ASP A 256 9.51 -65.28 9.51
C ASP A 256 8.08 -64.75 9.79
N GLY A 257 7.78 -63.51 9.39
CA GLY A 257 6.42 -62.93 9.47
C GLY A 257 6.25 -61.94 10.61
N SER A 258 7.25 -61.82 11.49
CA SER A 258 7.28 -60.81 12.59
C SER A 258 7.33 -59.40 11.99
N ARG A 259 6.64 -58.44 12.63
CA ARG A 259 6.49 -57.05 12.16
C ARG A 259 7.50 -56.15 12.88
N VAL A 260 8.17 -55.25 12.14
CA VAL A 260 8.99 -54.14 12.70
C VAL A 260 8.14 -52.86 12.63
N LEU A 261 7.72 -52.36 13.79
CA LEU A 261 6.96 -51.09 13.93
C LEU A 261 7.93 -49.94 14.22
N LEU A 262 7.52 -48.70 14.00
CA LEU A 262 8.35 -47.49 14.20
C LEU A 262 8.77 -47.37 15.68
N ARG A 263 7.92 -47.81 16.60
CA ARG A 263 8.18 -47.76 18.07
C ARG A 263 9.25 -48.80 18.45
N ASP A 264 9.55 -49.77 17.57
CA ASP A 264 10.61 -50.78 17.76
C ASP A 264 11.99 -50.20 17.44
N VAL A 265 12.06 -49.09 16.69
CA VAL A 265 13.34 -48.45 16.25
C VAL A 265 13.42 -47.00 16.73
N ALA A 266 12.47 -46.51 17.53
CA ALA A 266 12.41 -45.10 17.98
C ALA A 266 11.49 -44.93 19.19
N LYS A 267 11.82 -43.96 20.04
CA LYS A 267 10.93 -43.38 21.08
C LYS A 267 10.05 -42.33 20.42
N ILE A 268 8.73 -42.38 20.67
CA ILE A 268 7.71 -41.52 20.01
C ILE A 268 6.99 -40.72 21.08
N GLU A 269 7.18 -39.39 21.08
CA GLU A 269 6.59 -38.47 22.08
C GLU A 269 6.12 -37.19 21.39
N LEU A 270 5.13 -36.53 21.98
CA LEU A 270 4.67 -35.16 21.64
C LEU A 270 5.67 -34.18 22.27
N GLY A 271 6.60 -33.65 21.46
CA GLY A 271 7.68 -32.74 21.90
C GLY A 271 7.73 -31.48 21.06
N GLY A 272 8.60 -30.52 21.41
CA GLY A 272 8.71 -29.22 20.73
C GLY A 272 9.25 -29.34 19.31
N GLU A 273 8.81 -28.45 18.41
CA GLU A 273 9.41 -28.25 17.06
C GLU A 273 10.91 -27.98 17.22
N ASN A 274 11.29 -27.23 18.25
CA ASN A 274 12.69 -26.97 18.65
C ASN A 274 12.76 -26.84 20.18
N TYR A 275 13.98 -26.92 20.74
CA TYR A 275 14.25 -26.90 22.20
C TYR A 275 15.27 -25.79 22.51
N ASP A 276 15.12 -24.64 21.85
CA ASP A 276 16.07 -23.50 21.88
C ASP A 276 15.64 -22.47 22.94
N ILE A 277 14.34 -22.23 23.07
CA ILE A 277 13.78 -21.14 23.93
C ILE A 277 13.13 -21.78 25.17
N ILE A 278 13.62 -21.41 26.37
CA ILE A 278 13.04 -21.81 27.68
C ILE A 278 12.89 -20.54 28.53
N ALA A 279 11.66 -20.22 28.95
CA ALA A 279 11.29 -18.97 29.64
C ALA A 279 10.91 -19.26 31.09
N GLU A 280 11.31 -18.37 32.01
CA GLU A 280 10.92 -18.38 33.44
C GLU A 280 10.33 -17.02 33.81
N PHE A 281 9.25 -17.00 34.60
CA PHE A 281 8.65 -15.77 35.19
C PHE A 281 8.79 -15.85 36.72
N ASN A 282 9.66 -15.01 37.29
CA ASN A 282 9.97 -14.97 38.74
C ASN A 282 10.39 -16.38 39.21
N GLY A 283 11.19 -17.08 38.40
CA GLY A 283 11.78 -18.39 38.75
C GLY A 283 10.95 -19.56 38.24
N GLN A 284 9.63 -19.42 38.13
CA GLN A 284 8.70 -20.55 37.85
C GLN A 284 8.56 -20.73 36.34
N PRO A 285 8.15 -21.94 35.87
CA PRO A 285 8.02 -22.21 34.43
C PRO A 285 7.02 -21.26 33.76
N ALA A 286 7.34 -20.84 32.53
CA ALA A 286 6.55 -19.87 31.76
C ALA A 286 6.73 -20.08 30.25
N SER A 287 5.75 -19.65 29.46
CA SER A 287 5.90 -19.29 28.03
C SER A 287 5.47 -17.82 27.89
N GLY A 288 5.41 -17.32 26.66
CA GLY A 288 4.93 -15.95 26.39
C GLY A 288 5.04 -15.57 24.94
N LEU A 289 4.51 -14.38 24.60
CA LEU A 289 4.56 -13.79 23.23
C LEU A 289 5.33 -12.47 23.30
N GLY A 290 6.50 -12.43 22.65
CA GLY A 290 7.22 -11.18 22.34
C GLY A 290 6.60 -10.52 21.13
N ILE A 291 5.91 -9.39 21.33
CA ILE A 291 5.15 -8.67 20.27
C ILE A 291 5.94 -7.43 19.85
N LYS A 292 6.12 -7.25 18.54
CA LYS A 292 6.79 -6.07 17.93
C LYS A 292 5.75 -5.27 17.16
N LEU A 293 5.81 -3.93 17.28
CA LEU A 293 4.85 -2.98 16.68
C LEU A 293 5.10 -2.91 15.17
N ALA A 294 4.05 -3.10 14.36
CA ALA A 294 4.09 -2.96 12.89
C ALA A 294 4.50 -1.53 12.53
N THR A 295 5.36 -1.37 11.52
CA THR A 295 5.92 -0.06 11.07
C THR A 295 4.80 0.98 10.98
N GLY A 296 4.90 2.06 11.77
CA GLY A 296 4.02 3.24 11.69
C GLY A 296 2.72 3.08 12.47
N ALA A 297 2.43 1.88 13.01
CA ALA A 297 1.20 1.59 13.78
C ALA A 297 1.30 2.27 15.14
N ASN A 298 0.15 2.60 15.75
CA ASN A 298 0.06 3.26 17.07
C ASN A 298 0.22 2.22 18.18
N ALA A 299 1.22 2.40 19.04
CA ALA A 299 1.59 1.49 20.15
C ALA A 299 0.37 1.24 21.06
N LEU A 300 -0.29 2.31 21.53
CA LEU A 300 -1.38 2.24 22.54
C LEU A 300 -2.61 1.54 21.94
N ASP A 301 -3.05 1.92 20.75
CA ASP A 301 -4.20 1.31 20.03
C ASP A 301 -3.96 -0.19 19.84
N THR A 302 -2.73 -0.58 19.50
CA THR A 302 -2.31 -1.98 19.23
C THR A 302 -2.33 -2.77 20.53
N ALA A 303 -1.83 -2.19 21.63
CA ALA A 303 -1.79 -2.80 22.98
C ALA A 303 -3.22 -3.07 23.46
N ALA A 304 -4.15 -2.13 23.23
CA ALA A 304 -5.58 -2.23 23.59
C ALA A 304 -6.22 -3.40 22.83
N ALA A 305 -5.93 -3.53 21.54
CA ALA A 305 -6.45 -4.59 20.64
C ALA A 305 -5.92 -5.96 21.09
N ILE A 306 -4.65 -6.03 21.53
CA ILE A 306 -4.01 -7.28 22.05
C ILE A 306 -4.75 -7.71 23.32
N ARG A 307 -4.96 -6.79 24.26
CA ARG A 307 -5.65 -7.03 25.56
C ARG A 307 -7.09 -7.52 25.31
N ALA A 308 -7.79 -6.90 24.35
CA ALA A 308 -9.18 -7.24 23.97
C ALA A 308 -9.23 -8.67 23.42
N GLU A 309 -8.20 -9.09 22.69
CA GLU A 309 -8.10 -10.44 22.07
C GLU A 309 -7.73 -11.48 23.14
N LEU A 310 -6.90 -11.11 24.12
CA LEU A 310 -6.53 -11.97 25.27
C LEU A 310 -7.76 -12.19 26.17
N ALA A 311 -8.61 -11.17 26.31
CA ALA A 311 -9.86 -11.19 27.10
C ALA A 311 -10.81 -12.27 26.57
N LYS A 312 -10.81 -12.51 25.26
CA LYS A 312 -11.69 -13.49 24.56
C LYS A 312 -11.16 -14.91 24.76
N MET A 313 -9.87 -15.08 25.07
CA MET A 313 -9.19 -16.40 25.23
C MET A 313 -9.30 -16.88 26.68
N GLU A 314 -9.21 -15.96 27.65
CA GLU A 314 -9.14 -16.25 29.11
C GLU A 314 -10.22 -17.23 29.54
N PRO A 315 -11.52 -16.99 29.23
CA PRO A 315 -12.60 -17.86 29.72
C PRO A 315 -12.50 -19.35 29.37
N PHE A 316 -11.70 -19.71 28.35
CA PHE A 316 -11.60 -21.10 27.82
C PHE A 316 -10.24 -21.72 28.20
N PHE A 317 -9.46 -21.05 29.06
CA PHE A 317 -8.15 -21.53 29.57
C PHE A 317 -8.33 -22.81 30.37
N PRO A 318 -7.34 -23.73 30.36
CA PRO A 318 -7.29 -24.81 31.35
C PRO A 318 -7.10 -24.24 32.76
N SER A 319 -7.41 -25.03 33.79
CA SER A 319 -7.29 -24.63 35.22
C SER A 319 -5.84 -24.26 35.51
N GLY A 320 -5.62 -23.12 36.19
CA GLY A 320 -4.31 -22.67 36.67
C GLY A 320 -3.62 -21.73 35.71
N LEU A 321 -3.84 -21.88 34.40
CA LEU A 321 -3.21 -21.01 33.36
C LEU A 321 -3.66 -19.57 33.58
N LYS A 322 -2.73 -18.62 33.50
CA LYS A 322 -2.95 -17.19 33.84
C LYS A 322 -1.98 -16.32 33.03
N ILE A 323 -2.48 -15.21 32.49
CA ILE A 323 -1.67 -14.18 31.77
C ILE A 323 -1.02 -13.26 32.81
N VAL A 324 0.28 -12.99 32.67
CA VAL A 324 1.04 -11.99 33.45
C VAL A 324 1.62 -10.97 32.46
N TYR A 325 1.96 -9.77 32.93
CA TYR A 325 2.40 -8.62 32.09
C TYR A 325 3.80 -8.20 32.53
N PRO A 326 4.83 -9.02 32.27
CA PRO A 326 6.19 -8.79 32.77
C PRO A 326 6.99 -7.68 32.07
N TYR A 327 6.53 -7.22 30.90
CA TYR A 327 7.22 -6.16 30.11
C TYR A 327 6.22 -5.50 29.15
N ASP A 328 5.90 -4.23 29.41
CA ASP A 328 4.98 -3.41 28.58
C ASP A 328 5.54 -1.97 28.54
N THR A 329 5.75 -1.43 27.34
CA THR A 329 6.33 -0.08 27.11
C THR A 329 5.21 0.97 27.08
N THR A 330 3.95 0.55 26.93
CA THR A 330 2.79 1.44 26.68
C THR A 330 2.30 2.10 27.98
N PRO A 331 2.28 1.42 29.16
CA PRO A 331 1.82 2.06 30.38
C PRO A 331 2.52 3.39 30.68
N PHE A 332 3.84 3.47 30.47
CA PHE A 332 4.65 4.70 30.67
C PHE A 332 4.12 5.81 29.77
N VAL A 333 3.86 5.50 28.49
CA VAL A 333 3.35 6.47 27.47
C VAL A 333 2.00 7.01 27.96
N LYS A 334 1.11 6.12 28.40
CA LYS A 334 -0.25 6.44 28.90
C LYS A 334 -0.12 7.35 30.15
N ILE A 335 0.69 6.94 31.12
CA ILE A 335 0.81 7.60 32.46
C ILE A 335 1.55 8.94 32.33
N SER A 336 2.66 8.98 31.57
CA SER A 336 3.52 10.18 31.40
C SER A 336 2.71 11.31 30.75
N ILE A 337 1.91 10.99 29.73
CA ILE A 337 1.00 11.94 29.04
C ILE A 337 -0.04 12.43 30.07
N HIS A 338 -0.67 11.51 30.79
CA HIS A 338 -1.71 11.79 31.82
C HIS A 338 -1.14 12.71 32.91
N GLU A 339 0.15 12.62 33.21
CA GLU A 339 0.84 13.48 34.21
C GLU A 339 0.98 14.91 33.66
N VAL A 340 1.20 15.07 32.35
CA VAL A 340 1.31 16.40 31.68
C VAL A 340 -0.07 17.05 31.62
N VAL A 341 -1.13 16.25 31.42
CA VAL A 341 -2.55 16.71 31.45
C VAL A 341 -2.85 17.28 32.84
N LYS A 342 -2.32 16.65 33.88
CA LYS A 342 -2.55 17.04 35.30
C LYS A 342 -1.92 18.40 35.57
N THR A 343 -0.73 18.66 35.02
CA THR A 343 0.01 19.94 35.19
C THR A 343 -0.69 21.07 34.41
N LEU A 344 -1.39 20.74 33.32
CA LEU A 344 -2.25 21.70 32.56
C LEU A 344 -3.37 22.20 33.49
N VAL A 345 -4.10 21.27 34.10
CA VAL A 345 -5.23 21.55 35.04
C VAL A 345 -4.69 22.36 36.23
N GLU A 346 -3.57 21.92 36.80
CA GLU A 346 -2.90 22.59 37.96
C GLU A 346 -2.49 24.01 37.57
N ALA A 347 -1.86 24.18 36.40
CA ALA A 347 -1.39 25.48 35.88
C ALA A 347 -2.56 26.46 35.76
N ILE A 348 -3.70 25.99 35.25
CA ILE A 348 -4.95 26.81 35.08
C ILE A 348 -5.47 27.25 36.45
N ILE A 349 -5.42 26.34 37.44
CA ILE A 349 -5.87 26.63 38.84
C ILE A 349 -4.95 27.69 39.45
N LEU A 350 -3.63 27.53 39.29
CA LEU A 350 -2.61 28.48 39.83
C LEU A 350 -2.71 29.81 39.09
N VAL A 351 -3.10 29.79 37.81
CA VAL A 351 -3.36 31.02 36.99
C VAL A 351 -4.59 31.72 37.58
N PHE A 352 -5.65 30.98 37.89
CA PHE A 352 -6.92 31.47 38.49
C PHE A 352 -6.63 32.19 39.81
N LEU A 353 -5.78 31.61 40.66
CA LEU A 353 -5.44 32.14 42.01
C LEU A 353 -4.68 33.48 41.87
N VAL A 354 -3.68 33.54 40.98
CA VAL A 354 -2.85 34.75 40.75
C VAL A 354 -3.73 35.83 40.08
N MET A 355 -4.67 35.44 39.21
CA MET A 355 -5.63 36.37 38.55
C MET A 355 -6.56 36.98 39.62
N TYR A 356 -6.96 36.20 40.62
CA TYR A 356 -7.87 36.62 41.71
C TYR A 356 -7.17 37.62 42.63
N LEU A 357 -5.87 37.43 42.88
CA LEU A 357 -5.03 38.31 43.73
C LEU A 357 -5.06 39.75 43.19
N PHE A 358 -5.07 39.92 41.87
CA PHE A 358 -4.94 41.24 41.17
C PHE A 358 -6.33 41.81 40.83
N LEU A 359 -7.23 40.98 40.31
CA LEU A 359 -8.57 41.41 39.82
C LEU A 359 -9.59 41.44 40.98
N GLN A 360 -9.46 40.51 41.93
CA GLN A 360 -10.10 40.55 43.27
C GLN A 360 -11.63 40.47 43.14
N ASN A 361 -12.13 39.85 42.07
CA ASN A 361 -13.57 39.60 41.83
C ASN A 361 -13.71 38.29 41.04
N PHE A 362 -14.64 37.42 41.46
CA PHE A 362 -14.84 36.04 40.93
C PHE A 362 -15.03 36.11 39.40
N ARG A 363 -15.95 36.96 38.94
CA ARG A 363 -16.37 37.05 37.50
C ARG A 363 -15.21 37.56 36.63
N ALA A 364 -14.47 38.57 37.11
CA ALA A 364 -13.31 39.17 36.42
C ALA A 364 -12.19 38.13 36.25
N THR A 365 -12.01 37.25 37.25
CA THR A 365 -10.95 36.22 37.31
C THR A 365 -11.24 35.11 36.30
N LEU A 366 -12.52 34.76 36.10
CA LEU A 366 -12.96 33.66 35.20
C LEU A 366 -12.60 33.98 33.75
N ILE A 367 -12.56 35.25 33.36
CA ILE A 367 -12.37 35.71 31.94
C ILE A 367 -11.07 35.12 31.38
N PRO A 368 -9.89 35.41 31.96
CA PRO A 368 -8.64 34.79 31.50
C PRO A 368 -8.57 33.29 31.79
N THR A 369 -9.31 32.81 32.80
CA THR A 369 -9.37 31.38 33.20
C THR A 369 -10.22 30.59 32.20
N ILE A 370 -11.15 31.25 31.51
CA ILE A 370 -12.02 30.66 30.45
C ILE A 370 -11.25 30.65 29.13
N ALA A 371 -10.54 31.75 28.82
CA ALA A 371 -9.80 31.97 27.56
C ALA A 371 -8.82 30.83 27.30
N VAL A 372 -8.07 30.41 28.32
CA VAL A 372 -6.95 29.43 28.20
C VAL A 372 -7.52 28.07 27.76
N PRO A 373 -8.47 27.45 28.50
CA PRO A 373 -9.11 26.21 28.06
C PRO A 373 -9.67 26.24 26.62
N VAL A 374 -10.40 27.30 26.27
CA VAL A 374 -11.05 27.48 24.94
C VAL A 374 -10.01 27.35 23.83
N VAL A 375 -8.84 27.99 24.01
CA VAL A 375 -7.75 28.06 22.98
C VAL A 375 -7.04 26.70 22.93
N LEU A 376 -6.73 26.12 24.10
CA LEU A 376 -6.01 24.82 24.21
C LEU A 376 -6.83 23.71 23.55
N LEU A 377 -8.13 23.61 23.88
CA LEU A 377 -9.08 22.64 23.28
C LEU A 377 -9.12 22.88 21.76
N GLY A 378 -9.24 24.14 21.34
CA GLY A 378 -9.23 24.53 19.92
C GLY A 378 -7.99 24.04 19.20
N THR A 379 -6.83 24.10 19.88
CA THR A 379 -5.51 23.70 19.33
C THR A 379 -5.50 22.20 19.04
N PHE A 380 -6.15 21.39 19.88
CA PHE A 380 -6.32 19.92 19.67
C PHE A 380 -7.05 19.67 18.34
N ALA A 381 -8.06 20.50 18.02
CA ALA A 381 -8.84 20.42 16.76
C ALA A 381 -7.95 20.75 15.56
N VAL A 382 -7.00 21.68 15.72
CA VAL A 382 -6.05 22.10 14.64
C VAL A 382 -5.01 20.99 14.42
N LEU A 383 -4.49 20.39 15.50
CA LEU A 383 -3.57 19.22 15.43
C LEU A 383 -4.23 18.11 14.59
N ALA A 384 -5.53 17.87 14.79
CA ALA A 384 -6.32 16.84 14.08
C ALA A 384 -6.37 17.17 12.58
N ALA A 385 -6.63 18.44 12.24
CA ALA A 385 -6.79 18.94 10.86
C ALA A 385 -5.50 18.70 10.06
N PHE A 386 -4.33 18.79 10.70
CA PHE A 386 -3.00 18.65 10.07
C PHE A 386 -2.35 17.31 10.42
N GLY A 387 -3.16 16.33 10.86
CA GLY A 387 -2.78 14.91 11.01
C GLY A 387 -1.68 14.68 12.03
N PHE A 388 -1.56 15.54 13.05
CA PHE A 388 -0.64 15.38 14.19
C PHE A 388 -1.32 14.53 15.26
N SER A 389 -0.55 14.08 16.27
CA SER A 389 -1.01 13.22 17.38
C SER A 389 -0.84 13.96 18.72
N ILE A 390 -1.53 13.51 19.76
CA ILE A 390 -1.28 13.91 21.17
C ILE A 390 -0.03 13.16 21.64
N ASN A 391 1.08 13.87 21.85
CA ASN A 391 2.37 13.27 22.28
C ASN A 391 3.05 14.22 23.29
N THR A 392 4.15 13.75 23.89
CA THR A 392 4.92 14.49 24.91
C THR A 392 5.18 15.92 24.45
N LEU A 393 5.56 16.09 23.18
CA LEU A 393 6.05 17.37 22.62
C LEU A 393 4.86 18.32 22.38
N THR A 394 3.77 17.82 21.77
CA THR A 394 2.52 18.60 21.53
C THR A 394 1.91 18.98 22.89
N MET A 395 1.97 18.07 23.87
CA MET A 395 1.42 18.28 25.23
C MET A 395 2.22 19.36 25.96
N PHE A 396 3.55 19.35 25.84
CA PHE A 396 4.43 20.42 26.42
C PHE A 396 4.27 21.70 25.60
N GLY A 397 3.88 21.58 24.32
CA GLY A 397 3.43 22.70 23.50
C GLY A 397 2.26 23.43 24.14
N MET A 398 1.28 22.66 24.62
CA MET A 398 0.06 23.17 25.32
C MET A 398 0.47 23.92 26.60
N VAL A 399 1.36 23.32 27.39
CA VAL A 399 1.80 23.85 28.72
C VAL A 399 2.50 25.20 28.52
N LEU A 400 3.47 25.25 27.60
CA LEU A 400 4.26 26.47 27.29
C LEU A 400 3.34 27.55 26.69
N ALA A 401 2.35 27.14 25.89
CA ALA A 401 1.38 28.04 25.21
C ALA A 401 0.58 28.83 26.25
N ILE A 402 0.28 28.23 27.41
CA ILE A 402 -0.50 28.85 28.52
C ILE A 402 0.06 30.25 28.82
N GLY A 403 1.39 30.40 28.83
CA GLY A 403 2.08 31.70 29.01
C GLY A 403 1.60 32.74 28.01
N LEU A 404 1.53 32.37 26.73
CA LEU A 404 1.15 33.27 25.60
C LEU A 404 -0.37 33.47 25.58
N LEU A 405 -1.14 32.42 25.93
CA LEU A 405 -2.64 32.44 25.92
C LEU A 405 -3.16 33.37 27.03
N VAL A 406 -2.61 33.23 28.24
CA VAL A 406 -3.06 33.99 29.45
C VAL A 406 -2.66 35.47 29.29
N ASP A 407 -1.52 35.75 28.64
CA ASP A 407 -1.04 37.14 28.40
C ASP A 407 -2.03 37.87 27.49
N ASP A 408 -2.46 37.24 26.39
CA ASP A 408 -3.49 37.79 25.46
C ASP A 408 -4.73 38.19 26.27
N ALA A 409 -5.19 37.29 27.16
CA ALA A 409 -6.37 37.50 28.04
C ALA A 409 -6.10 38.63 29.03
N ILE A 410 -4.97 38.55 29.75
CA ILE A 410 -4.55 39.53 30.80
C ILE A 410 -4.47 40.94 30.17
N VAL A 411 -3.72 41.07 29.06
CA VAL A 411 -3.51 42.36 28.35
C VAL A 411 -4.86 43.02 28.08
N VAL A 412 -5.83 42.26 27.56
CA VAL A 412 -7.19 42.74 27.20
C VAL A 412 -7.93 43.16 28.48
N VAL A 413 -8.03 42.25 29.47
CA VAL A 413 -8.80 42.45 30.73
C VAL A 413 -8.24 43.65 31.49
N GLU A 414 -6.93 43.62 31.79
CA GLU A 414 -6.24 44.67 32.59
C GLU A 414 -6.46 46.04 31.94
N ASN A 415 -6.26 46.13 30.62
CA ASN A 415 -6.32 47.40 29.85
C ASN A 415 -7.72 48.02 29.98
N VAL A 416 -8.76 47.19 30.01
CA VAL A 416 -10.18 47.64 30.23
C VAL A 416 -10.30 48.18 31.66
N GLU A 417 -9.79 47.44 32.65
CA GLU A 417 -9.80 47.82 34.09
C GLU A 417 -9.07 49.16 34.28
N ARG A 418 -7.98 49.37 33.53
CA ARG A 418 -7.15 50.61 33.57
C ARG A 418 -7.94 51.79 33.00
N VAL A 419 -8.67 51.57 31.90
CA VAL A 419 -9.51 52.61 31.21
C VAL A 419 -10.60 53.07 32.18
N MET A 420 -11.23 52.14 32.89
CA MET A 420 -12.31 52.43 33.88
C MET A 420 -11.72 53.13 35.11
N ALA A 421 -10.45 52.85 35.44
CA ALA A 421 -9.73 53.47 36.58
C ALA A 421 -9.40 54.94 36.25
N GLU A 422 -8.94 55.20 35.02
CA GLU A 422 -8.44 56.53 34.58
C GLU A 422 -9.62 57.46 34.25
N GLU A 423 -10.65 56.97 33.57
CA GLU A 423 -11.75 57.79 32.98
C GLU A 423 -13.08 57.57 33.72
N GLY A 424 -13.40 56.32 34.11
CA GLY A 424 -14.62 55.97 34.86
C GLY A 424 -15.77 55.57 33.94
N LEU A 425 -15.47 55.14 32.71
CA LEU A 425 -16.48 54.68 31.71
C LEU A 425 -17.08 53.37 32.19
N PRO A 426 -18.35 53.06 31.85
CA PRO A 426 -18.94 51.74 32.15
C PRO A 426 -18.20 50.62 31.42
N PRO A 427 -18.26 49.36 31.93
CA PRO A 427 -17.60 48.22 31.29
C PRO A 427 -17.76 48.15 29.76
N LYS A 428 -18.98 48.31 29.25
CA LYS A 428 -19.32 48.24 27.80
C LYS A 428 -18.44 49.23 27.03
N GLU A 429 -18.55 50.53 27.35
CA GLU A 429 -17.88 51.64 26.63
C GLU A 429 -16.36 51.52 26.77
N ALA A 430 -15.87 51.15 27.97
CA ALA A 430 -14.43 51.00 28.29
C ALA A 430 -13.81 49.91 27.43
N THR A 431 -14.50 48.79 27.25
CA THR A 431 -14.07 47.63 26.42
C THR A 431 -13.93 48.08 24.96
N ARG A 432 -14.97 48.72 24.41
CA ARG A 432 -14.98 49.26 23.02
C ARG A 432 -13.72 50.12 22.80
N LYS A 433 -13.47 51.06 23.71
CA LYS A 433 -12.31 52.00 23.67
C LYS A 433 -11.01 51.20 23.82
N SER A 434 -10.94 50.31 24.81
CA SER A 434 -9.75 49.50 25.15
C SER A 434 -9.36 48.64 23.94
N MET A 435 -10.31 47.91 23.36
CA MET A 435 -10.10 47.05 22.17
C MET A 435 -9.62 47.91 21.00
N GLY A 436 -10.15 49.14 20.86
CA GLY A 436 -9.72 50.12 19.85
C GLY A 436 -8.24 50.41 19.91
N GLN A 437 -7.63 50.35 21.10
CA GLN A 437 -6.22 50.72 21.35
C GLN A 437 -5.27 49.54 21.05
N ILE A 438 -5.61 48.32 21.50
CA ILE A 438 -4.67 47.17 21.55
C ILE A 438 -4.91 46.19 20.38
N GLN A 439 -6.15 46.04 19.90
CA GLN A 439 -6.53 44.93 18.97
C GLN A 439 -5.55 44.85 17.80
N GLY A 440 -5.13 46.01 17.27
CA GLY A 440 -4.13 46.11 16.18
C GLY A 440 -2.78 45.52 16.61
N ALA A 441 -2.33 45.82 17.82
CA ALA A 441 -1.03 45.39 18.38
C ALA A 441 -1.03 43.88 18.65
N LEU A 442 -2.15 43.33 19.13
CA LEU A 442 -2.31 41.88 19.44
C LEU A 442 -2.05 41.07 18.16
N VAL A 443 -2.73 41.42 17.07
CA VAL A 443 -2.63 40.74 15.73
C VAL A 443 -1.17 40.83 15.26
N GLY A 444 -0.58 42.03 15.32
CA GLY A 444 0.82 42.29 14.92
C GLY A 444 1.80 41.44 15.70
N ILE A 445 1.61 41.31 17.02
CA ILE A 445 2.51 40.55 17.94
C ILE A 445 2.51 39.07 17.53
N ALA A 446 1.32 38.49 17.32
CA ALA A 446 1.14 37.08 16.90
C ALA A 446 1.98 36.79 15.65
N MET A 447 1.99 37.71 14.68
CA MET A 447 2.77 37.60 13.42
C MET A 447 4.27 37.77 13.72
N VAL A 448 4.64 38.65 14.66
CA VAL A 448 6.04 38.83 15.13
C VAL A 448 6.50 37.54 15.81
N LEU A 449 5.68 36.99 16.72
CA LEU A 449 6.00 35.78 17.52
C LEU A 449 6.03 34.54 16.62
N SER A 450 5.18 34.48 15.59
CA SER A 450 5.14 33.36 14.61
C SER A 450 6.51 33.24 13.94
N ALA A 451 7.20 34.36 13.72
CA ALA A 451 8.56 34.43 13.13
C ALA A 451 9.60 33.78 14.06
N VAL A 452 9.31 33.69 15.36
CA VAL A 452 10.20 33.05 16.38
C VAL A 452 10.03 31.53 16.35
N PHE A 453 8.79 31.04 16.19
CA PHE A 453 8.40 29.61 16.40
C PHE A 453 8.33 28.84 15.08
N VAL A 454 7.89 29.48 13.99
CA VAL A 454 7.70 28.83 12.65
C VAL A 454 9.03 28.25 12.16
N PRO A 455 10.17 28.99 12.24
CA PRO A 455 11.45 28.47 11.77
C PRO A 455 11.79 27.03 12.21
N MET A 456 11.35 26.64 13.42
CA MET A 456 11.55 25.27 14.00
C MET A 456 10.92 24.21 13.10
N ALA A 457 9.80 24.53 12.43
CA ALA A 457 9.05 23.60 11.56
C ALA A 457 9.87 23.20 10.33
N PHE A 458 10.99 23.90 10.07
CA PHE A 458 11.84 23.74 8.86
C PHE A 458 13.17 23.06 9.19
N PHE A 459 13.31 22.51 10.40
CA PHE A 459 14.44 21.59 10.75
C PHE A 459 14.30 20.33 9.88
N GLY A 460 15.38 19.96 9.19
CA GLY A 460 15.45 18.76 8.34
C GLY A 460 15.80 17.52 9.16
N GLY A 461 16.02 16.39 8.46
CA GLY A 461 16.39 15.10 9.08
C GLY A 461 15.25 14.50 9.89
N SER A 462 15.56 13.47 10.68
CA SER A 462 14.60 12.72 11.54
C SER A 462 14.18 13.58 12.74
N THR A 463 15.13 14.34 13.30
CA THR A 463 14.95 15.16 14.53
C THR A 463 14.05 16.38 14.24
N GLY A 464 13.93 16.77 12.96
CA GLY A 464 13.09 17.90 12.51
C GLY A 464 11.63 17.73 12.88
N ALA A 465 11.15 16.48 12.91
CA ALA A 465 9.75 16.11 13.28
C ALA A 465 9.50 16.45 14.75
N ILE A 466 10.52 16.33 15.60
CA ILE A 466 10.46 16.62 17.07
C ILE A 466 10.13 18.11 17.26
N TYR A 467 10.93 18.99 16.64
CA TYR A 467 10.82 20.47 16.76
C TYR A 467 9.52 20.97 16.10
N ARG A 468 9.09 20.31 15.02
CA ARG A 468 7.90 20.69 14.22
C ARG A 468 6.63 20.52 15.06
N GLN A 469 6.63 19.58 16.02
CA GLN A 469 5.50 19.32 16.96
C GLN A 469 5.21 20.60 17.76
N PHE A 470 6.22 21.16 18.42
CA PHE A 470 6.14 22.39 19.24
C PHE A 470 5.69 23.56 18.37
N SER A 471 6.43 23.82 17.29
CA SER A 471 6.19 24.92 16.32
C SER A 471 4.69 25.03 16.00
N ILE A 472 4.11 23.97 15.42
CA ILE A 472 2.71 23.96 14.91
C ILE A 472 1.73 24.11 16.08
N THR A 473 2.01 23.48 17.22
CA THR A 473 1.15 23.52 18.44
C THR A 473 1.11 24.95 18.99
N ILE A 474 2.29 25.57 19.17
CA ILE A 474 2.45 26.93 19.79
C ILE A 474 1.88 27.99 18.86
N VAL A 475 2.21 27.93 17.56
CA VAL A 475 1.77 28.92 16.53
C VAL A 475 0.24 28.85 16.39
N SER A 476 -0.33 27.63 16.28
CA SER A 476 -1.79 27.37 16.21
C SER A 476 -2.49 28.00 17.42
N ALA A 477 -1.91 27.83 18.61
CA ALA A 477 -2.46 28.34 19.91
C ALA A 477 -2.51 29.87 19.89
N MET A 478 -1.42 30.52 19.48
CA MET A 478 -1.30 32.00 19.37
C MET A 478 -2.38 32.53 18.41
N ALA A 479 -2.50 31.93 17.22
CA ALA A 479 -3.49 32.28 16.18
C ALA A 479 -4.90 32.23 16.79
N LEU A 480 -5.24 31.11 17.45
CA LEU A 480 -6.54 30.91 18.14
C LEU A 480 -6.68 31.90 19.31
N SER A 481 -5.57 32.20 20.00
CA SER A 481 -5.52 33.11 21.18
C SER A 481 -5.96 34.51 20.77
N VAL A 482 -5.41 35.02 19.65
CA VAL A 482 -5.77 36.33 19.05
C VAL A 482 -7.27 36.31 18.72
N LEU A 483 -7.72 35.30 17.98
CA LEU A 483 -9.13 35.14 17.52
C LEU A 483 -10.07 35.21 18.73
N VAL A 484 -9.72 34.53 19.82
CA VAL A 484 -10.50 34.48 21.10
C VAL A 484 -10.42 35.85 21.78
N ALA A 485 -9.28 36.54 21.69
CA ALA A 485 -9.05 37.88 22.27
C ALA A 485 -9.85 38.95 21.49
N LEU A 486 -10.30 38.63 20.27
CA LEU A 486 -11.07 39.55 19.40
C LEU A 486 -12.57 39.19 19.41
N ILE A 487 -12.95 38.02 19.92
CA ILE A 487 -14.36 37.52 19.90
C ILE A 487 -14.89 37.42 21.35
N LEU A 488 -14.31 36.52 22.15
CA LEU A 488 -14.88 36.09 23.46
C LEU A 488 -14.50 37.09 24.57
N THR A 489 -13.21 37.36 24.74
CA THR A 489 -12.65 38.18 25.86
C THR A 489 -13.34 39.54 25.89
N PRO A 490 -13.49 40.25 24.74
CA PRO A 490 -14.21 41.52 24.72
C PRO A 490 -15.68 41.40 25.14
N ALA A 491 -16.35 40.32 24.74
CA ALA A 491 -17.75 40.00 25.09
C ALA A 491 -17.87 39.74 26.60
N LEU A 492 -16.89 39.05 27.19
CA LEU A 492 -16.88 38.68 28.64
C LEU A 492 -16.53 39.92 29.47
N CYS A 493 -15.63 40.78 28.98
CA CYS A 493 -15.23 42.06 29.63
C CYS A 493 -16.46 42.97 29.75
N ALA A 494 -17.23 43.10 28.66
CA ALA A 494 -18.40 44.00 28.55
C ALA A 494 -19.52 43.56 29.51
N THR A 495 -19.65 42.26 29.78
CA THR A 495 -20.79 41.66 30.52
C THR A 495 -20.41 41.32 31.97
N MET A 496 -19.17 40.88 32.23
CA MET A 496 -18.78 40.23 33.52
C MET A 496 -17.98 41.19 34.41
N LEU A 497 -17.30 42.20 33.87
CA LEU A 497 -16.48 43.16 34.68
C LEU A 497 -17.42 44.11 35.43
N LYS A 498 -17.16 44.31 36.73
CA LYS A 498 -17.86 45.31 37.58
C LYS A 498 -17.39 46.71 37.19
N PRO A 499 -18.30 47.72 37.14
CA PRO A 499 -17.88 49.11 36.93
C PRO A 499 -16.94 49.60 38.03
N ILE A 500 -15.93 50.39 37.67
CA ILE A 500 -14.95 51.01 38.60
C ILE A 500 -15.05 52.54 38.45
N ALA A 501 -15.35 53.24 39.54
CA ALA A 501 -15.45 54.72 39.60
C ALA A 501 -14.06 55.34 39.36
N LYS A 502 -14.00 56.46 38.63
CA LYS A 502 -12.75 57.18 38.28
C LYS A 502 -11.90 57.39 39.54
N GLY A 503 -10.62 57.02 39.49
CA GLY A 503 -9.63 57.25 40.56
C GLY A 503 -9.50 56.06 41.50
N ASP A 504 -10.49 55.16 41.51
CA ASP A 504 -10.52 53.98 42.41
C ASP A 504 -9.52 52.92 41.92
N HIS A 505 -8.35 52.85 42.56
CA HIS A 505 -7.32 51.79 42.35
C HIS A 505 -7.45 50.74 43.47
N GLY A 506 -8.64 50.64 44.08
CA GLY A 506 -8.98 49.67 45.13
C GLY A 506 -8.23 49.90 46.43
N GLU A 507 -7.66 51.10 46.61
CA GLU A 507 -6.81 51.47 47.78
C GLU A 507 -7.66 51.50 49.05
N GLY A 508 -8.92 51.95 48.95
CA GLY A 508 -9.87 52.05 50.07
C GLY A 508 -10.70 50.79 50.24
N LYS A 509 -10.05 49.63 50.36
CA LYS A 509 -10.69 48.31 50.58
C LYS A 509 -10.31 47.79 51.98
N LYS A 510 -11.02 46.76 52.45
CA LYS A 510 -10.79 46.10 53.78
C LYS A 510 -10.00 44.81 53.58
N GLY A 511 -9.21 44.43 54.58
CA GLY A 511 -8.52 43.12 54.65
C GLY A 511 -7.27 43.08 53.79
N PHE A 512 -7.00 41.93 53.17
CA PHE A 512 -5.77 41.62 52.39
C PHE A 512 -5.74 42.47 51.11
N PHE A 513 -6.85 42.54 50.38
CA PHE A 513 -6.99 43.27 49.10
C PHE A 513 -6.58 44.74 49.31
N GLY A 514 -7.14 45.39 50.34
CA GLY A 514 -6.84 46.77 50.73
C GLY A 514 -5.35 46.99 50.90
N TRP A 515 -4.71 46.17 51.75
CA TRP A 515 -3.25 46.23 52.06
C TRP A 515 -2.43 46.03 50.78
N PHE A 516 -2.79 45.03 49.97
CA PHE A 516 -2.11 44.68 48.70
C PHE A 516 -2.18 45.86 47.73
N ASN A 517 -3.36 46.49 47.62
CA ASN A 517 -3.64 47.60 46.67
C ASN A 517 -2.84 48.84 47.05
N ARG A 518 -2.73 49.14 48.36
CA ARG A 518 -1.85 50.22 48.88
C ARG A 518 -0.39 49.88 48.57
N MET A 519 0.03 48.64 48.87
CA MET A 519 1.42 48.15 48.68
C MET A 519 1.82 48.27 47.21
N PHE A 520 0.95 47.85 46.28
CA PHE A 520 1.22 47.80 44.82
C PHE A 520 1.26 49.22 44.26
N GLU A 521 0.26 50.06 44.61
CA GLU A 521 0.15 51.46 44.13
C GLU A 521 1.37 52.26 44.60
N LYS A 522 1.84 52.00 45.82
CA LYS A 522 3.07 52.63 46.39
C LYS A 522 4.31 52.05 45.68
N SER A 523 4.32 50.73 45.43
CA SER A 523 5.42 50.00 44.73
C SER A 523 5.56 50.51 43.29
N THR A 524 4.44 50.85 42.64
CA THR A 524 4.39 51.40 41.25
C THR A 524 5.13 52.74 41.22
N HIS A 525 4.87 53.63 42.18
CA HIS A 525 5.53 54.97 42.30
C HIS A 525 7.03 54.79 42.55
N HIS A 526 7.42 53.86 43.43
CA HIS A 526 8.84 53.49 43.72
C HIS A 526 9.53 53.02 42.44
N TYR A 527 8.81 52.28 41.59
CA TYR A 527 9.29 51.73 40.29
C TYR A 527 9.51 52.87 39.29
N THR A 528 8.53 53.76 39.13
CA THR A 528 8.56 54.90 38.17
C THR A 528 9.71 55.86 38.52
N ASP A 529 9.85 56.20 39.81
CA ASP A 529 10.93 57.08 40.33
C ASP A 529 12.29 56.45 39.99
N SER A 530 12.44 55.15 40.27
CA SER A 530 13.69 54.37 40.05
C SER A 530 14.10 54.45 38.58
N VAL A 531 13.16 54.21 37.66
CA VAL A 531 13.38 54.22 36.18
C VAL A 531 13.78 55.64 35.76
N GLY A 532 13.02 56.65 36.23
CA GLY A 532 13.33 58.08 36.02
C GLY A 532 14.78 58.41 36.31
N GLY A 533 15.34 57.80 37.36
CA GLY A 533 16.75 57.92 37.77
C GLY A 533 17.69 57.17 36.84
N ILE A 534 17.26 56.00 36.33
CA ILE A 534 18.03 55.17 35.36
C ILE A 534 18.16 55.94 34.04
N LEU A 535 17.14 56.72 33.67
CA LEU A 535 17.10 57.49 32.40
C LEU A 535 18.06 58.69 32.47
N ARG A 536 18.56 59.03 33.67
CA ARG A 536 19.64 60.05 33.86
C ARG A 536 21.01 59.37 33.68
N SER A 537 21.18 58.15 34.18
CA SER A 537 22.43 57.35 34.10
C SER A 537 22.67 56.90 32.65
N THR A 538 21.87 55.94 32.17
CA THR A 538 21.88 55.40 30.79
C THR A 538 23.20 54.65 30.52
N GLY A 539 24.32 55.38 30.45
CA GLY A 539 25.66 54.85 30.12
C GLY A 539 26.06 53.70 31.02
N ARG A 540 25.77 53.79 32.33
CA ARG A 540 26.11 52.76 33.35
C ARG A 540 25.48 51.41 32.97
N TYR A 541 24.24 51.43 32.50
CA TYR A 541 23.39 50.23 32.28
C TYR A 541 23.70 49.57 30.93
N LEU A 542 24.20 50.34 29.95
CA LEU A 542 24.73 49.80 28.68
C LEU A 542 25.92 48.87 28.98
N VAL A 543 26.73 49.22 29.98
CA VAL A 543 27.92 48.43 30.41
C VAL A 543 27.43 47.17 31.15
N LEU A 544 26.42 47.31 32.02
CA LEU A 544 25.82 46.19 32.78
C LEU A 544 25.14 45.22 31.79
N TYR A 545 24.52 45.75 30.73
CA TYR A 545 23.87 44.96 29.64
C TYR A 545 24.93 44.14 28.91
N LEU A 546 26.08 44.75 28.59
CA LEU A 546 27.21 44.09 27.90
C LEU A 546 27.76 42.95 28.77
N ILE A 547 27.74 43.10 30.10
CA ILE A 547 28.19 42.06 31.07
C ILE A 547 27.20 40.89 31.04
N ILE A 548 25.90 41.18 31.08
CA ILE A 548 24.79 40.16 31.00
C ILE A 548 24.98 39.33 29.72
N VAL A 549 25.26 39.99 28.59
CA VAL A 549 25.45 39.35 27.26
C VAL A 549 26.71 38.47 27.30
N VAL A 550 27.81 38.98 27.87
CA VAL A 550 29.10 38.24 28.02
C VAL A 550 28.89 37.06 28.98
N GLY A 551 28.12 37.27 30.06
CA GLY A 551 27.68 36.23 30.99
C GLY A 551 26.85 35.17 30.28
N MET A 552 25.91 35.60 29.43
CA MET A 552 25.05 34.72 28.59
C MET A 552 25.93 33.84 27.70
N ALA A 553 26.88 34.46 26.98
CA ALA A 553 27.81 33.80 26.04
C ALA A 553 28.66 32.75 26.78
N TYR A 554 29.13 33.09 27.98
CA TYR A 554 30.01 32.24 28.83
C TYR A 554 29.27 30.94 29.20
N LEU A 555 28.03 31.06 29.69
CA LEU A 555 27.22 29.91 30.19
C LEU A 555 26.74 29.04 29.01
N PHE A 556 26.43 29.67 27.87
CA PHE A 556 25.92 28.98 26.65
C PHE A 556 26.98 28.02 26.10
N VAL A 557 28.26 28.37 26.25
CA VAL A 557 29.43 27.57 25.78
C VAL A 557 29.75 26.49 26.84
N ARG A 558 29.55 26.80 28.13
CA ARG A 558 29.90 25.91 29.26
C ARG A 558 28.85 24.80 29.43
N LEU A 559 27.57 25.11 29.19
CA LEU A 559 26.43 24.17 29.38
C LEU A 559 26.46 23.12 28.27
N PRO A 560 26.69 21.82 28.60
CA PRO A 560 26.68 20.76 27.59
C PRO A 560 25.29 20.59 26.93
N SER A 561 25.26 20.03 25.72
CA SER A 561 24.03 19.84 24.92
C SER A 561 23.72 18.34 24.76
N SER A 562 22.49 17.93 25.07
CA SER A 562 21.90 16.61 24.74
C SER A 562 20.74 16.81 23.77
N PHE A 563 20.01 15.75 23.42
CA PHE A 563 18.81 15.82 22.55
C PHE A 563 17.54 15.70 23.40
N LEU A 564 17.25 14.49 23.91
CA LEU A 564 16.08 14.19 24.78
C LEU A 564 16.55 13.40 26.00
N PRO A 565 16.11 13.77 27.21
CA PRO A 565 16.60 13.13 28.43
C PRO A 565 16.14 11.67 28.54
N ASP A 566 16.96 10.81 29.14
CA ASP A 566 16.63 9.40 29.47
C ASP A 566 15.53 9.40 30.53
N GLU A 567 14.44 8.68 30.27
CA GLU A 567 13.28 8.56 31.18
C GLU A 567 13.25 7.16 31.79
N ASP A 568 13.01 7.08 33.10
CA ASP A 568 12.61 5.83 33.80
C ASP A 568 11.22 5.45 33.27
N GLN A 569 11.10 4.29 32.62
CA GLN A 569 9.84 3.82 31.98
C GLN A 569 9.25 2.64 32.77
N GLY A 570 9.74 2.40 33.99
CA GLY A 570 9.28 1.32 34.88
C GLY A 570 9.69 -0.06 34.39
N VAL A 571 10.49 -0.13 33.32
CA VAL A 571 10.93 -1.40 32.67
C VAL A 571 12.33 -1.21 32.09
N PHE A 572 13.04 -2.31 31.87
CA PHE A 572 14.37 -2.37 31.19
C PHE A 572 14.73 -3.84 30.92
N MET A 573 15.82 -4.07 30.18
CA MET A 573 16.28 -5.42 29.76
C MET A 573 17.73 -5.63 30.18
N THR A 574 18.12 -6.89 30.37
CA THR A 574 19.51 -7.35 30.66
C THR A 574 19.90 -8.40 29.60
N MET A 575 20.91 -8.11 28.77
CA MET A 575 21.45 -9.07 27.76
C MET A 575 22.42 -10.01 28.47
N VAL A 576 22.41 -11.29 28.07
CA VAL A 576 23.37 -12.33 28.54
C VAL A 576 23.99 -12.96 27.30
N GLN A 577 25.31 -12.81 27.13
CA GLN A 577 26.11 -13.38 26.03
C GLN A 577 27.29 -14.17 26.59
N LEU A 578 27.21 -15.51 26.54
CA LEU A 578 28.35 -16.42 26.82
C LEU A 578 29.20 -16.49 25.56
N PRO A 579 30.48 -16.95 25.65
CA PRO A 579 31.28 -17.20 24.45
C PRO A 579 30.65 -18.35 23.64
N ALA A 580 30.72 -18.27 22.31
CA ALA A 580 30.26 -19.34 21.38
C ALA A 580 30.99 -20.65 21.74
N GLY A 581 30.28 -21.78 21.62
CA GLY A 581 30.73 -23.10 22.11
C GLY A 581 30.09 -23.45 23.45
N ALA A 582 29.64 -22.43 24.19
CA ALA A 582 28.94 -22.56 25.49
C ALA A 582 27.54 -23.14 25.26
N THR A 583 27.03 -23.88 26.25
CA THR A 583 25.79 -24.69 26.17
C THR A 583 24.61 -23.95 26.77
N GLN A 584 23.40 -24.42 26.46
CA GLN A 584 22.09 -23.97 27.02
C GLN A 584 22.13 -24.05 28.55
N GLU A 585 22.74 -25.11 29.10
CA GLU A 585 22.84 -25.38 30.55
C GLU A 585 23.66 -24.27 31.23
N ARG A 586 24.75 -23.83 30.60
CA ARG A 586 25.67 -22.81 31.14
C ARG A 586 25.02 -21.42 31.05
N THR A 587 24.26 -21.17 29.97
CA THR A 587 23.47 -19.92 29.77
C THR A 587 22.38 -19.82 30.85
N GLN A 588 21.73 -20.94 31.17
CA GLN A 588 20.68 -21.03 32.22
C GLN A 588 21.28 -20.66 33.58
N LYS A 589 22.47 -21.19 33.87
CA LYS A 589 23.23 -20.94 35.13
C LYS A 589 23.41 -19.43 35.31
N VAL A 590 23.81 -18.73 34.25
CA VAL A 590 24.08 -17.26 34.28
C VAL A 590 22.76 -16.49 34.40
N LEU A 591 21.70 -16.96 33.73
CA LEU A 591 20.35 -16.33 33.80
C LEU A 591 19.79 -16.46 35.22
N ASN A 592 20.08 -17.59 35.89
CA ASN A 592 19.67 -17.84 37.30
C ASN A 592 20.33 -16.79 38.21
N GLU A 593 21.62 -16.52 38.01
CA GLU A 593 22.40 -15.52 38.79
C GLU A 593 21.83 -14.12 38.57
N VAL A 594 21.52 -13.76 37.32
CA VAL A 594 20.90 -12.46 36.94
C VAL A 594 19.54 -12.36 37.63
N THR A 595 18.68 -13.38 37.50
CA THR A 595 17.33 -13.44 38.12
C THR A 595 17.47 -13.36 39.64
N HIS A 596 18.44 -14.08 40.22
CA HIS A 596 18.72 -14.13 41.67
C HIS A 596 18.97 -12.72 42.22
N TYR A 597 19.89 -11.99 41.59
CA TYR A 597 20.29 -10.60 41.97
C TYR A 597 19.05 -9.71 42.08
N TYR A 598 18.18 -9.71 41.07
CA TYR A 598 16.98 -8.84 40.99
C TYR A 598 15.97 -9.23 42.07
N LEU A 599 15.83 -10.52 42.36
CA LEU A 599 14.83 -11.07 43.32
C LEU A 599 15.32 -10.88 44.77
N THR A 600 16.64 -10.81 44.98
CA THR A 600 17.26 -10.70 46.33
C THR A 600 17.74 -9.27 46.59
N LYS A 601 18.62 -8.73 45.74
CA LYS A 601 19.31 -7.43 45.99
C LYS A 601 18.40 -6.24 45.62
N GLU A 602 17.41 -6.42 44.74
CA GLU A 602 16.52 -5.32 44.26
C GLU A 602 15.05 -5.64 44.58
N LYS A 603 14.79 -6.16 45.78
CA LYS A 603 13.41 -6.50 46.29
C LYS A 603 12.51 -5.28 46.22
N ASN A 604 13.01 -4.11 46.65
CA ASN A 604 12.25 -2.84 46.78
C ASN A 604 11.80 -2.34 45.39
N ASN A 605 12.64 -2.50 44.36
CA ASN A 605 12.48 -1.83 43.04
C ASN A 605 11.84 -2.78 42.02
N VAL A 606 12.34 -4.02 41.92
CA VAL A 606 11.96 -5.00 40.85
C VAL A 606 10.65 -5.71 41.24
N GLU A 607 9.64 -5.63 40.37
CA GLU A 607 8.33 -6.31 40.52
C GLU A 607 8.44 -7.75 40.00
N SER A 608 8.86 -7.90 38.74
CA SER A 608 8.92 -9.20 38.03
C SER A 608 10.19 -9.29 37.17
N VAL A 609 10.63 -10.52 36.89
CA VAL A 609 11.74 -10.86 35.96
C VAL A 609 11.26 -11.98 35.04
N PHE A 610 11.14 -11.71 33.74
CA PHE A 610 10.85 -12.72 32.68
C PHE A 610 12.17 -13.02 31.96
N ALA A 611 12.80 -14.15 32.31
CA ALA A 611 14.10 -14.61 31.79
C ALA A 611 13.85 -15.61 30.65
N VAL A 612 14.48 -15.38 29.49
CA VAL A 612 14.36 -16.25 28.27
C VAL A 612 15.75 -16.77 27.93
N ASN A 613 15.95 -18.09 28.01
CA ASN A 613 17.21 -18.79 27.65
C ASN A 613 17.17 -19.11 26.15
N GLY A 614 18.15 -18.61 25.39
CA GLY A 614 18.32 -18.88 23.95
C GLY A 614 17.58 -17.87 23.09
N PHE A 615 17.51 -16.60 23.52
CA PHE A 615 16.98 -15.48 22.69
C PHE A 615 17.88 -14.25 22.80
N GLY A 616 18.23 -13.71 21.63
CA GLY A 616 18.75 -12.34 21.41
C GLY A 616 18.19 -11.77 20.12
N PHE A 617 18.33 -10.46 19.91
CA PHE A 617 17.82 -9.74 18.71
C PHE A 617 18.72 -10.05 17.51
N ALA A 618 19.99 -10.43 17.76
CA ALA A 618 20.97 -10.86 16.74
C ALA A 618 20.60 -12.26 16.24
N GLY A 619 20.57 -13.25 17.15
CA GLY A 619 20.22 -14.65 16.86
C GLY A 619 19.79 -15.39 18.12
N ARG A 620 19.51 -16.68 18.02
CA ARG A 620 18.95 -17.52 19.12
C ARG A 620 19.78 -18.79 19.34
N PRO A 621 21.13 -18.71 19.42
CA PRO A 621 21.94 -19.88 19.77
C PRO A 621 21.82 -20.28 21.25
N GLN A 622 22.55 -21.32 21.65
CA GLN A 622 22.57 -21.85 23.04
C GLN A 622 23.24 -20.85 24.00
N ASN A 623 24.15 -20.01 23.49
CA ASN A 623 25.11 -19.21 24.30
C ASN A 623 24.61 -17.77 24.49
N THR A 624 23.32 -17.50 24.26
CA THR A 624 22.71 -16.15 24.41
C THR A 624 21.41 -16.25 25.22
N GLY A 625 21.08 -15.18 25.94
CA GLY A 625 19.86 -15.06 26.77
C GLY A 625 19.49 -13.62 27.03
N ILE A 626 18.31 -13.39 27.58
CA ILE A 626 17.75 -12.03 27.88
C ILE A 626 16.85 -12.13 29.11
N ALA A 627 16.74 -11.05 29.88
CA ALA A 627 15.86 -10.91 31.07
C ALA A 627 15.09 -9.60 30.98
N PHE A 628 13.77 -9.69 30.80
CA PHE A 628 12.83 -8.54 30.84
C PHE A 628 12.53 -8.23 32.31
N VAL A 629 12.86 -7.02 32.75
CA VAL A 629 12.68 -6.57 34.16
C VAL A 629 11.57 -5.50 34.18
N SER A 630 10.56 -5.69 35.03
CA SER A 630 9.48 -4.71 35.32
C SER A 630 9.64 -4.21 36.77
N LEU A 631 9.76 -2.90 36.94
CA LEU A 631 9.97 -2.25 38.27
C LEU A 631 8.60 -1.97 38.91
N LYS A 632 8.60 -1.78 40.23
CA LYS A 632 7.41 -1.28 40.99
C LYS A 632 7.09 0.13 40.48
N ASP A 633 5.90 0.64 40.80
CA ASP A 633 5.45 2.00 40.38
C ASP A 633 6.46 3.04 40.87
N TRP A 634 6.58 4.14 40.13
CA TRP A 634 7.53 5.26 40.37
C TRP A 634 7.37 5.81 41.79
N ALA A 635 6.13 5.92 42.27
CA ALA A 635 5.76 6.46 43.61
C ALA A 635 6.41 5.63 44.72
N ASP A 636 6.56 4.31 44.49
CA ASP A 636 7.14 3.34 45.47
C ASP A 636 8.67 3.27 45.31
N ARG A 637 9.25 4.09 44.42
CA ARG A 637 10.72 4.14 44.15
C ARG A 637 11.21 5.58 44.26
N PRO A 638 11.20 6.19 45.47
CA PRO A 638 11.64 7.56 45.65
C PRO A 638 13.18 7.68 45.66
N GLY A 639 13.71 8.74 45.07
CA GLY A 639 15.15 9.05 45.03
C GLY A 639 15.79 8.59 43.73
N GLU A 640 16.99 9.11 43.43
CA GLU A 640 17.74 8.85 42.18
C GLU A 640 18.30 7.42 42.19
N GLU A 641 18.63 6.90 43.38
CA GLU A 641 19.27 5.56 43.55
C GLU A 641 18.27 4.44 43.21
N ASN A 642 16.96 4.76 43.22
CA ASN A 642 15.85 3.80 42.98
C ASN A 642 15.27 3.98 41.57
N LYS A 643 15.90 4.81 40.72
CA LYS A 643 15.51 4.98 39.29
C LYS A 643 16.36 4.05 38.42
N VAL A 644 15.93 3.84 37.17
CA VAL A 644 16.46 2.81 36.23
C VAL A 644 17.98 2.97 36.07
N GLU A 645 18.47 4.20 35.93
CA GLU A 645 19.90 4.48 35.64
C GLU A 645 20.79 3.90 36.75
N ALA A 646 20.45 4.18 38.01
CA ALA A 646 21.19 3.72 39.22
C ALA A 646 21.05 2.20 39.36
N ILE A 647 19.84 1.65 39.14
CA ILE A 647 19.52 0.19 39.23
C ILE A 647 20.39 -0.56 38.22
N THR A 648 20.34 -0.16 36.95
CA THR A 648 21.07 -0.79 35.82
C THR A 648 22.58 -0.65 36.01
N MET A 649 23.03 0.47 36.58
CA MET A 649 24.46 0.73 36.90
C MET A 649 24.92 -0.26 37.98
N ARG A 650 24.17 -0.39 39.07
CA ARG A 650 24.45 -1.32 40.20
C ARG A 650 24.42 -2.76 39.69
N ALA A 651 23.46 -3.09 38.82
CA ALA A 651 23.27 -4.43 38.22
C ALA A 651 24.48 -4.80 37.35
N THR A 652 24.86 -3.91 36.43
CA THR A 652 26.00 -4.10 35.48
C THR A 652 27.29 -4.32 36.26
N ARG A 653 27.48 -3.61 37.38
CA ARG A 653 28.68 -3.74 38.27
C ARG A 653 28.71 -5.16 38.86
N ALA A 654 27.61 -5.58 39.48
CA ALA A 654 27.45 -6.91 40.13
C ALA A 654 27.66 -8.03 39.12
N PHE A 655 27.19 -7.87 37.88
CA PHE A 655 27.20 -8.91 36.82
C PHE A 655 28.58 -9.02 36.17
N SER A 656 29.47 -8.06 36.39
CA SER A 656 30.87 -8.07 35.86
C SER A 656 31.69 -9.16 36.57
N GLN A 657 31.29 -9.51 37.79
CA GLN A 657 31.95 -10.56 38.64
C GLN A 657 31.42 -11.96 38.29
N ILE A 658 30.54 -12.07 37.28
CA ILE A 658 30.16 -13.36 36.63
C ILE A 658 31.23 -13.66 35.56
N LYS A 659 31.64 -14.92 35.44
CA LYS A 659 32.84 -15.34 34.67
C LYS A 659 32.40 -15.98 33.34
N ASP A 660 33.16 -15.70 32.27
CA ASP A 660 32.94 -16.21 30.89
C ASP A 660 31.54 -15.83 30.42
N ALA A 661 31.19 -14.54 30.50
CA ALA A 661 29.85 -14.00 30.15
C ALA A 661 29.91 -12.48 29.95
N MET A 662 29.32 -12.00 28.85
CA MET A 662 28.96 -10.58 28.62
C MET A 662 27.55 -10.35 29.19
N VAL A 663 27.46 -9.70 30.35
CA VAL A 663 26.18 -9.45 31.08
C VAL A 663 26.10 -7.97 31.46
N PHE A 664 25.08 -7.26 30.99
CA PHE A 664 24.87 -5.81 31.23
C PHE A 664 23.38 -5.46 31.15
N ALA A 665 22.90 -4.66 32.11
CA ALA A 665 21.54 -4.06 32.12
C ALA A 665 21.62 -2.66 31.50
N PHE A 666 20.56 -2.25 30.80
CA PHE A 666 20.49 -0.98 30.02
C PHE A 666 19.03 -0.52 29.90
N ASN A 667 18.81 0.78 30.07
CA ASN A 667 17.53 1.46 29.74
C ASN A 667 17.47 1.65 28.22
N LEU A 668 16.43 1.14 27.56
CA LEU A 668 16.20 1.40 26.11
C LEU A 668 15.85 2.89 25.97
N PRO A 669 16.67 3.67 25.22
CA PRO A 669 16.61 5.13 25.30
C PRO A 669 15.32 5.75 24.74
N ALA A 670 15.16 7.07 24.91
CA ALA A 670 14.02 7.87 24.43
C ALA A 670 13.64 7.43 23.00
N ILE A 671 14.61 7.45 22.09
CA ILE A 671 14.48 6.96 20.69
C ILE A 671 15.71 6.09 20.37
N VAL A 672 15.53 4.77 20.33
CA VAL A 672 16.61 3.76 20.07
C VAL A 672 17.08 3.87 18.62
N GLU A 673 16.21 4.30 17.70
CA GLU A 673 16.48 4.38 16.24
C GLU A 673 17.28 5.65 15.91
N LEU A 674 17.60 6.50 16.89
CA LEU A 674 18.53 7.65 16.73
C LEU A 674 19.97 7.17 16.96
N GLY A 675 20.26 6.61 18.15
CA GLY A 675 21.59 6.06 18.49
C GLY A 675 21.80 5.92 19.99
N THR A 676 23.06 6.03 20.43
CA THR A 676 23.51 5.82 21.83
C THR A 676 24.40 7.01 22.26
N ALA A 677 23.89 8.23 22.10
CA ALA A 677 24.51 9.52 22.51
C ALA A 677 25.79 9.78 21.70
N THR A 678 26.95 9.29 22.16
CA THR A 678 28.29 9.58 21.57
C THR A 678 28.88 8.30 20.96
N GLY A 679 28.03 7.32 20.62
CA GLY A 679 28.42 6.02 20.05
C GLY A 679 28.40 6.03 18.53
N PHE A 680 29.33 5.30 17.91
CA PHE A 680 29.40 5.09 16.43
C PHE A 680 29.04 3.62 16.12
N ASP A 681 28.61 3.37 14.88
CA ASP A 681 28.17 2.04 14.38
C ASP A 681 28.91 1.76 13.06
N PHE A 682 30.09 1.15 13.15
CA PHE A 682 31.05 0.95 12.04
C PHE A 682 30.79 -0.40 11.37
N GLU A 683 30.99 -0.47 10.04
CA GLU A 683 30.85 -1.71 9.23
C GLU A 683 32.12 -1.91 8.41
N LEU A 684 32.95 -2.89 8.80
CA LEU A 684 34.13 -3.34 8.02
C LEU A 684 33.63 -4.23 6.88
N ILE A 685 34.11 -3.98 5.65
CA ILE A 685 33.60 -4.65 4.41
C ILE A 685 34.76 -5.37 3.71
N ASP A 686 34.49 -6.58 3.21
CA ASP A 686 35.37 -7.36 2.31
C ASP A 686 34.99 -7.00 0.86
N GLN A 687 35.83 -6.22 0.19
CA GLN A 687 35.52 -5.55 -1.11
C GLN A 687 36.15 -6.31 -2.29
N ALA A 688 37.00 -7.33 -2.02
CA ALA A 688 37.84 -7.99 -3.05
C ALA A 688 37.82 -9.52 -2.88
N GLY A 689 36.75 -10.10 -2.30
CA GLY A 689 36.59 -11.55 -2.11
C GLY A 689 37.75 -12.16 -1.33
N LEU A 690 38.25 -11.44 -0.32
CA LEU A 690 39.37 -11.88 0.56
C LEU A 690 38.99 -13.18 1.29
N GLY A 691 37.81 -13.18 1.93
CA GLY A 691 37.32 -14.31 2.75
C GLY A 691 37.21 -13.93 4.22
N HIS A 692 36.52 -14.77 5.01
CA HIS A 692 36.20 -14.53 6.45
C HIS A 692 37.50 -14.46 7.26
N GLU A 693 38.47 -15.34 6.96
CA GLU A 693 39.73 -15.50 7.75
C GLU A 693 40.55 -14.21 7.67
N LYS A 694 40.77 -13.68 6.45
CA LYS A 694 41.55 -12.45 6.20
C LYS A 694 40.80 -11.23 6.79
N LEU A 695 39.48 -11.21 6.65
CA LEU A 695 38.62 -10.08 7.16
C LEU A 695 38.65 -10.05 8.68
N THR A 696 38.74 -11.21 9.34
CA THR A 696 38.86 -11.35 10.82
C THR A 696 40.18 -10.74 11.29
N GLN A 697 41.28 -11.02 10.57
CA GLN A 697 42.63 -10.46 10.84
C GLN A 697 42.57 -8.92 10.72
N ALA A 698 42.00 -8.43 9.61
CA ALA A 698 41.79 -6.99 9.34
C ALA A 698 41.00 -6.34 10.48
N ARG A 699 39.96 -7.03 10.97
CA ARG A 699 39.13 -6.58 12.12
C ARG A 699 40.02 -6.48 13.37
N ASN A 700 40.83 -7.51 13.63
CA ASN A 700 41.73 -7.61 14.81
C ASN A 700 42.77 -6.48 14.75
N GLN A 701 43.35 -6.26 13.57
CA GLN A 701 44.33 -5.17 13.30
C GLN A 701 43.69 -3.82 13.66
N LEU A 702 42.43 -3.59 13.24
CA LEU A 702 41.68 -2.33 13.46
C LEU A 702 41.29 -2.21 14.94
N LEU A 703 40.94 -3.32 15.60
CA LEU A 703 40.59 -3.37 17.04
C LEU A 703 41.84 -3.05 17.89
N ALA A 704 43.00 -3.57 17.49
CA ALA A 704 44.30 -3.39 18.16
C ALA A 704 44.72 -1.91 18.10
N GLU A 705 44.61 -1.28 16.93
CA GLU A 705 45.01 0.13 16.67
C GLU A 705 44.08 1.08 17.44
N ALA A 706 42.80 0.72 17.60
CA ALA A 706 41.77 1.51 18.33
C ALA A 706 42.08 1.51 19.82
N ALA A 707 42.65 0.42 20.34
CA ALA A 707 43.07 0.26 21.76
C ALA A 707 44.29 1.16 22.04
N LYS A 708 45.10 1.44 21.01
CA LYS A 708 46.33 2.27 21.10
C LYS A 708 46.00 3.77 21.14
N HIS A 709 44.71 4.13 21.06
CA HIS A 709 44.21 5.54 21.15
C HIS A 709 43.09 5.64 22.18
N PRO A 710 43.35 5.34 23.48
CA PRO A 710 42.32 5.48 24.52
C PRO A 710 41.79 6.91 24.70
N ASP A 711 42.57 7.92 24.29
CA ASP A 711 42.24 9.37 24.44
C ASP A 711 41.11 9.75 23.47
N MET A 712 40.90 8.98 22.40
CA MET A 712 39.89 9.28 21.34
C MET A 712 38.75 8.23 21.36
N LEU A 713 39.08 6.94 21.31
CA LEU A 713 38.11 5.83 21.14
C LEU A 713 37.98 5.02 22.43
N THR A 714 36.76 4.56 22.75
CA THR A 714 36.42 3.77 23.97
C THR A 714 35.50 2.60 23.60
N SER A 715 35.65 1.47 24.30
CA SER A 715 34.82 0.22 24.18
C SER A 715 34.61 -0.11 22.69
N VAL A 716 35.67 -0.09 21.90
CA VAL A 716 35.64 -0.42 20.44
C VAL A 716 35.75 -1.95 20.31
N ARG A 717 34.63 -2.62 20.00
CA ARG A 717 34.50 -4.10 20.06
C ARG A 717 33.62 -4.58 18.92
N PRO A 718 33.71 -5.88 18.53
CA PRO A 718 32.85 -6.44 17.50
C PRO A 718 31.46 -6.79 18.07
N ASN A 719 30.42 -6.70 17.24
CA ASN A 719 29.02 -7.02 17.62
C ASN A 719 28.75 -8.51 17.36
N GLY A 720 29.55 -9.16 16.51
CA GLY A 720 29.37 -10.57 16.10
C GLY A 720 29.98 -11.55 17.07
N LEU A 721 30.10 -12.81 16.66
CA LEU A 721 30.63 -13.95 17.47
C LEU A 721 31.99 -14.37 16.93
N GLU A 722 32.80 -15.02 17.78
CA GLU A 722 34.14 -15.55 17.43
C GLU A 722 33.99 -16.93 16.80
N ASP A 723 34.91 -17.30 15.90
CA ASP A 723 35.00 -18.65 15.29
C ASP A 723 35.10 -19.68 16.41
N THR A 724 34.51 -20.86 16.20
CA THR A 724 34.48 -21.97 17.19
C THR A 724 34.92 -23.27 16.51
N PRO A 725 35.38 -24.28 17.28
CA PRO A 725 35.67 -25.59 16.71
C PRO A 725 34.41 -26.17 16.04
N GLN A 726 34.57 -26.79 14.88
CA GLN A 726 33.48 -27.49 14.15
C GLN A 726 34.02 -28.80 13.58
N PHE A 727 33.16 -29.81 13.49
CA PHE A 727 33.49 -31.22 13.17
C PHE A 727 33.36 -31.42 11.66
N LYS A 728 34.48 -31.28 10.94
CA LYS A 728 34.54 -31.47 9.46
C LYS A 728 34.53 -32.97 9.17
N ILE A 729 33.53 -33.44 8.43
CA ILE A 729 33.39 -34.86 7.98
C ILE A 729 33.40 -34.89 6.45
N ASP A 730 34.33 -35.65 5.86
CA ASP A 730 34.50 -35.79 4.39
C ASP A 730 33.98 -37.17 3.96
N ILE A 731 32.95 -37.20 3.12
CA ILE A 731 32.42 -38.43 2.47
C ILE A 731 33.37 -38.79 1.32
N ASP A 732 33.95 -39.98 1.35
CA ASP A 732 34.80 -40.52 0.25
C ASP A 732 33.87 -41.07 -0.83
N GLN A 733 33.72 -40.34 -1.94
CA GLN A 733 32.79 -40.68 -3.05
C GLN A 733 33.15 -42.05 -3.65
N GLU A 734 34.45 -42.34 -3.77
CA GLU A 734 34.97 -43.59 -4.40
C GLU A 734 34.55 -44.81 -3.57
N LYS A 735 34.85 -44.81 -2.27
CA LYS A 735 34.53 -45.93 -1.34
C LYS A 735 33.01 -46.14 -1.29
N ALA A 736 32.25 -45.04 -1.33
CA ALA A 736 30.76 -45.06 -1.33
C ALA A 736 30.26 -45.78 -2.58
N GLN A 737 30.77 -45.40 -3.75
CA GLN A 737 30.44 -46.03 -5.06
C GLN A 737 30.83 -47.50 -5.03
N ALA A 738 31.99 -47.83 -4.43
CA ALA A 738 32.56 -49.19 -4.34
C ALA A 738 31.67 -50.11 -3.49
N LEU A 739 31.19 -49.60 -2.35
CA LEU A 739 30.31 -50.35 -1.41
C LEU A 739 28.86 -50.35 -1.90
N GLY A 740 28.53 -49.47 -2.86
CA GLY A 740 27.18 -49.33 -3.43
C GLY A 740 26.23 -48.62 -2.48
N VAL A 741 26.71 -47.56 -1.81
CA VAL A 741 25.89 -46.70 -0.90
C VAL A 741 25.61 -45.37 -1.62
N SER A 742 24.34 -45.01 -1.73
CA SER A 742 23.84 -43.72 -2.31
C SER A 742 24.33 -42.56 -1.44
N ILE A 743 24.75 -41.46 -2.07
CA ILE A 743 25.18 -40.21 -1.37
C ILE A 743 23.93 -39.56 -0.76
N ASN A 744 22.77 -39.71 -1.40
CA ASN A 744 21.46 -39.21 -0.91
C ASN A 744 21.12 -39.89 0.42
N ASP A 745 21.31 -41.21 0.50
CA ASP A 745 21.08 -42.03 1.72
C ASP A 745 22.04 -41.60 2.83
N ILE A 746 23.31 -41.36 2.49
CA ILE A 746 24.37 -40.89 3.43
C ILE A 746 23.95 -39.52 4.00
N ASN A 747 23.64 -38.56 3.13
CA ASN A 747 23.31 -37.16 3.52
C ASN A 747 22.02 -37.12 4.34
N THR A 748 20.99 -37.86 3.90
CA THR A 748 19.67 -37.94 4.61
C THR A 748 19.88 -38.56 6.00
N THR A 749 20.64 -39.65 6.08
CA THR A 749 20.97 -40.37 7.34
C THR A 749 21.69 -39.41 8.30
N LEU A 750 22.76 -38.75 7.84
CA LEU A 750 23.54 -37.79 8.66
C LEU A 750 22.64 -36.60 9.06
N GLY A 751 21.95 -36.00 8.08
CA GLY A 751 21.11 -34.80 8.27
C GLY A 751 19.94 -35.05 9.22
N ALA A 752 19.18 -36.13 8.98
CA ALA A 752 17.99 -36.50 9.78
C ALA A 752 18.41 -36.79 11.22
N ALA A 753 19.45 -37.60 11.42
CA ALA A 753 19.90 -38.08 12.74
C ALA A 753 20.41 -36.91 13.59
N TRP A 754 21.36 -36.13 13.06
CA TRP A 754 22.14 -35.12 13.83
C TRP A 754 21.52 -33.72 13.74
N GLY A 755 20.80 -33.41 12.65
CA GLY A 755 20.22 -32.08 12.39
C GLY A 755 18.73 -32.06 12.63
N GLY A 756 18.03 -33.16 12.32
CA GLY A 756 16.55 -33.24 12.35
C GLY A 756 15.96 -32.96 10.98
N SER A 757 14.84 -33.60 10.65
CA SER A 757 14.15 -33.51 9.34
C SER A 757 12.64 -33.36 9.54
N TYR A 758 12.05 -32.32 8.97
CA TYR A 758 10.59 -32.05 8.91
C TYR A 758 9.99 -32.91 7.80
N VAL A 759 9.30 -33.99 8.17
CA VAL A 759 8.78 -35.03 7.23
C VAL A 759 7.48 -34.51 6.61
N ASN A 760 6.44 -34.35 7.43
CA ASN A 760 5.08 -33.91 6.99
C ASN A 760 4.30 -33.43 8.21
N ASP A 761 3.01 -33.15 8.05
CA ASP A 761 2.12 -32.62 9.12
C ASP A 761 1.25 -33.75 9.66
N PHE A 762 0.69 -33.55 10.87
CA PHE A 762 -0.31 -34.42 11.54
C PHE A 762 -1.29 -33.53 12.29
N ILE A 763 -2.33 -34.12 12.89
CA ILE A 763 -3.43 -33.37 13.57
C ILE A 763 -3.38 -33.68 15.07
N ASP A 764 -2.91 -32.71 15.86
CA ASP A 764 -2.89 -32.75 17.35
C ASP A 764 -4.09 -31.94 17.85
N ARG A 765 -5.11 -32.63 18.37
CA ARG A 765 -6.35 -32.03 18.94
C ARG A 765 -6.94 -31.01 17.95
N GLY A 766 -7.10 -31.41 16.69
CA GLY A 766 -7.80 -30.65 15.63
C GLY A 766 -6.95 -29.58 14.96
N ARG A 767 -5.69 -29.40 15.39
CA ARG A 767 -4.77 -28.37 14.83
C ARG A 767 -3.64 -29.05 14.05
N VAL A 768 -3.36 -28.58 12.84
CA VAL A 768 -2.22 -29.06 11.98
C VAL A 768 -0.91 -28.69 12.70
N LYS A 769 -0.01 -29.67 12.82
CA LYS A 769 1.33 -29.50 13.46
C LYS A 769 2.35 -30.40 12.74
N LYS A 770 3.64 -30.21 13.04
CA LYS A 770 4.77 -30.82 12.28
C LYS A 770 5.11 -32.19 12.85
N VAL A 771 5.69 -33.05 12.01
CA VAL A 771 6.31 -34.36 12.37
C VAL A 771 7.81 -34.25 12.10
N TYR A 772 8.64 -34.36 13.14
CA TYR A 772 10.12 -34.32 13.05
C TYR A 772 10.69 -35.72 13.35
N VAL A 773 11.63 -36.13 12.50
CA VAL A 773 12.52 -37.31 12.73
C VAL A 773 13.89 -36.78 13.13
N MET A 774 14.55 -37.43 14.09
CA MET A 774 15.87 -37.01 14.64
C MET A 774 16.38 -38.12 15.56
N SER A 775 17.70 -38.22 15.73
CA SER A 775 18.35 -39.13 16.71
C SER A 775 17.91 -38.75 18.12
N GLU A 776 17.64 -39.74 18.97
CA GLU A 776 17.54 -39.56 20.44
C GLU A 776 18.86 -38.93 20.91
N ALA A 777 18.78 -37.99 21.86
CA ALA A 777 19.90 -37.13 22.32
C ALA A 777 21.20 -37.96 22.46
N LYS A 778 21.13 -39.10 23.15
CA LYS A 778 22.30 -39.88 23.63
C LYS A 778 23.14 -40.43 22.46
N TYR A 779 22.59 -40.50 21.24
CA TYR A 779 23.27 -41.09 20.06
C TYR A 779 23.81 -40.00 19.12
N ARG A 780 23.74 -38.72 19.52
CA ARG A 780 24.26 -37.58 18.71
C ARG A 780 24.97 -36.55 19.62
N MET A 781 25.63 -37.02 20.68
CA MET A 781 26.31 -36.16 21.70
C MET A 781 27.84 -36.18 21.49
N LEU A 782 28.41 -37.29 21.04
CA LEU A 782 29.88 -37.51 20.97
C LEU A 782 30.33 -37.82 19.55
N PRO A 783 31.56 -37.43 19.16
CA PRO A 783 32.10 -37.73 17.83
C PRO A 783 32.10 -39.22 17.43
N ASP A 784 32.33 -40.12 18.39
CA ASP A 784 32.40 -41.59 18.16
C ASP A 784 31.02 -42.13 17.77
N ASP A 785 29.94 -41.43 18.12
CA ASP A 785 28.54 -41.82 17.81
C ASP A 785 28.33 -41.85 16.29
N ILE A 786 29.07 -41.05 15.53
CA ILE A 786 29.03 -40.99 14.04
C ILE A 786 29.08 -42.43 13.50
N GLY A 787 30.04 -43.24 13.98
CA GLY A 787 30.32 -44.61 13.52
C GLY A 787 29.21 -45.59 13.85
N ASP A 788 28.34 -45.25 14.80
CA ASP A 788 27.21 -46.12 15.24
C ASP A 788 26.05 -46.06 14.23
N TRP A 789 26.06 -45.08 13.32
CA TRP A 789 24.99 -44.89 12.29
C TRP A 789 25.36 -45.66 11.02
N TYR A 790 24.43 -46.52 10.57
CA TYR A 790 24.59 -47.43 9.41
C TYR A 790 23.66 -46.98 8.29
N VAL A 791 24.13 -47.11 7.05
CA VAL A 791 23.35 -46.90 5.79
C VAL A 791 23.32 -48.24 5.04
N ARG A 792 22.21 -48.54 4.36
CA ARG A 792 22.04 -49.80 3.58
C ARG A 792 22.50 -49.56 2.16
N ALA A 793 23.39 -50.43 1.65
CA ALA A 793 23.91 -50.42 0.27
C ALA A 793 22.90 -51.11 -0.66
N ALA A 794 23.13 -51.04 -1.98
CA ALA A 794 22.28 -51.62 -3.04
C ALA A 794 22.14 -53.14 -2.85
N ASP A 795 23.18 -53.80 -2.33
CA ASP A 795 23.24 -55.28 -2.17
C ASP A 795 22.64 -55.72 -0.83
N GLY A 796 22.19 -54.76 0.01
CA GLY A 796 21.41 -55.03 1.24
C GLY A 796 22.27 -55.05 2.50
N GLN A 797 23.59 -54.93 2.37
CA GLN A 797 24.54 -54.89 3.51
C GLN A 797 24.47 -53.52 4.20
N MET A 798 24.51 -53.52 5.54
CA MET A 798 24.55 -52.28 6.37
C MET A 798 26.01 -51.86 6.53
N VAL A 799 26.31 -50.58 6.22
CA VAL A 799 27.68 -50.01 6.19
C VAL A 799 27.76 -48.89 7.22
N PRO A 800 28.70 -48.96 8.20
CA PRO A 800 28.87 -47.88 9.16
C PRO A 800 29.52 -46.65 8.49
N PHE A 801 29.21 -45.45 8.99
CA PHE A 801 29.75 -44.15 8.51
C PHE A 801 31.29 -44.17 8.50
N SER A 802 31.90 -44.92 9.43
CA SER A 802 33.37 -45.06 9.59
C SER A 802 34.01 -45.65 8.33
N ALA A 803 33.26 -46.45 7.55
CA ALA A 803 33.75 -47.20 6.37
C ALA A 803 34.02 -46.26 5.18
N PHE A 804 33.21 -45.20 5.02
CA PHE A 804 33.22 -44.32 3.82
C PHE A 804 33.43 -42.84 4.19
N SER A 805 33.83 -42.55 5.43
CA SER A 805 33.98 -41.15 5.93
C SER A 805 35.29 -41.02 6.72
N SER A 806 35.82 -39.79 6.76
CA SER A 806 36.95 -39.35 7.61
C SER A 806 36.58 -37.98 8.20
N SER A 807 37.03 -37.67 9.42
CA SER A 807 36.70 -36.41 10.12
C SER A 807 37.98 -35.77 10.71
N ARG A 808 37.89 -34.48 11.04
CA ARG A 808 38.96 -33.68 11.67
C ARG A 808 38.34 -32.42 12.27
N TRP A 809 38.99 -31.86 13.30
CA TRP A 809 38.58 -30.57 13.93
C TRP A 809 39.16 -29.41 13.12
N GLU A 810 38.33 -28.39 12.88
CA GLU A 810 38.74 -27.09 12.27
C GLU A 810 37.97 -25.97 12.98
N TYR A 811 38.24 -24.72 12.62
CA TYR A 811 37.50 -23.53 13.11
C TYR A 811 36.66 -22.95 11.98
N GLY A 812 35.49 -22.40 12.33
CA GLY A 812 34.57 -21.71 11.40
C GLY A 812 33.67 -20.74 12.15
N SER A 813 32.96 -19.88 11.42
CA SER A 813 32.07 -18.84 11.99
C SER A 813 30.73 -19.46 12.40
N PRO A 814 30.23 -19.20 13.63
CA PRO A 814 28.87 -19.56 14.00
C PRO A 814 27.85 -18.48 13.58
N ARG A 815 28.33 -17.32 13.12
CA ARG A 815 27.49 -16.24 12.55
C ARG A 815 28.28 -15.40 11.53
N LEU A 816 27.87 -15.46 10.26
CA LEU A 816 28.47 -14.67 9.14
C LEU A 816 27.59 -13.45 8.86
N GLU A 817 28.14 -12.25 9.01
CA GLU A 817 27.43 -10.96 8.76
C GLU A 817 27.72 -10.51 7.32
N ARG A 818 26.74 -9.88 6.69
CA ARG A 818 26.90 -9.19 5.38
C ARG A 818 26.29 -7.78 5.48
N TYR A 819 26.85 -6.82 4.74
CA TYR A 819 26.36 -5.43 4.65
C TYR A 819 26.36 -5.01 3.18
N ASN A 820 25.20 -4.59 2.66
CA ASN A 820 24.96 -4.23 1.24
C ASN A 820 25.50 -5.34 0.34
N GLY A 821 25.26 -6.61 0.71
CA GLY A 821 25.52 -7.79 -0.14
C GLY A 821 26.97 -8.27 -0.10
N LEU A 822 27.84 -7.63 0.68
CA LEU A 822 29.27 -8.02 0.82
C LEU A 822 29.53 -8.55 2.23
N PRO A 823 30.47 -9.52 2.40
CA PRO A 823 30.86 -9.96 3.73
C PRO A 823 31.29 -8.76 4.58
N SER A 824 30.82 -8.71 5.83
CA SER A 824 31.00 -7.55 6.76
C SER A 824 31.20 -8.05 8.20
N MET A 825 31.67 -7.16 9.06
CA MET A 825 31.78 -7.36 10.54
C MET A 825 31.47 -6.03 11.23
N GLU A 826 30.40 -5.99 12.02
CA GLU A 826 29.89 -4.76 12.68
C GLU A 826 30.75 -4.47 13.91
N ILE A 827 31.43 -3.31 13.91
CA ILE A 827 32.27 -2.82 15.04
C ILE A 827 31.52 -1.66 15.72
N LEU A 828 31.07 -1.87 16.96
CA LEU A 828 30.44 -0.83 17.81
C LEU A 828 31.53 -0.14 18.63
N GLY A 829 31.26 1.08 19.09
CA GLY A 829 32.20 1.90 19.88
C GLY A 829 31.66 3.29 20.13
N GLN A 830 32.46 4.14 20.79
CA GLN A 830 32.07 5.51 21.20
C GLN A 830 33.32 6.38 21.38
N ALA A 831 33.14 7.70 21.28
CA ALA A 831 34.19 8.71 21.54
C ALA A 831 34.48 8.77 23.04
N ALA A 832 35.75 9.00 23.41
CA ALA A 832 36.21 9.14 24.81
C ALA A 832 35.60 10.40 25.42
N PRO A 833 35.60 10.56 26.77
CA PRO A 833 35.03 11.74 27.40
C PRO A 833 35.71 13.04 26.94
N GLY A 834 34.93 14.04 26.54
CA GLY A 834 35.41 15.36 26.07
C GLY A 834 35.45 15.45 24.55
N LYS A 835 35.85 14.36 23.89
CA LYS A 835 35.92 14.26 22.40
C LYS A 835 34.51 14.09 21.83
N SER A 836 34.31 14.50 20.57
CA SER A 836 33.01 14.44 19.85
C SER A 836 32.93 13.13 19.03
N THR A 837 31.71 12.78 18.60
CA THR A 837 31.41 11.56 17.79
C THR A 837 32.14 11.66 16.44
N GLY A 838 31.98 12.78 15.73
CA GLY A 838 32.55 13.02 14.39
C GLY A 838 34.06 12.98 14.38
N GLU A 839 34.71 13.36 15.49
CA GLU A 839 36.19 13.36 15.66
C GLU A 839 36.67 11.91 15.82
N ALA A 840 35.92 11.07 16.55
CA ALA A 840 36.19 9.64 16.76
C ALA A 840 36.06 8.89 15.43
N MET A 841 34.98 9.14 14.69
CA MET A 841 34.69 8.54 13.36
C MET A 841 35.82 8.89 12.38
N GLU A 842 36.34 10.11 12.45
CA GLU A 842 37.44 10.61 11.58
C GLU A 842 38.71 9.79 11.80
N LEU A 843 38.98 9.39 13.05
CA LEU A 843 40.16 8.56 13.41
C LEU A 843 39.94 7.14 12.89
N MET A 844 38.74 6.57 13.12
CA MET A 844 38.34 5.22 12.65
C MET A 844 38.55 5.11 11.13
N GLU A 845 38.21 6.17 10.39
CA GLU A 845 38.38 6.25 8.90
C GLU A 845 39.86 6.17 8.54
N GLN A 846 40.70 6.96 9.21
CA GLN A 846 42.18 6.98 9.01
C GLN A 846 42.76 5.62 9.38
N LEU A 847 42.38 5.08 10.55
CA LEU A 847 42.77 3.73 11.03
C LEU A 847 42.39 2.68 9.98
N ALA A 848 41.19 2.80 9.41
CA ALA A 848 40.61 1.85 8.42
C ALA A 848 41.37 1.93 7.09
N SER A 849 41.97 3.08 6.76
CA SER A 849 42.71 3.32 5.50
C SER A 849 44.08 2.60 5.53
N LYS A 850 44.57 2.23 6.72
CA LYS A 850 45.87 1.54 6.93
C LYS A 850 45.73 0.03 6.71
N LEU A 851 44.49 -0.48 6.61
CA LEU A 851 44.18 -1.94 6.61
C LEU A 851 44.59 -2.56 5.27
N PRO A 852 44.71 -3.91 5.19
CA PRO A 852 45.16 -4.58 3.97
C PRO A 852 44.30 -4.35 2.72
N THR A 853 44.85 -4.71 1.56
CA THR A 853 44.23 -4.57 0.21
C THR A 853 42.90 -5.31 0.17
N GLY A 854 41.86 -4.67 -0.36
CA GLY A 854 40.52 -5.25 -0.58
C GLY A 854 39.59 -5.11 0.61
N VAL A 855 40.04 -4.44 1.69
CA VAL A 855 39.24 -4.17 2.92
C VAL A 855 38.77 -2.72 2.88
N GLY A 856 37.46 -2.50 2.75
CA GLY A 856 36.80 -1.20 2.83
C GLY A 856 36.05 -1.03 4.14
N TYR A 857 35.29 0.04 4.28
CA TYR A 857 34.45 0.33 5.47
C TYR A 857 33.20 1.11 5.04
N ASP A 858 32.27 1.30 5.99
CA ASP A 858 31.04 2.10 5.80
C ASP A 858 30.43 2.40 7.19
N TRP A 859 29.52 3.37 7.25
CA TRP A 859 28.76 3.74 8.47
C TRP A 859 27.30 3.31 8.31
N THR A 860 26.67 2.83 9.38
CA THR A 860 25.27 2.30 9.39
C THR A 860 24.55 2.80 10.66
N GLY A 861 23.25 2.55 10.74
CA GLY A 861 22.39 2.90 11.89
C GLY A 861 22.51 4.37 12.27
N MET A 862 23.04 4.64 13.47
CA MET A 862 23.14 6.01 14.07
C MET A 862 24.20 6.83 13.32
N SER A 863 25.29 6.21 12.87
CA SER A 863 26.44 6.86 12.19
C SER A 863 26.06 7.29 10.77
N TYR A 864 25.02 6.68 10.19
CA TYR A 864 24.43 7.02 8.87
C TYR A 864 23.72 8.38 8.95
N GLN A 865 23.15 8.69 10.11
CA GLN A 865 22.30 9.90 10.36
C GLN A 865 23.19 11.10 10.71
N GLU A 866 24.25 10.86 11.50
CA GLU A 866 25.23 11.87 11.97
C GLU A 866 26.04 12.39 10.78
N ARG A 867 26.28 11.52 9.78
CA ARG A 867 27.20 11.71 8.64
C ARG A 867 26.78 12.92 7.79
N LEU A 868 25.60 12.87 7.16
CA LEU A 868 25.14 13.87 6.16
C LEU A 868 24.79 15.20 6.87
N SER A 869 23.53 15.35 7.34
CA SER A 869 23.00 16.60 7.92
C SER A 869 23.51 16.78 9.36
N GLY A 870 23.91 18.01 9.72
CA GLY A 870 24.47 18.34 11.05
C GLY A 870 24.64 19.83 11.25
N ASN A 871 23.98 20.40 12.26
CA ASN A 871 24.09 21.83 12.68
C ASN A 871 23.46 22.71 11.59
N GLN A 872 22.13 22.77 11.56
CA GLN A 872 21.33 23.61 10.61
C GLN A 872 20.54 24.68 11.39
N ALA A 873 20.77 24.77 12.71
CA ALA A 873 20.01 25.64 13.65
C ALA A 873 20.42 27.10 13.51
N PRO A 874 21.74 27.44 13.46
CA PRO A 874 22.16 28.84 13.34
C PRO A 874 21.50 29.58 12.17
N SER A 875 21.41 28.94 11.01
CA SER A 875 20.81 29.49 9.75
C SER A 875 19.36 29.88 10.01
N LEU A 876 18.58 29.01 10.67
CA LEU A 876 17.11 29.19 10.85
C LEU A 876 16.82 30.27 11.91
N TYR A 877 17.64 30.36 12.97
CA TYR A 877 17.50 31.38 14.05
C TYR A 877 18.08 32.72 13.57
N ALA A 878 18.97 32.70 12.57
CA ALA A 878 19.48 33.91 11.89
C ALA A 878 18.37 34.50 11.01
N ILE A 879 17.68 33.65 10.24
CA ILE A 879 16.45 34.02 9.45
C ILE A 879 15.40 34.56 10.43
N SER A 880 15.20 33.86 11.55
CA SER A 880 14.22 34.22 12.62
C SER A 880 14.46 35.65 13.11
N LEU A 881 15.71 35.99 13.44
CA LEU A 881 16.13 37.36 13.87
C LEU A 881 15.74 38.38 12.79
N ILE A 882 16.10 38.09 11.53
CA ILE A 882 15.89 38.99 10.35
C ILE A 882 14.39 39.22 10.16
N VAL A 883 13.57 38.16 10.24
CA VAL A 883 12.09 38.24 9.97
C VAL A 883 11.40 38.94 11.14
N VAL A 884 11.84 38.71 12.38
CA VAL A 884 11.31 39.39 13.60
C VAL A 884 11.57 40.89 13.49
N PHE A 885 12.81 41.28 13.17
CA PHE A 885 13.22 42.69 12.93
C PHE A 885 12.30 43.34 11.89
N LEU A 886 12.17 42.69 10.73
CA LEU A 886 11.37 43.19 9.59
C LEU A 886 9.91 43.38 10.03
N CYS A 887 9.35 42.41 10.76
CA CYS A 887 7.95 42.45 11.27
C CYS A 887 7.76 43.63 12.23
N LEU A 888 8.73 43.87 13.12
CA LEU A 888 8.74 45.02 14.07
C LEU A 888 8.84 46.33 13.26
N ALA A 889 9.72 46.37 12.25
CA ALA A 889 9.92 47.53 11.35
C ALA A 889 8.57 47.96 10.75
N ALA A 890 7.76 46.99 10.30
CA ALA A 890 6.41 47.21 9.73
C ALA A 890 5.46 47.71 10.83
N LEU A 891 5.52 47.11 12.03
CA LEU A 891 4.65 47.41 13.19
C LEU A 891 4.84 48.88 13.62
N TYR A 892 6.09 49.35 13.69
CA TYR A 892 6.48 50.68 14.24
C TYR A 892 6.74 51.70 13.13
N GLU A 893 6.80 51.25 11.87
CA GLU A 893 7.13 52.12 10.69
C GLU A 893 8.47 52.82 10.98
N SER A 894 9.51 52.03 11.26
CA SER A 894 10.86 52.51 11.68
C SER A 894 11.88 51.38 11.54
N TRP A 895 13.08 51.67 11.04
CA TRP A 895 14.20 50.71 10.89
C TRP A 895 15.01 50.62 12.20
N SER A 896 14.84 51.58 13.11
CA SER A 896 15.63 51.73 14.36
C SER A 896 14.89 51.15 15.57
N ILE A 897 13.61 51.52 15.74
CA ILE A 897 12.80 51.23 16.96
C ILE A 897 12.74 49.73 17.23
N PRO A 898 12.65 48.83 16.22
CA PRO A 898 12.73 47.40 16.45
C PRO A 898 13.86 46.93 17.40
N PHE A 899 15.03 47.57 17.34
CA PHE A 899 16.22 47.23 18.17
C PHE A 899 15.87 47.33 19.66
N SER A 900 15.10 48.36 20.04
CA SER A 900 14.66 48.61 21.44
C SER A 900 13.90 47.39 21.99
N VAL A 901 13.22 46.64 21.12
CA VAL A 901 12.45 45.40 21.48
C VAL A 901 13.40 44.20 21.45
N MET A 902 14.24 44.08 20.43
CA MET A 902 15.07 42.87 20.15
C MET A 902 16.21 42.74 21.17
N LEU A 903 16.57 43.82 21.87
CA LEU A 903 17.68 43.84 22.86
C LEU A 903 17.28 43.14 24.16
N VAL A 904 16.00 42.73 24.33
CA VAL A 904 15.50 42.03 25.56
C VAL A 904 15.86 40.54 25.49
N VAL A 905 16.23 40.02 24.32
CA VAL A 905 16.44 38.56 24.09
C VAL A 905 17.36 38.00 25.18
N PRO A 906 18.56 38.58 25.42
CA PRO A 906 19.48 38.05 26.44
C PRO A 906 18.96 38.08 27.89
N LEU A 907 18.05 38.99 28.22
CA LEU A 907 17.53 39.19 29.60
C LEU A 907 16.86 37.90 30.09
N GLY A 908 16.09 37.24 29.21
CA GLY A 908 15.41 35.96 29.51
C GLY A 908 16.38 34.78 29.44
N VAL A 909 17.33 34.81 28.51
CA VAL A 909 18.25 33.67 28.21
C VAL A 909 19.15 33.43 29.42
N ILE A 910 19.72 34.49 30.01
CA ILE A 910 20.70 34.41 31.14
C ILE A 910 20.07 33.62 32.30
N GLY A 911 18.81 33.89 32.62
CA GLY A 911 18.08 33.26 33.74
C GLY A 911 17.86 31.77 33.49
N ALA A 912 17.62 31.39 32.24
CA ALA A 912 17.43 29.99 31.80
C ALA A 912 18.77 29.23 31.93
N LEU A 913 19.85 29.83 31.41
CA LEU A 913 21.22 29.24 31.45
C LEU A 913 21.70 29.09 32.90
N LEU A 914 21.40 30.07 33.75
CA LEU A 914 21.78 30.04 35.20
C LEU A 914 21.03 28.90 35.89
N ALA A 915 19.73 28.76 35.62
CA ALA A 915 18.83 27.74 36.22
C ALA A 915 19.27 26.33 35.78
N ALA A 916 19.52 26.16 34.48
CA ALA A 916 19.92 24.87 33.85
C ALA A 916 21.28 24.41 34.41
N THR A 917 22.23 25.34 34.51
CA THR A 917 23.60 25.10 35.04
C THR A 917 23.52 24.73 36.52
N PHE A 918 22.76 25.50 37.32
CA PHE A 918 22.59 25.34 38.79
C PHE A 918 22.02 23.94 39.11
N ARG A 919 21.05 23.47 38.33
CA ARG A 919 20.34 22.18 38.56
C ARG A 919 21.01 21.04 37.78
N GLY A 920 22.06 21.34 37.00
CA GLY A 920 22.87 20.34 36.28
C GLY A 920 22.13 19.74 35.09
N LEU A 921 21.16 20.47 34.51
CA LEU A 921 20.45 20.08 33.26
C LEU A 921 21.33 20.44 32.06
N THR A 922 20.87 20.11 30.84
CA THR A 922 21.64 20.26 29.57
C THR A 922 20.84 21.10 28.56
N ASN A 923 21.53 21.61 27.54
CA ASN A 923 20.93 22.35 26.40
C ASN A 923 20.28 21.33 25.44
N ASP A 924 19.02 20.99 25.69
CA ASP A 924 18.26 19.93 24.97
C ASP A 924 17.00 20.55 24.34
N VAL A 925 16.17 19.72 23.70
CA VAL A 925 14.91 20.12 23.00
C VAL A 925 14.04 20.93 23.96
N TYR A 926 13.82 20.43 25.17
CA TYR A 926 12.88 21.00 26.17
C TYR A 926 13.37 22.37 26.66
N PHE A 927 14.68 22.52 26.86
CA PHE A 927 15.35 23.79 27.23
C PHE A 927 15.20 24.80 26.08
N GLN A 928 15.34 24.33 24.84
CA GLN A 928 15.37 25.17 23.61
C GLN A 928 13.98 25.74 23.32
N VAL A 929 12.93 24.91 23.39
CA VAL A 929 11.52 25.32 23.12
C VAL A 929 11.04 26.26 24.24
N GLY A 930 11.41 25.95 25.49
CA GLY A 930 11.10 26.78 26.67
C GLY A 930 11.73 28.16 26.57
N LEU A 931 12.92 28.24 25.97
CA LEU A 931 13.70 29.51 25.81
C LEU A 931 12.98 30.42 24.81
N LEU A 932 12.45 29.87 23.71
CA LEU A 932 11.69 30.62 22.68
C LEU A 932 10.42 31.20 23.30
N THR A 933 9.72 30.42 24.12
CA THR A 933 8.50 30.83 24.86
C THR A 933 8.81 32.05 25.72
N THR A 934 9.91 31.99 26.47
CA THR A 934 10.40 33.07 27.38
C THR A 934 10.75 34.31 26.56
N ILE A 935 11.49 34.16 25.45
CA ILE A 935 11.85 35.26 24.52
C ILE A 935 10.57 35.86 23.94
N GLY A 936 9.60 35.01 23.59
CA GLY A 936 8.29 35.41 23.04
C GLY A 936 7.59 36.41 23.95
N LEU A 937 7.41 36.09 25.22
CA LEU A 937 6.68 36.92 26.21
C LEU A 937 7.45 38.22 26.47
N SER A 938 8.75 38.14 26.74
CA SER A 938 9.63 39.30 27.05
C SER A 938 9.62 40.29 25.88
N ALA A 939 9.68 39.77 24.64
CA ALA A 939 9.57 40.55 23.38
C ALA A 939 8.18 41.19 23.31
N LYS A 940 7.13 40.43 23.64
CA LYS A 940 5.71 40.89 23.62
C LYS A 940 5.53 42.02 24.64
N ASN A 941 6.10 41.87 25.85
CA ASN A 941 6.10 42.90 26.92
C ASN A 941 6.78 44.17 26.41
N ALA A 942 8.00 44.04 25.87
CA ALA A 942 8.82 45.13 25.30
C ALA A 942 8.04 45.82 24.17
N ILE A 943 7.41 45.04 23.29
CA ILE A 943 6.60 45.56 22.15
C ILE A 943 5.52 46.50 22.70
N LEU A 944 4.74 46.04 23.67
CA LEU A 944 3.58 46.79 24.25
C LEU A 944 4.08 48.05 24.98
N ILE A 945 5.24 47.99 25.64
CA ILE A 945 5.87 49.16 26.33
C ILE A 945 6.24 50.22 25.28
N VAL A 946 6.98 49.80 24.23
CA VAL A 946 7.48 50.68 23.14
C VAL A 946 6.29 51.22 22.33
N GLU A 947 5.27 50.39 22.10
CA GLU A 947 4.03 50.75 21.37
C GLU A 947 3.31 51.89 22.11
N PHE A 948 3.17 51.77 23.44
CA PHE A 948 2.50 52.76 24.33
C PHE A 948 3.29 54.08 24.36
N ALA A 949 4.61 53.99 24.57
CA ALA A 949 5.55 55.14 24.62
C ALA A 949 5.47 55.94 23.31
N LYS A 950 5.67 55.25 22.18
CA LYS A 950 5.64 55.86 20.82
C LYS A 950 4.26 56.48 20.58
N ASP A 951 3.19 55.80 20.99
CA ASP A 951 1.78 56.26 20.83
C ASP A 951 1.60 57.57 21.59
N LEU A 952 2.01 57.61 22.86
CA LEU A 952 1.95 58.82 23.74
C LEU A 952 2.66 59.98 23.04
N MET A 953 3.85 59.74 22.46
CA MET A 953 4.68 60.76 21.77
C MET A 953 3.98 61.24 20.48
N ASP A 954 3.32 60.33 19.75
CA ASP A 954 2.67 60.62 18.44
C ASP A 954 1.29 61.24 18.69
N LYS A 955 0.42 60.56 19.45
CA LYS A 955 -1.01 60.90 19.62
C LYS A 955 -1.17 62.08 20.59
N GLU A 956 -0.53 62.01 21.76
CA GLU A 956 -0.71 63.00 22.87
C GLU A 956 0.31 64.14 22.74
N GLY A 957 1.42 63.91 22.03
CA GLY A 957 2.48 64.91 21.80
C GLY A 957 3.45 65.00 22.97
N LYS A 958 3.43 64.01 23.87
CA LYS A 958 4.30 63.98 25.09
C LYS A 958 5.77 63.83 24.67
N GLY A 959 6.68 64.09 25.62
CA GLY A 959 8.14 64.01 25.42
C GLY A 959 8.64 62.60 25.67
N LEU A 960 9.84 62.27 25.17
CA LEU A 960 10.44 60.91 25.23
C LEU A 960 10.36 60.35 26.66
N ILE A 961 11.06 60.98 27.60
CA ILE A 961 11.21 60.49 29.01
C ILE A 961 9.82 60.44 29.66
N GLU A 962 9.02 61.50 29.52
CA GLU A 962 7.66 61.62 30.11
C GLU A 962 6.80 60.43 29.64
N ALA A 963 6.81 60.16 28.33
CA ALA A 963 6.00 59.10 27.66
C ALA A 963 6.47 57.72 28.13
N THR A 964 7.79 57.48 28.07
CA THR A 964 8.46 56.22 28.50
C THR A 964 8.02 55.86 29.93
N LEU A 965 8.10 56.83 30.86
CA LEU A 965 7.76 56.64 32.29
C LEU A 965 6.25 56.40 32.44
N ASP A 966 5.43 57.02 31.59
CA ASP A 966 3.95 56.84 31.56
C ASP A 966 3.61 55.47 30.98
N ALA A 967 4.43 54.97 30.04
CA ALA A 967 4.25 53.65 29.38
C ALA A 967 4.49 52.53 30.40
N VAL A 968 5.65 52.55 31.07
CA VAL A 968 6.15 51.43 31.93
C VAL A 968 5.24 51.27 33.15
N ARG A 969 4.67 52.36 33.67
CA ARG A 969 3.79 52.34 34.87
C ARG A 969 2.45 51.68 34.53
N MET A 970 1.96 51.91 33.30
CA MET A 970 0.68 51.32 32.80
C MET A 970 0.88 49.83 32.51
N ARG A 971 2.08 49.44 32.04
CA ARG A 971 2.41 48.06 31.59
C ARG A 971 3.02 47.24 32.73
N LEU A 972 3.24 47.81 33.92
CA LEU A 972 3.87 47.10 35.06
C LEU A 972 2.93 46.00 35.58
N ARG A 973 1.67 46.33 35.83
CA ARG A 973 0.65 45.42 36.42
C ARG A 973 0.44 44.21 35.50
N PRO A 974 0.19 44.40 34.18
CA PRO A 974 0.04 43.27 33.27
C PRO A 974 1.25 42.32 33.19
N ILE A 975 2.47 42.89 33.17
CA ILE A 975 3.74 42.13 33.06
C ILE A 975 3.86 41.17 34.26
N LEU A 976 3.69 41.70 35.48
CA LEU A 976 3.82 40.91 36.74
C LEU A 976 2.67 39.91 36.85
N MET A 977 1.46 40.30 36.43
CA MET A 977 0.25 39.45 36.42
C MET A 977 0.53 38.17 35.60
N THR A 978 1.10 38.34 34.40
CA THR A 978 1.47 37.24 33.46
C THR A 978 2.64 36.44 34.06
N SER A 979 3.71 37.14 34.48
CA SER A 979 4.99 36.55 34.97
C SER A 979 4.72 35.65 36.18
N LEU A 980 4.00 36.15 37.19
CA LEU A 980 3.67 35.40 38.43
C LEU A 980 2.76 34.22 38.08
N ALA A 981 1.78 34.42 37.20
CA ALA A 981 0.79 33.40 36.78
C ALA A 981 1.50 32.21 36.11
N PHE A 982 2.46 32.51 35.22
CA PHE A 982 3.18 31.51 34.38
C PHE A 982 4.30 30.85 35.19
N ILE A 983 5.08 31.63 35.95
CA ILE A 983 6.19 31.12 36.82
C ILE A 983 5.60 30.12 37.83
N LEU A 984 4.46 30.46 38.45
CA LEU A 984 3.77 29.59 39.43
C LEU A 984 3.08 28.44 38.69
N GLY A 985 2.65 28.68 37.44
CA GLY A 985 2.00 27.67 36.58
C GLY A 985 2.91 26.50 36.24
N VAL A 986 4.22 26.76 36.14
CA VAL A 986 5.26 25.74 35.76
C VAL A 986 5.98 25.22 37.02
N MET A 987 5.50 25.56 38.21
CA MET A 987 6.04 25.04 39.50
C MET A 987 5.82 23.53 39.59
N PRO A 988 4.61 23.02 39.24
CA PRO A 988 4.38 21.57 39.19
C PRO A 988 5.42 20.80 38.35
N LEU A 989 5.92 21.42 37.26
CA LEU A 989 6.96 20.83 36.38
C LEU A 989 8.30 20.77 37.11
N VAL A 990 8.69 21.87 37.76
CA VAL A 990 10.01 22.04 38.46
C VAL A 990 10.12 20.97 39.56
N ILE A 991 9.06 20.78 40.34
CA ILE A 991 9.04 19.91 41.56
C ILE A 991 8.47 18.53 41.19
N SER A 992 8.26 18.26 39.90
CA SER A 992 7.68 17.00 39.37
C SER A 992 8.60 15.82 39.68
N THR A 993 8.01 14.70 40.11
CA THR A 993 8.65 13.36 40.21
C THR A 993 7.72 12.33 39.59
N GLY A 994 8.22 11.12 39.32
CA GLY A 994 7.45 10.02 38.71
C GLY A 994 7.51 10.05 37.20
N ALA A 995 6.51 9.46 36.54
CA ALA A 995 6.46 9.22 35.07
C ALA A 995 6.74 10.52 34.32
N GLY A 996 7.86 10.57 33.59
CA GLY A 996 8.23 11.67 32.67
C GLY A 996 8.67 12.92 33.40
N SER A 997 9.14 12.80 34.65
CA SER A 997 9.65 13.92 35.48
C SER A 997 10.90 14.53 34.84
N GLY A 998 11.73 13.70 34.18
CA GLY A 998 12.92 14.14 33.44
C GLY A 998 12.59 15.24 32.45
N ALA A 999 11.56 15.01 31.62
CA ALA A 999 11.05 15.97 30.61
C ALA A 999 10.46 17.20 31.32
N GLN A 1000 9.61 16.96 32.33
CA GLN A 1000 8.89 18.03 33.07
C GLN A 1000 9.90 18.96 33.74
N ASN A 1001 10.86 18.41 34.48
CA ASN A 1001 11.93 19.17 35.17
C ASN A 1001 12.68 20.05 34.17
N ALA A 1002 13.03 19.50 33.00
CA ALA A 1002 13.79 20.16 31.92
C ALA A 1002 13.00 21.34 31.35
N VAL A 1003 11.69 21.17 31.18
CA VAL A 1003 10.77 22.23 30.64
C VAL A 1003 10.66 23.35 31.68
N GLY A 1004 10.21 23.02 32.90
CA GLY A 1004 9.90 23.98 33.98
C GLY A 1004 11.09 24.80 34.41
N THR A 1005 12.26 24.16 34.61
CA THR A 1005 13.49 24.77 35.16
C THR A 1005 13.97 25.91 34.25
N GLY A 1006 14.10 25.64 32.95
CA GLY A 1006 14.51 26.63 31.93
C GLY A 1006 13.55 27.80 31.84
N VAL A 1007 12.25 27.53 31.95
CA VAL A 1007 11.15 28.54 31.81
C VAL A 1007 11.12 29.41 33.08
N MET A 1008 11.16 28.78 34.26
CA MET A 1008 11.08 29.49 35.58
C MET A 1008 12.31 30.41 35.73
N GLY A 1009 13.51 29.86 35.54
CA GLY A 1009 14.77 30.63 35.54
C GLY A 1009 14.72 31.79 34.56
N GLY A 1010 14.25 31.53 33.34
CA GLY A 1010 14.17 32.50 32.24
C GLY A 1010 13.18 33.61 32.53
N MET A 1011 11.97 33.26 32.98
CA MET A 1011 10.86 34.23 33.23
C MET A 1011 11.24 35.16 34.38
N VAL A 1012 12.00 34.68 35.38
CA VAL A 1012 12.44 35.47 36.56
C VAL A 1012 13.31 36.64 36.08
N THR A 1013 14.41 36.35 35.38
CA THR A 1013 15.36 37.38 34.85
C THR A 1013 14.66 38.22 33.79
N ALA A 1014 13.93 37.58 32.87
CA ALA A 1014 13.14 38.24 31.81
C ALA A 1014 12.24 39.31 32.41
N THR A 1015 11.55 39.00 33.52
CA THR A 1015 10.54 39.88 34.17
C THR A 1015 11.24 41.04 34.88
N VAL A 1016 12.18 40.76 35.78
CA VAL A 1016 12.80 41.78 36.68
C VAL A 1016 13.69 42.73 35.88
N LEU A 1017 14.41 42.22 34.87
CA LEU A 1017 15.40 43.01 34.09
C LEU A 1017 14.69 43.83 33.00
N ALA A 1018 13.69 43.26 32.33
CA ALA A 1018 12.94 43.92 31.22
C ALA A 1018 12.36 45.26 31.70
N ILE A 1019 11.72 45.27 32.87
CA ILE A 1019 10.96 46.45 33.40
C ILE A 1019 11.94 47.62 33.69
N PHE A 1020 13.24 47.37 33.76
CA PHE A 1020 14.29 48.41 34.00
C PHE A 1020 15.08 48.71 32.72
N PHE A 1021 15.28 47.72 31.84
CA PHE A 1021 16.18 47.80 30.66
C PHE A 1021 15.42 48.25 29.40
N VAL A 1022 14.15 47.87 29.24
CA VAL A 1022 13.30 48.26 28.07
C VAL A 1022 13.20 49.78 28.00
N PRO A 1023 12.95 50.48 29.13
CA PRO A 1023 12.98 51.96 29.13
C PRO A 1023 14.31 52.51 28.60
N VAL A 1024 15.43 51.94 29.07
CA VAL A 1024 16.81 52.31 28.64
C VAL A 1024 16.92 52.09 27.12
N PHE A 1025 16.55 50.91 26.64
CA PHE A 1025 16.63 50.50 25.20
C PHE A 1025 15.88 51.52 24.33
N PHE A 1026 14.62 51.82 24.66
CA PHE A 1026 13.75 52.74 23.90
C PHE A 1026 14.40 54.12 23.84
N VAL A 1027 14.74 54.67 25.01
CA VAL A 1027 15.32 56.04 25.18
C VAL A 1027 16.64 56.14 24.39
N VAL A 1028 17.56 55.19 24.62
CA VAL A 1028 18.92 55.18 23.98
C VAL A 1028 18.78 55.13 22.46
N VAL A 1029 17.92 54.25 21.95
CA VAL A 1029 17.75 53.98 20.49
C VAL A 1029 17.11 55.21 19.82
N ARG A 1030 16.00 55.72 20.37
CA ARG A 1030 15.29 56.91 19.81
C ARG A 1030 16.25 58.10 19.73
N ARG A 1031 16.98 58.38 20.81
CA ARG A 1031 18.02 59.45 20.87
C ARG A 1031 19.07 59.21 19.77
N ARG A 1032 19.52 57.96 19.62
CA ARG A 1032 20.60 57.57 18.67
C ARG A 1032 20.15 57.83 17.22
N PHE A 1033 18.88 57.55 16.89
CA PHE A 1033 18.30 57.70 15.53
C PHE A 1033 17.10 58.67 15.58
N SER A 1034 17.38 59.97 15.53
CA SER A 1034 16.38 61.08 15.54
C SER A 1034 16.95 62.31 14.83
N ARG A 1035 16.18 63.40 14.77
CA ARG A 1035 16.59 64.66 14.11
C ARG A 1035 16.07 65.87 14.92
N LYS A 1036 14.75 66.11 14.91
CA LYS A 1036 14.11 67.34 15.48
C LYS A 1036 12.99 66.94 16.45
N ASN A 1037 12.76 67.77 17.48
CA ASN A 1037 11.65 67.69 18.47
C ASN A 1037 11.91 66.60 19.50
N GLU A 1038 12.04 66.97 20.78
CA GLU A 1038 12.13 66.04 21.94
C GLU A 1038 11.71 66.74 23.25
N ASP A 1039 10.88 67.79 23.18
CA ASP A 1039 10.55 68.68 24.33
C ASP A 1039 9.03 68.88 24.40
N ILE A 1040 8.28 67.80 24.64
CA ILE A 1040 6.81 67.78 24.94
C ILE A 1040 6.06 68.79 24.03
N GLU A 1041 6.48 68.94 22.78
CA GLU A 1041 5.90 69.94 21.83
C GLU A 1041 4.62 69.36 21.21
N HIS A 1042 3.58 70.19 21.10
CA HIS A 1042 2.20 69.81 20.66
C HIS A 1042 1.65 68.74 21.61
N MET B 1 -23.64 40.79 1.40
CA MET B 1 -23.32 39.98 0.17
C MET B 1 -24.49 40.01 -0.80
N PRO B 2 -25.76 39.82 -0.37
CA PRO B 2 -26.90 40.07 -1.25
C PRO B 2 -26.95 41.51 -1.79
N ASN B 3 -26.62 42.50 -0.96
CA ASN B 3 -26.51 43.94 -1.35
C ASN B 3 -25.44 44.07 -2.44
N PHE B 4 -24.28 43.45 -2.23
CA PHE B 4 -23.13 43.41 -3.17
C PHE B 4 -23.62 42.99 -4.56
N PHE B 5 -24.44 41.94 -4.64
CA PHE B 5 -24.86 41.26 -5.90
C PHE B 5 -26.14 41.87 -6.47
N ILE B 6 -26.92 42.60 -5.67
CA ILE B 6 -28.09 43.41 -6.15
C ILE B 6 -27.57 44.52 -7.06
N ASP B 7 -26.42 45.13 -6.72
CA ASP B 7 -25.76 46.21 -7.49
C ASP B 7 -24.83 45.63 -8.56
N ARG B 8 -24.62 44.31 -8.56
CA ARG B 8 -23.68 43.61 -9.48
C ARG B 8 -24.35 42.37 -10.06
N PRO B 9 -25.48 42.52 -10.78
CA PRO B 9 -26.21 41.37 -11.33
C PRO B 9 -25.43 40.54 -12.37
N ILE B 10 -24.44 41.15 -13.04
CA ILE B 10 -23.60 40.46 -14.08
C ILE B 10 -22.64 39.50 -13.36
N PHE B 11 -21.96 39.96 -12.31
CA PHE B 11 -21.10 39.11 -11.44
C PHE B 11 -21.92 37.89 -10.98
N ALA B 12 -23.16 38.13 -10.55
CA ALA B 12 -24.09 37.08 -10.08
C ALA B 12 -24.33 36.07 -11.19
N TRP B 13 -24.66 36.54 -12.39
CA TRP B 13 -24.87 35.71 -13.61
C TRP B 13 -23.59 34.90 -13.91
N VAL B 14 -22.42 35.53 -13.82
CA VAL B 14 -21.09 34.88 -14.06
C VAL B 14 -20.94 33.69 -13.13
N ILE B 15 -21.23 33.86 -11.84
CA ILE B 15 -21.13 32.80 -10.79
C ILE B 15 -22.10 31.66 -11.14
N ALA B 16 -23.33 32.01 -11.54
CA ALA B 16 -24.37 31.05 -11.98
C ALA B 16 -23.90 30.28 -13.22
N ILE B 17 -23.24 30.96 -14.15
CA ILE B 17 -22.73 30.38 -15.44
C ILE B 17 -21.60 29.38 -15.12
N ILE B 18 -20.62 29.77 -14.28
CA ILE B 18 -19.48 28.91 -13.88
C ILE B 18 -20.04 27.64 -13.22
N ILE B 19 -21.00 27.80 -12.30
CA ILE B 19 -21.67 26.68 -11.59
C ILE B 19 -22.34 25.75 -12.62
N MET B 20 -23.02 26.33 -13.62
CA MET B 20 -23.80 25.58 -14.64
C MET B 20 -22.87 24.74 -15.52
N LEU B 21 -21.74 25.30 -15.99
CA LEU B 21 -20.75 24.60 -16.84
C LEU B 21 -20.10 23.46 -16.04
N ALA B 22 -19.61 23.75 -14.84
CA ALA B 22 -19.02 22.77 -13.90
C ALA B 22 -19.97 21.59 -13.71
N GLY B 23 -21.26 21.88 -13.50
CA GLY B 23 -22.33 20.88 -13.35
C GLY B 23 -22.63 20.15 -14.65
N GLY B 24 -22.71 20.90 -15.76
CA GLY B 24 -22.90 20.35 -17.12
C GLY B 24 -21.80 19.37 -17.47
N LEU B 25 -20.54 19.73 -17.16
CA LEU B 25 -19.34 18.87 -17.35
C LEU B 25 -19.46 17.63 -16.45
N ALA B 26 -19.86 17.82 -15.19
CA ALA B 26 -20.02 16.74 -14.18
C ALA B 26 -21.06 15.73 -14.66
N ILE B 27 -22.20 16.20 -15.18
CA ILE B 27 -23.32 15.34 -15.67
C ILE B 27 -22.81 14.40 -16.77
N LEU B 28 -21.90 14.87 -17.63
CA LEU B 28 -21.38 14.08 -18.78
C LEU B 28 -20.35 13.04 -18.31
N LYS B 29 -19.53 13.38 -17.30
CA LYS B 29 -18.34 12.58 -16.88
C LYS B 29 -18.64 11.73 -15.64
N LEU B 30 -19.73 12.02 -14.90
CA LEU B 30 -20.08 11.31 -13.64
C LEU B 30 -20.34 9.84 -13.93
N PRO B 31 -19.75 8.90 -13.15
CA PRO B 31 -20.12 7.48 -13.23
C PRO B 31 -21.62 7.25 -12.96
N VAL B 32 -22.13 6.12 -13.45
CA VAL B 32 -23.55 5.69 -13.31
C VAL B 32 -23.57 4.21 -12.93
N ALA B 33 -24.18 3.88 -11.80
CA ALA B 33 -24.40 2.50 -11.29
C ALA B 33 -25.70 2.48 -10.48
N GLN B 34 -26.36 1.33 -10.38
CA GLN B 34 -27.58 1.16 -9.56
C GLN B 34 -27.27 1.59 -8.12
N TYR B 35 -26.24 1.00 -7.51
CA TYR B 35 -25.80 1.27 -6.12
C TYR B 35 -24.28 1.45 -6.07
N PRO B 36 -23.76 2.29 -5.15
CA PRO B 36 -22.32 2.43 -4.97
C PRO B 36 -21.78 1.29 -4.10
N THR B 37 -20.47 1.24 -3.89
CA THR B 37 -19.80 0.29 -2.94
C THR B 37 -20.27 0.64 -1.52
N ILE B 38 -20.84 -0.35 -0.82
CA ILE B 38 -21.44 -0.20 0.53
C ILE B 38 -20.67 -1.09 1.52
N ALA B 39 -20.60 -2.39 1.24
CA ALA B 39 -20.01 -3.43 2.12
C ALA B 39 -18.53 -3.15 2.33
N PRO B 40 -17.97 -3.48 3.51
CA PRO B 40 -16.55 -3.29 3.78
C PRO B 40 -15.70 -4.22 2.91
N PRO B 41 -14.44 -3.84 2.58
CA PRO B 41 -13.63 -4.64 1.67
C PRO B 41 -13.43 -6.07 2.21
N ALA B 42 -13.64 -7.07 1.36
CA ALA B 42 -13.44 -8.51 1.67
C ALA B 42 -12.60 -9.13 0.56
N VAL B 43 -11.62 -9.94 0.93
CA VAL B 43 -10.73 -10.70 -0.01
C VAL B 43 -11.02 -12.19 0.18
N THR B 44 -11.31 -12.91 -0.91
CA THR B 44 -11.60 -14.36 -0.93
C THR B 44 -10.39 -15.12 -1.46
N ILE B 45 -9.89 -16.09 -0.68
CA ILE B 45 -8.91 -17.12 -1.14
C ILE B 45 -9.72 -18.37 -1.51
N SER B 46 -9.58 -18.84 -2.75
CA SER B 46 -10.30 -20.01 -3.30
C SER B 46 -9.29 -21.04 -3.83
N ALA B 47 -9.44 -22.31 -3.45
CA ALA B 47 -8.60 -23.43 -3.90
C ALA B 47 -9.46 -24.67 -4.15
N SER B 48 -9.05 -25.48 -5.14
CA SER B 48 -9.69 -26.76 -5.53
C SER B 48 -8.73 -27.92 -5.27
N TYR B 49 -9.22 -29.00 -4.69
CA TYR B 49 -8.50 -30.27 -4.45
C TYR B 49 -9.33 -31.40 -5.06
N PRO B 50 -9.14 -31.68 -6.37
CA PRO B 50 -9.92 -32.72 -7.06
C PRO B 50 -10.04 -34.04 -6.27
N GLY B 51 -11.28 -34.46 -6.00
CA GLY B 51 -11.63 -35.74 -5.36
C GLY B 51 -11.46 -35.72 -3.86
N ALA B 52 -11.24 -34.54 -3.26
CA ALA B 52 -10.94 -34.38 -1.82
C ALA B 52 -12.26 -34.21 -1.04
N ASP B 53 -12.31 -34.79 0.16
CA ASP B 53 -13.41 -34.63 1.14
C ASP B 53 -13.16 -33.38 2.00
N ALA B 54 -14.19 -32.91 2.70
CA ALA B 54 -14.18 -31.67 3.51
C ALA B 54 -12.99 -31.65 4.47
N LYS B 55 -12.73 -32.77 5.16
CA LYS B 55 -11.69 -32.87 6.22
C LYS B 55 -10.30 -32.82 5.57
N THR B 56 -10.09 -33.57 4.49
CA THR B 56 -8.82 -33.57 3.70
C THR B 56 -8.49 -32.13 3.32
N VAL B 57 -9.46 -31.41 2.74
CA VAL B 57 -9.31 -29.99 2.31
C VAL B 57 -8.94 -29.15 3.53
N GLN B 58 -9.66 -29.30 4.64
CA GLN B 58 -9.49 -28.48 5.87
C GLN B 58 -8.08 -28.68 6.47
N ASP B 59 -7.63 -29.93 6.55
CA ASP B 59 -6.46 -30.34 7.38
C ASP B 59 -5.17 -30.32 6.55
N THR B 60 -5.25 -30.17 5.23
CA THR B 60 -4.07 -30.08 4.33
C THR B 60 -3.99 -28.71 3.64
N VAL B 61 -5.12 -27.99 3.50
CA VAL B 61 -5.18 -26.68 2.78
C VAL B 61 -5.59 -25.57 3.74
N THR B 62 -6.81 -25.62 4.26
CA THR B 62 -7.49 -24.49 4.96
C THR B 62 -6.69 -24.06 6.20
N GLN B 63 -6.29 -25.02 7.04
CA GLN B 63 -5.62 -24.75 8.34
C GLN B 63 -4.25 -24.09 8.07
N VAL B 64 -3.54 -24.56 7.05
CA VAL B 64 -2.17 -24.08 6.69
C VAL B 64 -2.26 -22.62 6.23
N ILE B 65 -3.19 -22.32 5.31
CA ILE B 65 -3.41 -20.93 4.79
C ILE B 65 -3.79 -20.02 5.97
N GLU B 66 -4.77 -20.45 6.78
CA GLU B 66 -5.28 -19.68 7.97
C GLU B 66 -4.13 -19.34 8.92
N GLN B 67 -3.22 -20.29 9.17
CA GLN B 67 -2.07 -20.15 10.10
C GLN B 67 -1.05 -19.12 9.57
N ASN B 68 -1.12 -18.78 8.27
CA ASN B 68 -0.12 -17.90 7.59
C ASN B 68 -0.74 -16.53 7.26
N MET B 69 -1.99 -16.27 7.66
CA MET B 69 -2.68 -14.98 7.37
C MET B 69 -2.33 -13.95 8.46
N ASN B 70 -1.05 -13.85 8.82
CA ASN B 70 -0.52 -12.98 9.91
C ASN B 70 0.11 -11.72 9.31
N GLY B 71 0.25 -10.66 10.10
CA GLY B 71 0.95 -9.42 9.71
C GLY B 71 0.25 -8.69 8.58
N ILE B 72 -1.06 -8.88 8.43
CA ILE B 72 -1.95 -8.19 7.45
C ILE B 72 -2.72 -7.10 8.20
N ASP B 73 -2.78 -5.89 7.63
CA ASP B 73 -3.31 -4.68 8.29
C ASP B 73 -4.83 -4.62 8.16
N ASN B 74 -5.51 -4.18 9.22
CA ASN B 74 -6.94 -3.77 9.25
C ASN B 74 -7.87 -4.97 9.00
N LEU B 75 -7.47 -6.18 9.43
CA LEU B 75 -8.32 -7.39 9.38
C LEU B 75 -9.35 -7.32 10.52
N MET B 76 -10.65 -7.34 10.21
CA MET B 76 -11.73 -7.37 11.21
C MET B 76 -11.93 -8.81 11.68
N TYR B 77 -12.17 -9.73 10.74
CA TYR B 77 -12.37 -11.17 11.00
C TYR B 77 -12.08 -11.99 9.74
N MET B 78 -11.99 -13.31 9.92
CA MET B 78 -11.66 -14.33 8.90
C MET B 78 -12.61 -15.53 9.06
N SER B 79 -13.19 -16.02 7.96
CA SER B 79 -14.10 -17.19 7.93
C SER B 79 -13.78 -18.06 6.72
N SER B 80 -13.99 -19.37 6.82
CA SER B 80 -13.66 -20.35 5.75
C SER B 80 -14.67 -21.49 5.69
N ASN B 81 -14.83 -22.06 4.48
CA ASN B 81 -15.59 -23.30 4.19
C ASN B 81 -14.65 -24.32 3.55
N SER B 82 -14.68 -25.56 4.03
CA SER B 82 -14.01 -26.73 3.40
C SER B 82 -15.08 -27.80 3.18
N ASP B 83 -15.38 -28.16 1.94
CA ASP B 83 -16.50 -29.10 1.63
C ASP B 83 -16.05 -30.20 0.68
N SER B 84 -16.89 -31.22 0.54
CA SER B 84 -16.60 -32.54 -0.10
C SER B 84 -16.69 -32.46 -1.62
N THR B 85 -16.92 -31.26 -2.17
CA THR B 85 -16.77 -30.95 -3.62
C THR B 85 -15.29 -30.72 -3.92
N GLY B 86 -14.41 -30.82 -2.91
CA GLY B 86 -12.96 -30.63 -3.03
C GLY B 86 -12.60 -29.16 -3.14
N THR B 87 -13.35 -28.30 -2.44
CA THR B 87 -13.29 -26.82 -2.56
C THR B 87 -13.03 -26.20 -1.18
N VAL B 88 -12.23 -25.15 -1.14
CA VAL B 88 -12.06 -24.26 0.05
C VAL B 88 -12.24 -22.81 -0.40
N GLN B 89 -13.02 -22.04 0.36
CA GLN B 89 -13.13 -20.57 0.26
C GLN B 89 -12.82 -19.97 1.63
N ILE B 90 -11.76 -19.17 1.73
CA ILE B 90 -11.43 -18.33 2.93
C ILE B 90 -11.79 -16.89 2.57
N THR B 91 -12.59 -16.22 3.41
CA THR B 91 -13.00 -14.80 3.25
C THR B 91 -12.42 -13.98 4.39
N LEU B 92 -11.53 -13.02 4.07
CA LEU B 92 -10.95 -12.05 5.03
C LEU B 92 -11.64 -10.70 4.83
N THR B 93 -12.35 -10.22 5.85
CA THR B 93 -13.12 -8.94 5.84
C THR B 93 -12.30 -7.87 6.56
N PHE B 94 -12.20 -6.69 5.96
CA PHE B 94 -11.31 -5.58 6.40
C PHE B 94 -12.16 -4.41 6.89
N GLU B 95 -11.56 -3.55 7.73
CA GLU B 95 -12.18 -2.32 8.27
C GLU B 95 -12.64 -1.44 7.10
N SER B 96 -13.85 -0.86 7.18
CA SER B 96 -14.37 0.14 6.21
C SER B 96 -13.32 1.24 6.03
N GLY B 97 -13.01 1.59 4.78
CA GLY B 97 -12.03 2.64 4.43
C GLY B 97 -10.65 2.06 4.11
N THR B 98 -10.43 0.77 4.36
CA THR B 98 -9.18 0.04 3.97
C THR B 98 -9.08 0.04 2.45
N ASP B 99 -7.87 0.25 1.92
CA ASP B 99 -7.56 0.13 0.48
C ASP B 99 -7.66 -1.35 0.10
N ALA B 100 -8.62 -1.70 -0.76
CA ALA B 100 -8.95 -3.08 -1.19
C ALA B 100 -7.76 -3.71 -1.92
N ASP B 101 -6.98 -2.90 -2.66
CA ASP B 101 -5.80 -3.37 -3.44
C ASP B 101 -4.69 -3.78 -2.48
N ILE B 102 -4.40 -2.95 -1.47
CA ILE B 102 -3.36 -3.21 -0.43
C ILE B 102 -3.77 -4.44 0.39
N ALA B 103 -5.04 -4.52 0.77
CA ALA B 103 -5.63 -5.68 1.50
C ALA B 103 -5.40 -6.95 0.70
N GLN B 104 -5.76 -6.95 -0.58
CA GLN B 104 -5.65 -8.13 -1.49
C GLN B 104 -4.17 -8.54 -1.64
N VAL B 105 -3.27 -7.59 -1.91
CA VAL B 105 -1.84 -7.88 -2.20
C VAL B 105 -1.15 -8.38 -0.93
N GLN B 106 -1.52 -7.86 0.25
CA GLN B 106 -0.99 -8.31 1.56
C GLN B 106 -1.43 -9.76 1.80
N VAL B 107 -2.68 -10.10 1.47
CA VAL B 107 -3.25 -11.47 1.64
C VAL B 107 -2.51 -12.44 0.73
N GLN B 108 -2.46 -12.14 -0.58
CA GLN B 108 -1.88 -13.06 -1.61
C GLN B 108 -0.37 -13.19 -1.41
N ASN B 109 0.28 -12.17 -0.83
CA ASN B 109 1.74 -12.21 -0.49
C ASN B 109 1.98 -13.25 0.62
N LYS B 110 1.14 -13.25 1.67
CA LYS B 110 1.25 -14.21 2.80
C LYS B 110 0.88 -15.62 2.30
N LEU B 111 -0.08 -15.72 1.37
CA LEU B 111 -0.49 -17.00 0.75
C LEU B 111 0.70 -17.59 -0.02
N GLN B 112 1.39 -16.77 -0.83
CA GLN B 112 2.53 -17.18 -1.70
C GLN B 112 3.58 -17.94 -0.86
N LEU B 113 3.81 -17.50 0.37
CA LEU B 113 4.85 -18.08 1.26
C LEU B 113 4.31 -19.34 1.96
N ALA B 114 2.99 -19.56 1.92
CA ALA B 114 2.31 -20.76 2.46
C ALA B 114 2.12 -21.83 1.37
N MET B 115 2.32 -21.48 0.10
CA MET B 115 2.08 -22.37 -1.07
C MET B 115 2.96 -23.62 -0.98
N PRO B 116 4.26 -23.52 -0.62
CA PRO B 116 5.11 -24.71 -0.49
C PRO B 116 4.65 -25.74 0.56
N LEU B 117 3.71 -25.36 1.44
CA LEU B 117 3.21 -26.21 2.55
C LEU B 117 1.94 -26.96 2.10
N LEU B 118 1.33 -26.55 0.98
CA LEU B 118 0.07 -27.15 0.46
C LEU B 118 0.40 -28.41 -0.34
N PRO B 119 -0.58 -29.33 -0.55
CA PRO B 119 -0.35 -30.52 -1.37
C PRO B 119 -0.01 -30.13 -2.81
N GLN B 120 0.71 -31.01 -3.52
CA GLN B 120 1.20 -30.76 -4.91
C GLN B 120 0.00 -30.57 -5.83
N GLU B 121 -1.08 -31.33 -5.63
CA GLU B 121 -2.32 -31.31 -6.45
C GLU B 121 -3.02 -29.95 -6.30
N VAL B 122 -2.88 -29.32 -5.14
CA VAL B 122 -3.48 -27.98 -4.82
C VAL B 122 -2.62 -26.89 -5.48
N GLN B 123 -1.29 -27.02 -5.40
CA GLN B 123 -0.32 -26.09 -6.03
C GLN B 123 -0.52 -26.11 -7.55
N GLN B 124 -0.85 -27.29 -8.10
CA GLN B 124 -1.07 -27.51 -9.56
C GLN B 124 -2.34 -26.78 -10.01
N GLN B 125 -3.43 -26.91 -9.26
CA GLN B 125 -4.73 -26.23 -9.52
C GLN B 125 -4.56 -24.72 -9.33
N GLY B 126 -3.80 -24.31 -8.32
CA GLY B 126 -3.58 -22.90 -7.94
C GLY B 126 -4.61 -22.44 -6.94
N VAL B 127 -4.33 -21.28 -6.31
CA VAL B 127 -5.14 -20.70 -5.20
C VAL B 127 -5.43 -19.24 -5.55
N SER B 128 -6.66 -18.94 -5.96
CA SER B 128 -7.13 -17.60 -6.41
C SER B 128 -7.33 -16.69 -5.20
N VAL B 129 -6.80 -15.46 -5.26
CA VAL B 129 -7.06 -14.36 -4.27
C VAL B 129 -7.73 -13.21 -5.02
N GLU B 130 -9.00 -12.93 -4.71
CA GLU B 130 -9.88 -11.99 -5.46
C GLU B 130 -10.50 -10.98 -4.51
N LYS B 131 -10.75 -9.75 -5.00
CA LYS B 131 -11.65 -8.75 -4.35
C LYS B 131 -13.07 -9.30 -4.42
N SER B 132 -13.73 -9.46 -3.27
CA SER B 132 -15.08 -10.05 -3.15
C SER B 132 -16.14 -8.98 -3.49
N SER B 133 -17.16 -9.38 -4.26
CA SER B 133 -18.37 -8.58 -4.60
C SER B 133 -19.41 -9.51 -5.23
N SER B 134 -20.70 -9.21 -5.08
CA SER B 134 -21.83 -10.06 -5.51
C SER B 134 -22.75 -9.35 -6.51
N SER B 135 -22.53 -8.06 -6.78
CA SER B 135 -23.34 -7.23 -7.70
C SER B 135 -22.84 -7.42 -9.14
N PHE B 136 -23.56 -8.21 -9.93
CA PHE B 136 -23.37 -8.35 -11.40
C PHE B 136 -24.05 -7.17 -12.12
N LEU B 137 -23.40 -6.63 -13.15
CA LEU B 137 -23.99 -5.60 -14.05
C LEU B 137 -25.08 -6.27 -14.89
N MET B 138 -24.80 -7.48 -15.38
CA MET B 138 -25.73 -8.31 -16.19
C MET B 138 -25.18 -9.73 -16.31
N VAL B 139 -26.05 -10.68 -16.66
CA VAL B 139 -25.68 -12.09 -16.97
C VAL B 139 -26.09 -12.35 -18.43
N VAL B 140 -25.11 -12.61 -19.28
CA VAL B 140 -25.34 -13.01 -20.71
C VAL B 140 -25.43 -14.53 -20.75
N GLY B 141 -26.61 -15.05 -21.10
CA GLY B 141 -26.83 -16.49 -21.37
C GLY B 141 -26.38 -16.83 -22.78
N VAL B 142 -25.79 -18.01 -22.96
CA VAL B 142 -25.46 -18.60 -24.29
C VAL B 142 -26.04 -20.02 -24.31
N ILE B 143 -27.00 -20.27 -25.21
CA ILE B 143 -27.76 -21.55 -25.30
C ILE B 143 -27.60 -22.12 -26.70
N ASN B 144 -27.95 -23.40 -26.88
CA ASN B 144 -28.03 -24.09 -28.19
C ASN B 144 -29.46 -24.62 -28.38
N THR B 145 -30.09 -24.29 -29.50
CA THR B 145 -31.54 -24.49 -29.75
C THR B 145 -31.78 -25.70 -30.67
N ASP B 146 -30.78 -26.15 -31.45
CA ASP B 146 -30.93 -27.21 -32.48
C ASP B 146 -30.35 -28.54 -31.97
N GLY B 147 -29.99 -28.61 -30.68
CA GLY B 147 -29.60 -29.84 -29.97
C GLY B 147 -28.29 -30.44 -30.47
N THR B 148 -27.38 -29.62 -31.00
CA THR B 148 -26.09 -30.06 -31.59
C THR B 148 -24.92 -29.81 -30.61
N MET B 149 -25.15 -29.11 -29.49
CA MET B 149 -24.09 -28.72 -28.53
C MET B 149 -24.55 -29.00 -27.09
N THR B 150 -23.68 -29.62 -26.28
CA THR B 150 -23.85 -29.77 -24.81
C THR B 150 -23.44 -28.46 -24.13
N GLN B 151 -23.69 -28.33 -22.83
CA GLN B 151 -23.29 -27.15 -22.01
C GLN B 151 -21.76 -27.03 -22.05
N GLU B 152 -21.05 -28.16 -22.09
CA GLU B 152 -19.56 -28.25 -22.14
C GLU B 152 -19.06 -27.63 -23.45
N ASP B 153 -19.75 -27.91 -24.57
CA ASP B 153 -19.41 -27.40 -25.93
C ASP B 153 -19.63 -25.88 -25.96
N ILE B 154 -20.73 -25.39 -25.39
CA ILE B 154 -21.09 -23.93 -25.35
C ILE B 154 -20.06 -23.21 -24.47
N SER B 155 -19.76 -23.76 -23.30
CA SER B 155 -18.76 -23.22 -22.32
C SER B 155 -17.43 -22.99 -23.04
N ASP B 156 -16.96 -23.99 -23.81
CA ASP B 156 -15.65 -23.93 -24.51
C ASP B 156 -15.69 -22.87 -25.61
N TYR B 157 -16.78 -22.79 -26.37
CA TYR B 157 -16.96 -21.78 -27.45
C TYR B 157 -16.90 -20.37 -26.84
N VAL B 158 -17.62 -20.17 -25.73
CA VAL B 158 -17.71 -18.85 -25.02
C VAL B 158 -16.32 -18.49 -24.49
N ALA B 159 -15.61 -19.46 -23.88
CA ALA B 159 -14.25 -19.28 -23.31
C ALA B 159 -13.25 -18.92 -24.41
N ALA B 160 -13.42 -19.47 -25.61
CA ALA B 160 -12.44 -19.41 -26.72
C ALA B 160 -12.68 -18.20 -27.62
N ASN B 161 -13.95 -17.74 -27.76
CA ASN B 161 -14.37 -16.82 -28.85
C ASN B 161 -15.17 -15.62 -28.34
N MET B 162 -15.46 -15.51 -27.04
CA MET B 162 -16.37 -14.45 -26.51
C MET B 162 -15.79 -13.79 -25.25
N LYS B 163 -15.41 -14.57 -24.24
CA LYS B 163 -15.03 -14.10 -22.87
C LYS B 163 -13.98 -12.99 -22.95
N ASP B 164 -12.86 -13.24 -23.65
CA ASP B 164 -11.68 -12.32 -23.72
C ASP B 164 -12.11 -10.97 -24.32
N ALA B 165 -12.92 -10.99 -25.38
CA ALA B 165 -13.42 -9.79 -26.09
C ALA B 165 -14.32 -8.95 -25.17
N ILE B 166 -15.15 -9.61 -24.35
CA ILE B 166 -16.04 -8.95 -23.36
C ILE B 166 -15.19 -8.34 -22.24
N SER B 167 -14.15 -9.05 -21.80
CA SER B 167 -13.19 -8.59 -20.76
C SER B 167 -12.46 -7.32 -21.23
N ARG B 168 -12.22 -7.21 -22.55
CA ARG B 168 -11.53 -6.06 -23.20
C ARG B 168 -12.51 -4.91 -23.47
N THR B 169 -13.82 -5.16 -23.42
CA THR B 169 -14.90 -4.16 -23.69
C THR B 169 -14.80 -3.03 -22.65
N SER B 170 -15.06 -1.79 -23.09
CA SER B 170 -14.97 -0.55 -22.29
C SER B 170 -15.93 -0.62 -21.09
N GLY B 171 -15.40 -0.44 -19.87
CA GLY B 171 -16.18 -0.34 -18.62
C GLY B 171 -16.42 -1.68 -17.96
N VAL B 172 -15.94 -2.79 -18.55
CA VAL B 172 -16.09 -4.17 -18.00
C VAL B 172 -14.94 -4.43 -17.02
N GLY B 173 -15.28 -4.70 -15.75
CA GLY B 173 -14.31 -4.85 -14.64
C GLY B 173 -13.93 -6.30 -14.39
N ASP B 174 -14.85 -7.24 -14.63
CA ASP B 174 -14.64 -8.68 -14.36
C ASP B 174 -15.66 -9.51 -15.16
N VAL B 175 -15.28 -10.71 -15.58
CA VAL B 175 -16.15 -11.67 -16.33
C VAL B 175 -15.92 -13.08 -15.77
N GLN B 176 -16.99 -13.71 -15.28
CA GLN B 176 -16.99 -15.12 -14.78
C GLN B 176 -17.65 -16.02 -15.83
N LEU B 177 -16.93 -17.05 -16.30
CA LEU B 177 -17.49 -18.10 -17.19
C LEU B 177 -18.40 -19.02 -16.35
N PHE B 178 -19.64 -19.23 -16.81
CA PHE B 178 -20.61 -20.20 -16.23
C PHE B 178 -20.34 -21.58 -16.85
N GLY B 179 -19.22 -22.19 -16.44
CA GLY B 179 -18.65 -23.43 -17.00
C GLY B 179 -17.14 -23.33 -17.09
N SER B 180 -16.49 -24.33 -17.68
CA SER B 180 -15.04 -24.34 -17.97
C SER B 180 -14.82 -24.40 -19.49
N GLN B 181 -13.64 -23.95 -19.94
CA GLN B 181 -13.09 -24.36 -21.26
C GLN B 181 -12.97 -25.89 -21.25
N TYR B 182 -12.91 -26.51 -22.42
CA TYR B 182 -12.72 -27.99 -22.57
C TYR B 182 -11.55 -28.45 -21.69
N ALA B 183 -11.63 -29.69 -21.22
CA ALA B 183 -10.48 -30.48 -20.72
C ALA B 183 -10.39 -31.74 -21.58
N MET B 184 -9.18 -32.27 -21.80
CA MET B 184 -8.99 -33.63 -22.37
C MET B 184 -9.40 -34.63 -21.28
N ARG B 185 -10.54 -35.29 -21.46
CA ARG B 185 -11.09 -36.27 -20.49
C ARG B 185 -10.69 -37.68 -20.94
N ILE B 186 -9.79 -38.31 -20.20
CA ILE B 186 -9.42 -39.76 -20.34
C ILE B 186 -10.29 -40.54 -19.36
N TRP B 187 -11.37 -41.15 -19.85
CA TRP B 187 -12.32 -41.96 -19.05
C TRP B 187 -11.84 -43.42 -19.04
N MET B 188 -11.27 -43.86 -17.91
CA MET B 188 -10.53 -45.16 -17.79
C MET B 188 -11.53 -46.31 -17.59
N ASN B 189 -11.19 -47.48 -18.14
CA ASN B 189 -11.94 -48.76 -18.00
C ASN B 189 -11.07 -49.75 -17.25
N PRO B 190 -11.47 -50.19 -16.03
CA PRO B 190 -10.63 -51.05 -15.20
C PRO B 190 -10.52 -52.50 -15.71
N ASN B 191 -11.53 -52.96 -16.47
CA ASN B 191 -11.56 -54.31 -17.10
C ASN B 191 -10.42 -54.39 -18.12
N GLU B 192 -10.34 -53.39 -19.02
CA GLU B 192 -9.32 -53.29 -20.08
C GLU B 192 -7.94 -53.07 -19.46
N LEU B 193 -7.84 -52.23 -18.43
CA LEU B 193 -6.56 -51.94 -17.71
C LEU B 193 -5.99 -53.24 -17.14
N ASN B 194 -6.81 -54.02 -16.43
CA ASN B 194 -6.43 -55.31 -15.80
C ASN B 194 -6.05 -56.34 -16.88
N LYS B 195 -6.70 -56.28 -18.05
CA LYS B 195 -6.47 -57.22 -19.18
C LYS B 195 -5.00 -57.16 -19.62
N PHE B 196 -4.43 -55.95 -19.70
CA PHE B 196 -3.04 -55.70 -20.18
C PHE B 196 -2.10 -55.43 -18.99
N GLN B 197 -2.51 -55.81 -17.77
CA GLN B 197 -1.71 -55.68 -16.51
C GLN B 197 -1.28 -54.22 -16.34
N LEU B 198 -2.21 -53.27 -16.50
CA LEU B 198 -1.97 -51.80 -16.40
C LEU B 198 -2.86 -51.20 -15.31
N THR B 199 -2.44 -50.05 -14.77
CA THR B 199 -3.14 -49.27 -13.72
C THR B 199 -3.19 -47.81 -14.14
N PRO B 200 -4.01 -46.95 -13.46
CA PRO B 200 -3.99 -45.51 -13.72
C PRO B 200 -2.60 -44.87 -13.59
N VAL B 201 -1.70 -45.44 -12.78
CA VAL B 201 -0.31 -44.96 -12.59
C VAL B 201 0.40 -44.96 -13.95
N ASP B 202 0.24 -46.03 -14.73
CA ASP B 202 0.89 -46.20 -16.07
C ASP B 202 0.30 -45.21 -17.06
N VAL B 203 -1.02 -45.00 -17.01
CA VAL B 203 -1.76 -44.01 -17.85
C VAL B 203 -1.16 -42.62 -17.61
N ILE B 204 -1.05 -42.21 -16.33
CA ILE B 204 -0.56 -40.87 -15.92
C ILE B 204 0.90 -40.71 -16.37
N THR B 205 1.74 -41.74 -16.15
CA THR B 205 3.18 -41.75 -16.49
C THR B 205 3.35 -41.53 -18.00
N ALA B 206 2.55 -42.23 -18.82
CA ALA B 206 2.62 -42.19 -20.30
C ALA B 206 2.17 -40.82 -20.83
N ILE B 207 1.11 -40.24 -20.24
CA ILE B 207 0.56 -38.91 -20.64
C ILE B 207 1.62 -37.84 -20.37
N LYS B 208 2.33 -37.93 -19.24
CA LYS B 208 3.38 -36.94 -18.84
C LYS B 208 4.61 -37.07 -19.76
N ALA B 209 4.89 -38.28 -20.26
CA ALA B 209 6.02 -38.57 -21.17
C ALA B 209 5.70 -38.08 -22.60
N GLN B 210 4.51 -38.43 -23.11
CA GLN B 210 4.15 -38.33 -24.55
C GLN B 210 3.28 -37.09 -24.82
N ASN B 211 2.88 -36.36 -23.78
CA ASN B 211 2.27 -35.00 -23.89
C ASN B 211 3.07 -34.02 -23.01
N ALA B 212 4.07 -33.36 -23.60
CA ALA B 212 5.02 -32.50 -22.86
C ALA B 212 5.78 -31.58 -23.82
N GLN B 213 6.21 -30.43 -23.31
CA GLN B 213 7.20 -29.52 -23.94
C GLN B 213 8.59 -29.96 -23.49
N VAL B 214 9.51 -30.14 -24.44
CA VAL B 214 10.91 -30.60 -24.19
C VAL B 214 11.85 -29.55 -24.79
N ALA B 215 12.71 -28.96 -23.95
CA ALA B 215 13.75 -27.98 -24.35
C ALA B 215 14.86 -28.73 -25.10
N ALA B 216 15.33 -28.15 -26.21
CA ALA B 216 16.47 -28.66 -27.01
C ALA B 216 17.63 -27.65 -26.92
N GLY B 217 17.79 -26.79 -27.94
CA GLY B 217 18.86 -25.79 -28.00
C GLY B 217 18.89 -25.07 -29.34
N GLN B 218 20.08 -24.82 -29.87
CA GLN B 218 20.29 -24.10 -31.15
C GLN B 218 21.38 -24.79 -31.97
N LEU B 219 21.28 -24.72 -33.30
CA LEU B 219 22.41 -24.93 -34.25
C LEU B 219 23.22 -23.63 -34.29
N GLY B 220 24.55 -23.72 -34.25
CA GLY B 220 25.44 -22.55 -34.25
C GLY B 220 25.09 -21.57 -33.13
N GLY B 221 24.69 -22.10 -31.97
CA GLY B 221 24.46 -21.31 -30.75
C GLY B 221 25.79 -20.80 -30.21
N THR B 222 25.75 -19.70 -29.43
CA THR B 222 26.95 -19.08 -28.80
C THR B 222 27.35 -19.93 -27.59
N PRO B 223 28.65 -20.07 -27.27
CA PRO B 223 29.74 -19.60 -28.13
C PRO B 223 29.93 -20.54 -29.31
N PRO B 224 30.09 -20.02 -30.56
CA PRO B 224 30.20 -20.87 -31.74
C PRO B 224 31.64 -21.25 -32.07
N VAL B 225 31.82 -22.08 -33.10
CA VAL B 225 33.10 -22.24 -33.85
C VAL B 225 33.14 -21.11 -34.88
N LYS B 226 34.16 -20.25 -34.82
CA LYS B 226 34.33 -19.12 -35.77
C LYS B 226 34.24 -19.67 -37.20
N GLY B 227 33.46 -19.01 -38.06
CA GLY B 227 33.19 -19.40 -39.45
C GLY B 227 31.79 -19.96 -39.63
N GLN B 228 31.08 -20.23 -38.52
CA GLN B 228 29.66 -20.66 -38.51
C GLN B 228 28.82 -19.63 -39.27
N GLN B 229 28.01 -20.08 -40.23
CA GLN B 229 27.19 -19.21 -41.12
C GLN B 229 25.73 -19.21 -40.67
N LEU B 230 25.20 -20.36 -40.24
CA LEU B 230 23.77 -20.56 -39.88
C LEU B 230 23.60 -20.63 -38.36
N ASN B 231 22.60 -19.91 -37.84
CA ASN B 231 22.09 -20.02 -36.44
C ASN B 231 20.58 -20.24 -36.49
N ALA B 232 20.09 -21.37 -35.96
CA ALA B 232 18.65 -21.71 -35.92
C ALA B 232 18.31 -22.44 -34.61
N SER B 233 17.08 -22.25 -34.13
CA SER B 233 16.52 -22.94 -32.93
C SER B 233 16.19 -24.39 -33.28
N ILE B 234 16.42 -25.32 -32.34
CA ILE B 234 16.00 -26.74 -32.44
C ILE B 234 14.67 -26.89 -31.69
N ILE B 235 13.61 -27.31 -32.39
CA ILE B 235 12.29 -27.67 -31.81
C ILE B 235 12.27 -29.19 -31.59
N ALA B 236 12.13 -29.63 -30.34
CA ALA B 236 11.98 -31.05 -29.95
C ALA B 236 10.47 -31.35 -29.76
N GLN B 237 10.13 -32.27 -28.87
CA GLN B 237 8.71 -32.63 -28.55
C GLN B 237 7.97 -31.39 -28.03
N THR B 238 6.78 -31.14 -28.55
CA THR B 238 5.82 -30.11 -28.05
C THR B 238 4.48 -30.79 -27.75
N ARG B 239 3.64 -30.15 -26.93
CA ARG B 239 2.39 -30.71 -26.36
C ARG B 239 1.48 -31.23 -27.48
N LEU B 240 0.69 -32.27 -27.17
CA LEU B 240 -0.34 -32.85 -28.08
C LEU B 240 -1.51 -31.87 -28.19
N THR B 241 -2.36 -32.01 -29.22
CA THR B 241 -3.34 -30.99 -29.65
C THR B 241 -4.73 -31.58 -29.96
N SER B 242 -4.94 -32.89 -29.83
CA SER B 242 -6.16 -33.58 -30.33
C SER B 242 -6.43 -34.88 -29.56
N THR B 243 -7.70 -35.28 -29.50
CA THR B 243 -8.18 -36.56 -28.91
C THR B 243 -7.52 -37.75 -29.66
N GLU B 244 -7.30 -37.60 -30.97
CA GLU B 244 -6.65 -38.62 -31.83
C GLU B 244 -5.25 -38.94 -31.30
N GLU B 245 -4.44 -37.90 -31.05
CA GLU B 245 -3.05 -37.99 -30.56
C GLU B 245 -3.02 -38.65 -29.17
N PHE B 246 -3.93 -38.25 -28.28
CA PHE B 246 -4.07 -38.82 -26.91
C PHE B 246 -4.45 -40.30 -27.01
N GLY B 247 -5.32 -40.65 -27.97
CA GLY B 247 -5.75 -42.02 -28.26
C GLY B 247 -4.58 -42.94 -28.60
N LYS B 248 -3.56 -42.40 -29.29
CA LYS B 248 -2.42 -43.18 -29.86
C LYS B 248 -1.26 -43.25 -28.86
N ILE B 249 -1.36 -42.60 -27.69
CA ILE B 249 -0.34 -42.67 -26.59
C ILE B 249 -0.04 -44.15 -26.31
N LEU B 250 1.23 -44.54 -26.37
CA LEU B 250 1.69 -45.94 -26.16
C LEU B 250 1.79 -46.23 -24.66
N LEU B 251 1.13 -47.30 -24.20
CA LEU B 251 1.14 -47.75 -22.79
C LEU B 251 2.03 -48.99 -22.63
N LYS B 252 1.90 -49.97 -23.55
CA LYS B 252 2.60 -51.27 -23.45
C LYS B 252 2.87 -51.83 -24.86
N VAL B 253 4.02 -52.50 -25.02
CA VAL B 253 4.32 -53.39 -26.18
C VAL B 253 4.31 -54.83 -25.66
N ASN B 254 3.33 -55.63 -26.08
CA ASN B 254 3.12 -57.03 -25.61
C ASN B 254 4.23 -57.93 -26.16
N GLN B 255 4.33 -59.15 -25.64
CA GLN B 255 5.34 -60.19 -26.01
C GLN B 255 5.29 -60.43 -27.53
N ASP B 256 4.08 -60.56 -28.09
CA ASP B 256 3.86 -60.93 -29.52
C ASP B 256 4.12 -59.72 -30.44
N GLY B 257 4.17 -58.50 -29.89
CA GLY B 257 4.61 -57.28 -30.61
C GLY B 257 3.45 -56.33 -30.92
N SER B 258 2.22 -56.68 -30.53
CA SER B 258 1.02 -55.81 -30.65
C SER B 258 1.13 -54.65 -29.65
N ARG B 259 0.54 -53.50 -29.98
CA ARG B 259 0.65 -52.23 -29.20
C ARG B 259 -0.62 -52.01 -28.40
N VAL B 260 -0.48 -51.70 -27.10
CA VAL B 260 -1.58 -51.23 -26.22
C VAL B 260 -1.56 -49.69 -26.20
N LEU B 261 -2.53 -49.07 -26.87
CA LEU B 261 -2.70 -47.59 -26.92
C LEU B 261 -3.67 -47.16 -25.82
N LEU B 262 -3.75 -45.87 -25.54
CA LEU B 262 -4.60 -45.31 -24.45
C LEU B 262 -6.08 -45.48 -24.81
N ARG B 263 -6.42 -45.47 -26.10
CA ARG B 263 -7.82 -45.66 -26.60
C ARG B 263 -8.28 -47.10 -26.37
N ASP B 264 -7.34 -48.04 -26.17
CA ASP B 264 -7.64 -49.47 -25.93
C ASP B 264 -8.11 -49.70 -24.48
N VAL B 265 -7.85 -48.76 -23.56
CA VAL B 265 -8.18 -48.89 -22.11
C VAL B 265 -9.01 -47.70 -21.61
N ALA B 266 -9.44 -46.78 -22.48
CA ALA B 266 -10.16 -45.56 -22.08
C ALA B 266 -10.93 -44.94 -23.25
N LYS B 267 -12.09 -44.33 -22.95
CA LYS B 267 -12.81 -43.39 -23.85
C LYS B 267 -12.16 -42.01 -23.72
N ILE B 268 -11.93 -41.34 -24.85
CA ILE B 268 -11.15 -40.07 -24.93
C ILE B 268 -12.00 -39.03 -25.67
N GLU B 269 -12.38 -37.95 -24.97
CA GLU B 269 -13.20 -36.85 -25.54
C GLU B 269 -12.83 -35.52 -24.89
N LEU B 270 -13.11 -34.42 -25.58
CA LEU B 270 -13.14 -33.04 -25.01
C LEU B 270 -14.42 -32.91 -24.18
N GLY B 271 -14.27 -32.66 -22.88
CA GLY B 271 -15.39 -32.44 -21.94
C GLY B 271 -15.12 -31.26 -21.02
N GLY B 272 -15.92 -31.11 -19.96
CA GLY B 272 -15.74 -30.05 -18.95
C GLY B 272 -14.67 -30.44 -17.93
N GLU B 273 -14.13 -29.45 -17.22
CA GLU B 273 -13.20 -29.66 -16.08
C GLU B 273 -13.97 -30.31 -14.92
N ASN B 274 -15.24 -29.93 -14.74
CA ASN B 274 -16.14 -30.40 -13.66
C ASN B 274 -17.51 -30.76 -14.26
N TYR B 275 -18.25 -31.64 -13.60
CA TYR B 275 -19.61 -32.09 -14.01
C TYR B 275 -20.59 -31.93 -12.84
N ASP B 276 -20.27 -31.06 -11.87
CA ASP B 276 -21.10 -30.80 -10.67
C ASP B 276 -22.35 -30.01 -11.06
N ILE B 277 -22.22 -29.03 -11.97
CA ILE B 277 -23.33 -28.14 -12.40
C ILE B 277 -23.95 -28.71 -13.69
N ILE B 278 -25.28 -28.68 -13.77
CA ILE B 278 -26.06 -28.90 -15.04
C ILE B 278 -26.94 -27.67 -15.25
N ALA B 279 -26.57 -26.82 -16.20
CA ALA B 279 -27.24 -25.55 -16.53
C ALA B 279 -28.20 -25.76 -17.72
N GLU B 280 -29.45 -25.32 -17.56
CA GLU B 280 -30.48 -25.34 -18.64
C GLU B 280 -31.17 -23.97 -18.66
N PHE B 281 -31.50 -23.50 -19.86
CA PHE B 281 -32.30 -22.28 -20.13
C PHE B 281 -33.53 -22.68 -20.95
N ASN B 282 -34.70 -22.74 -20.31
CA ASN B 282 -35.96 -23.27 -20.89
C ASN B 282 -35.73 -24.72 -21.38
N GLY B 283 -34.98 -25.51 -20.61
CA GLY B 283 -34.73 -26.95 -20.87
C GLY B 283 -33.57 -27.20 -21.82
N GLN B 284 -33.02 -26.15 -22.44
CA GLN B 284 -31.94 -26.25 -23.45
C GLN B 284 -30.58 -26.09 -22.78
N PRO B 285 -29.53 -26.80 -23.23
CA PRO B 285 -28.18 -26.64 -22.66
C PRO B 285 -27.74 -25.17 -22.70
N ALA B 286 -27.01 -24.71 -21.68
CA ALA B 286 -26.64 -23.29 -21.51
C ALA B 286 -25.29 -23.14 -20.78
N SER B 287 -24.48 -22.20 -21.25
CA SER B 287 -23.37 -21.55 -20.49
C SER B 287 -23.74 -20.07 -20.33
N GLY B 288 -22.77 -19.21 -19.97
CA GLY B 288 -23.01 -17.76 -19.89
C GLY B 288 -21.85 -17.02 -19.25
N LEU B 289 -21.95 -15.68 -19.25
CA LEU B 289 -20.95 -14.75 -18.66
C LEU B 289 -21.63 -13.94 -17.55
N GLY B 290 -21.02 -13.92 -16.36
CA GLY B 290 -21.35 -12.98 -15.27
C GLY B 290 -20.45 -11.77 -15.34
N ILE B 291 -20.99 -10.62 -15.73
CA ILE B 291 -20.22 -9.36 -16.01
C ILE B 291 -20.42 -8.38 -14.85
N LYS B 292 -19.31 -7.91 -14.27
CA LYS B 292 -19.28 -6.86 -13.21
C LYS B 292 -18.76 -5.56 -13.82
N LEU B 293 -19.30 -4.43 -13.36
CA LEU B 293 -18.93 -3.06 -13.82
C LEU B 293 -17.59 -2.67 -13.17
N ALA B 294 -16.67 -2.11 -13.97
CA ALA B 294 -15.35 -1.62 -13.52
C ALA B 294 -15.54 -0.39 -12.63
N THR B 295 -14.61 -0.17 -11.69
CA THR B 295 -14.57 1.01 -10.78
C THR B 295 -14.59 2.30 -11.62
N GLY B 296 -15.56 3.18 -11.37
CA GLY B 296 -15.66 4.52 -11.99
C GLY B 296 -16.30 4.49 -13.36
N ALA B 297 -16.78 3.33 -13.82
CA ALA B 297 -17.34 3.12 -15.17
C ALA B 297 -18.82 3.53 -15.18
N ASN B 298 -19.34 3.83 -16.37
CA ASN B 298 -20.76 4.20 -16.63
C ASN B 298 -21.51 2.92 -17.02
N ALA B 299 -22.45 2.47 -16.18
CA ALA B 299 -23.20 1.21 -16.34
C ALA B 299 -23.94 1.18 -17.69
N LEU B 300 -24.55 2.29 -18.08
CA LEU B 300 -25.37 2.40 -19.31
C LEU B 300 -24.47 2.29 -20.55
N ASP B 301 -23.31 2.94 -20.54
CA ASP B 301 -22.30 2.89 -21.64
C ASP B 301 -21.75 1.47 -21.76
N THR B 302 -21.36 0.85 -20.64
CA THR B 302 -20.76 -0.51 -20.58
C THR B 302 -21.74 -1.53 -21.18
N ALA B 303 -23.01 -1.49 -20.75
CA ALA B 303 -24.07 -2.42 -21.18
C ALA B 303 -24.28 -2.31 -22.70
N ALA B 304 -24.31 -1.08 -23.22
CA ALA B 304 -24.39 -0.77 -24.66
C ALA B 304 -23.19 -1.39 -25.38
N ALA B 305 -21.98 -1.16 -24.85
CA ALA B 305 -20.69 -1.62 -25.41
C ALA B 305 -20.64 -3.16 -25.45
N ILE B 306 -21.12 -3.81 -24.39
CA ILE B 306 -21.21 -5.30 -24.29
C ILE B 306 -22.11 -5.83 -25.41
N ARG B 307 -23.30 -5.24 -25.58
CA ARG B 307 -24.30 -5.63 -26.62
C ARG B 307 -23.72 -5.34 -28.02
N ALA B 308 -22.90 -4.29 -28.15
CA ALA B 308 -22.25 -3.90 -29.42
C ALA B 308 -21.19 -4.95 -29.81
N GLU B 309 -20.45 -5.47 -28.83
CA GLU B 309 -19.39 -6.50 -29.04
C GLU B 309 -20.03 -7.86 -29.33
N LEU B 310 -21.12 -8.19 -28.62
CA LEU B 310 -21.87 -9.47 -28.81
C LEU B 310 -22.46 -9.49 -30.23
N ALA B 311 -22.91 -8.34 -30.73
CA ALA B 311 -23.46 -8.16 -32.10
C ALA B 311 -22.40 -8.52 -33.14
N LYS B 312 -21.15 -8.11 -32.93
CA LYS B 312 -19.99 -8.38 -33.85
C LYS B 312 -19.66 -9.88 -33.86
N MET B 313 -19.98 -10.61 -32.80
CA MET B 313 -19.68 -12.05 -32.64
C MET B 313 -20.78 -12.90 -33.30
N GLU B 314 -21.98 -12.33 -33.49
CA GLU B 314 -23.19 -13.02 -34.02
C GLU B 314 -22.85 -13.81 -35.28
N PRO B 315 -22.18 -13.22 -36.30
CA PRO B 315 -21.95 -13.91 -37.58
C PRO B 315 -21.11 -15.21 -37.52
N PHE B 316 -20.29 -15.39 -36.47
CA PHE B 316 -19.33 -16.52 -36.37
C PHE B 316 -19.89 -17.64 -35.49
N PHE B 317 -21.04 -17.42 -34.85
CA PHE B 317 -21.72 -18.40 -33.96
C PHE B 317 -22.04 -19.67 -34.74
N PRO B 318 -21.65 -20.86 -34.24
CA PRO B 318 -22.16 -22.12 -34.78
C PRO B 318 -23.69 -22.12 -34.85
N SER B 319 -24.27 -22.91 -35.77
CA SER B 319 -25.74 -23.02 -35.98
C SER B 319 -26.40 -23.42 -34.66
N GLY B 320 -27.48 -22.74 -34.28
CA GLY B 320 -28.29 -23.05 -33.08
C GLY B 320 -27.91 -22.20 -31.89
N LEU B 321 -26.69 -21.61 -31.88
CA LEU B 321 -26.20 -20.79 -30.74
C LEU B 321 -26.92 -19.45 -30.76
N LYS B 322 -27.26 -18.93 -29.58
CA LYS B 322 -28.10 -17.73 -29.38
C LYS B 322 -27.70 -17.04 -28.07
N ILE B 323 -27.68 -15.70 -28.07
CA ILE B 323 -27.46 -14.86 -26.87
C ILE B 323 -28.83 -14.57 -26.23
N VAL B 324 -28.91 -14.67 -24.90
CA VAL B 324 -30.11 -14.29 -24.09
C VAL B 324 -29.62 -13.47 -22.89
N TYR B 325 -30.47 -12.59 -22.36
CA TYR B 325 -30.15 -11.61 -21.29
C TYR B 325 -31.07 -11.86 -20.09
N PRO B 326 -30.90 -12.99 -19.37
CA PRO B 326 -31.79 -13.33 -18.25
C PRO B 326 -31.75 -12.32 -17.09
N TYR B 327 -30.62 -11.62 -16.91
CA TYR B 327 -30.42 -10.58 -15.88
C TYR B 327 -29.65 -9.40 -16.48
N ASP B 328 -30.24 -8.21 -16.40
CA ASP B 328 -29.62 -6.92 -16.83
C ASP B 328 -30.21 -5.80 -15.96
N THR B 329 -29.35 -5.10 -15.23
CA THR B 329 -29.74 -4.04 -14.26
C THR B 329 -30.05 -2.73 -14.99
N THR B 330 -29.46 -2.52 -16.17
CA THR B 330 -29.39 -1.19 -16.85
C THR B 330 -30.77 -0.70 -17.30
N PRO B 331 -31.71 -1.57 -17.75
CA PRO B 331 -33.08 -1.12 -18.02
C PRO B 331 -33.73 -0.46 -16.79
N PHE B 332 -33.57 -1.07 -15.61
CA PHE B 332 -34.07 -0.58 -14.30
C PHE B 332 -33.40 0.76 -13.96
N VAL B 333 -32.07 0.84 -14.07
CA VAL B 333 -31.26 2.04 -13.74
C VAL B 333 -31.64 3.19 -14.69
N LYS B 334 -31.98 2.87 -15.95
CA LYS B 334 -32.38 3.87 -16.98
C LYS B 334 -33.75 4.46 -16.60
N ILE B 335 -34.65 3.64 -16.04
CA ILE B 335 -36.02 4.06 -15.59
C ILE B 335 -35.89 4.93 -14.34
N SER B 336 -34.98 4.60 -13.41
CA SER B 336 -34.67 5.39 -12.20
C SER B 336 -34.28 6.82 -12.60
N ILE B 337 -33.34 6.95 -13.55
CA ILE B 337 -32.84 8.26 -14.07
C ILE B 337 -34.02 9.03 -14.67
N HIS B 338 -34.75 8.41 -15.61
CA HIS B 338 -35.92 9.00 -16.31
C HIS B 338 -36.91 9.53 -15.27
N GLU B 339 -37.28 8.70 -14.29
CA GLU B 339 -38.31 9.01 -13.25
C GLU B 339 -37.83 10.15 -12.35
N VAL B 340 -36.52 10.24 -12.07
CA VAL B 340 -35.93 11.30 -11.19
C VAL B 340 -35.91 12.64 -11.94
N VAL B 341 -35.44 12.63 -13.19
CA VAL B 341 -35.42 13.83 -14.10
C VAL B 341 -36.86 14.32 -14.27
N LYS B 342 -37.81 13.39 -14.45
CA LYS B 342 -39.26 13.65 -14.60
C LYS B 342 -39.78 14.36 -13.34
N THR B 343 -39.41 13.87 -12.15
CA THR B 343 -39.83 14.41 -10.83
C THR B 343 -39.27 15.82 -10.64
N LEU B 344 -37.99 16.03 -10.96
CA LEU B 344 -37.27 17.33 -10.82
C LEU B 344 -37.86 18.37 -11.79
N VAL B 345 -38.28 17.93 -12.99
CA VAL B 345 -38.86 18.82 -14.05
C VAL B 345 -40.29 19.19 -13.65
N GLU B 346 -41.10 18.21 -13.25
CA GLU B 346 -42.48 18.41 -12.74
C GLU B 346 -42.45 19.36 -11.53
N ALA B 347 -41.50 19.16 -10.61
CA ALA B 347 -41.29 20.00 -9.41
C ALA B 347 -41.14 21.47 -9.83
N ILE B 348 -40.30 21.74 -10.84
CA ILE B 348 -40.03 23.10 -11.38
C ILE B 348 -41.30 23.65 -12.04
N ILE B 349 -42.03 22.80 -12.76
CA ILE B 349 -43.32 23.15 -13.43
C ILE B 349 -44.37 23.53 -12.37
N LEU B 350 -44.47 22.73 -11.30
CA LEU B 350 -45.46 22.95 -10.20
C LEU B 350 -45.14 24.27 -9.48
N VAL B 351 -43.86 24.58 -9.27
CA VAL B 351 -43.41 25.86 -8.65
C VAL B 351 -43.87 27.02 -9.54
N PHE B 352 -43.70 26.90 -10.86
CA PHE B 352 -44.14 27.89 -11.88
C PHE B 352 -45.64 28.17 -11.72
N LEU B 353 -46.46 27.12 -11.64
CA LEU B 353 -47.94 27.21 -11.54
C LEU B 353 -48.34 27.87 -10.22
N VAL B 354 -47.78 27.41 -9.10
CA VAL B 354 -48.07 27.92 -7.73
C VAL B 354 -47.61 29.38 -7.64
N MET B 355 -46.43 29.71 -8.20
CA MET B 355 -45.86 31.08 -8.20
C MET B 355 -46.81 32.02 -8.96
N TYR B 356 -47.36 31.57 -10.09
CA TYR B 356 -48.29 32.36 -10.93
C TYR B 356 -49.66 32.45 -10.25
N LEU B 357 -50.11 31.36 -9.62
CA LEU B 357 -51.42 31.29 -8.91
C LEU B 357 -51.50 32.39 -7.83
N PHE B 358 -50.38 32.68 -7.14
CA PHE B 358 -50.32 33.61 -5.99
C PHE B 358 -49.81 35.00 -6.42
N LEU B 359 -48.73 35.06 -7.20
CA LEU B 359 -48.03 36.34 -7.53
C LEU B 359 -48.53 36.91 -8.86
N GLN B 360 -48.97 36.04 -9.79
CA GLN B 360 -49.78 36.41 -11.00
C GLN B 360 -48.98 37.36 -11.90
N ASN B 361 -47.67 37.13 -12.04
CA ASN B 361 -46.82 37.79 -13.08
C ASN B 361 -45.71 36.80 -13.48
N PHE B 362 -45.41 36.73 -14.79
CA PHE B 362 -44.49 35.73 -15.40
C PHE B 362 -43.03 36.04 -15.01
N ARG B 363 -42.71 37.30 -14.73
CA ARG B 363 -41.34 37.73 -14.35
C ARG B 363 -40.94 37.07 -13.01
N ALA B 364 -41.89 36.97 -12.07
CA ALA B 364 -41.70 36.33 -10.75
C ALA B 364 -41.43 34.82 -10.92
N THR B 365 -42.21 34.17 -11.80
CA THR B 365 -42.18 32.70 -12.03
C THR B 365 -40.84 32.27 -12.67
N LEU B 366 -40.16 33.19 -13.36
CA LEU B 366 -38.88 32.90 -14.08
C LEU B 366 -37.72 32.75 -13.07
N ILE B 367 -37.79 33.38 -11.90
CA ILE B 367 -36.66 33.49 -10.94
C ILE B 367 -36.36 32.13 -10.30
N PRO B 368 -37.36 31.39 -9.76
CA PRO B 368 -37.15 30.02 -9.30
C PRO B 368 -36.80 29.05 -10.44
N THR B 369 -37.33 29.30 -11.64
CA THR B 369 -37.10 28.47 -12.86
C THR B 369 -35.63 28.53 -13.27
N ILE B 370 -34.92 29.61 -12.93
CA ILE B 370 -33.45 29.79 -13.19
C ILE B 370 -32.66 29.22 -12.00
N ALA B 371 -33.05 29.58 -10.77
CA ALA B 371 -32.28 29.34 -9.52
C ALA B 371 -32.18 27.84 -9.21
N VAL B 372 -33.25 27.08 -9.38
CA VAL B 372 -33.31 25.64 -8.97
C VAL B 372 -32.40 24.81 -9.86
N PRO B 373 -32.49 24.88 -11.20
CA PRO B 373 -31.52 24.20 -12.08
C PRO B 373 -30.05 24.51 -11.76
N VAL B 374 -29.73 25.78 -11.49
CA VAL B 374 -28.35 26.26 -11.16
C VAL B 374 -27.84 25.49 -9.94
N VAL B 375 -28.70 25.31 -8.93
CA VAL B 375 -28.38 24.57 -7.66
C VAL B 375 -28.21 23.08 -7.97
N LEU B 376 -29.15 22.49 -8.72
CA LEU B 376 -29.13 21.06 -9.09
C LEU B 376 -27.86 20.73 -9.88
N LEU B 377 -27.51 21.57 -10.88
CA LEU B 377 -26.27 21.42 -11.69
C LEU B 377 -25.05 21.55 -10.78
N GLY B 378 -24.99 22.61 -9.98
CA GLY B 378 -23.92 22.84 -8.97
C GLY B 378 -23.73 21.63 -8.07
N THR B 379 -24.83 20.97 -7.69
CA THR B 379 -24.83 19.79 -6.78
C THR B 379 -24.07 18.63 -7.44
N PHE B 380 -24.28 18.42 -8.74
CA PHE B 380 -23.60 17.36 -9.54
C PHE B 380 -22.08 17.63 -9.55
N ALA B 381 -21.69 18.90 -9.70
CA ALA B 381 -20.27 19.34 -9.73
C ALA B 381 -19.58 19.02 -8.41
N VAL B 382 -20.30 19.17 -7.29
CA VAL B 382 -19.78 18.90 -5.91
C VAL B 382 -19.73 17.38 -5.68
N LEU B 383 -20.76 16.64 -6.12
CA LEU B 383 -20.80 15.15 -6.04
C LEU B 383 -19.55 14.60 -6.74
N ALA B 384 -19.30 15.05 -7.97
CA ALA B 384 -18.12 14.70 -8.80
C ALA B 384 -16.83 14.96 -8.00
N ALA B 385 -16.73 16.12 -7.35
CA ALA B 385 -15.57 16.56 -6.54
C ALA B 385 -15.32 15.57 -5.39
N PHE B 386 -16.39 15.03 -4.79
CA PHE B 386 -16.34 14.05 -3.67
C PHE B 386 -16.16 12.62 -4.20
N GLY B 387 -16.16 12.44 -5.53
CA GLY B 387 -15.95 11.15 -6.19
C GLY B 387 -17.16 10.24 -6.09
N PHE B 388 -18.36 10.83 -6.01
CA PHE B 388 -19.66 10.10 -5.93
C PHE B 388 -20.11 9.76 -7.35
N SER B 389 -21.00 8.77 -7.46
CA SER B 389 -21.64 8.34 -8.74
C SER B 389 -23.11 8.78 -8.74
N ILE B 390 -23.68 8.93 -9.93
CA ILE B 390 -25.17 9.01 -10.13
C ILE B 390 -25.69 7.60 -9.88
N ASN B 391 -26.28 7.36 -8.71
CA ASN B 391 -26.82 6.04 -8.29
C ASN B 391 -28.21 6.26 -7.68
N THR B 392 -28.89 5.16 -7.31
CA THR B 392 -30.26 5.16 -6.74
C THR B 392 -30.29 6.05 -5.49
N LEU B 393 -29.26 5.98 -4.64
CA LEU B 393 -29.20 6.69 -3.33
C LEU B 393 -28.97 8.18 -3.55
N THR B 394 -28.03 8.55 -4.42
CA THR B 394 -27.65 9.96 -4.72
C THR B 394 -28.78 10.64 -5.51
N MET B 395 -29.48 9.89 -6.37
CA MET B 395 -30.59 10.42 -7.22
C MET B 395 -31.81 10.72 -6.33
N PHE B 396 -32.19 9.80 -5.45
CA PHE B 396 -33.37 9.95 -4.54
C PHE B 396 -33.02 10.93 -3.41
N GLY B 397 -31.73 11.11 -3.11
CA GLY B 397 -31.23 12.14 -2.18
C GLY B 397 -31.56 13.54 -2.66
N MET B 398 -31.44 13.78 -3.97
CA MET B 398 -31.76 15.09 -4.62
C MET B 398 -33.28 15.29 -4.61
N VAL B 399 -34.06 14.23 -4.83
CA VAL B 399 -35.55 14.26 -4.82
C VAL B 399 -36.01 14.68 -3.42
N LEU B 400 -35.40 14.12 -2.37
CA LEU B 400 -35.75 14.40 -0.95
C LEU B 400 -35.39 15.84 -0.58
N ALA B 401 -34.48 16.48 -1.34
CA ALA B 401 -34.00 17.87 -1.10
C ALA B 401 -34.80 18.88 -1.93
N ILE B 402 -35.68 18.42 -2.83
CA ILE B 402 -36.48 19.29 -3.75
C ILE B 402 -37.20 20.36 -2.91
N GLY B 403 -37.88 19.93 -1.84
CA GLY B 403 -38.64 20.82 -0.93
C GLY B 403 -37.80 21.96 -0.40
N LEU B 404 -36.55 21.67 -0.01
CA LEU B 404 -35.61 22.66 0.58
C LEU B 404 -35.13 23.64 -0.49
N LEU B 405 -34.85 23.15 -1.71
CA LEU B 405 -34.34 23.96 -2.85
C LEU B 405 -35.46 24.91 -3.34
N VAL B 406 -36.66 24.37 -3.50
CA VAL B 406 -37.89 25.10 -3.96
C VAL B 406 -38.19 26.23 -2.97
N ASP B 407 -38.08 25.96 -1.66
CA ASP B 407 -38.42 26.92 -0.58
C ASP B 407 -37.48 28.13 -0.63
N ASP B 408 -36.17 27.90 -0.76
CA ASP B 408 -35.14 28.97 -0.81
C ASP B 408 -35.51 29.97 -1.93
N ALA B 409 -35.93 29.45 -3.09
CA ALA B 409 -36.33 30.25 -4.27
C ALA B 409 -37.62 31.04 -3.96
N ILE B 410 -38.65 30.35 -3.48
CA ILE B 410 -40.00 30.92 -3.19
C ILE B 410 -39.87 31.98 -2.09
N VAL B 411 -39.15 31.67 -1.00
CA VAL B 411 -38.99 32.54 0.20
C VAL B 411 -38.46 33.91 -0.23
N VAL B 412 -37.41 33.94 -1.04
CA VAL B 412 -36.68 35.19 -1.44
C VAL B 412 -37.59 36.05 -2.32
N VAL B 413 -38.26 35.44 -3.31
CA VAL B 413 -39.08 36.17 -4.33
C VAL B 413 -40.35 36.70 -3.67
N GLU B 414 -41.07 35.82 -2.95
CA GLU B 414 -42.36 36.13 -2.28
C GLU B 414 -42.18 37.32 -1.32
N ASN B 415 -41.08 37.34 -0.56
CA ASN B 415 -40.81 38.37 0.48
C ASN B 415 -40.55 39.72 -0.19
N VAL B 416 -39.94 39.73 -1.38
CA VAL B 416 -39.72 40.96 -2.21
C VAL B 416 -41.09 41.46 -2.68
N GLU B 417 -41.94 40.55 -3.17
CA GLU B 417 -43.30 40.87 -3.71
C GLU B 417 -44.18 41.47 -2.61
N ARG B 418 -44.03 40.99 -1.37
CA ARG B 418 -44.79 41.47 -0.19
C ARG B 418 -44.32 42.87 0.19
N VAL B 419 -43.01 43.05 0.41
CA VAL B 419 -42.38 44.34 0.82
C VAL B 419 -42.81 45.44 -0.15
N MET B 420 -42.86 45.15 -1.46
CA MET B 420 -43.28 46.13 -2.50
C MET B 420 -44.76 46.47 -2.33
N ALA B 421 -45.61 45.46 -2.09
CA ALA B 421 -47.08 45.61 -1.96
C ALA B 421 -47.44 46.38 -0.69
N GLU B 422 -46.65 46.22 0.39
CA GLU B 422 -46.99 46.74 1.74
C GLU B 422 -46.39 48.14 1.96
N GLU B 423 -45.26 48.45 1.30
CA GLU B 423 -44.48 49.69 1.54
C GLU B 423 -44.38 50.55 0.27
N GLY B 424 -44.53 49.95 -0.93
CA GLY B 424 -44.56 50.67 -2.21
C GLY B 424 -43.18 50.90 -2.79
N LEU B 425 -42.13 50.35 -2.17
CA LEU B 425 -40.71 50.52 -2.58
C LEU B 425 -40.51 49.96 -4.00
N PRO B 426 -39.65 50.58 -4.84
CA PRO B 426 -39.29 50.00 -6.13
C PRO B 426 -38.50 48.70 -5.99
N PRO B 427 -38.49 47.83 -7.02
CA PRO B 427 -37.87 46.50 -6.93
C PRO B 427 -36.49 46.45 -6.25
N LYS B 428 -35.57 47.33 -6.65
CA LYS B 428 -34.16 47.36 -6.16
C LYS B 428 -34.14 47.65 -4.66
N GLU B 429 -34.81 48.72 -4.23
CA GLU B 429 -34.88 49.15 -2.81
C GLU B 429 -35.63 48.08 -1.98
N ALA B 430 -36.67 47.48 -2.57
CA ALA B 430 -37.52 46.44 -1.94
C ALA B 430 -36.69 45.17 -1.71
N THR B 431 -35.86 44.78 -2.68
CA THR B 431 -34.98 43.59 -2.63
C THR B 431 -33.92 43.78 -1.53
N ARG B 432 -33.34 44.98 -1.43
CA ARG B 432 -32.34 45.32 -0.39
C ARG B 432 -32.94 45.09 1.00
N LYS B 433 -34.12 45.68 1.24
CA LYS B 433 -34.83 45.62 2.55
C LYS B 433 -35.29 44.18 2.82
N SER B 434 -35.90 43.53 1.82
CA SER B 434 -36.42 42.14 1.89
C SER B 434 -35.29 41.17 2.29
N MET B 435 -34.14 41.25 1.61
CA MET B 435 -32.94 40.43 1.93
C MET B 435 -32.45 40.78 3.34
N GLY B 436 -32.49 42.06 3.70
CA GLY B 436 -32.15 42.55 5.06
C GLY B 436 -32.93 41.82 6.14
N GLN B 437 -34.17 41.43 5.85
CA GLN B 437 -35.09 40.75 6.79
C GLN B 437 -34.75 39.25 6.91
N ILE B 438 -34.23 38.62 5.85
CA ILE B 438 -34.13 37.12 5.76
C ILE B 438 -32.67 36.65 5.68
N GLN B 439 -31.71 37.49 5.31
CA GLN B 439 -30.33 37.06 4.96
C GLN B 439 -29.65 36.41 6.18
N GLY B 440 -29.83 36.99 7.37
CA GLY B 440 -29.31 36.43 8.64
C GLY B 440 -29.91 35.06 8.94
N ALA B 441 -31.20 34.89 8.66
CA ALA B 441 -31.97 33.64 8.90
C ALA B 441 -31.49 32.54 7.93
N LEU B 442 -31.30 32.89 6.65
CA LEU B 442 -30.86 31.94 5.58
C LEU B 442 -29.53 31.30 5.97
N VAL B 443 -28.59 32.09 6.51
CA VAL B 443 -27.27 31.62 7.01
C VAL B 443 -27.48 30.73 8.23
N GLY B 444 -28.31 31.18 9.19
CA GLY B 444 -28.71 30.40 10.37
C GLY B 444 -29.28 29.05 9.98
N ILE B 445 -30.19 29.02 8.99
CA ILE B 445 -30.84 27.80 8.46
C ILE B 445 -29.76 26.86 7.90
N ALA B 446 -28.84 27.39 7.10
CA ALA B 446 -27.72 26.63 6.47
C ALA B 446 -26.94 25.87 7.54
N MET B 447 -26.60 26.55 8.65
CA MET B 447 -25.81 25.97 9.78
C MET B 447 -26.65 24.91 10.50
N VAL B 448 -27.92 25.19 10.77
CA VAL B 448 -28.89 24.27 11.45
C VAL B 448 -29.01 22.98 10.63
N LEU B 449 -29.25 23.09 9.32
CA LEU B 449 -29.46 21.93 8.42
C LEU B 449 -28.15 21.15 8.26
N SER B 450 -27.00 21.83 8.27
CA SER B 450 -25.66 21.20 8.34
C SER B 450 -25.56 20.36 9.61
N ALA B 451 -25.92 20.94 10.76
CA ALA B 451 -25.95 20.27 12.09
C ALA B 451 -26.84 19.02 12.03
N VAL B 452 -27.92 19.06 11.26
CA VAL B 452 -28.92 17.95 11.13
C VAL B 452 -28.31 16.82 10.29
N PHE B 453 -27.79 17.14 9.10
CA PHE B 453 -27.48 16.17 8.01
C PHE B 453 -26.03 15.69 8.08
N VAL B 454 -25.07 16.56 8.45
CA VAL B 454 -23.61 16.25 8.38
C VAL B 454 -23.29 15.06 9.30
N PRO B 455 -23.80 14.98 10.55
CA PRO B 455 -23.52 13.85 11.43
C PRO B 455 -24.01 12.49 10.90
N MET B 456 -25.00 12.50 10.02
CA MET B 456 -25.57 11.28 9.35
C MET B 456 -24.49 10.59 8.50
N ALA B 457 -23.42 11.30 8.13
CA ALA B 457 -22.33 10.82 7.25
C ALA B 457 -21.29 10.02 8.04
N PHE B 458 -21.36 10.01 9.38
CA PHE B 458 -20.30 9.48 10.28
C PHE B 458 -20.76 8.20 10.99
N PHE B 459 -21.86 7.60 10.55
CA PHE B 459 -22.24 6.20 10.91
C PHE B 459 -21.25 5.26 10.22
N GLY B 460 -20.77 4.24 10.94
CA GLY B 460 -19.81 3.24 10.41
C GLY B 460 -20.52 2.10 9.72
N GLY B 461 -19.75 1.21 9.07
CA GLY B 461 -20.24 -0.02 8.43
C GLY B 461 -21.06 0.25 7.18
N SER B 462 -21.87 -0.73 6.76
CA SER B 462 -22.63 -0.74 5.49
C SER B 462 -23.71 0.35 5.50
N THR B 463 -24.49 0.42 6.57
CA THR B 463 -25.61 1.38 6.74
C THR B 463 -25.05 2.82 6.77
N GLY B 464 -23.87 3.00 7.35
CA GLY B 464 -23.14 4.28 7.37
C GLY B 464 -22.82 4.78 5.97
N ALA B 465 -22.31 3.90 5.11
CA ALA B 465 -21.93 4.19 3.71
C ALA B 465 -23.17 4.58 2.90
N ILE B 466 -24.33 4.00 3.21
CA ILE B 466 -25.64 4.34 2.57
C ILE B 466 -26.07 5.75 3.03
N TYR B 467 -26.09 5.98 4.35
CA TYR B 467 -26.49 7.28 4.96
C TYR B 467 -25.55 8.39 4.46
N ARG B 468 -24.28 8.05 4.23
CA ARG B 468 -23.22 8.98 3.74
C ARG B 468 -23.60 9.51 2.34
N GLN B 469 -24.16 8.65 1.49
CA GLN B 469 -24.59 9.01 0.10
C GLN B 469 -25.63 10.13 0.16
N PHE B 470 -26.66 9.99 1.01
CA PHE B 470 -27.76 10.97 1.19
C PHE B 470 -27.22 12.25 1.84
N SER B 471 -26.44 12.10 2.92
CA SER B 471 -25.88 13.20 3.74
C SER B 471 -25.17 14.24 2.85
N ILE B 472 -24.16 13.80 2.09
CA ILE B 472 -23.31 14.69 1.25
C ILE B 472 -24.17 15.30 0.14
N THR B 473 -25.02 14.49 -0.52
CA THR B 473 -25.94 14.92 -1.59
C THR B 473 -26.83 16.07 -1.08
N ILE B 474 -27.48 15.86 0.07
CA ILE B 474 -28.50 16.79 0.64
C ILE B 474 -27.79 18.04 1.18
N VAL B 475 -26.71 17.90 1.95
CA VAL B 475 -25.95 19.03 2.53
C VAL B 475 -25.42 19.91 1.39
N SER B 476 -24.89 19.31 0.32
CA SER B 476 -24.33 20.01 -0.86
C SER B 476 -25.42 20.83 -1.55
N ALA B 477 -26.55 20.19 -1.87
CA ALA B 477 -27.72 20.80 -2.53
C ALA B 477 -28.25 21.96 -1.68
N MET B 478 -28.40 21.72 -0.37
CA MET B 478 -28.84 22.71 0.64
C MET B 478 -27.85 23.89 0.67
N ALA B 479 -26.55 23.60 0.74
CA ALA B 479 -25.46 24.60 0.88
C ALA B 479 -25.42 25.52 -0.35
N LEU B 480 -25.54 24.95 -1.56
CA LEU B 480 -25.57 25.70 -2.84
C LEU B 480 -26.84 26.54 -2.92
N SER B 481 -27.98 25.98 -2.50
CA SER B 481 -29.31 26.64 -2.49
C SER B 481 -29.21 27.98 -1.72
N VAL B 482 -28.48 27.98 -0.61
CA VAL B 482 -28.32 29.16 0.29
C VAL B 482 -27.37 30.18 -0.38
N LEU B 483 -26.28 29.70 -0.99
CA LEU B 483 -25.32 30.56 -1.74
C LEU B 483 -26.06 31.26 -2.90
N VAL B 484 -26.88 30.51 -3.65
CA VAL B 484 -27.70 31.03 -4.79
C VAL B 484 -28.76 32.00 -4.23
N ALA B 485 -29.29 31.72 -3.03
CA ALA B 485 -30.31 32.56 -2.34
C ALA B 485 -29.72 33.91 -1.93
N LEU B 486 -28.41 33.98 -1.69
CA LEU B 486 -27.71 35.20 -1.20
C LEU B 486 -26.98 35.92 -2.33
N ILE B 487 -26.77 35.28 -3.49
CA ILE B 487 -25.96 35.83 -4.62
C ILE B 487 -26.87 36.12 -5.82
N LEU B 488 -27.45 35.06 -6.41
CA LEU B 488 -28.13 35.13 -7.73
C LEU B 488 -29.56 35.67 -7.57
N THR B 489 -30.38 35.03 -6.73
CA THR B 489 -31.84 35.28 -6.61
C THR B 489 -32.10 36.76 -6.28
N PRO B 490 -31.38 37.38 -5.30
CA PRO B 490 -31.54 38.80 -5.02
C PRO B 490 -31.30 39.68 -6.27
N ALA B 491 -30.22 39.39 -7.00
CA ALA B 491 -29.84 40.09 -8.25
C ALA B 491 -30.96 39.97 -9.28
N LEU B 492 -31.52 38.76 -9.43
CA LEU B 492 -32.64 38.49 -10.38
C LEU B 492 -33.88 39.28 -9.97
N CYS B 493 -34.23 39.27 -8.67
CA CYS B 493 -35.38 40.02 -8.09
C CYS B 493 -35.24 41.51 -8.41
N ALA B 494 -34.05 42.09 -8.15
CA ALA B 494 -33.76 43.54 -8.27
C ALA B 494 -33.92 44.00 -9.73
N THR B 495 -33.63 43.12 -10.71
CA THR B 495 -33.49 43.48 -12.14
C THR B 495 -34.67 42.98 -12.98
N MET B 496 -35.46 42.02 -12.49
CA MET B 496 -36.50 41.32 -13.31
C MET B 496 -37.92 41.65 -12.85
N LEU B 497 -38.15 41.84 -11.54
CA LEU B 497 -39.51 42.05 -10.97
C LEU B 497 -39.99 43.47 -11.29
N LYS B 498 -41.28 43.62 -11.63
CA LYS B 498 -41.97 44.92 -11.86
C LYS B 498 -42.42 45.49 -10.51
N PRO B 499 -42.55 46.83 -10.37
CA PRO B 499 -43.04 47.44 -9.14
C PRO B 499 -44.50 47.06 -8.84
N ILE B 500 -44.89 47.14 -7.57
CA ILE B 500 -46.30 46.99 -7.08
C ILE B 500 -46.62 48.21 -6.21
N ALA B 501 -47.65 48.98 -6.60
CA ALA B 501 -48.13 50.18 -5.89
C ALA B 501 -48.57 49.78 -4.47
N LYS B 502 -48.18 50.58 -3.46
CA LYS B 502 -48.51 50.36 -2.03
C LYS B 502 -50.02 50.13 -1.87
N GLY B 503 -50.41 48.99 -1.29
CA GLY B 503 -51.81 48.63 -1.00
C GLY B 503 -52.40 47.67 -2.01
N ASP B 504 -51.78 47.51 -3.18
CA ASP B 504 -52.26 46.66 -4.30
C ASP B 504 -52.02 45.18 -3.95
N HIS B 505 -53.07 44.47 -3.53
CA HIS B 505 -53.06 43.00 -3.24
C HIS B 505 -53.91 42.27 -4.29
N GLY B 506 -54.21 42.93 -5.41
CA GLY B 506 -54.91 42.35 -6.58
C GLY B 506 -56.37 42.02 -6.29
N GLU B 507 -56.96 42.64 -5.26
CA GLU B 507 -58.40 42.45 -4.90
C GLU B 507 -59.28 43.18 -5.92
N GLY B 508 -58.74 44.24 -6.55
CA GLY B 508 -59.45 45.07 -7.54
C GLY B 508 -59.47 44.44 -8.93
N LYS B 509 -58.73 43.37 -9.16
CA LYS B 509 -58.68 42.62 -10.44
C LYS B 509 -60.04 41.95 -10.70
N LYS B 510 -60.28 41.54 -11.94
CA LYS B 510 -61.50 40.82 -12.39
C LYS B 510 -61.14 39.36 -12.68
N GLY B 511 -62.14 38.48 -12.77
CA GLY B 511 -61.98 37.06 -13.14
C GLY B 511 -61.50 36.22 -11.96
N PHE B 512 -60.78 35.13 -12.26
CA PHE B 512 -60.30 34.10 -11.29
C PHE B 512 -59.30 34.73 -10.31
N PHE B 513 -58.34 35.50 -10.83
CA PHE B 513 -57.20 36.05 -10.06
C PHE B 513 -57.70 37.17 -9.12
N GLY B 514 -58.76 37.88 -9.52
CA GLY B 514 -59.46 38.86 -8.67
C GLY B 514 -60.18 38.17 -7.53
N TRP B 515 -60.95 37.12 -7.84
CA TRP B 515 -61.69 36.27 -6.87
C TRP B 515 -60.70 35.63 -5.88
N PHE B 516 -59.63 35.02 -6.39
CA PHE B 516 -58.61 34.28 -5.60
C PHE B 516 -57.98 35.21 -4.56
N ASN B 517 -57.51 36.39 -4.99
CA ASN B 517 -56.85 37.40 -4.14
C ASN B 517 -57.80 37.83 -3.02
N ARG B 518 -59.08 38.03 -3.35
CA ARG B 518 -60.15 38.42 -2.40
C ARG B 518 -60.35 37.27 -1.39
N MET B 519 -60.47 36.04 -1.90
CA MET B 519 -60.65 34.80 -1.08
C MET B 519 -59.45 34.63 -0.13
N PHE B 520 -58.23 34.74 -0.64
CA PHE B 520 -56.98 34.43 0.11
C PHE B 520 -56.68 35.55 1.13
N GLU B 521 -57.02 36.80 0.81
CA GLU B 521 -56.92 37.94 1.76
C GLU B 521 -57.92 37.73 2.90
N LYS B 522 -59.13 37.29 2.57
CA LYS B 522 -60.22 36.97 3.54
C LYS B 522 -59.80 35.76 4.40
N SER B 523 -59.17 34.76 3.78
CA SER B 523 -58.68 33.52 4.43
C SER B 523 -57.52 33.83 5.39
N THR B 524 -56.71 34.85 5.08
CA THR B 524 -55.54 35.30 5.90
C THR B 524 -56.04 35.96 7.19
N HIS B 525 -57.18 36.66 7.14
CA HIS B 525 -57.84 37.31 8.30
C HIS B 525 -58.47 36.24 9.21
N HIS B 526 -59.09 35.21 8.61
CA HIS B 526 -59.64 34.03 9.32
C HIS B 526 -58.50 33.30 10.05
N TYR B 527 -57.31 33.24 9.44
CA TYR B 527 -56.10 32.58 10.01
C TYR B 527 -55.61 33.37 11.23
N THR B 528 -55.45 34.69 11.10
CA THR B 528 -54.92 35.59 12.16
C THR B 528 -55.91 35.66 13.34
N ASP B 529 -57.21 35.55 13.06
CA ASP B 529 -58.27 35.47 14.10
C ASP B 529 -58.13 34.16 14.89
N SER B 530 -57.94 33.04 14.19
CA SER B 530 -57.77 31.68 14.76
C SER B 530 -56.55 31.66 15.69
N VAL B 531 -55.41 32.18 15.24
CA VAL B 531 -54.16 32.26 16.04
C VAL B 531 -54.41 33.17 17.25
N GLY B 532 -55.12 34.30 17.04
CA GLY B 532 -55.58 35.18 18.11
C GLY B 532 -56.30 34.40 19.22
N GLY B 533 -57.26 33.56 18.83
CA GLY B 533 -58.05 32.70 19.73
C GLY B 533 -57.20 31.62 20.37
N ILE B 534 -56.33 30.96 19.59
CA ILE B 534 -55.36 29.92 20.06
C ILE B 534 -54.46 30.54 21.13
N LEU B 535 -53.97 31.76 20.90
CA LEU B 535 -52.99 32.45 21.77
C LEU B 535 -53.65 32.97 23.06
N ARG B 536 -54.99 33.05 23.09
CA ARG B 536 -55.76 33.42 24.30
C ARG B 536 -55.87 32.20 25.23
N SER B 537 -55.81 30.98 24.69
CA SER B 537 -55.98 29.70 25.43
C SER B 537 -54.88 28.70 25.03
N THR B 538 -53.63 28.99 25.37
CA THR B 538 -52.42 28.22 24.96
C THR B 538 -52.31 26.92 25.75
N GLY B 539 -52.99 26.82 26.90
CA GLY B 539 -52.93 25.68 27.84
C GLY B 539 -53.29 24.36 27.18
N ARG B 540 -54.43 24.29 26.49
CA ARG B 540 -55.00 23.03 25.93
C ARG B 540 -54.19 22.58 24.70
N TYR B 541 -53.40 23.47 24.10
CA TYR B 541 -52.57 23.19 22.89
C TYR B 541 -51.25 22.54 23.33
N LEU B 542 -50.69 22.95 24.47
CA LEU B 542 -49.54 22.26 25.12
C LEU B 542 -49.97 20.82 25.49
N VAL B 543 -51.24 20.62 25.81
CA VAL B 543 -51.84 19.28 26.09
C VAL B 543 -51.96 18.50 24.77
N LEU B 544 -52.45 19.15 23.71
CA LEU B 544 -52.59 18.54 22.36
C LEU B 544 -51.21 18.18 21.80
N TYR B 545 -50.19 18.99 22.10
CA TYR B 545 -48.78 18.78 21.68
C TYR B 545 -48.26 17.47 22.27
N LEU B 546 -48.45 17.26 23.58
CA LEU B 546 -47.98 16.06 24.31
C LEU B 546 -48.74 14.82 23.83
N ILE B 547 -50.01 14.96 23.45
CA ILE B 547 -50.82 13.86 22.81
C ILE B 547 -50.16 13.48 21.48
N ILE B 548 -49.70 14.47 20.70
CA ILE B 548 -48.98 14.28 19.42
C ILE B 548 -47.64 13.59 19.70
N VAL B 549 -46.87 14.09 20.67
CA VAL B 549 -45.52 13.56 21.06
C VAL B 549 -45.65 12.10 21.49
N VAL B 550 -46.70 11.75 22.25
CA VAL B 550 -46.96 10.38 22.77
C VAL B 550 -47.44 9.49 21.60
N GLY B 551 -48.33 10.01 20.76
CA GLY B 551 -48.81 9.34 19.54
C GLY B 551 -47.67 9.02 18.58
N MET B 552 -46.73 9.97 18.44
CA MET B 552 -45.49 9.82 17.63
C MET B 552 -44.66 8.66 18.18
N ALA B 553 -44.30 8.73 19.47
CA ALA B 553 -43.49 7.72 20.19
C ALA B 553 -44.12 6.34 20.04
N TYR B 554 -45.45 6.25 20.18
CA TYR B 554 -46.24 5.00 20.07
C TYR B 554 -46.13 4.44 18.64
N LEU B 555 -46.39 5.27 17.64
CA LEU B 555 -46.38 4.88 16.20
C LEU B 555 -44.96 4.48 15.78
N PHE B 556 -43.92 5.10 16.37
CA PHE B 556 -42.49 4.81 16.09
C PHE B 556 -42.17 3.35 16.45
N VAL B 557 -42.61 2.91 17.62
CA VAL B 557 -42.28 1.57 18.20
C VAL B 557 -43.04 0.48 17.41
N ARG B 558 -44.23 0.80 16.90
CA ARG B 558 -45.12 -0.16 16.18
C ARG B 558 -44.66 -0.35 14.73
N LEU B 559 -43.96 0.64 14.16
CA LEU B 559 -43.56 0.64 12.72
C LEU B 559 -42.42 -0.35 12.51
N PRO B 560 -42.63 -1.47 11.78
CA PRO B 560 -41.55 -2.43 11.51
C PRO B 560 -40.35 -1.78 10.83
N SER B 561 -39.14 -2.17 11.24
CA SER B 561 -37.85 -1.65 10.71
C SER B 561 -37.42 -2.49 9.50
N SER B 562 -36.81 -1.85 8.49
CA SER B 562 -36.20 -2.50 7.30
C SER B 562 -35.09 -1.59 6.75
N PHE B 563 -34.45 -1.99 5.64
CA PHE B 563 -33.30 -1.28 5.03
C PHE B 563 -33.74 -0.58 3.73
N LEU B 564 -33.94 -1.36 2.66
CA LEU B 564 -34.32 -0.86 1.31
C LEU B 564 -35.51 -1.66 0.80
N PRO B 565 -36.57 -1.02 0.26
CA PRO B 565 -37.74 -1.73 -0.24
C PRO B 565 -37.38 -2.74 -1.33
N ASP B 566 -38.04 -3.92 -1.31
CA ASP B 566 -38.01 -4.89 -2.43
C ASP B 566 -38.61 -4.23 -3.68
N GLU B 567 -38.11 -4.59 -4.86
CA GLU B 567 -38.53 -4.02 -6.17
C GLU B 567 -38.91 -5.17 -7.11
N ASP B 568 -39.78 -4.89 -8.07
CA ASP B 568 -39.99 -5.73 -9.27
C ASP B 568 -38.86 -5.40 -10.25
N GLN B 569 -37.82 -6.25 -10.30
CA GLN B 569 -36.65 -6.10 -11.19
C GLN B 569 -36.80 -7.04 -12.40
N GLY B 570 -38.00 -7.61 -12.59
CA GLY B 570 -38.34 -8.52 -13.68
C GLY B 570 -37.65 -9.87 -13.53
N VAL B 571 -37.13 -10.18 -12.34
CA VAL B 571 -36.39 -11.44 -12.03
C VAL B 571 -36.66 -11.82 -10.57
N PHE B 572 -36.57 -13.11 -10.25
CA PHE B 572 -36.60 -13.65 -8.87
C PHE B 572 -35.96 -15.04 -8.86
N MET B 573 -35.81 -15.63 -7.68
CA MET B 573 -35.07 -16.90 -7.46
C MET B 573 -36.01 -17.97 -6.89
N THR B 574 -35.84 -19.22 -7.32
CA THR B 574 -36.48 -20.43 -6.74
C THR B 574 -35.38 -21.35 -6.19
N MET B 575 -35.43 -21.65 -4.89
CA MET B 575 -34.48 -22.57 -4.20
C MET B 575 -35.04 -23.99 -4.26
N VAL B 576 -34.20 -24.96 -4.65
CA VAL B 576 -34.53 -26.41 -4.68
C VAL B 576 -33.56 -27.14 -3.75
N GLN B 577 -34.07 -27.65 -2.62
CA GLN B 577 -33.29 -28.37 -1.57
C GLN B 577 -33.91 -29.75 -1.38
N LEU B 578 -33.21 -30.82 -1.76
CA LEU B 578 -33.63 -32.23 -1.55
C LEU B 578 -32.99 -32.74 -0.25
N PRO B 579 -33.44 -33.91 0.28
CA PRO B 579 -32.81 -34.50 1.47
C PRO B 579 -31.32 -34.80 1.22
N ALA B 580 -30.52 -34.75 2.28
CA ALA B 580 -29.05 -34.99 2.25
C ALA B 580 -28.78 -36.37 1.65
N GLY B 581 -27.80 -36.45 0.73
CA GLY B 581 -27.38 -37.70 0.06
C GLY B 581 -28.13 -37.96 -1.23
N ALA B 582 -29.07 -37.07 -1.60
CA ALA B 582 -29.88 -37.17 -2.84
C ALA B 582 -29.00 -36.85 -4.04
N THR B 583 -29.19 -37.56 -5.15
CA THR B 583 -28.30 -37.56 -6.34
C THR B 583 -28.71 -36.43 -7.30
N GLN B 584 -27.82 -36.13 -8.25
CA GLN B 584 -27.96 -35.04 -9.27
C GLN B 584 -29.25 -35.26 -10.09
N GLU B 585 -29.56 -36.51 -10.42
CA GLU B 585 -30.72 -36.90 -11.28
C GLU B 585 -32.04 -36.63 -10.53
N ARG B 586 -32.08 -36.88 -9.22
CA ARG B 586 -33.26 -36.61 -8.36
C ARG B 586 -33.52 -35.09 -8.31
N THR B 587 -32.47 -34.29 -8.13
CA THR B 587 -32.52 -32.81 -8.11
C THR B 587 -32.97 -32.29 -9.48
N GLN B 588 -32.54 -32.94 -10.56
CA GLN B 588 -32.88 -32.58 -11.96
C GLN B 588 -34.40 -32.73 -12.18
N LYS B 589 -34.98 -33.83 -11.69
CA LYS B 589 -36.43 -34.15 -11.84
C LYS B 589 -37.28 -33.05 -11.17
N VAL B 590 -36.84 -32.54 -10.02
CA VAL B 590 -37.55 -31.46 -9.27
C VAL B 590 -37.44 -30.14 -10.06
N LEU B 591 -36.26 -29.83 -10.59
CA LEU B 591 -36.00 -28.59 -11.38
C LEU B 591 -36.83 -28.62 -12.68
N ASN B 592 -36.96 -29.79 -13.31
CA ASN B 592 -37.80 -30.00 -14.52
C ASN B 592 -39.27 -29.69 -14.19
N GLU B 593 -39.71 -30.06 -12.98
CA GLU B 593 -41.09 -29.81 -12.45
C GLU B 593 -41.27 -28.31 -12.20
N VAL B 594 -40.26 -27.66 -11.60
CA VAL B 594 -40.26 -26.20 -11.25
C VAL B 594 -40.26 -25.39 -12.55
N THR B 595 -39.44 -25.74 -13.53
CA THR B 595 -39.36 -25.08 -14.86
C THR B 595 -40.70 -25.21 -15.59
N HIS B 596 -41.30 -26.41 -15.54
CA HIS B 596 -42.58 -26.75 -16.22
C HIS B 596 -43.71 -25.89 -15.63
N TYR B 597 -43.71 -25.66 -14.32
CA TYR B 597 -44.71 -24.81 -13.62
C TYR B 597 -44.67 -23.39 -14.21
N TYR B 598 -43.48 -22.81 -14.34
CA TYR B 598 -43.28 -21.38 -14.71
C TYR B 598 -43.67 -21.15 -16.18
N LEU B 599 -43.39 -22.11 -17.06
CA LEU B 599 -43.65 -22.01 -18.52
C LEU B 599 -45.09 -22.47 -18.84
N THR B 600 -45.81 -23.01 -17.84
CA THR B 600 -47.24 -23.42 -17.95
C THR B 600 -48.11 -22.41 -17.19
N LYS B 601 -48.00 -22.38 -15.85
CA LYS B 601 -48.90 -21.61 -14.94
C LYS B 601 -48.60 -20.11 -15.03
N GLU B 602 -47.42 -19.70 -15.51
CA GLU B 602 -47.00 -18.27 -15.60
C GLU B 602 -46.44 -17.97 -16.99
N LYS B 603 -47.01 -18.59 -18.04
CA LYS B 603 -46.59 -18.37 -19.46
C LYS B 603 -46.80 -16.90 -19.85
N ASN B 604 -47.75 -16.22 -19.22
CA ASN B 604 -48.04 -14.78 -19.43
C ASN B 604 -46.91 -13.91 -18.86
N ASN B 605 -46.33 -14.31 -17.73
CA ASN B 605 -45.39 -13.50 -16.91
C ASN B 605 -43.94 -13.91 -17.17
N VAL B 606 -43.65 -15.21 -17.26
CA VAL B 606 -42.27 -15.77 -17.31
C VAL B 606 -41.75 -15.76 -18.74
N GLU B 607 -40.57 -15.18 -18.96
CA GLU B 607 -39.84 -15.18 -20.25
C GLU B 607 -38.92 -16.42 -20.32
N SER B 608 -38.20 -16.72 -19.23
CA SER B 608 -37.19 -17.80 -19.15
C SER B 608 -37.02 -18.32 -17.72
N VAL B 609 -36.69 -19.61 -17.60
CA VAL B 609 -36.18 -20.26 -16.35
C VAL B 609 -34.74 -20.69 -16.61
N PHE B 610 -33.78 -20.19 -15.84
CA PHE B 610 -32.36 -20.61 -15.85
C PHE B 610 -32.17 -21.61 -14.69
N ALA B 611 -32.19 -22.91 -15.01
CA ALA B 611 -32.08 -24.02 -14.04
C ALA B 611 -30.62 -24.40 -13.87
N VAL B 612 -30.04 -24.09 -12.70
CA VAL B 612 -28.65 -24.46 -12.32
C VAL B 612 -28.75 -25.60 -11.28
N ASN B 613 -28.56 -26.85 -11.73
CA ASN B 613 -28.58 -28.07 -10.89
C ASN B 613 -27.19 -28.24 -10.27
N GLY B 614 -27.14 -28.47 -8.96
CA GLY B 614 -25.89 -28.64 -8.19
C GLY B 614 -25.25 -27.31 -7.81
N PHE B 615 -26.06 -26.28 -7.54
CA PHE B 615 -25.60 -24.98 -7.01
C PHE B 615 -26.49 -24.54 -5.83
N GLY B 616 -25.84 -24.11 -4.74
CA GLY B 616 -26.47 -23.53 -3.54
C GLY B 616 -25.60 -22.41 -2.99
N PHE B 617 -26.11 -21.66 -2.00
CA PHE B 617 -25.44 -20.47 -1.41
C PHE B 617 -24.67 -20.88 -0.16
N ALA B 618 -25.05 -21.99 0.48
CA ALA B 618 -24.40 -22.56 1.68
C ALA B 618 -23.88 -23.97 1.37
N GLY B 619 -23.14 -24.10 0.27
CA GLY B 619 -22.59 -25.38 -0.23
C GLY B 619 -23.36 -25.88 -1.45
N ARG B 620 -22.68 -26.54 -2.37
CA ARG B 620 -23.25 -27.03 -3.66
C ARG B 620 -22.99 -28.54 -3.82
N PRO B 621 -23.61 -29.39 -2.97
CA PRO B 621 -23.61 -30.83 -3.21
C PRO B 621 -24.65 -31.20 -4.29
N GLN B 622 -24.91 -32.49 -4.49
CA GLN B 622 -25.77 -33.01 -5.60
C GLN B 622 -27.26 -32.78 -5.27
N ASN B 623 -27.62 -32.52 -4.01
CA ASN B 623 -29.03 -32.47 -3.54
C ASN B 623 -29.56 -31.03 -3.55
N THR B 624 -28.84 -30.08 -4.16
CA THR B 624 -29.19 -28.64 -4.18
C THR B 624 -29.26 -28.13 -5.62
N GLY B 625 -30.10 -27.12 -5.87
CA GLY B 625 -30.22 -26.43 -7.17
C GLY B 625 -31.00 -25.14 -7.02
N ILE B 626 -30.95 -24.27 -8.02
CA ILE B 626 -31.74 -23.00 -8.08
C ILE B 626 -32.28 -22.81 -9.50
N ALA B 627 -33.49 -22.27 -9.60
CA ALA B 627 -34.13 -21.84 -10.86
C ALA B 627 -34.22 -20.31 -10.87
N PHE B 628 -33.42 -19.65 -11.70
CA PHE B 628 -33.43 -18.18 -11.87
C PHE B 628 -34.49 -17.83 -12.92
N VAL B 629 -35.59 -17.23 -12.48
CA VAL B 629 -36.77 -16.87 -13.33
C VAL B 629 -36.60 -15.43 -13.81
N SER B 630 -36.64 -15.22 -15.13
CA SER B 630 -36.68 -13.89 -15.79
C SER B 630 -38.09 -13.68 -16.33
N LEU B 631 -38.71 -12.55 -16.01
CA LEU B 631 -40.11 -12.21 -16.39
C LEU B 631 -40.12 -11.43 -17.71
N LYS B 632 -41.29 -11.35 -18.36
CA LYS B 632 -41.55 -10.46 -19.53
C LYS B 632 -41.48 -9.01 -19.05
N ASP B 633 -41.40 -8.06 -19.98
CA ASP B 633 -41.25 -6.60 -19.71
C ASP B 633 -42.42 -6.15 -18.81
N TRP B 634 -42.18 -5.13 -17.98
CA TRP B 634 -43.16 -4.54 -17.02
C TRP B 634 -44.48 -4.20 -17.74
N ALA B 635 -44.39 -3.66 -18.96
CA ALA B 635 -45.52 -3.23 -19.80
C ALA B 635 -46.53 -4.37 -19.98
N ASP B 636 -46.06 -5.61 -20.17
CA ASP B 636 -46.87 -6.80 -20.52
C ASP B 636 -47.31 -7.57 -19.25
N ARG B 637 -47.08 -7.00 -18.06
CA ARG B 637 -47.49 -7.59 -16.76
C ARG B 637 -48.28 -6.55 -15.97
N PRO B 638 -49.53 -6.24 -16.39
CA PRO B 638 -50.35 -5.24 -15.70
C PRO B 638 -50.98 -5.79 -14.40
N GLY B 639 -51.03 -4.97 -13.36
CA GLY B 639 -51.70 -5.29 -12.08
C GLY B 639 -50.77 -5.93 -11.07
N GLU B 640 -51.13 -5.82 -9.78
CA GLU B 640 -50.34 -6.33 -8.63
C GLU B 640 -50.23 -7.86 -8.68
N GLU B 641 -51.22 -8.53 -9.29
CA GLU B 641 -51.32 -10.01 -9.38
C GLU B 641 -50.21 -10.58 -10.28
N ASN B 642 -49.69 -9.77 -11.22
CA ASN B 642 -48.69 -10.20 -12.24
C ASN B 642 -47.30 -9.62 -11.93
N LYS B 643 -47.09 -9.11 -10.71
CA LYS B 643 -45.79 -8.58 -10.23
C LYS B 643 -45.05 -9.67 -9.44
N VAL B 644 -43.75 -9.50 -9.23
CA VAL B 644 -42.81 -10.52 -8.66
C VAL B 644 -43.37 -11.06 -7.34
N GLU B 645 -43.87 -10.18 -6.46
CA GLU B 645 -44.31 -10.53 -5.08
C GLU B 645 -45.49 -11.53 -5.13
N ALA B 646 -46.46 -11.30 -6.02
CA ALA B 646 -47.65 -12.15 -6.21
C ALA B 646 -47.23 -13.51 -6.80
N ILE B 647 -46.38 -13.48 -7.83
CA ILE B 647 -45.88 -14.70 -8.55
C ILE B 647 -45.08 -15.55 -7.55
N THR B 648 -44.19 -14.91 -6.79
CA THR B 648 -43.36 -15.52 -5.70
C THR B 648 -44.26 -16.34 -4.77
N MET B 649 -45.29 -15.70 -4.20
CA MET B 649 -46.22 -16.30 -3.19
C MET B 649 -47.00 -17.46 -3.82
N ARG B 650 -47.48 -17.31 -5.05
CA ARG B 650 -48.23 -18.35 -5.81
C ARG B 650 -47.31 -19.56 -6.03
N ALA B 651 -46.09 -19.33 -6.52
CA ALA B 651 -45.06 -20.35 -6.80
C ALA B 651 -44.76 -21.15 -5.53
N THR B 652 -44.48 -20.46 -4.43
CA THR B 652 -44.12 -21.07 -3.11
C THR B 652 -45.25 -21.99 -2.62
N ARG B 653 -46.51 -21.55 -2.77
CA ARG B 653 -47.72 -22.29 -2.30
C ARG B 653 -47.92 -23.55 -3.16
N ALA B 654 -47.70 -23.44 -4.47
CA ALA B 654 -47.82 -24.57 -5.43
C ALA B 654 -46.75 -25.64 -5.10
N PHE B 655 -45.52 -25.20 -4.83
CA PHE B 655 -44.31 -26.08 -4.70
C PHE B 655 -44.26 -26.74 -3.31
N SER B 656 -45.02 -26.24 -2.33
CA SER B 656 -45.11 -26.84 -0.97
C SER B 656 -45.75 -28.23 -1.04
N GLN B 657 -46.45 -28.52 -2.15
CA GLN B 657 -47.03 -29.86 -2.46
C GLN B 657 -45.91 -30.86 -2.75
N ILE B 658 -44.86 -30.42 -3.47
CA ILE B 658 -43.73 -31.28 -3.93
C ILE B 658 -43.19 -32.07 -2.74
N LYS B 659 -43.11 -33.40 -2.87
CA LYS B 659 -42.76 -34.35 -1.79
C LYS B 659 -41.25 -34.60 -1.80
N ASP B 660 -40.65 -34.69 -0.60
CA ASP B 660 -39.19 -34.94 -0.37
C ASP B 660 -38.37 -33.95 -1.21
N ALA B 661 -38.69 -32.66 -1.08
CA ALA B 661 -37.95 -31.53 -1.69
C ALA B 661 -38.51 -30.21 -1.14
N MET B 662 -37.68 -29.46 -0.40
CA MET B 662 -37.99 -28.08 0.05
C MET B 662 -37.77 -27.13 -1.14
N VAL B 663 -38.85 -26.57 -1.67
CA VAL B 663 -38.85 -25.67 -2.87
C VAL B 663 -39.67 -24.42 -2.53
N PHE B 664 -39.09 -23.23 -2.71
CA PHE B 664 -39.75 -21.93 -2.46
C PHE B 664 -39.11 -20.84 -3.33
N ALA B 665 -39.92 -19.89 -3.79
CA ALA B 665 -39.50 -18.71 -4.59
C ALA B 665 -39.38 -17.49 -3.67
N PHE B 666 -38.53 -16.54 -4.04
CA PHE B 666 -38.29 -15.28 -3.27
C PHE B 666 -37.74 -14.20 -4.20
N ASN B 667 -38.15 -12.94 -3.94
CA ASN B 667 -37.63 -11.72 -4.61
C ASN B 667 -36.17 -11.52 -4.18
N LEU B 668 -35.37 -10.86 -5.03
CA LEU B 668 -33.97 -10.50 -4.73
C LEU B 668 -33.96 -9.26 -3.84
N PRO B 669 -32.99 -9.12 -2.91
CA PRO B 669 -32.85 -7.91 -2.11
C PRO B 669 -32.27 -6.76 -2.96
N ALA B 670 -32.55 -5.52 -2.57
CA ALA B 670 -31.98 -4.30 -3.19
C ALA B 670 -30.44 -4.43 -3.23
N ILE B 671 -29.83 -4.64 -2.06
CA ILE B 671 -28.38 -4.89 -1.87
C ILE B 671 -28.22 -6.13 -0.99
N VAL B 672 -27.48 -7.13 -1.46
CA VAL B 672 -27.40 -8.51 -0.87
C VAL B 672 -26.70 -8.46 0.49
N GLU B 673 -25.74 -7.53 0.66
CA GLU B 673 -24.78 -7.51 1.81
C GLU B 673 -25.46 -7.01 3.09
N LEU B 674 -26.57 -6.26 2.98
CA LEU B 674 -27.31 -5.68 4.13
C LEU B 674 -27.99 -6.79 4.95
N GLY B 675 -28.52 -7.82 4.27
CA GLY B 675 -29.23 -8.95 4.88
C GLY B 675 -30.70 -8.65 5.08
N THR B 676 -31.38 -9.46 5.91
CA THR B 676 -32.84 -9.37 6.18
C THR B 676 -33.10 -8.29 7.23
N ALA B 677 -34.34 -7.81 7.30
CA ALA B 677 -34.84 -6.83 8.31
C ALA B 677 -34.84 -7.51 9.69
N THR B 678 -34.03 -6.98 10.61
CA THR B 678 -33.88 -7.46 12.01
C THR B 678 -33.46 -8.94 12.03
N GLY B 679 -32.58 -9.33 11.10
CA GLY B 679 -31.87 -10.63 11.13
C GLY B 679 -30.57 -10.50 11.91
N PHE B 680 -30.03 -11.62 12.38
CA PHE B 680 -28.70 -11.67 13.06
C PHE B 680 -27.86 -12.82 12.46
N ASP B 681 -26.55 -12.73 12.65
CA ASP B 681 -25.54 -13.67 12.10
C ASP B 681 -24.60 -14.09 13.24
N PHE B 682 -24.85 -15.27 13.80
CA PHE B 682 -24.19 -15.81 15.03
C PHE B 682 -23.17 -16.87 14.63
N GLU B 683 -22.01 -16.88 15.30
CA GLU B 683 -20.93 -17.90 15.12
C GLU B 683 -20.74 -18.64 16.44
N LEU B 684 -20.94 -19.97 16.44
CA LEU B 684 -20.60 -20.87 17.56
C LEU B 684 -19.19 -21.42 17.31
N ILE B 685 -18.29 -21.29 18.30
CA ILE B 685 -16.82 -21.49 18.11
C ILE B 685 -16.31 -22.53 19.11
N ASP B 686 -15.54 -23.51 18.61
CA ASP B 686 -14.79 -24.52 19.40
C ASP B 686 -13.48 -23.88 19.87
N GLN B 687 -13.37 -23.58 21.17
CA GLN B 687 -12.28 -22.75 21.76
C GLN B 687 -11.28 -23.63 22.52
N ALA B 688 -11.47 -24.95 22.57
CA ALA B 688 -10.67 -25.87 23.41
C ALA B 688 -10.46 -27.23 22.74
N GLY B 689 -10.41 -27.27 21.40
CA GLY B 689 -10.18 -28.50 20.61
C GLY B 689 -11.16 -29.60 20.97
N LEU B 690 -12.45 -29.27 21.08
CA LEU B 690 -13.55 -30.23 21.37
C LEU B 690 -13.76 -31.17 20.17
N GLY B 691 -13.71 -30.63 18.94
CA GLY B 691 -13.90 -31.38 17.69
C GLY B 691 -15.28 -31.17 17.11
N HIS B 692 -15.52 -31.69 15.89
CA HIS B 692 -16.75 -31.46 15.08
C HIS B 692 -17.99 -31.97 15.84
N GLU B 693 -17.92 -33.18 16.39
CA GLU B 693 -19.09 -33.91 16.97
C GLU B 693 -19.59 -33.18 18.23
N LYS B 694 -18.68 -32.78 19.13
CA LYS B 694 -19.03 -32.09 20.40
C LYS B 694 -19.53 -30.67 20.10
N LEU B 695 -19.05 -30.03 19.04
CA LEU B 695 -19.50 -28.68 18.61
C LEU B 695 -20.91 -28.80 18.00
N THR B 696 -21.19 -29.88 17.28
CA THR B 696 -22.53 -30.20 16.70
C THR B 696 -23.55 -30.31 17.85
N GLN B 697 -23.22 -31.10 18.87
CA GLN B 697 -24.08 -31.34 20.06
C GLN B 697 -24.39 -29.99 20.73
N ALA B 698 -23.37 -29.13 20.88
CA ALA B 698 -23.48 -27.78 21.47
C ALA B 698 -24.39 -26.90 20.59
N ARG B 699 -24.27 -27.02 19.27
CA ARG B 699 -25.11 -26.29 18.28
C ARG B 699 -26.58 -26.68 18.47
N ASN B 700 -26.86 -27.99 18.54
CA ASN B 700 -28.22 -28.56 18.70
C ASN B 700 -28.83 -28.11 20.02
N GLN B 701 -28.03 -28.11 21.10
CA GLN B 701 -28.42 -27.66 22.46
C GLN B 701 -28.87 -26.20 22.41
N LEU B 702 -28.12 -25.35 21.70
CA LEU B 702 -28.43 -23.90 21.53
C LEU B 702 -29.70 -23.74 20.69
N LEU B 703 -29.83 -24.49 19.59
CA LEU B 703 -31.00 -24.47 18.67
C LEU B 703 -32.27 -24.88 19.43
N ALA B 704 -32.19 -25.96 20.22
CA ALA B 704 -33.31 -26.52 21.01
C ALA B 704 -33.85 -25.46 21.98
N GLU B 705 -32.96 -24.71 22.64
CA GLU B 705 -33.29 -23.66 23.63
C GLU B 705 -33.89 -22.44 22.93
N ALA B 706 -33.32 -22.03 21.80
CA ALA B 706 -33.79 -20.89 20.97
C ALA B 706 -35.24 -21.12 20.54
N ALA B 707 -35.61 -22.37 20.26
CA ALA B 707 -36.96 -22.79 19.79
C ALA B 707 -38.00 -22.60 20.90
N LYS B 708 -37.57 -22.57 22.17
CA LYS B 708 -38.45 -22.45 23.36
C LYS B 708 -38.80 -20.97 23.63
N HIS B 709 -38.25 -20.03 22.86
CA HIS B 709 -38.52 -18.58 22.97
C HIS B 709 -39.02 -18.03 21.64
N PRO B 710 -40.15 -18.54 21.08
CA PRO B 710 -40.68 -18.00 19.83
C PRO B 710 -41.18 -16.54 19.96
N ASP B 711 -41.40 -16.09 21.20
CA ASP B 711 -41.80 -14.69 21.54
C ASP B 711 -40.66 -13.72 21.20
N MET B 712 -39.41 -14.19 21.14
CA MET B 712 -38.19 -13.36 20.94
C MET B 712 -37.47 -13.72 19.63
N LEU B 713 -37.27 -15.01 19.36
CA LEU B 713 -36.44 -15.54 18.24
C LEU B 713 -37.32 -16.32 17.26
N THR B 714 -37.07 -16.16 15.95
CA THR B 714 -37.80 -16.83 14.85
C THR B 714 -36.79 -17.39 13.83
N SER B 715 -37.04 -18.60 13.31
CA SER B 715 -36.28 -19.27 12.23
C SER B 715 -34.79 -19.31 12.59
N VAL B 716 -34.45 -19.74 13.81
CA VAL B 716 -33.04 -19.91 14.27
C VAL B 716 -32.55 -21.28 13.80
N ARG B 717 -31.85 -21.29 12.65
CA ARG B 717 -31.36 -22.53 11.98
C ARG B 717 -29.86 -22.40 11.73
N PRO B 718 -29.15 -23.53 11.49
CA PRO B 718 -27.77 -23.47 11.01
C PRO B 718 -27.72 -23.05 9.54
N ASN B 719 -26.64 -22.37 9.14
CA ASN B 719 -26.38 -21.95 7.73
C ASN B 719 -25.71 -23.11 6.98
N GLY B 720 -25.03 -24.00 7.70
CA GLY B 720 -24.17 -25.07 7.13
C GLY B 720 -24.94 -26.31 6.73
N LEU B 721 -24.23 -27.43 6.57
CA LEU B 721 -24.78 -28.76 6.16
C LEU B 721 -24.68 -29.73 7.32
N GLU B 722 -25.57 -30.73 7.36
CA GLU B 722 -25.58 -31.82 8.36
C GLU B 722 -24.61 -32.92 7.90
N ASP B 723 -24.05 -33.68 8.84
CA ASP B 723 -23.18 -34.85 8.57
C ASP B 723 -23.98 -35.85 7.72
N THR B 724 -23.31 -36.57 6.83
CA THR B 724 -23.93 -37.52 5.86
C THR B 724 -23.16 -38.83 5.87
N PRO B 725 -23.78 -39.96 5.44
CA PRO B 725 -23.07 -41.23 5.31
C PRO B 725 -21.87 -41.09 4.36
N GLN B 726 -20.72 -41.64 4.76
CA GLN B 726 -19.49 -41.67 3.91
C GLN B 726 -18.83 -43.06 4.05
N PHE B 727 -18.06 -43.43 3.03
CA PHE B 727 -17.51 -44.79 2.82
C PHE B 727 -16.04 -44.81 3.24
N LYS B 728 -15.79 -45.17 4.51
CA LYS B 728 -14.43 -45.33 5.08
C LYS B 728 -13.83 -46.63 4.54
N ILE B 729 -12.70 -46.54 3.81
CA ILE B 729 -11.92 -47.72 3.36
C ILE B 729 -10.55 -47.67 4.05
N ASP B 730 -10.15 -48.78 4.68
CA ASP B 730 -8.84 -48.95 5.37
C ASP B 730 -7.94 -49.82 4.49
N ILE B 731 -6.79 -49.29 4.08
CA ILE B 731 -5.70 -50.06 3.41
C ILE B 731 -4.94 -50.83 4.50
N ASP B 732 -4.88 -52.16 4.39
CA ASP B 732 -4.05 -53.02 5.27
C ASP B 732 -2.59 -52.91 4.81
N GLN B 733 -1.76 -52.19 5.56
CA GLN B 733 -0.33 -51.91 5.24
C GLN B 733 0.44 -53.24 5.14
N GLU B 734 0.18 -54.17 6.06
CA GLU B 734 0.84 -55.51 6.12
C GLU B 734 0.52 -56.32 4.87
N LYS B 735 -0.76 -56.35 4.46
CA LYS B 735 -1.22 -57.13 3.28
C LYS B 735 -0.59 -56.55 2.01
N ALA B 736 -0.55 -55.21 1.90
CA ALA B 736 0.07 -54.48 0.77
C ALA B 736 1.55 -54.85 0.65
N GLN B 737 2.28 -54.79 1.77
CA GLN B 737 3.74 -55.09 1.84
C GLN B 737 3.98 -56.58 1.56
N ALA B 738 3.11 -57.46 2.05
CA ALA B 738 3.18 -58.93 1.86
C ALA B 738 3.07 -59.28 0.38
N LEU B 739 2.19 -58.61 -0.36
CA LEU B 739 1.93 -58.87 -1.82
C LEU B 739 2.85 -58.02 -2.69
N GLY B 740 3.67 -57.13 -2.09
CA GLY B 740 4.61 -56.25 -2.81
C GLY B 740 3.88 -55.17 -3.60
N VAL B 741 2.85 -54.57 -3.00
CA VAL B 741 2.03 -53.48 -3.57
C VAL B 741 2.36 -52.18 -2.82
N SER B 742 2.89 -51.18 -3.51
CA SER B 742 3.23 -49.85 -2.93
C SER B 742 1.93 -49.10 -2.60
N ILE B 743 1.97 -48.29 -1.53
CA ILE B 743 0.82 -47.48 -1.05
C ILE B 743 0.54 -46.36 -2.05
N ASN B 744 1.60 -45.82 -2.68
CA ASN B 744 1.52 -44.76 -3.72
C ASN B 744 0.65 -45.27 -4.88
N ASP B 745 0.88 -46.50 -5.34
CA ASP B 745 0.13 -47.13 -6.47
C ASP B 745 -1.33 -47.33 -6.06
N ILE B 746 -1.57 -47.76 -4.82
CA ILE B 746 -2.93 -47.98 -4.24
C ILE B 746 -3.67 -46.64 -4.19
N ASN B 747 -3.07 -45.63 -3.57
CA ASN B 747 -3.69 -44.30 -3.31
C ASN B 747 -3.90 -43.55 -4.63
N THR B 748 -3.00 -43.71 -5.61
CA THR B 748 -3.11 -43.08 -6.96
C THR B 748 -4.26 -43.74 -7.72
N THR B 749 -4.29 -45.08 -7.78
CA THR B 749 -5.33 -45.89 -8.48
C THR B 749 -6.71 -45.48 -7.96
N LEU B 750 -6.90 -45.47 -6.64
CA LEU B 750 -8.18 -45.09 -5.98
C LEU B 750 -8.51 -43.63 -6.33
N GLY B 751 -7.58 -42.71 -6.06
CA GLY B 751 -7.75 -41.26 -6.28
C GLY B 751 -8.04 -40.93 -7.72
N ALA B 752 -7.21 -41.40 -8.64
CA ALA B 752 -7.31 -41.16 -10.10
C ALA B 752 -8.67 -41.66 -10.61
N ALA B 753 -9.01 -42.92 -10.33
CA ALA B 753 -10.22 -43.60 -10.83
C ALA B 753 -11.47 -42.91 -10.27
N TRP B 754 -11.61 -42.85 -8.95
CA TRP B 754 -12.86 -42.47 -8.23
C TRP B 754 -12.97 -40.94 -8.07
N GLY B 755 -11.84 -40.25 -7.87
CA GLY B 755 -11.79 -38.80 -7.59
C GLY B 755 -11.45 -37.98 -8.81
N GLY B 756 -10.67 -38.52 -9.74
CA GLY B 756 -10.10 -37.79 -10.88
C GLY B 756 -8.72 -37.25 -10.53
N SER B 757 -7.88 -37.02 -11.55
CA SER B 757 -6.49 -36.54 -11.40
C SER B 757 -6.13 -35.61 -12.57
N TYR B 758 -5.76 -34.37 -12.25
CA TYR B 758 -5.20 -33.36 -13.20
C TYR B 758 -3.74 -33.74 -13.48
N VAL B 759 -3.47 -34.24 -14.69
CA VAL B 759 -2.14 -34.80 -15.09
C VAL B 759 -1.23 -33.65 -15.55
N ASN B 760 -1.61 -32.97 -16.63
CA ASN B 760 -0.82 -31.87 -17.25
C ASN B 760 -1.70 -31.16 -18.30
N ASP B 761 -1.09 -30.24 -19.08
CA ASP B 761 -1.81 -29.39 -20.06
C ASP B 761 -1.51 -29.85 -21.49
N PHE B 762 -2.48 -29.64 -22.38
CA PHE B 762 -2.35 -29.79 -23.86
C PHE B 762 -2.80 -28.45 -24.48
N ILE B 763 -2.70 -28.31 -25.80
CA ILE B 763 -3.01 -27.04 -26.52
C ILE B 763 -4.09 -27.34 -27.57
N ASP B 764 -5.32 -26.88 -27.32
CA ASP B 764 -6.52 -27.10 -28.17
C ASP B 764 -6.78 -25.83 -28.99
N ARG B 765 -6.44 -25.86 -30.28
CA ARG B 765 -6.64 -24.74 -31.23
C ARG B 765 -6.03 -23.46 -30.62
N GLY B 766 -4.77 -23.53 -30.21
CA GLY B 766 -3.96 -22.39 -29.75
C GLY B 766 -4.25 -21.96 -28.33
N ARG B 767 -5.00 -22.74 -27.55
CA ARG B 767 -5.38 -22.43 -26.15
C ARG B 767 -4.96 -23.57 -25.22
N VAL B 768 -4.17 -23.25 -24.19
CA VAL B 768 -3.70 -24.22 -23.16
C VAL B 768 -4.91 -24.66 -22.32
N LYS B 769 -5.11 -25.96 -22.19
CA LYS B 769 -6.26 -26.59 -21.48
C LYS B 769 -5.78 -27.83 -20.73
N LYS B 770 -6.56 -28.29 -19.74
CA LYS B 770 -6.15 -29.31 -18.75
C LYS B 770 -6.46 -30.72 -19.29
N VAL B 771 -5.68 -31.70 -18.83
CA VAL B 771 -5.85 -33.16 -19.10
C VAL B 771 -6.21 -33.82 -17.78
N TYR B 772 -7.41 -34.40 -17.69
CA TYR B 772 -7.91 -35.15 -16.52
C TYR B 772 -8.06 -36.63 -16.88
N VAL B 773 -7.49 -37.52 -16.06
CA VAL B 773 -7.83 -38.98 -16.05
C VAL B 773 -8.85 -39.21 -14.93
N MET B 774 -9.86 -40.03 -15.20
CA MET B 774 -10.91 -40.44 -14.22
C MET B 774 -11.58 -41.70 -14.75
N SER B 775 -12.15 -42.52 -13.87
CA SER B 775 -12.97 -43.70 -14.25
C SER B 775 -14.22 -43.23 -15.00
N GLU B 776 -14.58 -43.94 -16.06
CA GLU B 776 -15.93 -43.86 -16.70
C GLU B 776 -16.96 -44.16 -15.61
N ALA B 777 -18.07 -43.42 -15.59
CA ALA B 777 -19.09 -43.40 -14.52
C ALA B 777 -19.34 -44.83 -13.98
N LYS B 778 -19.65 -45.77 -14.87
CA LYS B 778 -20.24 -47.10 -14.51
C LYS B 778 -19.31 -47.93 -13.61
N TYR B 779 -18.02 -47.58 -13.49
CA TYR B 779 -17.03 -48.34 -12.70
C TYR B 779 -16.67 -47.61 -11.40
N ARG B 780 -17.37 -46.54 -11.03
CA ARG B 780 -17.11 -45.78 -9.78
C ARG B 780 -18.43 -45.30 -9.15
N MET B 781 -19.48 -46.13 -9.17
CA MET B 781 -20.84 -45.76 -8.69
C MET B 781 -21.13 -46.41 -7.34
N LEU B 782 -20.77 -47.69 -7.15
CA LEU B 782 -21.21 -48.50 -5.99
C LEU B 782 -20.02 -49.18 -5.30
N PRO B 783 -20.15 -49.52 -3.99
CA PRO B 783 -19.08 -50.19 -3.24
C PRO B 783 -18.48 -51.44 -3.90
N ASP B 784 -19.29 -52.22 -4.61
CA ASP B 784 -18.86 -53.47 -5.29
C ASP B 784 -17.82 -53.15 -6.37
N ASP B 785 -17.87 -51.95 -6.96
CA ASP B 785 -16.98 -51.51 -8.07
C ASP B 785 -15.54 -51.37 -7.56
N ILE B 786 -15.35 -51.15 -6.26
CA ILE B 786 -14.01 -51.04 -5.60
C ILE B 786 -13.17 -52.28 -5.94
N GLY B 787 -13.79 -53.46 -5.94
CA GLY B 787 -13.13 -54.76 -6.17
C GLY B 787 -12.70 -54.96 -7.62
N ASP B 788 -13.19 -54.15 -8.55
CA ASP B 788 -12.93 -54.29 -10.01
C ASP B 788 -11.67 -53.52 -10.42
N TRP B 789 -11.07 -52.74 -9.51
CA TRP B 789 -9.81 -51.97 -9.73
C TRP B 789 -8.63 -52.78 -9.21
N TYR B 790 -7.65 -53.04 -10.09
CA TYR B 790 -6.45 -53.87 -9.82
C TYR B 790 -5.21 -52.96 -9.78
N VAL B 791 -4.24 -53.34 -8.94
CA VAL B 791 -2.92 -52.65 -8.78
C VAL B 791 -1.83 -53.70 -9.03
N ARG B 792 -0.85 -53.39 -9.89
CA ARG B 792 0.25 -54.33 -10.21
C ARG B 792 1.26 -54.32 -9.06
N ALA B 793 1.62 -55.52 -8.57
CA ALA B 793 2.63 -55.73 -7.52
C ALA B 793 4.02 -55.69 -8.17
N ALA B 794 5.07 -55.66 -7.33
CA ALA B 794 6.49 -55.67 -7.76
C ALA B 794 6.77 -56.88 -8.66
N ASP B 795 6.18 -58.05 -8.34
CA ASP B 795 6.42 -59.34 -9.04
C ASP B 795 5.58 -59.42 -10.33
N GLY B 796 4.72 -58.43 -10.60
CA GLY B 796 4.00 -58.28 -11.87
C GLY B 796 2.58 -58.83 -11.84
N GLN B 797 2.18 -59.48 -10.73
CA GLN B 797 0.80 -60.02 -10.55
C GLN B 797 -0.16 -58.86 -10.28
N MET B 798 -1.36 -58.93 -10.85
CA MET B 798 -2.43 -57.91 -10.66
C MET B 798 -3.25 -58.30 -9.43
N VAL B 799 -3.33 -57.39 -8.45
CA VAL B 799 -3.99 -57.60 -7.12
C VAL B 799 -5.24 -56.74 -7.07
N PRO B 800 -6.44 -57.34 -6.84
CA PRO B 800 -7.67 -56.55 -6.73
C PRO B 800 -7.67 -55.75 -5.41
N PHE B 801 -8.44 -54.67 -5.36
CA PHE B 801 -8.50 -53.72 -4.21
C PHE B 801 -9.06 -54.44 -2.97
N SER B 802 -9.94 -55.41 -3.19
CA SER B 802 -10.59 -56.24 -2.14
C SER B 802 -9.55 -57.00 -1.31
N ALA B 803 -8.42 -57.36 -1.91
CA ALA B 803 -7.38 -58.24 -1.32
C ALA B 803 -6.67 -57.55 -0.14
N PHE B 804 -6.53 -56.22 -0.17
CA PHE B 804 -5.69 -55.45 0.78
C PHE B 804 -6.47 -54.30 1.44
N SER B 805 -7.80 -54.27 1.31
CA SER B 805 -8.66 -53.22 1.91
C SER B 805 -9.84 -53.83 2.68
N SER B 806 -10.40 -53.04 3.59
CA SER B 806 -11.69 -53.29 4.30
C SER B 806 -12.46 -51.97 4.39
N SER B 807 -13.80 -52.01 4.33
CA SER B 807 -14.67 -50.80 4.28
C SER B 807 -15.77 -50.89 5.33
N ARG B 808 -16.33 -49.74 5.72
CA ARG B 808 -17.48 -49.60 6.64
C ARG B 808 -18.14 -48.23 6.43
N TRP B 809 -19.43 -48.12 6.71
CA TRP B 809 -20.19 -46.83 6.69
C TRP B 809 -19.92 -46.07 7.99
N GLU B 810 -19.66 -44.77 7.88
CA GLU B 810 -19.57 -43.83 9.03
C GLU B 810 -20.23 -42.52 8.61
N TYR B 811 -20.43 -41.61 9.57
CA TYR B 811 -20.92 -40.23 9.31
C TYR B 811 -19.74 -39.26 9.40
N GLY B 812 -19.73 -38.26 8.52
CA GLY B 812 -18.78 -37.12 8.54
C GLY B 812 -19.40 -35.88 7.91
N SER B 813 -18.72 -34.75 8.03
CA SER B 813 -19.18 -33.43 7.53
C SER B 813 -18.88 -33.30 6.05
N PRO B 814 -19.87 -32.91 5.20
CA PRO B 814 -19.61 -32.53 3.82
C PRO B 814 -19.24 -31.05 3.67
N ARG B 815 -19.17 -30.30 4.78
CA ARG B 815 -18.81 -28.86 4.80
C ARG B 815 -18.42 -28.44 6.23
N LEU B 816 -17.12 -28.22 6.46
CA LEU B 816 -16.56 -27.79 7.77
C LEU B 816 -16.30 -26.28 7.72
N GLU B 817 -16.79 -25.55 8.71
CA GLU B 817 -16.71 -24.07 8.80
C GLU B 817 -15.67 -23.70 9.86
N ARG B 818 -14.99 -22.57 9.68
CA ARG B 818 -14.01 -22.02 10.65
C ARG B 818 -14.23 -20.50 10.75
N TYR B 819 -14.11 -19.96 11.96
CA TYR B 819 -14.16 -18.50 12.24
C TYR B 819 -12.92 -18.11 13.05
N ASN B 820 -12.14 -17.16 12.52
CA ASN B 820 -10.88 -16.65 13.10
C ASN B 820 -9.99 -17.83 13.49
N GLY B 821 -9.85 -18.81 12.58
CA GLY B 821 -8.87 -19.91 12.68
C GLY B 821 -9.40 -21.12 13.44
N LEU B 822 -10.51 -20.99 14.18
CA LEU B 822 -11.08 -22.06 15.05
C LEU B 822 -12.29 -22.68 14.37
N PRO B 823 -12.56 -23.99 14.59
CA PRO B 823 -13.80 -24.61 14.10
C PRO B 823 -15.01 -23.81 14.57
N SER B 824 -16.00 -23.64 13.69
CA SER B 824 -17.22 -22.81 13.93
C SER B 824 -18.43 -23.45 13.25
N MET B 825 -19.62 -22.98 13.62
CA MET B 825 -20.91 -23.28 12.94
C MET B 825 -21.76 -22.01 12.95
N GLU B 826 -22.04 -21.48 11.76
CA GLU B 826 -22.81 -20.22 11.57
C GLU B 826 -24.30 -20.52 11.83
N ILE B 827 -24.91 -19.75 12.73
CA ILE B 827 -26.36 -19.85 13.07
C ILE B 827 -27.04 -18.53 12.64
N LEU B 828 -28.04 -18.64 11.77
CA LEU B 828 -28.87 -17.49 11.32
C LEU B 828 -30.18 -17.47 12.12
N GLY B 829 -30.83 -16.30 12.17
CA GLY B 829 -32.12 -16.07 12.85
C GLY B 829 -32.51 -14.61 12.77
N GLN B 830 -33.68 -14.27 13.31
CA GLN B 830 -34.22 -12.88 13.31
C GLN B 830 -35.07 -12.67 14.57
N ALA B 831 -35.18 -11.42 15.01
CA ALA B 831 -36.04 -10.98 16.13
C ALA B 831 -37.50 -11.28 15.77
N ALA B 832 -38.31 -11.68 16.76
CA ALA B 832 -39.75 -12.00 16.60
C ALA B 832 -40.50 -10.73 16.24
N PRO B 833 -41.70 -10.83 15.63
CA PRO B 833 -42.49 -9.64 15.28
C PRO B 833 -42.75 -8.77 16.51
N GLY B 834 -42.37 -7.49 16.45
CA GLY B 834 -42.52 -6.50 17.53
C GLY B 834 -41.27 -6.33 18.37
N LYS B 835 -40.31 -7.25 18.25
CA LYS B 835 -39.03 -7.25 19.01
C LYS B 835 -37.90 -6.66 18.15
N SER B 836 -36.91 -6.04 18.79
CA SER B 836 -35.71 -5.44 18.15
C SER B 836 -34.60 -6.50 18.04
N THR B 837 -33.69 -6.33 17.08
CA THR B 837 -32.52 -7.22 16.84
C THR B 837 -31.66 -7.26 18.11
N GLY B 838 -31.49 -6.11 18.77
CA GLY B 838 -30.73 -5.97 20.03
C GLY B 838 -31.21 -6.94 21.09
N GLU B 839 -32.54 -7.03 21.28
CA GLU B 839 -33.18 -7.95 22.25
C GLU B 839 -32.89 -9.41 21.86
N ALA B 840 -33.15 -9.75 20.58
CA ALA B 840 -32.92 -11.08 20.00
C ALA B 840 -31.45 -11.50 20.22
N MET B 841 -30.52 -10.60 19.92
CA MET B 841 -29.05 -10.83 20.09
C MET B 841 -28.72 -11.02 21.59
N GLU B 842 -29.34 -10.22 22.47
CA GLU B 842 -29.10 -10.27 23.94
C GLU B 842 -29.47 -11.66 24.49
N LEU B 843 -30.58 -12.24 24.01
CA LEU B 843 -31.07 -13.57 24.46
C LEU B 843 -30.13 -14.67 23.95
N MET B 844 -29.76 -14.62 22.67
CA MET B 844 -28.83 -15.58 22.02
C MET B 844 -27.52 -15.65 22.82
N GLU B 845 -27.02 -14.51 23.28
CA GLU B 845 -25.83 -14.39 24.16
C GLU B 845 -26.09 -15.11 25.50
N GLN B 846 -27.25 -14.84 26.11
CA GLN B 846 -27.69 -15.45 27.40
C GLN B 846 -27.75 -16.97 27.24
N LEU B 847 -28.42 -17.47 26.19
CA LEU B 847 -28.54 -18.91 25.88
C LEU B 847 -27.15 -19.53 25.66
N ALA B 848 -26.24 -18.79 25.01
CA ALA B 848 -24.89 -19.26 24.60
C ALA B 848 -24.00 -19.49 25.82
N SER B 849 -24.18 -18.71 26.90
CA SER B 849 -23.38 -18.79 28.15
C SER B 849 -23.74 -20.03 28.97
N LYS B 850 -24.73 -20.82 28.53
CA LYS B 850 -25.23 -22.04 29.22
C LYS B 850 -24.76 -23.31 28.49
N LEU B 851 -23.95 -23.18 27.43
CA LEU B 851 -23.48 -24.31 26.59
C LEU B 851 -22.28 -24.97 27.27
N PRO B 852 -21.86 -26.20 26.85
CA PRO B 852 -20.76 -26.91 27.49
C PRO B 852 -19.44 -26.12 27.57
N THR B 853 -18.52 -26.58 28.42
CA THR B 853 -17.16 -26.03 28.60
C THR B 853 -16.42 -25.99 27.26
N GLY B 854 -15.76 -24.88 26.95
CA GLY B 854 -14.89 -24.73 25.76
C GLY B 854 -15.64 -24.30 24.52
N VAL B 855 -16.96 -24.08 24.62
CA VAL B 855 -17.80 -23.57 23.50
C VAL B 855 -18.00 -22.07 23.69
N GLY B 856 -17.40 -21.26 22.82
CA GLY B 856 -17.54 -19.79 22.78
C GLY B 856 -18.43 -19.37 21.62
N TYR B 857 -18.55 -18.06 21.40
CA TYR B 857 -19.40 -17.47 20.33
C TYR B 857 -18.87 -16.09 19.94
N ASP B 858 -19.30 -15.61 18.77
CA ASP B 858 -19.00 -14.24 18.27
C ASP B 858 -20.11 -13.83 17.28
N TRP B 859 -20.22 -12.53 17.04
CA TRP B 859 -21.13 -11.92 16.02
C TRP B 859 -20.31 -11.57 14.77
N THR B 860 -20.89 -11.75 13.58
CA THR B 860 -20.24 -11.51 12.27
C THR B 860 -21.21 -10.79 11.34
N GLY B 861 -20.73 -10.37 10.17
CA GLY B 861 -21.54 -9.71 9.11
C GLY B 861 -22.32 -8.52 9.64
N MET B 862 -23.62 -8.48 9.36
CA MET B 862 -24.55 -7.38 9.74
C MET B 862 -24.59 -7.21 11.27
N SER B 863 -24.46 -8.31 12.03
CA SER B 863 -24.51 -8.31 13.51
C SER B 863 -23.28 -7.62 14.11
N TYR B 864 -22.09 -7.86 13.52
CA TYR B 864 -20.82 -7.20 13.88
C TYR B 864 -20.96 -5.69 13.71
N GLN B 865 -21.51 -5.27 12.56
CA GLN B 865 -21.62 -3.84 12.14
C GLN B 865 -22.71 -3.12 12.94
N GLU B 866 -23.82 -3.80 13.25
CA GLU B 866 -24.94 -3.26 14.07
C GLU B 866 -24.42 -2.91 15.47
N ARG B 867 -23.61 -3.78 16.07
CA ARG B 867 -23.00 -3.58 17.42
C ARG B 867 -22.12 -2.32 17.42
N LEU B 868 -21.46 -2.01 16.30
CA LEU B 868 -20.51 -0.87 16.18
C LEU B 868 -21.20 0.37 15.61
N SER B 869 -22.33 0.21 14.89
CA SER B 869 -23.14 1.31 14.33
C SER B 869 -24.17 1.80 15.36
N GLY B 870 -24.69 0.89 16.20
CA GLY B 870 -25.69 1.18 17.24
C GLY B 870 -25.12 2.02 18.37
N ASN B 871 -23.82 1.85 18.68
CA ASN B 871 -23.13 2.53 19.80
C ASN B 871 -22.78 3.98 19.42
N GLN B 872 -22.77 4.30 18.12
CA GLN B 872 -22.46 5.66 17.59
C GLN B 872 -23.71 6.54 17.63
N ALA B 873 -24.90 5.96 17.41
CA ALA B 873 -26.19 6.68 17.27
C ALA B 873 -26.38 7.71 18.37
N PRO B 874 -26.30 7.34 19.67
CA PRO B 874 -26.56 8.30 20.75
C PRO B 874 -25.70 9.57 20.63
N SER B 875 -24.40 9.40 20.35
CA SER B 875 -23.40 10.49 20.19
C SER B 875 -23.80 11.43 19.06
N LEU B 876 -24.21 10.88 17.91
CA LEU B 876 -24.49 11.64 16.66
C LEU B 876 -25.81 12.41 16.80
N TYR B 877 -26.83 11.80 17.40
CA TYR B 877 -28.12 12.46 17.75
C TYR B 877 -27.85 13.66 18.68
N ALA B 878 -26.98 13.47 19.68
CA ALA B 878 -26.64 14.45 20.73
C ALA B 878 -25.90 15.65 20.11
N ILE B 879 -24.87 15.39 19.29
CA ILE B 879 -24.06 16.43 18.59
C ILE B 879 -25.00 17.27 17.71
N SER B 880 -25.89 16.61 16.96
CA SER B 880 -26.89 17.24 16.06
C SER B 880 -27.76 18.21 16.87
N LEU B 881 -28.35 17.74 17.97
CA LEU B 881 -29.26 18.54 18.83
C LEU B 881 -28.52 19.74 19.45
N ILE B 882 -27.28 19.53 19.90
CA ILE B 882 -26.47 20.56 20.62
C ILE B 882 -26.08 21.67 19.62
N VAL B 883 -25.62 21.31 18.42
CA VAL B 883 -25.11 22.29 17.41
C VAL B 883 -26.31 23.08 16.85
N VAL B 884 -27.45 22.43 16.64
CA VAL B 884 -28.72 23.10 16.21
C VAL B 884 -29.06 24.19 17.23
N PHE B 885 -29.13 23.82 18.51
CA PHE B 885 -29.43 24.74 19.64
C PHE B 885 -28.47 25.93 19.62
N LEU B 886 -27.16 25.66 19.52
CA LEU B 886 -26.08 26.68 19.59
C LEU B 886 -26.17 27.63 18.40
N CYS B 887 -26.52 27.13 17.21
CA CYS B 887 -26.65 27.92 15.96
C CYS B 887 -27.85 28.88 16.08
N LEU B 888 -28.99 28.40 16.59
CA LEU B 888 -30.22 29.21 16.79
C LEU B 888 -29.98 30.24 17.90
N ALA B 889 -29.23 29.85 18.94
CA ALA B 889 -28.86 30.73 20.08
C ALA B 889 -28.08 31.93 19.56
N ALA B 890 -27.13 31.69 18.65
CA ALA B 890 -26.29 32.72 17.99
C ALA B 890 -27.14 33.60 17.07
N LEU B 891 -28.08 33.00 16.34
CA LEU B 891 -28.99 33.70 15.38
C LEU B 891 -29.88 34.69 16.14
N TYR B 892 -30.51 34.22 17.22
CA TYR B 892 -31.55 34.97 17.98
C TYR B 892 -30.94 35.76 19.14
N GLU B 893 -29.66 35.50 19.48
CA GLU B 893 -28.97 36.13 20.64
C GLU B 893 -29.79 35.84 21.90
N SER B 894 -30.11 34.56 22.13
CA SER B 894 -30.99 34.07 23.23
C SER B 894 -30.77 32.58 23.49
N TRP B 895 -30.69 32.17 24.75
CA TRP B 895 -30.56 30.75 25.19
C TRP B 895 -31.94 30.07 25.21
N SER B 896 -33.04 30.85 25.16
CA SER B 896 -34.43 30.38 25.39
C SER B 896 -35.19 30.25 24.06
N ILE B 897 -35.13 31.28 23.21
CA ILE B 897 -35.94 31.40 21.96
C ILE B 897 -35.70 30.19 21.06
N PRO B 898 -34.45 29.65 20.96
CA PRO B 898 -34.21 28.43 20.18
C PRO B 898 -35.25 27.31 20.41
N PHE B 899 -35.71 27.12 21.65
CA PHE B 899 -36.67 26.06 22.04
C PHE B 899 -37.97 26.19 21.23
N SER B 900 -38.40 27.41 20.92
CA SER B 900 -39.64 27.71 20.15
C SER B 900 -39.54 27.11 18.74
N VAL B 901 -38.34 27.08 18.17
CA VAL B 901 -38.05 26.49 16.82
C VAL B 901 -37.97 24.96 16.95
N MET B 902 -37.15 24.48 17.88
CA MET B 902 -36.79 23.04 18.03
C MET B 902 -38.03 22.20 18.38
N LEU B 903 -39.06 22.81 18.99
CA LEU B 903 -40.31 22.11 19.42
C LEU B 903 -41.14 21.66 18.21
N VAL B 904 -40.77 22.06 16.98
CA VAL B 904 -41.56 21.78 15.74
C VAL B 904 -41.38 20.32 15.30
N VAL B 905 -40.28 19.68 15.71
CA VAL B 905 -39.80 18.35 15.19
C VAL B 905 -40.97 17.37 15.07
N PRO B 906 -41.78 17.13 16.14
CA PRO B 906 -42.83 16.11 16.09
C PRO B 906 -43.97 16.38 15.10
N LEU B 907 -44.23 17.66 14.80
CA LEU B 907 -45.36 18.09 13.93
C LEU B 907 -45.24 17.47 12.54
N GLY B 908 -44.01 17.34 12.04
CA GLY B 908 -43.70 16.68 10.75
C GLY B 908 -43.64 15.17 10.90
N VAL B 909 -43.01 14.67 11.97
CA VAL B 909 -42.73 13.23 12.19
C VAL B 909 -44.06 12.46 12.32
N ILE B 910 -45.06 13.04 12.99
CA ILE B 910 -46.38 12.38 13.29
C ILE B 910 -47.09 12.04 11.98
N GLY B 911 -47.09 12.95 11.00
CA GLY B 911 -47.74 12.76 9.68
C GLY B 911 -47.05 11.68 8.86
N ALA B 912 -45.72 11.64 8.90
CA ALA B 912 -44.89 10.63 8.23
C ALA B 912 -45.22 9.24 8.78
N LEU B 913 -45.31 9.13 10.11
CA LEU B 913 -45.61 7.86 10.83
C LEU B 913 -47.04 7.40 10.52
N LEU B 914 -48.01 8.33 10.46
CA LEU B 914 -49.43 8.02 10.15
C LEU B 914 -49.54 7.50 8.72
N ALA B 915 -48.88 8.16 7.75
CA ALA B 915 -48.93 7.83 6.31
C ALA B 915 -48.25 6.48 6.05
N ALA B 916 -47.07 6.25 6.64
CA ALA B 916 -46.30 4.99 6.53
C ALA B 916 -47.12 3.84 7.10
N THR B 917 -47.58 3.98 8.35
CA THR B 917 -48.39 2.98 9.09
C THR B 917 -49.63 2.60 8.26
N PHE B 918 -50.41 3.60 7.84
CA PHE B 918 -51.69 3.44 7.10
C PHE B 918 -51.46 2.67 5.80
N ARG B 919 -50.43 3.03 5.03
CA ARG B 919 -50.13 2.46 3.68
C ARG B 919 -49.39 1.12 3.82
N GLY B 920 -49.05 0.71 5.05
CA GLY B 920 -48.41 -0.58 5.34
C GLY B 920 -46.95 -0.61 4.90
N LEU B 921 -46.22 0.50 5.10
CA LEU B 921 -44.78 0.62 4.77
C LEU B 921 -43.97 0.42 6.06
N THR B 922 -42.64 0.51 5.97
CA THR B 922 -41.67 0.23 7.07
C THR B 922 -40.84 1.48 7.37
N ASN B 923 -40.21 1.50 8.55
CA ASN B 923 -39.20 2.52 8.96
C ASN B 923 -37.88 2.18 8.27
N ASP B 924 -37.77 2.52 6.98
CA ASP B 924 -36.61 2.18 6.11
C ASP B 924 -35.74 3.43 5.93
N VAL B 925 -34.61 3.29 5.23
CA VAL B 925 -33.60 4.38 5.02
C VAL B 925 -34.28 5.59 4.38
N TYR B 926 -35.04 5.36 3.28
CA TYR B 926 -35.71 6.43 2.50
C TYR B 926 -36.65 7.24 3.41
N PHE B 927 -37.45 6.55 4.22
CA PHE B 927 -38.40 7.13 5.22
C PHE B 927 -37.62 8.01 6.21
N GLN B 928 -36.50 7.49 6.73
CA GLN B 928 -35.67 8.15 7.79
C GLN B 928 -35.05 9.45 7.26
N VAL B 929 -34.48 9.42 6.06
CA VAL B 929 -33.89 10.64 5.41
C VAL B 929 -35.04 11.60 5.10
N GLY B 930 -36.22 11.07 4.78
CA GLY B 930 -37.46 11.85 4.55
C GLY B 930 -37.85 12.67 5.77
N LEU B 931 -37.76 12.07 6.96
CA LEU B 931 -38.07 12.74 8.25
C LEU B 931 -37.15 13.96 8.43
N LEU B 932 -35.84 13.77 8.20
CA LEU B 932 -34.82 14.85 8.38
C LEU B 932 -35.15 16.06 7.50
N THR B 933 -35.53 15.84 6.23
CA THR B 933 -35.86 16.92 5.27
C THR B 933 -37.18 17.58 5.65
N THR B 934 -38.17 16.80 6.11
CA THR B 934 -39.48 17.28 6.62
C THR B 934 -39.25 18.11 7.87
N ILE B 935 -38.49 17.57 8.83
CA ILE B 935 -38.03 18.29 10.06
C ILE B 935 -37.31 19.57 9.63
N GLY B 936 -36.41 19.45 8.64
CA GLY B 936 -35.59 20.56 8.11
C GLY B 936 -36.43 21.72 7.60
N LEU B 937 -37.45 21.44 6.79
CA LEU B 937 -38.29 22.47 6.13
C LEU B 937 -39.24 23.12 7.15
N SER B 938 -39.84 22.33 8.04
CA SER B 938 -40.72 22.81 9.15
C SER B 938 -39.90 23.71 10.09
N ALA B 939 -38.67 23.30 10.41
CA ALA B 939 -37.69 24.08 11.21
C ALA B 939 -37.42 25.42 10.53
N LYS B 940 -37.28 25.40 9.20
CA LYS B 940 -37.00 26.59 8.35
C LYS B 940 -38.19 27.56 8.43
N ASN B 941 -39.41 27.05 8.22
CA ASN B 941 -40.68 27.82 8.35
C ASN B 941 -40.73 28.49 9.72
N ALA B 942 -40.46 27.72 10.79
CA ALA B 942 -40.51 28.17 12.20
C ALA B 942 -39.43 29.25 12.44
N ILE B 943 -38.22 29.02 11.94
CA ILE B 943 -37.05 29.96 12.12
C ILE B 943 -37.45 31.36 11.64
N LEU B 944 -38.08 31.46 10.46
CA LEU B 944 -38.42 32.75 9.80
C LEU B 944 -39.60 33.42 10.52
N ILE B 945 -40.58 32.65 10.99
CA ILE B 945 -41.71 33.15 11.83
C ILE B 945 -41.13 33.81 13.08
N VAL B 946 -40.19 33.14 13.76
CA VAL B 946 -39.60 33.59 15.06
C VAL B 946 -38.68 34.79 14.80
N GLU B 947 -37.95 34.82 13.68
CA GLU B 947 -37.03 35.93 13.30
C GLU B 947 -37.86 37.19 13.06
N PHE B 948 -38.89 37.09 12.22
CA PHE B 948 -39.85 38.19 11.90
C PHE B 948 -40.49 38.71 13.20
N ALA B 949 -41.03 37.80 14.01
CA ALA B 949 -41.70 38.10 15.31
C ALA B 949 -40.72 38.84 16.23
N LYS B 950 -39.51 38.28 16.44
CA LYS B 950 -38.47 38.85 17.34
C LYS B 950 -38.00 40.21 16.84
N ASP B 951 -37.81 40.37 15.52
CA ASP B 951 -37.37 41.63 14.90
C ASP B 951 -38.40 42.74 15.17
N LEU B 952 -39.69 42.44 14.99
CA LEU B 952 -40.80 43.41 15.22
C LEU B 952 -40.80 43.88 16.69
N MET B 953 -40.48 42.98 17.63
CA MET B 953 -40.39 43.30 19.08
C MET B 953 -39.14 44.15 19.35
N ASP B 954 -38.00 43.79 18.76
CA ASP B 954 -36.69 44.45 19.00
C ASP B 954 -36.66 45.83 18.34
N LYS B 955 -37.07 45.92 17.07
CA LYS B 955 -36.92 47.15 16.23
C LYS B 955 -38.12 48.10 16.43
N GLU B 956 -39.34 47.61 16.16
CA GLU B 956 -40.57 48.45 16.12
C GLU B 956 -41.26 48.47 17.50
N GLY B 957 -40.68 47.80 18.50
CA GLY B 957 -41.12 47.82 19.90
C GLY B 957 -42.53 47.26 20.10
N LYS B 958 -42.99 46.41 19.18
CA LYS B 958 -44.35 45.80 19.21
C LYS B 958 -44.43 44.77 20.34
N GLY B 959 -45.66 44.41 20.72
CA GLY B 959 -45.94 43.42 21.80
C GLY B 959 -45.76 41.99 21.30
N LEU B 960 -45.60 41.05 22.23
CA LEU B 960 -45.37 39.60 21.94
C LEU B 960 -46.47 39.09 21.00
N ILE B 961 -47.73 39.30 21.37
CA ILE B 961 -48.92 38.80 20.62
C ILE B 961 -49.02 39.56 19.29
N GLU B 962 -48.83 40.89 19.33
CA GLU B 962 -48.89 41.77 18.13
C GLU B 962 -47.83 41.30 17.13
N ALA B 963 -46.58 41.14 17.59
CA ALA B 963 -45.41 40.69 16.79
C ALA B 963 -45.68 39.32 16.19
N THR B 964 -46.10 38.35 17.03
CA THR B 964 -46.38 36.94 16.66
C THR B 964 -47.49 36.91 15.59
N LEU B 965 -48.52 37.73 15.72
CA LEU B 965 -49.70 37.76 14.80
C LEU B 965 -49.30 38.38 13.46
N ASP B 966 -48.46 39.42 13.48
CA ASP B 966 -47.95 40.11 12.27
C ASP B 966 -46.98 39.17 11.53
N ALA B 967 -46.18 38.42 12.28
CA ALA B 967 -45.19 37.44 11.76
C ALA B 967 -45.92 36.36 10.96
N VAL B 968 -46.81 35.61 11.61
CA VAL B 968 -47.52 34.44 11.00
C VAL B 968 -48.38 34.91 9.81
N ARG B 969 -48.92 36.13 9.87
CA ARG B 969 -49.68 36.75 8.76
C ARG B 969 -48.79 36.81 7.52
N MET B 970 -47.58 37.35 7.67
CA MET B 970 -46.59 37.58 6.59
C MET B 970 -46.06 36.24 6.04
N ARG B 971 -45.90 35.23 6.90
CA ARG B 971 -45.26 33.92 6.55
C ARG B 971 -46.29 32.92 6.02
N LEU B 972 -47.59 33.23 6.06
CA LEU B 972 -48.66 32.28 5.65
C LEU B 972 -48.51 31.92 4.17
N ARG B 973 -48.45 32.94 3.29
CA ARG B 973 -48.42 32.76 1.82
C ARG B 973 -47.20 31.92 1.41
N PRO B 974 -45.95 32.31 1.77
CA PRO B 974 -44.77 31.55 1.34
C PRO B 974 -44.77 30.09 1.82
N ILE B 975 -45.22 29.84 3.06
CA ILE B 975 -45.28 28.49 3.67
C ILE B 975 -46.28 27.61 2.90
N LEU B 976 -47.44 28.16 2.53
CA LEU B 976 -48.50 27.42 1.78
C LEU B 976 -48.04 27.15 0.35
N MET B 977 -47.37 28.14 -0.27
CA MET B 977 -46.85 28.06 -1.66
C MET B 977 -45.88 26.87 -1.77
N THR B 978 -44.86 26.84 -0.92
CA THR B 978 -43.83 25.76 -0.87
C THR B 978 -44.51 24.40 -0.68
N SER B 979 -45.43 24.30 0.29
CA SER B 979 -46.13 23.05 0.69
C SER B 979 -47.01 22.54 -0.45
N LEU B 980 -47.77 23.44 -1.09
CA LEU B 980 -48.68 23.12 -2.22
C LEU B 980 -47.86 22.55 -3.40
N ALA B 981 -46.76 23.22 -3.75
CA ALA B 981 -45.84 22.83 -4.85
C ALA B 981 -45.20 21.47 -4.53
N PHE B 982 -44.65 21.32 -3.32
CA PHE B 982 -43.82 20.14 -2.92
C PHE B 982 -44.73 18.91 -2.73
N ILE B 983 -45.90 19.06 -2.09
CA ILE B 983 -46.87 17.95 -1.84
C ILE B 983 -47.33 17.40 -3.20
N LEU B 984 -47.77 18.28 -4.10
CA LEU B 984 -48.15 17.93 -5.50
C LEU B 984 -46.95 17.27 -6.20
N GLY B 985 -45.73 17.76 -5.92
CA GLY B 985 -44.47 17.28 -6.52
C GLY B 985 -44.15 15.84 -6.17
N VAL B 986 -44.55 15.38 -4.98
CA VAL B 986 -44.24 14.01 -4.46
C VAL B 986 -45.44 13.08 -4.67
N MET B 987 -46.58 13.63 -5.12
CA MET B 987 -47.86 12.87 -5.30
C MET B 987 -47.65 11.73 -6.30
N PRO B 988 -46.95 11.96 -7.45
CA PRO B 988 -46.68 10.88 -8.41
C PRO B 988 -45.87 9.70 -7.82
N LEU B 989 -44.95 9.98 -6.89
CA LEU B 989 -44.09 8.96 -6.24
C LEU B 989 -44.95 8.07 -5.33
N VAL B 990 -45.98 8.63 -4.70
CA VAL B 990 -46.88 7.94 -3.71
C VAL B 990 -47.75 6.92 -4.44
N ILE B 991 -48.33 7.30 -5.59
CA ILE B 991 -49.32 6.49 -6.36
C ILE B 991 -48.60 5.54 -7.32
N SER B 992 -47.32 5.78 -7.62
CA SER B 992 -46.49 4.99 -8.57
C SER B 992 -46.59 3.50 -8.23
N THR B 993 -46.76 2.65 -9.27
CA THR B 993 -46.84 1.17 -9.17
C THR B 993 -45.90 0.51 -10.19
N GLY B 994 -45.11 1.28 -10.94
CA GLY B 994 -44.25 0.78 -12.02
C GLY B 994 -42.97 0.16 -11.50
N ALA B 995 -41.91 0.17 -12.32
CA ALA B 995 -40.55 -0.27 -11.94
C ALA B 995 -39.94 0.79 -11.00
N GLY B 996 -39.28 0.34 -9.93
CA GLY B 996 -38.64 1.22 -8.93
C GLY B 996 -39.67 1.93 -8.04
N SER B 997 -40.92 1.44 -8.02
CA SER B 997 -42.04 2.06 -7.28
C SER B 997 -41.88 1.84 -5.77
N GLY B 998 -41.24 0.75 -5.36
CA GLY B 998 -40.89 0.46 -3.96
C GLY B 998 -40.15 1.62 -3.32
N ALA B 999 -39.08 2.09 -3.97
CA ALA B 999 -38.24 3.23 -3.55
C ALA B 999 -39.08 4.52 -3.60
N GLN B 1000 -39.74 4.78 -4.74
CA GLN B 1000 -40.58 5.98 -4.96
C GLN B 1000 -41.64 6.08 -3.86
N ASN B 1001 -42.33 4.96 -3.58
CA ASN B 1001 -43.39 4.87 -2.53
C ASN B 1001 -42.79 5.24 -1.17
N ALA B 1002 -41.61 4.71 -0.85
CA ALA B 1002 -40.90 4.90 0.44
C ALA B 1002 -40.48 6.37 0.60
N VAL B 1003 -40.00 6.99 -0.48
CA VAL B 1003 -39.59 8.42 -0.52
C VAL B 1003 -40.83 9.31 -0.40
N GLY B 1004 -41.88 9.01 -1.18
CA GLY B 1004 -43.07 9.87 -1.35
C GLY B 1004 -43.99 9.85 -0.14
N THR B 1005 -44.44 8.67 0.27
CA THR B 1005 -45.49 8.46 1.30
C THR B 1005 -45.16 9.23 2.58
N GLY B 1006 -44.01 8.96 3.18
CA GLY B 1006 -43.55 9.58 4.44
C GLY B 1006 -43.44 11.09 4.33
N VAL B 1007 -42.98 11.58 3.17
CA VAL B 1007 -42.75 13.03 2.89
C VAL B 1007 -44.12 13.72 2.75
N MET B 1008 -45.04 13.14 1.97
CA MET B 1008 -46.40 13.70 1.75
C MET B 1008 -47.11 13.87 3.10
N GLY B 1009 -47.30 12.77 3.83
CA GLY B 1009 -47.95 12.74 5.16
C GLY B 1009 -47.28 13.69 6.14
N GLY B 1010 -45.94 13.71 6.15
CA GLY B 1010 -45.13 14.58 7.03
C GLY B 1010 -45.35 16.05 6.73
N MET B 1011 -45.42 16.41 5.45
CA MET B 1011 -45.60 17.81 4.98
C MET B 1011 -47.03 18.29 5.30
N VAL B 1012 -48.03 17.43 5.10
CA VAL B 1012 -49.47 17.73 5.39
C VAL B 1012 -49.58 18.20 6.85
N THR B 1013 -49.09 17.40 7.81
CA THR B 1013 -49.15 17.71 9.26
C THR B 1013 -48.19 18.86 9.57
N ALA B 1014 -46.96 18.81 9.07
CA ALA B 1014 -45.92 19.86 9.29
C ALA B 1014 -46.50 21.23 8.92
N THR B 1015 -47.17 21.33 7.78
CA THR B 1015 -47.79 22.58 7.25
C THR B 1015 -48.95 22.99 8.16
N VAL B 1016 -49.96 22.12 8.27
CA VAL B 1016 -51.26 22.39 8.96
C VAL B 1016 -51.01 22.71 10.43
N LEU B 1017 -50.15 21.94 11.11
CA LEU B 1017 -49.90 22.08 12.57
C LEU B 1017 -49.00 23.29 12.86
N ALA B 1018 -47.88 23.43 12.16
CA ALA B 1018 -46.84 24.45 12.43
C ALA B 1018 -47.44 25.87 12.41
N ILE B 1019 -48.31 26.17 11.44
CA ILE B 1019 -48.88 27.54 11.26
C ILE B 1019 -49.69 27.93 12.53
N PHE B 1020 -50.21 26.96 13.27
CA PHE B 1020 -50.98 27.17 14.53
C PHE B 1020 -50.09 26.98 15.76
N PHE B 1021 -49.09 26.10 15.71
CA PHE B 1021 -48.30 25.64 16.88
C PHE B 1021 -47.03 26.48 17.08
N VAL B 1022 -46.41 26.95 15.99
CA VAL B 1022 -45.17 27.78 16.05
C VAL B 1022 -45.45 29.07 16.84
N PRO B 1023 -46.55 29.80 16.56
CA PRO B 1023 -46.88 30.98 17.37
C PRO B 1023 -47.09 30.64 18.85
N VAL B 1024 -47.74 29.51 19.15
CA VAL B 1024 -47.93 29.00 20.54
C VAL B 1024 -46.56 28.79 21.18
N PHE B 1025 -45.65 28.09 20.50
CA PHE B 1025 -44.28 27.76 20.99
C PHE B 1025 -43.56 29.05 21.38
N PHE B 1026 -43.57 30.05 20.49
CA PHE B 1026 -42.85 31.34 20.67
C PHE B 1026 -43.42 32.11 21.87
N VAL B 1027 -44.75 32.17 21.99
CA VAL B 1027 -45.47 32.92 23.06
C VAL B 1027 -45.17 32.26 24.42
N VAL B 1028 -45.28 30.93 24.50
CA VAL B 1028 -45.04 30.13 25.74
C VAL B 1028 -43.58 30.28 26.18
N VAL B 1029 -42.64 30.28 25.24
CA VAL B 1029 -41.17 30.29 25.52
C VAL B 1029 -40.75 31.71 25.94
N ARG B 1030 -41.35 32.75 25.34
CA ARG B 1030 -41.05 34.17 25.67
C ARG B 1030 -41.64 34.49 27.05
N ARG B 1031 -42.86 34.03 27.34
CA ARG B 1031 -43.56 34.21 28.64
C ARG B 1031 -42.73 33.56 29.76
N ARG B 1032 -42.34 32.29 29.57
CA ARG B 1032 -41.67 31.45 30.60
C ARG B 1032 -40.29 32.04 30.95
N PHE B 1033 -39.62 32.69 29.99
CA PHE B 1033 -38.29 33.32 30.16
C PHE B 1033 -38.41 34.83 29.92
N SER B 1034 -38.82 35.57 30.96
CA SER B 1034 -39.07 37.04 30.95
C SER B 1034 -40.32 37.34 30.11
N MET C 1 -5.68 50.15 0.06
CA MET C 1 -4.36 49.46 0.23
C MET C 1 -3.22 50.32 -0.33
N PRO C 2 -3.33 50.88 -1.57
CA PRO C 2 -2.27 51.75 -2.10
C PRO C 2 -2.00 52.96 -1.20
N ASN C 3 -3.05 53.66 -0.76
CA ASN C 3 -2.98 54.84 0.14
C ASN C 3 -2.31 54.44 1.47
N PHE C 4 -2.61 53.23 1.97
CA PHE C 4 -2.06 52.68 3.23
C PHE C 4 -0.53 52.64 3.16
N PHE C 5 0.01 52.16 2.03
CA PHE C 5 1.46 51.86 1.84
C PHE C 5 2.20 53.08 1.27
N ILE C 6 1.49 54.05 0.68
CA ILE C 6 2.07 55.37 0.29
C ILE C 6 2.58 56.08 1.55
N ASP C 7 1.80 56.01 2.65
CA ASP C 7 2.13 56.65 3.96
C ASP C 7 3.06 55.73 4.77
N ARG C 8 3.03 54.42 4.53
CA ARG C 8 3.82 53.40 5.27
C ARG C 8 4.77 52.69 4.31
N PRO C 9 5.82 53.37 3.79
CA PRO C 9 6.71 52.78 2.79
C PRO C 9 7.67 51.71 3.34
N ILE C 10 7.85 51.64 4.67
CA ILE C 10 8.71 50.62 5.34
C ILE C 10 7.96 49.29 5.34
N PHE C 11 6.70 49.28 5.80
CA PHE C 11 5.77 48.12 5.75
C PHE C 11 5.78 47.55 4.32
N ALA C 12 5.69 48.43 3.33
CA ALA C 12 5.75 48.10 1.88
C ALA C 12 7.05 47.33 1.59
N TRP C 13 8.19 47.87 2.04
CA TRP C 13 9.53 47.24 1.87
C TRP C 13 9.60 45.91 2.62
N VAL C 14 9.05 45.87 3.85
CA VAL C 14 9.07 44.67 4.74
C VAL C 14 8.43 43.49 4.00
N ILE C 15 7.22 43.69 3.47
CA ILE C 15 6.45 42.66 2.69
C ILE C 15 7.32 42.18 1.52
N ALA C 16 7.95 43.11 0.81
CA ALA C 16 8.80 42.83 -0.38
C ALA C 16 10.01 41.97 0.02
N ILE C 17 10.66 42.29 1.14
CA ILE C 17 11.91 41.62 1.62
C ILE C 17 11.58 40.20 2.11
N ILE C 18 10.51 40.04 2.88
CA ILE C 18 10.07 38.72 3.43
C ILE C 18 9.79 37.77 2.25
N ILE C 19 9.14 38.26 1.19
CA ILE C 19 8.85 37.48 -0.05
C ILE C 19 10.18 37.06 -0.69
N MET C 20 11.17 37.97 -0.74
CA MET C 20 12.43 37.78 -1.49
C MET C 20 13.32 36.72 -0.82
N LEU C 21 13.55 36.83 0.50
CA LEU C 21 14.45 35.87 1.23
C LEU C 21 13.74 34.53 1.42
N ALA C 22 12.39 34.50 1.41
CA ALA C 22 11.58 33.27 1.38
C ALA C 22 11.84 32.53 0.05
N GLY C 23 11.91 33.28 -1.05
CA GLY C 23 12.23 32.77 -2.40
C GLY C 23 13.70 32.37 -2.51
N GLY C 24 14.59 33.13 -1.85
CA GLY C 24 16.03 32.82 -1.77
C GLY C 24 16.26 31.47 -1.10
N LEU C 25 15.63 31.26 0.06
CA LEU C 25 15.67 29.98 0.82
C LEU C 25 15.10 28.85 -0.04
N ALA C 26 13.99 29.10 -0.74
CA ALA C 26 13.29 28.14 -1.63
C ALA C 26 14.27 27.61 -2.69
N ILE C 27 15.05 28.50 -3.31
CA ILE C 27 15.99 28.18 -4.44
C ILE C 27 17.03 27.16 -3.98
N LEU C 28 17.44 27.21 -2.71
CA LEU C 28 18.48 26.32 -2.13
C LEU C 28 17.95 24.88 -1.99
N LYS C 29 16.65 24.71 -1.76
CA LYS C 29 16.01 23.41 -1.45
C LYS C 29 15.17 22.89 -2.62
N LEU C 30 15.10 23.65 -3.73
CA LEU C 30 14.32 23.26 -4.95
C LEU C 30 15.13 22.27 -5.77
N PRO C 31 14.57 21.08 -6.11
CA PRO C 31 15.24 20.15 -7.03
C PRO C 31 15.38 20.77 -8.43
N VAL C 32 16.34 20.25 -9.21
CA VAL C 32 16.63 20.68 -10.61
C VAL C 32 16.49 19.47 -11.53
N ALA C 33 15.92 19.67 -12.72
CA ALA C 33 15.66 18.63 -13.75
C ALA C 33 15.47 19.30 -15.11
N GLN C 34 15.55 18.54 -16.20
CA GLN C 34 15.22 19.04 -17.56
C GLN C 34 13.71 19.29 -17.61
N TYR C 35 12.93 18.26 -17.28
CA TYR C 35 11.45 18.28 -17.22
C TYR C 35 10.99 17.76 -15.86
N PRO C 36 9.71 17.98 -15.49
CA PRO C 36 9.09 17.23 -14.40
C PRO C 36 8.79 15.81 -14.91
N THR C 37 8.05 15.02 -14.14
CA THR C 37 7.51 13.70 -14.59
C THR C 37 6.39 14.01 -15.59
N ILE C 38 6.65 13.74 -16.88
CA ILE C 38 5.70 14.01 -18.01
C ILE C 38 5.32 12.69 -18.68
N ALA C 39 6.18 11.67 -18.62
CA ALA C 39 5.91 10.32 -19.17
C ALA C 39 4.89 9.61 -18.28
N PRO C 40 3.90 8.91 -18.87
CA PRO C 40 2.97 8.09 -18.10
C PRO C 40 3.67 6.86 -17.54
N PRO C 41 3.33 6.40 -16.30
CA PRO C 41 4.03 5.30 -15.67
C PRO C 41 3.71 3.97 -16.37
N ALA C 42 4.65 3.02 -16.35
CA ALA C 42 4.52 1.69 -16.97
C ALA C 42 4.89 0.61 -15.95
N VAL C 43 4.21 -0.55 -16.05
CA VAL C 43 4.51 -1.78 -15.27
C VAL C 43 4.76 -2.90 -16.28
N THR C 44 5.88 -3.62 -16.13
CA THR C 44 6.27 -4.73 -17.04
C THR C 44 6.22 -6.06 -16.27
N ILE C 45 5.50 -7.04 -16.82
CA ILE C 45 5.48 -8.46 -16.36
C ILE C 45 6.50 -9.22 -17.21
N SER C 46 7.54 -9.78 -16.57
CA SER C 46 8.60 -10.60 -17.22
C SER C 46 8.43 -12.06 -16.81
N ALA C 47 8.49 -12.97 -17.78
CA ALA C 47 8.40 -14.44 -17.57
C ALA C 47 9.36 -15.14 -18.54
N SER C 48 9.84 -16.34 -18.17
CA SER C 48 10.69 -17.21 -18.99
C SER C 48 10.08 -18.63 -19.03
N TYR C 49 9.98 -19.21 -20.23
CA TYR C 49 9.70 -20.64 -20.48
C TYR C 49 10.92 -21.24 -21.17
N PRO C 50 11.98 -21.60 -20.42
CA PRO C 50 13.26 -22.00 -21.02
C PRO C 50 13.09 -23.12 -22.06
N GLY C 51 13.52 -22.86 -23.30
CA GLY C 51 13.55 -23.84 -24.41
C GLY C 51 12.35 -23.75 -25.33
N ALA C 52 11.32 -22.98 -24.96
CA ALA C 52 10.03 -22.89 -25.69
C ALA C 52 10.13 -21.85 -26.81
N ASP C 53 9.53 -22.14 -27.96
CA ASP C 53 9.42 -21.23 -29.13
C ASP C 53 8.41 -20.11 -28.82
N ALA C 54 8.42 -19.05 -29.61
CA ALA C 54 7.59 -17.82 -29.43
C ALA C 54 6.10 -18.19 -29.43
N LYS C 55 5.67 -19.03 -30.38
CA LYS C 55 4.26 -19.47 -30.55
C LYS C 55 3.82 -20.23 -29.29
N THR C 56 4.60 -21.22 -28.85
CA THR C 56 4.35 -22.05 -27.64
C THR C 56 4.25 -21.14 -26.40
N VAL C 57 5.20 -20.22 -26.26
CA VAL C 57 5.32 -19.26 -25.13
C VAL C 57 4.08 -18.35 -25.10
N GLN C 58 3.66 -17.86 -26.28
CA GLN C 58 2.49 -16.95 -26.44
C GLN C 58 1.21 -17.66 -25.97
N ASP C 59 1.03 -18.92 -26.35
CA ASP C 59 -0.23 -19.70 -26.12
C ASP C 59 -0.33 -20.12 -24.65
N THR C 60 0.79 -20.44 -24.01
CA THR C 60 0.83 -21.03 -22.64
C THR C 60 1.11 -19.97 -21.57
N VAL C 61 1.62 -18.79 -21.93
CA VAL C 61 2.02 -17.73 -20.94
C VAL C 61 1.37 -16.39 -21.29
N THR C 62 1.74 -15.80 -22.43
CA THR C 62 1.42 -14.38 -22.79
C THR C 62 -0.10 -14.17 -22.78
N GLN C 63 -0.86 -15.02 -23.47
CA GLN C 63 -2.34 -14.91 -23.60
C GLN C 63 -3.00 -15.20 -22.24
N VAL C 64 -2.46 -16.16 -21.49
CA VAL C 64 -2.97 -16.54 -20.13
C VAL C 64 -2.89 -15.31 -19.22
N ILE C 65 -1.75 -14.61 -19.20
CA ILE C 65 -1.52 -13.39 -18.37
C ILE C 65 -2.41 -12.25 -18.92
N GLU C 66 -2.37 -12.02 -20.23
CA GLU C 66 -3.04 -10.86 -20.90
C GLU C 66 -4.56 -10.90 -20.70
N GLN C 67 -5.17 -12.09 -20.68
CA GLN C 67 -6.65 -12.24 -20.57
C GLN C 67 -7.08 -12.04 -19.11
N ASN C 68 -6.13 -11.88 -18.19
CA ASN C 68 -6.35 -11.52 -16.76
C ASN C 68 -5.98 -10.06 -16.49
N MET C 69 -5.42 -9.34 -17.48
CA MET C 69 -5.00 -7.92 -17.33
C MET C 69 -6.16 -7.02 -17.73
N ASN C 70 -7.35 -7.29 -17.17
CA ASN C 70 -8.59 -6.51 -17.41
CA ASN C 70 -8.62 -6.55 -17.41
C ASN C 70 -9.14 -6.03 -16.06
N GLY C 71 -9.92 -4.95 -16.09
CA GLY C 71 -10.48 -4.30 -14.89
C GLY C 71 -9.40 -3.75 -14.00
N ILE C 72 -8.36 -3.14 -14.60
CA ILE C 72 -7.28 -2.39 -13.89
C ILE C 72 -7.50 -0.90 -14.16
N ASP C 73 -7.39 -0.07 -13.12
CA ASP C 73 -7.69 1.37 -13.16
C ASP C 73 -6.64 2.09 -14.02
N ASN C 74 -7.08 3.04 -14.85
CA ASN C 74 -6.24 4.06 -15.52
C ASN C 74 -5.29 3.39 -16.54
N LEU C 75 -5.66 2.24 -17.09
CA LEU C 75 -4.85 1.50 -18.10
C LEU C 75 -5.12 2.09 -19.49
N MET C 76 -4.10 2.74 -20.09
CA MET C 76 -4.18 3.38 -21.43
C MET C 76 -4.07 2.32 -22.52
N TYR C 77 -2.99 1.53 -22.51
CA TYR C 77 -2.73 0.43 -23.47
C TYR C 77 -1.79 -0.61 -22.86
N MET C 78 -1.77 -1.79 -23.47
CA MET C 78 -0.93 -2.96 -23.09
C MET C 78 -0.24 -3.48 -24.35
N SER C 79 1.09 -3.61 -24.32
CA SER C 79 1.92 -4.22 -25.39
C SER C 79 2.70 -5.40 -24.82
N SER C 80 3.03 -6.38 -25.65
CA SER C 80 3.77 -7.59 -25.25
C SER C 80 4.54 -8.18 -26.44
N ASN C 81 5.63 -8.90 -26.16
CA ASN C 81 6.36 -9.73 -27.14
C ASN C 81 6.70 -11.08 -26.50
N SER C 82 6.65 -12.14 -27.31
CA SER C 82 7.06 -13.54 -26.98
C SER C 82 8.12 -13.97 -27.99
N ASP C 83 9.26 -14.51 -27.55
CA ASP C 83 10.42 -14.79 -28.45
C ASP C 83 10.86 -16.26 -28.34
N SER C 84 11.81 -16.63 -29.21
CA SER C 84 12.30 -18.01 -29.46
C SER C 84 13.08 -18.57 -28.27
N THR C 85 13.55 -17.72 -27.36
CA THR C 85 14.32 -18.11 -26.14
C THR C 85 13.37 -18.41 -24.97
N GLY C 86 12.06 -18.22 -25.18
CA GLY C 86 11.02 -18.55 -24.18
C GLY C 86 10.58 -17.35 -23.36
N THR C 87 11.10 -16.15 -23.66
CA THR C 87 10.92 -14.92 -22.83
C THR C 87 9.61 -14.22 -23.20
N VAL C 88 8.87 -13.78 -22.18
CA VAL C 88 7.64 -12.93 -22.30
C VAL C 88 7.92 -11.60 -21.59
N GLN C 89 7.51 -10.49 -22.21
CA GLN C 89 7.47 -9.14 -21.60
C GLN C 89 6.11 -8.52 -21.92
N ILE C 90 5.34 -8.17 -20.88
CA ILE C 90 4.02 -7.51 -20.98
C ILE C 90 4.11 -6.16 -20.26
N THR C 91 4.17 -5.07 -21.02
CA THR C 91 4.23 -3.67 -20.50
C THR C 91 2.82 -3.09 -20.51
N LEU C 92 2.30 -2.71 -19.33
CA LEU C 92 1.04 -1.95 -19.15
C LEU C 92 1.41 -0.48 -18.89
N THR C 93 0.97 0.42 -19.76
CA THR C 93 1.17 1.90 -19.62
C THR C 93 -0.13 2.51 -19.09
N PHE C 94 -0.03 3.31 -18.03
CA PHE C 94 -1.17 3.89 -17.28
C PHE C 94 -1.27 5.39 -17.59
N GLU C 95 -2.44 5.97 -17.34
CA GLU C 95 -2.73 7.41 -17.63
C GLU C 95 -1.79 8.28 -16.80
N SER C 96 -1.50 9.48 -17.28
CA SER C 96 -0.64 10.50 -16.60
C SER C 96 -1.25 10.83 -15.23
N GLY C 97 -0.42 10.82 -14.17
CA GLY C 97 -0.84 11.14 -12.79
C GLY C 97 -1.27 9.91 -12.02
N THR C 98 -1.29 8.73 -12.64
CA THR C 98 -1.55 7.43 -11.95
C THR C 98 -0.44 7.18 -10.93
N ASP C 99 -0.81 6.75 -9.73
CA ASP C 99 0.14 6.26 -8.69
C ASP C 99 0.74 4.93 -9.20
N ALA C 100 2.01 4.95 -9.58
CA ALA C 100 2.72 3.80 -10.21
C ALA C 100 2.74 2.62 -9.24
N ASP C 101 2.81 2.89 -7.93
CA ASP C 101 2.88 1.86 -6.85
C ASP C 101 1.53 1.14 -6.75
N ILE C 102 0.42 1.87 -6.86
CA ILE C 102 -0.96 1.29 -6.92
C ILE C 102 -1.11 0.47 -8.21
N ALA C 103 -0.56 0.96 -9.33
CA ALA C 103 -0.58 0.28 -10.63
C ALA C 103 0.09 -1.10 -10.50
N GLN C 104 1.34 -1.12 -9.99
CA GLN C 104 2.11 -2.37 -9.75
C GLN C 104 1.26 -3.34 -8.94
N VAL C 105 0.66 -2.87 -7.84
CA VAL C 105 -0.17 -3.69 -6.90
C VAL C 105 -1.33 -4.33 -7.69
N GLN C 106 -2.09 -3.51 -8.42
CA GLN C 106 -3.29 -3.95 -9.17
C GLN C 106 -2.89 -4.95 -10.27
N VAL C 107 -1.75 -4.74 -10.92
CA VAL C 107 -1.19 -5.67 -11.96
C VAL C 107 -0.80 -6.98 -11.27
N GLN C 108 -0.06 -6.90 -10.17
CA GLN C 108 0.40 -8.08 -9.38
C GLN C 108 -0.81 -8.90 -8.95
N ASN C 109 -1.84 -8.25 -8.39
CA ASN C 109 -3.08 -8.91 -7.90
C ASN C 109 -3.72 -9.72 -9.05
N LYS C 110 -3.78 -9.15 -10.26
CA LYS C 110 -4.42 -9.79 -11.44
C LYS C 110 -3.51 -10.90 -11.99
N LEU C 111 -2.19 -10.70 -12.01
CA LEU C 111 -1.22 -11.70 -12.50
C LEU C 111 -1.32 -12.98 -11.68
N GLN C 112 -1.52 -12.85 -10.37
CA GLN C 112 -1.54 -13.96 -9.36
CA GLN C 112 -1.47 -14.01 -9.43
C GLN C 112 -2.58 -15.01 -9.77
N LEU C 113 -3.67 -14.56 -10.41
CA LEU C 113 -4.74 -15.46 -10.92
C LEU C 113 -4.23 -16.28 -12.10
N ALA C 114 -3.44 -15.65 -12.99
CA ALA C 114 -2.83 -16.30 -14.19
C ALA C 114 -1.75 -17.30 -13.75
N MET C 115 -0.95 -16.93 -12.74
CA MET C 115 0.27 -17.68 -12.28
C MET C 115 0.05 -19.19 -12.30
N PRO C 116 -0.99 -19.73 -11.63
CA PRO C 116 -1.19 -21.19 -11.59
C PRO C 116 -1.59 -21.84 -12.92
N LEU C 117 -2.18 -21.07 -13.86
CA LEU C 117 -2.57 -21.54 -15.21
C LEU C 117 -1.32 -21.63 -16.11
N LEU C 118 -0.19 -21.07 -15.68
CA LEU C 118 1.09 -21.09 -16.43
C LEU C 118 1.76 -22.45 -16.25
N PRO C 119 2.69 -22.84 -17.14
CA PRO C 119 3.48 -24.06 -16.95
C PRO C 119 4.31 -24.00 -15.66
N GLN C 120 4.54 -25.16 -15.03
CA GLN C 120 5.33 -25.31 -13.77
C GLN C 120 6.74 -24.74 -13.99
N GLU C 121 7.33 -24.99 -15.16
CA GLU C 121 8.69 -24.50 -15.54
C GLU C 121 8.73 -22.96 -15.48
N VAL C 122 7.65 -22.30 -15.90
CA VAL C 122 7.54 -20.80 -15.96
C VAL C 122 7.43 -20.26 -14.52
N GLN C 123 6.72 -20.97 -13.65
CA GLN C 123 6.56 -20.64 -12.21
C GLN C 123 7.88 -20.88 -11.47
N GLN C 124 8.68 -21.86 -11.93
CA GLN C 124 10.01 -22.22 -11.35
C GLN C 124 10.99 -21.07 -11.56
N GLN C 125 10.89 -20.34 -12.68
CA GLN C 125 11.79 -19.20 -13.03
C GLN C 125 11.35 -17.95 -12.27
N GLY C 126 10.06 -17.83 -11.93
CA GLY C 126 9.48 -16.68 -11.23
C GLY C 126 9.06 -15.58 -12.19
N VAL C 127 7.93 -14.92 -11.90
CA VAL C 127 7.33 -13.85 -12.75
C VAL C 127 7.45 -12.52 -12.00
N SER C 128 8.26 -11.59 -12.54
CA SER C 128 8.50 -10.24 -11.95
C SER C 128 7.44 -9.25 -12.45
N VAL C 129 6.85 -8.48 -11.52
CA VAL C 129 5.93 -7.33 -11.81
C VAL C 129 6.52 -6.09 -11.14
N GLU C 130 7.16 -5.22 -11.93
CA GLU C 130 7.81 -3.99 -11.41
C GLU C 130 7.66 -2.86 -12.43
N LYS C 131 7.69 -1.62 -11.91
CA LYS C 131 7.65 -0.35 -12.69
C LYS C 131 8.83 -0.37 -13.67
N SER C 132 8.57 0.02 -14.93
CA SER C 132 9.54 -0.06 -16.05
C SER C 132 9.63 1.28 -16.77
N SER C 133 10.77 1.53 -17.42
CA SER C 133 10.99 2.57 -18.45
C SER C 133 11.80 1.95 -19.60
N SER C 134 11.72 2.52 -20.80
CA SER C 134 12.30 1.94 -22.03
C SER C 134 13.74 2.46 -22.24
N SER C 135 14.06 3.66 -21.77
CA SER C 135 15.33 4.38 -22.09
C SER C 135 16.35 4.28 -20.95
N PHE C 136 17.63 4.27 -21.31
CA PHE C 136 18.80 4.33 -20.39
C PHE C 136 19.06 5.78 -19.99
N LEU C 137 19.25 6.01 -18.69
CA LEU C 137 19.77 7.29 -18.13
C LEU C 137 21.20 7.50 -18.67
N MET C 138 22.02 6.46 -18.57
CA MET C 138 23.42 6.43 -19.07
C MET C 138 23.85 4.97 -19.30
N VAL C 139 24.95 4.79 -20.02
CA VAL C 139 25.71 3.51 -20.12
C VAL C 139 27.07 3.74 -19.45
N VAL C 140 27.40 2.97 -18.41
CA VAL C 140 28.73 3.01 -17.74
C VAL C 140 29.60 1.92 -18.38
N GLY C 141 30.59 2.33 -19.18
CA GLY C 141 31.52 1.42 -19.86
C GLY C 141 32.68 1.03 -18.95
N VAL C 142 33.21 -0.17 -19.12
CA VAL C 142 34.41 -0.65 -18.39
C VAL C 142 35.36 -1.33 -19.39
N ILE C 143 36.62 -0.88 -19.41
CA ILE C 143 37.71 -1.40 -20.29
C ILE C 143 38.91 -1.75 -19.40
N ASN C 144 39.82 -2.59 -19.93
CA ASN C 144 41.14 -2.89 -19.32
C ASN C 144 42.23 -2.31 -20.24
N THR C 145 43.17 -1.55 -19.69
CA THR C 145 44.17 -0.75 -20.45
C THR C 145 45.58 -1.35 -20.34
N ASP C 146 45.76 -2.47 -19.65
CA ASP C 146 47.08 -3.15 -19.50
C ASP C 146 47.00 -4.59 -20.03
N GLY C 147 45.93 -4.95 -20.75
CA GLY C 147 45.75 -6.24 -21.43
C GLY C 147 45.94 -7.45 -20.52
N THR C 148 45.71 -7.29 -19.20
CA THR C 148 45.78 -8.39 -18.19
C THR C 148 44.40 -9.05 -18.06
N MET C 149 43.33 -8.32 -18.38
CA MET C 149 41.92 -8.80 -18.31
C MET C 149 41.32 -8.81 -19.72
N THR C 150 40.65 -9.90 -20.09
CA THR C 150 39.88 -10.05 -21.35
C THR C 150 38.49 -9.44 -21.19
N GLN C 151 37.74 -9.39 -22.29
CA GLN C 151 36.31 -8.98 -22.33
C GLN C 151 35.52 -9.76 -21.26
N GLU C 152 35.69 -11.08 -21.24
CA GLU C 152 34.98 -12.02 -20.34
C GLU C 152 35.32 -11.70 -18.88
N ASP C 153 36.62 -11.48 -18.58
CA ASP C 153 37.14 -11.12 -17.23
C ASP C 153 36.48 -9.82 -16.76
N ILE C 154 36.43 -8.81 -17.62
CA ILE C 154 35.87 -7.45 -17.30
C ILE C 154 34.38 -7.59 -16.97
N SER C 155 33.64 -8.36 -17.77
CA SER C 155 32.18 -8.60 -17.61
C SER C 155 31.92 -9.27 -16.25
N ASP C 156 32.67 -10.32 -15.93
CA ASP C 156 32.54 -11.07 -14.65
C ASP C 156 32.79 -10.13 -13.47
N TYR C 157 33.86 -9.32 -13.52
CA TYR C 157 34.21 -8.37 -12.43
C TYR C 157 33.04 -7.40 -12.22
N VAL C 158 32.54 -6.80 -13.30
CA VAL C 158 31.40 -5.86 -13.29
C VAL C 158 30.19 -6.55 -12.68
N ALA C 159 29.85 -7.75 -13.19
CA ALA C 159 28.68 -8.55 -12.77
C ALA C 159 28.78 -8.89 -11.28
N ALA C 160 29.98 -9.22 -10.80
CA ALA C 160 30.22 -9.84 -9.48
C ALA C 160 30.57 -8.80 -8.41
N ASN C 161 31.03 -7.60 -8.80
CA ASN C 161 31.62 -6.61 -7.86
C ASN C 161 31.00 -5.21 -8.00
N MET C 162 30.20 -4.95 -9.04
CA MET C 162 29.71 -3.57 -9.34
C MET C 162 28.18 -3.53 -9.52
N LYS C 163 27.61 -4.51 -10.23
CA LYS C 163 26.19 -4.47 -10.71
C LYS C 163 25.21 -4.40 -9.54
N ASP C 164 25.35 -5.31 -8.56
CA ASP C 164 24.40 -5.43 -7.41
C ASP C 164 24.33 -4.10 -6.65
N ALA C 165 25.48 -3.52 -6.29
CA ALA C 165 25.60 -2.25 -5.56
C ALA C 165 24.92 -1.12 -6.36
N ILE C 166 25.22 -1.01 -7.65
CA ILE C 166 24.66 0.04 -8.57
C ILE C 166 23.13 -0.10 -8.62
N SER C 167 22.62 -1.33 -8.74
CA SER C 167 21.18 -1.65 -8.91
C SER C 167 20.39 -1.35 -7.63
N ARG C 168 21.07 -1.08 -6.50
CA ARG C 168 20.45 -0.70 -5.21
C ARG C 168 20.70 0.78 -4.90
N THR C 169 21.36 1.52 -5.81
CA THR C 169 21.69 2.96 -5.64
C THR C 169 20.41 3.79 -5.81
N SER C 170 20.33 4.93 -5.13
CA SER C 170 19.16 5.85 -5.08
C SER C 170 18.79 6.30 -6.49
N GLY C 171 17.56 6.02 -6.92
CA GLY C 171 16.99 6.48 -8.20
C GLY C 171 17.21 5.52 -9.35
N VAL C 172 18.04 4.48 -9.15
CA VAL C 172 18.37 3.48 -10.21
C VAL C 172 17.20 2.50 -10.36
N GLY C 173 16.62 2.43 -11.56
CA GLY C 173 15.61 1.42 -11.92
C GLY C 173 16.27 0.11 -12.31
N ASP C 174 16.06 -0.35 -13.55
CA ASP C 174 16.66 -1.58 -14.10
C ASP C 174 18.14 -1.33 -14.41
N VAL C 175 18.96 -2.38 -14.30
CA VAL C 175 20.42 -2.36 -14.68
C VAL C 175 20.69 -3.60 -15.55
N GLN C 176 21.15 -3.36 -16.80
CA GLN C 176 21.49 -4.39 -17.80
C GLN C 176 23.02 -4.54 -17.87
N LEU C 177 23.53 -5.77 -17.83
CA LEU C 177 24.98 -6.06 -18.02
C LEU C 177 25.23 -6.27 -19.52
N PHE C 178 26.16 -5.49 -20.09
CA PHE C 178 26.65 -5.64 -21.48
C PHE C 178 27.76 -6.68 -21.48
N GLY C 179 27.35 -7.95 -21.36
CA GLY C 179 28.22 -9.12 -21.13
C GLY C 179 27.54 -10.12 -20.21
N SER C 180 28.30 -11.03 -19.62
CA SER C 180 27.79 -12.10 -18.72
C SER C 180 28.75 -12.33 -17.56
N GLN C 181 28.20 -12.63 -16.38
CA GLN C 181 28.96 -13.10 -15.19
C GLN C 181 29.53 -14.48 -15.51
N TYR C 182 30.68 -14.83 -14.92
CA TYR C 182 31.28 -16.19 -15.05
C TYR C 182 30.36 -17.21 -14.37
N ALA C 183 30.26 -18.38 -15.00
CA ALA C 183 29.75 -19.64 -14.41
C ALA C 183 30.86 -20.68 -14.51
N MET C 184 30.71 -21.81 -13.83
CA MET C 184 31.57 -23.01 -14.04
C MET C 184 31.05 -23.72 -15.31
N ARG C 185 31.76 -23.56 -16.43
CA ARG C 185 31.39 -24.16 -17.73
C ARG C 185 32.02 -25.55 -17.83
N ILE C 186 31.19 -26.58 -17.85
CA ILE C 186 31.55 -27.98 -18.19
C ILE C 186 31.27 -28.18 -19.68
N TRP C 187 32.30 -28.06 -20.53
CA TRP C 187 32.20 -28.24 -22.01
C TRP C 187 32.39 -29.72 -22.34
N MET C 188 31.29 -30.43 -22.62
CA MET C 188 31.26 -31.91 -22.77
C MET C 188 31.76 -32.31 -24.16
N ASN C 189 32.40 -33.48 -24.26
CA ASN C 189 32.91 -34.10 -25.51
C ASN C 189 32.17 -35.42 -25.73
N PRO C 190 31.31 -35.54 -26.78
CA PRO C 190 30.47 -36.72 -26.97
C PRO C 190 31.26 -38.00 -27.27
N ASN C 191 32.42 -37.88 -27.94
CA ASN C 191 33.33 -39.01 -28.27
C ASN C 191 33.86 -39.62 -26.97
N GLU C 192 34.38 -38.78 -26.06
CA GLU C 192 34.96 -39.19 -24.76
C GLU C 192 33.84 -39.75 -23.85
N LEU C 193 32.63 -39.18 -23.93
CA LEU C 193 31.44 -39.67 -23.18
C LEU C 193 31.09 -41.09 -23.67
N ASN C 194 31.02 -41.28 -24.99
CA ASN C 194 30.71 -42.57 -25.66
C ASN C 194 31.78 -43.61 -25.29
N LYS C 195 33.04 -43.19 -25.29
CA LYS C 195 34.24 -44.04 -25.03
C LYS C 195 34.12 -44.71 -23.65
N PHE C 196 33.61 -43.98 -22.65
CA PHE C 196 33.51 -44.45 -21.23
C PHE C 196 32.06 -44.86 -20.91
N GLN C 197 31.21 -45.01 -21.92
CA GLN C 197 29.78 -45.38 -21.78
C GLN C 197 29.09 -44.47 -20.77
N LEU C 198 29.16 -43.15 -20.98
CA LEU C 198 28.53 -42.11 -20.12
C LEU C 198 27.71 -41.15 -20.98
N THR C 199 26.76 -40.44 -20.34
CA THR C 199 25.88 -39.42 -20.96
C THR C 199 25.94 -38.14 -20.13
N PRO C 200 25.39 -37.00 -20.61
CA PRO C 200 25.24 -35.80 -19.79
C PRO C 200 24.44 -36.02 -18.49
N VAL C 201 23.56 -37.02 -18.46
CA VAL C 201 22.76 -37.43 -17.27
C VAL C 201 23.73 -37.83 -16.15
N ASP C 202 24.72 -38.66 -16.49
CA ASP C 202 25.76 -39.16 -15.55
C ASP C 202 26.60 -37.98 -15.04
N VAL C 203 26.87 -37.01 -15.91
CA VAL C 203 27.67 -35.78 -15.57
C VAL C 203 26.86 -34.93 -14.58
N ILE C 204 25.58 -34.66 -14.89
CA ILE C 204 24.67 -33.82 -14.07
C ILE C 204 24.51 -34.47 -12.67
N THR C 205 24.23 -35.78 -12.64
CA THR C 205 24.05 -36.58 -11.40
C THR C 205 25.31 -36.46 -10.51
N ALA C 206 26.50 -36.57 -11.12
CA ALA C 206 27.81 -36.52 -10.44
C ALA C 206 28.05 -35.12 -9.85
N ILE C 207 27.79 -34.06 -10.64
CA ILE C 207 27.97 -32.64 -10.21
C ILE C 207 27.04 -32.36 -9.02
N LYS C 208 25.79 -32.82 -9.09
CA LYS C 208 24.77 -32.60 -8.02
C LYS C 208 25.23 -33.28 -6.72
N ALA C 209 25.83 -34.47 -6.83
CA ALA C 209 26.28 -35.30 -5.69
C ALA C 209 27.57 -34.74 -5.07
N GLN C 210 28.48 -34.20 -5.88
CA GLN C 210 29.87 -33.86 -5.48
C GLN C 210 30.11 -32.34 -5.46
N ASN C 211 29.17 -31.54 -5.98
CA ASN C 211 29.10 -30.07 -5.76
C ASN C 211 27.82 -29.79 -4.96
N ALA C 212 27.85 -30.13 -3.67
CA ALA C 212 26.70 -30.10 -2.75
C ALA C 212 27.05 -29.29 -1.50
N GLN C 213 26.04 -28.66 -0.88
CA GLN C 213 26.14 -27.97 0.42
C GLN C 213 25.11 -28.61 1.38
N VAL C 214 25.57 -29.53 2.22
CA VAL C 214 24.70 -30.41 3.08
C VAL C 214 24.57 -29.79 4.47
N ALA C 215 23.34 -29.74 4.99
CA ALA C 215 23.01 -29.48 6.41
C ALA C 215 23.16 -30.78 7.18
N ALA C 216 24.15 -30.87 8.08
CA ALA C 216 24.55 -32.12 8.76
C ALA C 216 24.35 -32.04 10.27
N GLY C 217 23.77 -30.94 10.78
CA GLY C 217 23.36 -30.81 12.19
C GLY C 217 24.53 -30.52 13.12
N GLN C 218 24.43 -30.96 14.38
CA GLN C 218 25.36 -30.58 15.49
C GLN C 218 25.66 -31.79 16.38
N LEU C 219 26.87 -31.78 16.96
CA LEU C 219 27.23 -32.54 18.19
C LEU C 219 26.75 -31.73 19.40
N GLY C 220 26.03 -32.37 20.33
CA GLY C 220 25.51 -31.72 21.56
C GLY C 220 24.47 -30.66 21.25
N GLY C 221 23.65 -30.87 20.21
CA GLY C 221 22.55 -29.95 19.83
C GLY C 221 21.33 -30.18 20.69
N THR C 222 20.42 -29.20 20.74
CA THR C 222 19.16 -29.24 21.53
C THR C 222 18.16 -30.20 20.88
N PRO C 223 17.45 -31.05 21.65
CA PRO C 223 17.65 -31.18 23.10
C PRO C 223 18.84 -32.09 23.41
N PRO C 224 19.76 -31.67 24.32
CA PRO C 224 20.93 -32.47 24.64
C PRO C 224 20.64 -33.44 25.79
N VAL C 225 21.55 -34.39 26.04
CA VAL C 225 21.65 -35.09 27.36
C VAL C 225 22.18 -34.05 28.35
N LYS C 226 21.48 -33.80 29.46
CA LYS C 226 21.92 -32.85 30.52
C LYS C 226 23.34 -33.22 30.94
N GLY C 227 24.24 -32.23 30.98
CA GLY C 227 25.66 -32.40 31.33
C GLY C 227 26.59 -32.25 30.13
N GLN C 228 26.03 -32.29 28.91
CA GLN C 228 26.78 -32.11 27.64
C GLN C 228 27.67 -30.87 27.75
N GLN C 229 28.98 -31.03 27.50
CA GLN C 229 29.98 -29.93 27.49
C GLN C 229 30.17 -29.45 26.05
N LEU C 230 30.37 -30.37 25.11
CA LEU C 230 30.69 -30.08 23.68
C LEU C 230 29.42 -29.72 22.91
N ASN C 231 29.39 -28.52 22.30
CA ASN C 231 28.40 -28.13 21.27
C ASN C 231 29.18 -27.64 20.04
N ALA C 232 29.18 -28.41 18.95
CA ALA C 232 29.91 -28.11 17.69
C ALA C 232 29.05 -28.44 16.48
N SER C 233 29.11 -27.59 15.45
CA SER C 233 28.50 -27.82 14.11
C SER C 233 29.22 -28.99 13.42
N ILE C 234 28.48 -29.84 12.72
CA ILE C 234 29.02 -30.86 11.78
C ILE C 234 29.04 -30.25 10.38
N ILE C 235 30.22 -30.13 9.78
CA ILE C 235 30.42 -29.64 8.39
C ILE C 235 30.67 -30.86 7.49
N ALA C 236 29.74 -31.14 6.58
CA ALA C 236 29.85 -32.20 5.56
C ALA C 236 30.31 -31.56 4.24
N GLN C 237 29.74 -31.95 3.10
CA GLN C 237 30.09 -31.41 1.77
C GLN C 237 29.84 -29.90 1.73
N THR C 238 30.79 -29.15 1.16
CA THR C 238 30.65 -27.72 0.79
C THR C 238 30.77 -27.60 -0.74
N ARG C 239 30.26 -26.51 -1.31
CA ARG C 239 30.31 -26.21 -2.76
C ARG C 239 31.78 -26.22 -3.23
N LEU C 240 32.03 -26.68 -4.45
CA LEU C 240 33.37 -26.58 -5.12
C LEU C 240 33.60 -25.10 -5.46
N THR C 241 34.87 -24.68 -5.54
CA THR C 241 35.26 -23.25 -5.63
C THR C 241 36.20 -22.97 -6.82
N SER C 242 36.50 -23.98 -7.65
CA SER C 242 37.58 -23.91 -8.68
C SER C 242 37.39 -24.99 -9.75
N THR C 243 37.93 -24.73 -10.95
CA THR C 243 37.94 -25.67 -12.10
C THR C 243 38.67 -26.97 -11.71
N GLU C 244 39.73 -26.86 -10.92
CA GLU C 244 40.54 -28.01 -10.42
C GLU C 244 39.61 -29.02 -9.74
N GLU C 245 38.77 -28.55 -8.81
CA GLU C 245 37.88 -29.39 -7.97
C GLU C 245 36.79 -30.04 -8.85
N PHE C 246 36.20 -29.28 -9.77
CA PHE C 246 35.17 -29.78 -10.73
C PHE C 246 35.79 -30.85 -11.65
N GLY C 247 37.04 -30.61 -12.09
CA GLY C 247 37.78 -31.51 -12.98
C GLY C 247 37.95 -32.91 -12.40
N LYS C 248 38.19 -33.03 -11.09
CA LYS C 248 38.49 -34.31 -10.40
C LYS C 248 37.21 -34.92 -9.81
N ILE C 249 36.03 -34.38 -10.16
CA ILE C 249 34.71 -35.03 -9.87
C ILE C 249 34.77 -36.44 -10.46
N LEU C 250 34.51 -37.46 -9.63
CA LEU C 250 34.60 -38.90 -10.02
C LEU C 250 33.27 -39.31 -10.68
N LEU C 251 33.30 -39.61 -11.98
CA LEU C 251 32.12 -40.08 -12.75
C LEU C 251 31.90 -41.58 -12.48
N LYS C 252 32.98 -42.38 -12.50
CA LYS C 252 32.94 -43.82 -12.18
C LYS C 252 34.36 -44.38 -12.05
N VAL C 253 34.49 -45.54 -11.40
CA VAL C 253 35.73 -46.36 -11.33
C VAL C 253 35.55 -47.56 -12.26
N ASN C 254 36.47 -47.74 -13.21
CA ASN C 254 36.47 -48.88 -14.17
C ASN C 254 36.85 -50.17 -13.41
N GLN C 255 36.55 -51.33 -14.01
CA GLN C 255 36.74 -52.67 -13.38
C GLN C 255 38.22 -52.93 -13.12
N ASP C 256 39.09 -52.48 -14.04
CA ASP C 256 40.57 -52.65 -13.94
C ASP C 256 41.13 -51.80 -12.78
N GLY C 257 40.40 -50.77 -12.36
CA GLY C 257 40.73 -49.93 -11.19
C GLY C 257 40.92 -48.46 -11.55
N SER C 258 41.14 -48.16 -12.84
CA SER C 258 41.32 -46.79 -13.38
C SER C 258 40.04 -45.97 -13.16
N ARG C 259 40.19 -44.71 -12.79
CA ARG C 259 39.07 -43.79 -12.43
C ARG C 259 38.77 -42.86 -13.62
N VAL C 260 37.49 -42.64 -13.91
CA VAL C 260 37.01 -41.66 -14.93
C VAL C 260 36.59 -40.36 -14.20
N LEU C 261 37.40 -39.31 -14.35
CA LEU C 261 37.15 -37.96 -13.79
C LEU C 261 36.42 -37.13 -14.85
N LEU C 262 35.78 -36.03 -14.44
CA LEU C 262 34.98 -35.15 -15.34
C LEU C 262 35.89 -34.50 -16.39
N ARG C 263 37.14 -34.21 -16.02
CA ARG C 263 38.14 -33.57 -16.93
C ARG C 263 38.56 -34.55 -18.03
N ASP C 264 38.23 -35.84 -17.90
CA ASP C 264 38.53 -36.89 -18.92
C ASP C 264 37.47 -36.90 -20.02
N VAL C 265 36.32 -36.25 -19.81
CA VAL C 265 35.20 -36.21 -20.80
C VAL C 265 34.79 -34.76 -21.13
N ALA C 266 35.44 -33.75 -20.54
CA ALA C 266 35.03 -32.34 -20.67
C ALA C 266 36.19 -31.37 -20.40
N LYS C 267 36.12 -30.17 -20.99
CA LYS C 267 36.97 -29.00 -20.66
C LYS C 267 36.29 -28.22 -19.53
N ILE C 268 37.02 -27.96 -18.45
CA ILE C 268 36.52 -27.23 -17.25
C ILE C 268 37.16 -25.84 -17.26
N GLU C 269 36.34 -24.78 -17.31
CA GLU C 269 36.83 -23.37 -17.32
C GLU C 269 35.73 -22.45 -16.81
N LEU C 270 36.10 -21.31 -16.22
CA LEU C 270 35.19 -20.16 -15.96
C LEU C 270 34.82 -19.54 -17.31
N GLY C 271 33.52 -19.43 -17.59
CA GLY C 271 32.96 -18.78 -18.78
C GLY C 271 31.61 -18.16 -18.48
N GLY C 272 31.14 -17.25 -19.34
CA GLY C 272 29.86 -16.55 -19.18
C GLY C 272 28.70 -17.51 -18.99
N GLU C 273 27.68 -17.09 -18.22
CA GLU C 273 26.36 -17.78 -18.12
C GLU C 273 25.79 -17.90 -19.54
N ASN C 274 25.97 -16.85 -20.35
CA ASN C 274 25.63 -16.82 -21.81
C ASN C 274 26.78 -16.11 -22.55
N TYR C 275 26.81 -16.25 -23.89
CA TYR C 275 27.83 -15.67 -24.80
C TYR C 275 27.13 -14.86 -25.89
N ASP C 276 26.00 -14.24 -25.56
CA ASP C 276 25.06 -13.62 -26.54
C ASP C 276 25.38 -12.13 -26.73
N ILE C 277 26.00 -11.48 -25.75
CA ILE C 277 26.32 -10.01 -25.78
C ILE C 277 27.83 -9.82 -25.77
N ILE C 278 28.35 -9.12 -26.80
CA ILE C 278 29.79 -8.74 -26.95
C ILE C 278 29.85 -7.25 -27.26
N ALA C 279 30.30 -6.44 -26.30
CA ALA C 279 30.38 -4.97 -26.38
C ALA C 279 31.82 -4.54 -26.71
N GLU C 280 31.96 -3.45 -27.46
CA GLU C 280 33.27 -2.80 -27.76
C GLU C 280 33.14 -1.28 -27.55
N PHE C 281 34.17 -0.66 -26.97
CA PHE C 281 34.32 0.81 -26.81
C PHE C 281 35.41 1.29 -27.77
N ASN C 282 35.01 1.97 -28.85
CA ASN C 282 35.91 2.47 -29.92
C ASN C 282 36.77 1.32 -30.46
N GLY C 283 36.17 0.14 -30.67
CA GLY C 283 36.81 -1.04 -31.27
C GLY C 283 37.59 -1.88 -30.26
N GLN C 284 37.68 -1.42 -29.00
CA GLN C 284 38.43 -2.11 -27.91
C GLN C 284 37.46 -2.98 -27.10
N PRO C 285 37.86 -4.21 -26.69
CA PRO C 285 37.01 -5.05 -25.84
C PRO C 285 36.56 -4.33 -24.56
N ALA C 286 35.27 -4.40 -24.25
CA ALA C 286 34.62 -3.71 -23.10
C ALA C 286 33.47 -4.54 -22.55
N SER C 287 33.09 -4.26 -21.30
CA SER C 287 31.77 -4.57 -20.70
C SER C 287 31.11 -3.24 -20.29
N GLY C 288 30.00 -3.30 -19.58
CA GLY C 288 29.35 -2.08 -19.04
C GLY C 288 28.00 -2.36 -18.42
N LEU C 289 27.39 -1.32 -17.86
CA LEU C 289 26.04 -1.35 -17.23
C LEU C 289 25.16 -0.33 -17.95
N GLY C 290 24.07 -0.80 -18.57
CA GLY C 290 22.97 0.05 -19.04
C GLY C 290 22.03 0.38 -17.90
N ILE C 291 22.15 1.59 -17.34
CA ILE C 291 21.41 2.03 -16.12
C ILE C 291 20.17 2.80 -16.55
N LYS C 292 19.01 2.43 -16.00
CA LYS C 292 17.70 3.10 -16.23
C LYS C 292 17.31 3.89 -14.98
N LEU C 293 16.65 5.03 -15.17
CA LEU C 293 16.13 5.90 -14.09
C LEU C 293 14.83 5.29 -13.57
N ALA C 294 14.72 5.13 -12.24
CA ALA C 294 13.49 4.66 -11.56
C ALA C 294 12.37 5.68 -11.77
N THR C 295 11.13 5.20 -11.90
CA THR C 295 9.91 6.05 -12.11
C THR C 295 9.88 7.15 -11.04
N GLY C 296 9.82 8.41 -11.48
CA GLY C 296 9.66 9.59 -10.60
C GLY C 296 10.94 9.99 -9.87
N ALA C 297 12.08 9.39 -10.21
CA ALA C 297 13.41 9.70 -9.62
C ALA C 297 14.00 10.92 -10.35
N ASN C 298 14.86 11.68 -9.65
CA ASN C 298 15.54 12.88 -10.20
C ASN C 298 16.80 12.43 -10.94
N ALA C 299 16.91 12.76 -12.23
CA ALA C 299 17.99 12.32 -13.15
C ALA C 299 19.36 12.74 -12.62
N LEU C 300 19.52 14.01 -12.27
CA LEU C 300 20.82 14.61 -11.85
C LEU C 300 21.27 13.99 -10.51
N ASP C 301 20.34 13.82 -9.56
CA ASP C 301 20.61 13.21 -8.23
C ASP C 301 21.09 11.76 -8.43
N THR C 302 20.39 11.00 -9.28
CA THR C 302 20.67 9.57 -9.59
C THR C 302 22.05 9.46 -10.24
N ALA C 303 22.37 10.34 -11.19
CA ALA C 303 23.67 10.37 -11.90
C ALA C 303 24.80 10.62 -10.90
N ALA C 304 24.60 11.56 -9.96
CA ALA C 304 25.55 11.90 -8.88
C ALA C 304 25.71 10.72 -7.92
N ALA C 305 24.60 10.04 -7.61
CA ALA C 305 24.54 8.86 -6.71
C ALA C 305 25.31 7.70 -7.35
N ILE C 306 25.18 7.53 -8.68
CA ILE C 306 25.87 6.46 -9.47
C ILE C 306 27.37 6.72 -9.44
N ARG C 307 27.80 7.95 -9.70
CA ARG C 307 29.24 8.36 -9.74
C ARG C 307 29.85 8.20 -8.34
N ALA C 308 29.15 8.64 -7.30
CA ALA C 308 29.58 8.51 -5.88
C ALA C 308 29.84 7.03 -5.55
N GLU C 309 28.97 6.13 -6.03
CA GLU C 309 29.06 4.67 -5.79
C GLU C 309 30.26 4.09 -6.55
N LEU C 310 30.50 4.55 -7.79
CA LEU C 310 31.63 4.10 -8.64
C LEU C 310 32.95 4.58 -8.03
N ALA C 311 32.98 5.79 -7.46
CA ALA C 311 34.15 6.40 -6.78
C ALA C 311 34.56 5.53 -5.59
N LYS C 312 33.58 4.93 -4.91
CA LYS C 312 33.76 4.07 -3.71
C LYS C 312 34.33 2.70 -4.13
N MET C 313 34.07 2.28 -5.38
CA MET C 313 34.50 0.97 -5.95
C MET C 313 35.92 1.08 -6.54
N GLU C 314 36.27 2.23 -7.13
CA GLU C 314 37.50 2.45 -7.93
C GLU C 314 38.76 1.97 -7.19
N PRO C 315 38.99 2.34 -5.91
CA PRO C 315 40.23 1.96 -5.22
C PRO C 315 40.46 0.44 -5.04
N PHE C 316 39.46 -0.40 -5.31
CA PHE C 316 39.52 -1.88 -5.12
C PHE C 316 39.56 -2.59 -6.49
N PHE C 317 39.64 -1.84 -7.59
CA PHE C 317 39.73 -2.39 -8.97
C PHE C 317 41.04 -3.14 -9.13
N PRO C 318 41.07 -4.25 -9.92
CA PRO C 318 42.34 -4.83 -10.36
C PRO C 318 43.04 -3.84 -11.31
N SER C 319 44.38 -3.93 -11.39
CA SER C 319 45.24 -3.00 -12.17
C SER C 319 44.71 -2.87 -13.60
N GLY C 320 44.63 -1.63 -14.10
CA GLY C 320 44.35 -1.33 -15.52
C GLY C 320 42.87 -1.29 -15.86
N LEU C 321 41.98 -1.66 -14.93
CA LEU C 321 40.52 -1.55 -15.12
C LEU C 321 40.14 -0.06 -15.01
N LYS C 322 39.46 0.47 -16.03
CA LYS C 322 39.11 1.90 -16.14
C LYS C 322 37.63 2.05 -16.53
N ILE C 323 36.92 2.96 -15.85
CA ILE C 323 35.52 3.34 -16.21
C ILE C 323 35.58 4.37 -17.35
N VAL C 324 34.76 4.16 -18.38
CA VAL C 324 34.50 5.13 -19.47
C VAL C 324 33.01 5.47 -19.47
N TYR C 325 32.64 6.61 -20.04
CA TYR C 325 31.25 7.15 -20.05
C TYR C 325 30.83 7.35 -21.51
N PRO C 326 30.49 6.26 -22.24
CA PRO C 326 30.22 6.34 -23.68
C PRO C 326 28.83 6.83 -24.11
N TYR C 327 27.91 7.06 -23.17
CA TYR C 327 26.50 7.44 -23.44
C TYR C 327 25.84 7.94 -22.16
N ASP C 328 25.55 9.24 -22.09
CA ASP C 328 24.99 9.90 -20.88
C ASP C 328 24.11 11.07 -21.32
N THR C 329 22.87 11.13 -20.83
CA THR C 329 21.87 12.18 -21.17
C THR C 329 22.03 13.38 -20.23
N THR C 330 22.65 13.20 -19.06
CA THR C 330 22.69 14.21 -17.96
C THR C 330 23.55 15.42 -18.36
N PRO C 331 24.62 15.28 -19.18
CA PRO C 331 25.34 16.46 -19.69
C PRO C 331 24.43 17.43 -20.46
N PHE C 332 23.51 16.90 -21.26
CA PHE C 332 22.53 17.72 -22.03
C PHE C 332 21.56 18.41 -21.06
N VAL C 333 21.10 17.68 -20.04
CA VAL C 333 20.18 18.20 -18.98
C VAL C 333 20.83 19.45 -18.37
N LYS C 334 22.11 19.35 -18.00
CA LYS C 334 22.88 20.42 -17.32
C LYS C 334 23.00 21.64 -18.23
N ILE C 335 23.50 21.47 -19.45
CA ILE C 335 23.77 22.59 -20.41
C ILE C 335 22.43 23.24 -20.82
N SER C 336 21.38 22.45 -21.07
CA SER C 336 20.05 22.96 -21.49
C SER C 336 19.48 23.87 -20.40
N ILE C 337 19.77 23.58 -19.12
CA ILE C 337 19.34 24.39 -17.94
C ILE C 337 20.20 25.65 -17.86
N HIS C 338 21.51 25.55 -18.12
CA HIS C 338 22.45 26.69 -18.17
C HIS C 338 22.00 27.69 -19.24
N GLU C 339 21.51 27.18 -20.38
CA GLU C 339 21.11 27.99 -21.56
C GLU C 339 19.80 28.75 -21.28
N VAL C 340 18.90 28.19 -20.45
CA VAL C 340 17.61 28.83 -20.10
C VAL C 340 17.87 29.92 -19.06
N VAL C 341 18.75 29.64 -18.08
CA VAL C 341 19.20 30.64 -17.07
C VAL C 341 19.82 31.83 -17.82
N LYS C 342 20.74 31.55 -18.75
CA LYS C 342 21.38 32.57 -19.63
C LYS C 342 20.29 33.37 -20.34
N THR C 343 19.32 32.70 -20.96
CA THR C 343 18.15 33.29 -21.64
C THR C 343 17.37 34.17 -20.67
N LEU C 344 17.11 33.67 -19.45
CA LEU C 344 16.34 34.38 -18.39
C LEU C 344 17.08 35.66 -17.98
N VAL C 345 18.39 35.57 -17.74
CA VAL C 345 19.27 36.71 -17.34
C VAL C 345 19.29 37.73 -18.49
N GLU C 346 19.39 37.26 -19.74
CA GLU C 346 19.36 38.11 -20.96
C GLU C 346 18.02 38.85 -21.05
N ALA C 347 16.91 38.15 -20.77
CA ALA C 347 15.53 38.70 -20.79
C ALA C 347 15.39 39.83 -19.76
N ILE C 348 15.97 39.65 -18.57
CA ILE C 348 15.92 40.65 -17.45
C ILE C 348 16.70 41.90 -17.86
N ILE C 349 17.85 41.74 -18.51
CA ILE C 349 18.73 42.86 -18.97
C ILE C 349 17.99 43.64 -20.07
N LEU C 350 17.43 42.94 -21.06
CA LEU C 350 16.72 43.57 -22.22
C LEU C 350 15.47 44.31 -21.74
N VAL C 351 14.71 43.71 -20.81
CA VAL C 351 13.47 44.33 -20.23
C VAL C 351 13.86 45.57 -19.43
N PHE C 352 14.99 45.52 -18.71
CA PHE C 352 15.58 46.68 -17.99
C PHE C 352 15.86 47.81 -18.98
N LEU C 353 16.54 47.50 -20.08
CA LEU C 353 16.95 48.48 -21.13
C LEU C 353 15.72 49.14 -21.75
N VAL C 354 14.64 48.39 -21.99
CA VAL C 354 13.36 48.92 -22.56
C VAL C 354 12.79 49.95 -21.58
N MET C 355 12.73 49.62 -20.30
CA MET C 355 12.17 50.50 -19.24
C MET C 355 13.05 51.74 -19.10
N TYR C 356 14.37 51.58 -19.18
CA TYR C 356 15.36 52.69 -19.12
C TYR C 356 15.18 53.63 -20.32
N LEU C 357 14.96 53.07 -21.52
CA LEU C 357 14.78 53.83 -22.77
C LEU C 357 13.59 54.80 -22.62
N PHE C 358 12.52 54.38 -21.94
CA PHE C 358 11.25 55.15 -21.80
C PHE C 358 11.28 56.02 -20.53
N LEU C 359 11.88 55.54 -19.44
CA LEU C 359 11.84 56.20 -18.10
C LEU C 359 13.07 57.11 -17.92
N GLN C 360 14.24 56.68 -18.39
CA GLN C 360 15.43 57.54 -18.67
C GLN C 360 16.14 57.92 -17.36
N ASN C 361 15.43 58.39 -16.33
CA ASN C 361 16.00 58.62 -14.98
C ASN C 361 16.21 57.26 -14.30
N PHE C 362 17.28 57.11 -13.52
CA PHE C 362 17.64 55.86 -12.81
C PHE C 362 16.62 55.56 -11.70
N ARG C 363 16.09 56.61 -11.07
CA ARG C 363 15.11 56.49 -9.94
C ARG C 363 13.80 55.92 -10.47
N ALA C 364 13.28 56.49 -11.55
CA ALA C 364 12.03 56.06 -12.24
C ALA C 364 12.19 54.64 -12.79
N THR C 365 13.36 54.31 -13.34
CA THR C 365 13.69 53.02 -13.99
C THR C 365 13.82 51.91 -12.93
N LEU C 366 14.34 52.24 -11.74
CA LEU C 366 14.64 51.27 -10.66
C LEU C 366 13.33 50.75 -10.02
N ILE C 367 12.30 51.59 -9.96
CA ILE C 367 11.01 51.27 -9.27
C ILE C 367 10.41 50.00 -9.87
N PRO C 368 10.12 49.93 -11.19
CA PRO C 368 9.56 48.70 -11.78
C PRO C 368 10.59 47.57 -11.90
N THR C 369 11.89 47.91 -11.94
CA THR C 369 13.02 46.93 -11.99
C THR C 369 13.03 46.08 -10.71
N ILE C 370 12.66 46.69 -9.57
CA ILE C 370 12.62 46.04 -8.23
C ILE C 370 11.52 44.95 -8.21
N ALA C 371 10.50 45.08 -9.06
CA ALA C 371 9.41 44.10 -9.22
C ALA C 371 9.96 42.75 -9.69
N VAL C 372 11.07 42.75 -10.43
CA VAL C 372 11.68 41.52 -11.02
C VAL C 372 12.11 40.57 -9.88
N PRO C 373 13.06 40.95 -9.00
CA PRO C 373 13.48 40.06 -7.91
C PRO C 373 12.33 39.66 -6.98
N VAL C 374 11.46 40.60 -6.62
CA VAL C 374 10.34 40.40 -5.66
C VAL C 374 9.37 39.37 -6.23
N VAL C 375 8.99 39.50 -7.51
CA VAL C 375 8.01 38.60 -8.19
C VAL C 375 8.68 37.24 -8.45
N LEU C 376 9.89 37.22 -9.02
CA LEU C 376 10.60 35.97 -9.39
C LEU C 376 10.87 35.12 -8.15
N LEU C 377 11.53 35.69 -7.13
CA LEU C 377 11.85 34.98 -5.85
C LEU C 377 10.53 34.50 -5.22
N GLY C 378 9.51 35.36 -5.19
CA GLY C 378 8.14 35.02 -4.76
C GLY C 378 7.62 33.78 -5.47
N THR C 379 7.86 33.67 -6.78
CA THR C 379 7.37 32.56 -7.64
C THR C 379 8.11 31.26 -7.29
N PHE C 380 9.43 31.33 -7.06
CA PHE C 380 10.27 30.19 -6.60
C PHE C 380 9.71 29.65 -5.28
N ALA C 381 9.34 30.56 -4.37
CA ALA C 381 8.73 30.24 -3.05
C ALA C 381 7.44 29.44 -3.27
N VAL C 382 6.62 29.84 -4.24
CA VAL C 382 5.31 29.17 -4.56
C VAL C 382 5.60 27.80 -5.19
N LEU C 383 6.58 27.71 -6.10
CA LEU C 383 7.00 26.43 -6.75
C LEU C 383 7.35 25.42 -5.66
N ALA C 384 8.20 25.82 -4.70
CA ALA C 384 8.69 24.99 -3.58
C ALA C 384 7.50 24.52 -2.72
N ALA C 385 6.55 25.42 -2.44
CA ALA C 385 5.36 25.18 -1.58
C ALA C 385 4.49 24.07 -2.18
N PHE C 386 4.31 24.07 -3.51
CA PHE C 386 3.43 23.10 -4.24
C PHE C 386 4.26 21.93 -4.79
N GLY C 387 5.53 21.83 -4.40
CA GLY C 387 6.41 20.68 -4.70
C GLY C 387 6.82 20.61 -6.16
N PHE C 388 6.91 21.76 -6.84
CA PHE C 388 7.42 21.89 -8.23
C PHE C 388 8.94 22.01 -8.19
N SER C 389 9.59 21.71 -9.32
CA SER C 389 11.07 21.74 -9.49
C SER C 389 11.48 22.94 -10.36
N ILE C 390 12.74 23.33 -10.29
CA ILE C 390 13.40 24.22 -11.29
C ILE C 390 13.72 23.35 -12.52
N ASN C 391 12.95 23.51 -13.58
CA ASN C 391 13.10 22.73 -14.85
C ASN C 391 12.97 23.70 -16.03
N THR C 392 13.21 23.22 -17.26
CA THR C 392 13.21 24.04 -18.51
C THR C 392 11.82 24.68 -18.70
N LEU C 393 10.76 23.98 -18.31
CA LEU C 393 9.34 24.43 -18.54
C LEU C 393 8.98 25.53 -17.54
N THR C 394 9.28 25.35 -16.25
CA THR C 394 9.04 26.37 -15.19
C THR C 394 9.90 27.61 -15.49
N MET C 395 11.12 27.41 -16.01
CA MET C 395 12.06 28.50 -16.36
C MET C 395 11.53 29.28 -17.58
N PHE C 396 11.08 28.57 -18.62
CA PHE C 396 10.41 29.18 -19.81
C PHE C 396 9.24 30.05 -19.33
N GLY C 397 8.46 29.53 -18.37
CA GLY C 397 7.35 30.26 -17.72
C GLY C 397 7.80 31.58 -17.14
N MET C 398 9.00 31.60 -16.53
CA MET C 398 9.60 32.81 -15.90
C MET C 398 10.14 33.76 -16.98
N VAL C 399 10.70 33.23 -18.07
CA VAL C 399 11.24 34.04 -19.21
C VAL C 399 10.08 34.80 -19.86
N LEU C 400 8.95 34.12 -20.08
CA LEU C 400 7.68 34.71 -20.61
C LEU C 400 7.18 35.77 -19.63
N ALA C 401 7.29 35.51 -18.32
CA ALA C 401 6.73 36.35 -17.23
C ALA C 401 7.48 37.69 -17.12
N ILE C 402 8.78 37.73 -17.39
CA ILE C 402 9.65 38.93 -17.13
C ILE C 402 8.98 40.16 -17.75
N GLY C 403 8.60 40.06 -19.03
CA GLY C 403 7.99 41.16 -19.80
C GLY C 403 6.56 41.44 -19.39
N LEU C 404 5.97 40.60 -18.54
CA LEU C 404 4.56 40.71 -18.06
C LEU C 404 4.52 41.20 -16.60
N LEU C 405 5.41 40.72 -15.74
CA LEU C 405 5.37 41.02 -14.28
C LEU C 405 5.73 42.49 -14.03
N VAL C 406 6.46 43.14 -14.93
CA VAL C 406 6.86 44.57 -14.83
C VAL C 406 5.71 45.48 -15.28
N ASP C 407 4.70 44.93 -15.96
CA ASP C 407 3.66 45.71 -16.70
C ASP C 407 2.88 46.61 -15.73
N ASP C 408 2.32 46.04 -14.66
CA ASP C 408 1.49 46.77 -13.67
C ASP C 408 2.34 47.86 -13.00
N ALA C 409 3.58 47.55 -12.65
CA ALA C 409 4.55 48.49 -12.02
C ALA C 409 4.83 49.65 -12.98
N ILE C 410 5.05 49.35 -14.27
CA ILE C 410 5.29 50.37 -15.34
C ILE C 410 4.07 51.28 -15.42
N VAL C 411 2.88 50.71 -15.56
CA VAL C 411 1.59 51.45 -15.69
C VAL C 411 1.48 52.46 -14.53
N VAL C 412 1.87 52.05 -13.31
CA VAL C 412 1.83 52.93 -12.10
C VAL C 412 2.81 54.09 -12.29
N VAL C 413 4.10 53.78 -12.54
CA VAL C 413 5.21 54.78 -12.62
C VAL C 413 4.94 55.74 -13.78
N GLU C 414 4.52 55.22 -14.94
CA GLU C 414 4.27 56.01 -16.17
C GLU C 414 3.11 56.98 -15.93
N ASN C 415 2.04 56.53 -15.27
CA ASN C 415 0.81 57.31 -14.99
C ASN C 415 1.13 58.43 -13.99
N VAL C 416 2.01 58.17 -13.03
CA VAL C 416 2.49 59.15 -12.02
C VAL C 416 3.28 60.25 -12.73
N GLU C 417 4.18 59.88 -13.65
CA GLU C 417 5.03 60.83 -14.41
C GLU C 417 4.17 61.70 -15.33
N ARG C 418 3.11 61.12 -15.92
CA ARG C 418 2.15 61.84 -16.80
C ARG C 418 1.39 62.90 -15.98
N VAL C 419 0.89 62.52 -14.80
CA VAL C 419 0.11 63.41 -13.90
C VAL C 419 0.99 64.60 -13.47
N MET C 420 2.25 64.34 -13.12
CA MET C 420 3.24 65.38 -12.75
C MET C 420 3.54 66.28 -13.96
N ALA C 421 3.63 65.70 -15.15
CA ALA C 421 3.89 66.41 -16.43
C ALA C 421 2.67 67.29 -16.80
N GLU C 422 1.46 66.80 -16.50
CA GLU C 422 0.18 67.46 -16.92
C GLU C 422 -0.21 68.55 -15.91
N GLU C 423 -0.09 68.28 -14.61
CA GLU C 423 -0.64 69.13 -13.52
C GLU C 423 0.48 69.81 -12.71
N GLY C 424 1.65 69.18 -12.60
CA GLY C 424 2.79 69.72 -11.82
C GLY C 424 2.66 69.41 -10.32
N LEU C 425 1.82 68.44 -9.97
CA LEU C 425 1.66 67.92 -8.58
C LEU C 425 3.01 67.32 -8.14
N PRO C 426 3.35 67.37 -6.82
CA PRO C 426 4.50 66.63 -6.32
C PRO C 426 4.22 65.13 -6.26
N PRO C 427 5.26 64.27 -6.25
CA PRO C 427 5.09 62.82 -6.38
C PRO C 427 3.95 62.18 -5.57
N LYS C 428 3.83 62.55 -4.29
CA LYS C 428 2.88 61.93 -3.32
C LYS C 428 1.44 62.13 -3.80
N GLU C 429 1.06 63.39 -4.10
CA GLU C 429 -0.27 63.76 -4.66
C GLU C 429 -0.48 63.01 -5.97
N ALA C 430 0.52 63.03 -6.85
CA ALA C 430 0.49 62.41 -8.21
C ALA C 430 0.22 60.91 -8.08
N THR C 431 0.91 60.24 -7.15
CA THR C 431 0.77 58.77 -6.88
C THR C 431 -0.64 58.47 -6.38
N ARG C 432 -1.11 59.19 -5.36
CA ARG C 432 -2.47 59.05 -4.77
C ARG C 432 -3.53 59.15 -5.87
N LYS C 433 -3.46 60.19 -6.70
CA LYS C 433 -4.39 60.44 -7.83
C LYS C 433 -4.27 59.28 -8.83
N SER C 434 -3.04 58.97 -9.24
CA SER C 434 -2.71 57.93 -10.25
C SER C 434 -3.35 56.58 -9.88
N MET C 435 -3.17 56.15 -8.63
CA MET C 435 -3.68 54.83 -8.13
C MET C 435 -5.20 54.78 -8.27
N GLY C 436 -5.89 55.92 -8.10
CA GLY C 436 -7.35 56.04 -8.24
C GLY C 436 -7.82 55.92 -9.68
N GLN C 437 -6.92 56.10 -10.65
CA GLN C 437 -7.24 56.11 -12.11
C GLN C 437 -6.96 54.75 -12.76
N ILE C 438 -6.04 53.94 -12.21
CA ILE C 438 -5.39 52.80 -12.92
C ILE C 438 -5.73 51.45 -12.30
N GLN C 439 -6.23 51.40 -11.06
CA GLN C 439 -6.47 50.13 -10.31
C GLN C 439 -7.22 49.13 -11.19
N GLY C 440 -8.22 49.59 -11.95
CA GLY C 440 -9.03 48.75 -12.86
C GLY C 440 -8.18 48.09 -13.93
N ALA C 441 -7.16 48.80 -14.44
CA ALA C 441 -6.19 48.30 -15.44
C ALA C 441 -5.23 47.30 -14.76
N LEU C 442 -4.66 47.68 -13.61
CA LEU C 442 -3.68 46.86 -12.85
C LEU C 442 -4.26 45.47 -12.57
N VAL C 443 -5.50 45.42 -12.06
CA VAL C 443 -6.20 44.17 -11.67
C VAL C 443 -6.65 43.43 -12.94
N GLY C 444 -7.12 44.17 -13.94
CA GLY C 444 -7.55 43.61 -15.25
C GLY C 444 -6.42 42.87 -15.95
N ILE C 445 -5.25 43.49 -16.06
CA ILE C 445 -4.03 42.92 -16.71
C ILE C 445 -3.68 41.59 -16.03
N ALA C 446 -3.49 41.62 -14.70
CA ALA C 446 -3.08 40.46 -13.88
C ALA C 446 -4.12 39.33 -13.98
N MET C 447 -5.40 39.68 -14.05
CA MET C 447 -6.52 38.71 -14.07
C MET C 447 -6.51 37.92 -15.39
N VAL C 448 -6.53 38.61 -16.53
CA VAL C 448 -6.62 37.98 -17.89
C VAL C 448 -5.36 37.16 -18.18
N LEU C 449 -4.20 37.59 -17.66
CA LEU C 449 -2.90 36.90 -17.86
C LEU C 449 -2.71 35.81 -16.80
N SER C 450 -3.63 35.70 -15.83
CA SER C 450 -3.71 34.58 -14.85
C SER C 450 -4.77 33.57 -15.33
N ALA C 451 -6.00 34.06 -15.55
CA ALA C 451 -7.20 33.26 -15.86
C ALA C 451 -6.95 32.38 -17.09
N VAL C 452 -6.16 32.85 -18.06
CA VAL C 452 -5.96 32.17 -19.37
C VAL C 452 -5.06 30.93 -19.18
N PHE C 453 -4.31 30.85 -18.08
CA PHE C 453 -3.39 29.72 -17.76
C PHE C 453 -4.01 28.80 -16.71
N VAL C 454 -5.27 29.03 -16.31
CA VAL C 454 -5.95 28.23 -15.24
C VAL C 454 -6.53 26.95 -15.85
N PRO C 455 -7.41 27.01 -16.89
CA PRO C 455 -8.02 25.80 -17.43
C PRO C 455 -7.02 24.73 -17.89
N MET C 456 -5.87 25.12 -18.42
CA MET C 456 -4.84 24.20 -18.99
C MET C 456 -4.28 23.29 -17.90
N ALA C 457 -4.28 23.73 -16.64
CA ALA C 457 -3.80 22.98 -15.46
C ALA C 457 -4.64 21.71 -15.26
N PHE C 458 -5.93 21.75 -15.62
CA PHE C 458 -6.91 20.66 -15.39
C PHE C 458 -6.84 19.61 -16.50
N PHE C 459 -6.15 19.91 -17.61
CA PHE C 459 -5.99 18.99 -18.77
C PHE C 459 -5.01 17.86 -18.41
N GLY C 460 -5.08 16.75 -19.15
CA GLY C 460 -4.38 15.49 -18.82
C GLY C 460 -3.40 15.07 -19.89
N GLY C 461 -2.79 13.89 -19.72
CA GLY C 461 -1.71 13.37 -20.57
C GLY C 461 -0.39 14.06 -20.26
N SER C 462 0.66 13.75 -21.04
CA SER C 462 1.99 14.39 -20.94
C SER C 462 1.85 15.90 -21.17
N THR C 463 0.94 16.31 -22.05
CA THR C 463 0.62 17.72 -22.38
C THR C 463 0.20 18.45 -21.10
N GLY C 464 -0.76 17.89 -20.35
CA GLY C 464 -1.25 18.42 -19.07
C GLY C 464 -0.13 18.67 -18.08
N ALA C 465 0.84 17.75 -17.98
CA ALA C 465 2.02 17.84 -17.08
C ALA C 465 2.88 19.04 -17.48
N ILE C 466 3.04 19.27 -18.78
CA ILE C 466 3.79 20.42 -19.36
C ILE C 466 3.03 21.71 -19.05
N TYR C 467 1.73 21.75 -19.38
CA TYR C 467 0.84 22.92 -19.17
C TYR C 467 0.97 23.45 -17.73
N ARG C 468 0.87 22.55 -16.74
CA ARG C 468 0.84 22.90 -15.29
C ARG C 468 2.12 23.65 -14.89
N GLN C 469 3.27 23.34 -15.53
CA GLN C 469 4.58 23.99 -15.24
C GLN C 469 4.48 25.48 -15.57
N PHE C 470 3.93 25.82 -16.74
CA PHE C 470 3.70 27.21 -17.21
C PHE C 470 2.61 27.86 -16.36
N SER C 471 1.56 27.10 -16.05
CA SER C 471 0.36 27.54 -15.30
C SER C 471 0.75 28.06 -13.91
N ILE C 472 1.40 27.23 -13.10
CA ILE C 472 1.83 27.56 -11.71
C ILE C 472 2.77 28.78 -11.74
N THR C 473 3.68 28.84 -12.71
CA THR C 473 4.76 29.85 -12.80
C THR C 473 4.18 31.24 -13.11
N ILE C 474 3.36 31.34 -14.16
CA ILE C 474 2.87 32.65 -14.71
C ILE C 474 1.76 33.21 -13.81
N VAL C 475 0.79 32.38 -13.40
CA VAL C 475 -0.33 32.79 -12.51
C VAL C 475 0.26 33.37 -11.22
N SER C 476 1.28 32.71 -10.64
CA SER C 476 2.01 33.14 -9.42
C SER C 476 2.68 34.50 -9.67
N ALA C 477 3.41 34.62 -10.78
CA ALA C 477 4.16 35.83 -11.19
C ALA C 477 3.18 37.00 -11.38
N MET C 478 2.03 36.76 -12.00
CA MET C 478 1.01 37.81 -12.31
C MET C 478 0.27 38.24 -11.03
N ALA C 479 -0.09 37.28 -10.17
CA ALA C 479 -0.77 37.55 -8.87
C ALA C 479 0.16 38.39 -7.99
N LEU C 480 1.45 38.08 -7.97
CA LEU C 480 2.49 38.81 -7.19
C LEU C 480 2.73 40.19 -7.81
N SER C 481 2.70 40.30 -9.14
CA SER C 481 3.01 41.55 -9.89
C SER C 481 2.01 42.65 -9.53
N VAL C 482 0.72 42.31 -9.41
CA VAL C 482 -0.37 43.27 -9.08
C VAL C 482 -0.29 43.63 -7.59
N LEU C 483 0.10 42.70 -6.72
CA LEU C 483 0.29 42.96 -5.27
C LEU C 483 1.47 43.93 -5.07
N VAL C 484 2.58 43.69 -5.79
CA VAL C 484 3.78 44.57 -5.80
C VAL C 484 3.36 45.98 -6.25
N ALA C 485 2.49 46.06 -7.26
CA ALA C 485 2.07 47.32 -7.92
C ALA C 485 1.07 48.09 -7.05
N LEU C 486 0.40 47.42 -6.11
CA LEU C 486 -0.59 48.02 -5.19
C LEU C 486 0.04 48.36 -3.84
N ILE C 487 1.22 47.79 -3.53
CA ILE C 487 1.87 47.89 -2.19
C ILE C 487 3.21 48.63 -2.33
N LEU C 488 4.18 48.05 -3.04
CA LEU C 488 5.58 48.56 -3.09
C LEU C 488 5.68 49.73 -4.08
N THR C 489 5.23 49.54 -5.32
CA THR C 489 5.43 50.50 -6.44
C THR C 489 4.88 51.88 -6.05
N PRO C 490 3.66 51.99 -5.49
CA PRO C 490 3.14 53.29 -5.04
C PRO C 490 4.02 53.94 -3.97
N ALA C 491 4.43 53.15 -2.97
CA ALA C 491 5.30 53.58 -1.85
C ALA C 491 6.58 54.21 -2.41
N LEU C 492 7.21 53.56 -3.39
CA LEU C 492 8.48 54.02 -4.03
C LEU C 492 8.20 55.26 -4.89
N CYS C 493 7.11 55.25 -5.67
CA CYS C 493 6.67 56.39 -6.53
C CYS C 493 6.47 57.65 -5.69
N ALA C 494 5.98 57.50 -4.45
CA ALA C 494 5.66 58.62 -3.53
C ALA C 494 6.93 59.15 -2.86
N THR C 495 7.96 58.31 -2.70
CA THR C 495 9.14 58.58 -1.83
C THR C 495 10.40 58.86 -2.66
N MET C 496 10.68 58.11 -3.73
CA MET C 496 11.98 58.18 -4.44
C MET C 496 11.79 58.48 -5.95
N LEU C 497 10.74 59.21 -6.33
CA LEU C 497 10.60 59.82 -7.67
C LEU C 497 10.91 61.32 -7.57
N LYS C 498 11.65 61.86 -8.54
CA LYS C 498 11.95 63.32 -8.64
C LYS C 498 10.68 64.04 -9.09
N PRO C 499 10.40 65.26 -8.56
CA PRO C 499 9.31 66.09 -9.08
C PRO C 499 9.55 66.49 -10.54
N ILE C 500 8.52 66.43 -11.37
CA ILE C 500 8.52 66.91 -12.78
C ILE C 500 7.62 68.15 -12.86
N ALA C 501 8.13 69.25 -13.43
CA ALA C 501 7.41 70.54 -13.58
C ALA C 501 6.32 70.41 -14.64
N LYS C 502 5.23 71.14 -14.49
CA LYS C 502 4.08 71.17 -15.43
C LYS C 502 4.58 71.57 -16.82
N GLY C 503 4.27 70.74 -17.84
CA GLY C 503 4.62 70.98 -19.25
C GLY C 503 5.84 70.19 -19.71
N ASP C 504 6.70 69.79 -18.77
CA ASP C 504 7.97 69.06 -19.07
C ASP C 504 7.65 67.61 -19.43
N HIS C 505 7.81 67.24 -20.70
CA HIS C 505 7.71 65.85 -21.22
C HIS C 505 9.08 65.37 -21.70
N GLY C 506 10.16 65.96 -21.15
CA GLY C 506 11.56 65.60 -21.46
C GLY C 506 11.94 65.87 -22.90
N GLU C 507 11.27 66.84 -23.56
CA GLU C 507 11.53 67.22 -24.98
C GLU C 507 12.85 68.01 -25.07
N GLY C 508 13.26 68.65 -23.98
CA GLY C 508 14.49 69.49 -23.91
C GLY C 508 15.61 68.82 -23.16
N LYS C 509 15.66 67.48 -23.14
CA LYS C 509 16.78 66.69 -22.55
C LYS C 509 17.94 66.66 -23.54
N LYS C 510 19.15 66.36 -23.05
CA LYS C 510 20.41 66.35 -23.84
C LYS C 510 20.53 65.02 -24.58
N GLY C 511 21.08 65.04 -25.80
CA GLY C 511 21.47 63.86 -26.57
C GLY C 511 20.28 63.02 -27.00
N PHE C 512 20.35 61.69 -26.78
CA PHE C 512 19.47 60.67 -27.37
C PHE C 512 18.04 60.78 -26.80
N PHE C 513 17.89 60.79 -25.48
CA PHE C 513 16.58 60.82 -24.78
C PHE C 513 15.77 62.03 -25.26
N GLY C 514 16.44 63.18 -25.44
CA GLY C 514 15.84 64.40 -26.01
C GLY C 514 15.20 64.14 -27.36
N TRP C 515 15.93 63.46 -28.25
CA TRP C 515 15.49 63.11 -29.63
C TRP C 515 14.32 62.12 -29.57
N PHE C 516 14.45 61.06 -28.76
CA PHE C 516 13.44 59.98 -28.59
C PHE C 516 12.10 60.57 -28.11
N ASN C 517 12.15 61.45 -27.11
CA ASN C 517 10.97 62.09 -26.48
C ASN C 517 10.25 62.97 -27.52
N ARG C 518 11.01 63.72 -28.32
CA ARG C 518 10.46 64.58 -29.41
C ARG C 518 9.82 63.67 -30.48
N MET C 519 10.52 62.62 -30.89
CA MET C 519 10.04 61.61 -31.88
C MET C 519 8.73 60.99 -31.37
N PHE C 520 8.67 60.62 -30.09
CA PHE C 520 7.53 59.89 -29.48
C PHE C 520 6.33 60.82 -29.33
N GLU C 521 6.54 62.03 -28.79
CA GLU C 521 5.49 63.08 -28.65
C GLU C 521 4.89 63.39 -30.03
N LYS C 522 5.74 63.51 -31.05
CA LYS C 522 5.34 63.78 -32.45
C LYS C 522 4.55 62.58 -33.00
N SER C 523 5.03 61.36 -32.74
CA SER C 523 4.39 60.08 -33.17
C SER C 523 3.04 59.90 -32.48
N THR C 524 2.91 60.35 -31.22
CA THR C 524 1.65 60.31 -30.43
C THR C 524 0.58 61.17 -31.13
N HIS C 525 0.96 62.36 -31.60
CA HIS C 525 0.07 63.30 -32.34
C HIS C 525 -0.42 62.63 -33.63
N HIS C 526 0.49 61.97 -34.36
CA HIS C 526 0.19 61.22 -35.61
C HIS C 526 -0.81 60.11 -35.30
N TYR C 527 -0.59 59.38 -34.21
CA TYR C 527 -1.42 58.23 -33.76
C TYR C 527 -2.84 58.71 -33.46
N THR C 528 -2.99 59.72 -32.59
CA THR C 528 -4.29 60.22 -32.09
C THR C 528 -5.13 60.74 -33.26
N ASP C 529 -4.54 61.55 -34.15
CA ASP C 529 -5.21 62.06 -35.37
C ASP C 529 -5.68 60.87 -36.22
N SER C 530 -4.81 59.88 -36.42
CA SER C 530 -5.06 58.65 -37.21
C SER C 530 -6.30 57.92 -36.67
N VAL C 531 -6.36 57.71 -35.36
CA VAL C 531 -7.51 57.02 -34.67
C VAL C 531 -8.77 57.88 -34.88
N GLY C 532 -8.65 59.20 -34.69
CA GLY C 532 -9.73 60.16 -34.97
C GLY C 532 -10.34 59.94 -36.34
N GLY C 533 -9.51 59.72 -37.35
CA GLY C 533 -9.93 59.43 -38.74
C GLY C 533 -10.58 58.06 -38.85
N ILE C 534 -10.04 57.06 -38.14
CA ILE C 534 -10.55 55.66 -38.12
C ILE C 534 -11.98 55.65 -37.58
N LEU C 535 -12.24 56.43 -36.51
CA LEU C 535 -13.55 56.46 -35.80
C LEU C 535 -14.60 57.18 -36.66
N ARG C 536 -14.18 57.97 -37.67
CA ARG C 536 -15.08 58.65 -38.63
C ARG C 536 -15.47 57.67 -39.76
N SER C 537 -14.79 56.53 -39.87
CA SER C 537 -14.98 55.52 -40.94
C SER C 537 -14.73 54.11 -40.42
N THR C 538 -15.56 53.64 -39.47
CA THR C 538 -15.38 52.36 -38.73
C THR C 538 -15.79 51.16 -39.60
N GLY C 539 -16.77 51.34 -40.50
CA GLY C 539 -17.29 50.29 -41.39
C GLY C 539 -16.18 49.66 -42.23
N ARG C 540 -15.20 50.47 -42.65
CA ARG C 540 -13.98 50.06 -43.39
C ARG C 540 -13.24 48.96 -42.61
N TYR C 541 -13.04 49.18 -41.30
CA TYR C 541 -12.15 48.37 -40.43
C TYR C 541 -12.88 47.13 -39.90
N LEU C 542 -14.23 47.15 -39.91
CA LEU C 542 -15.05 45.93 -39.64
C LEU C 542 -14.77 44.90 -40.73
N VAL C 543 -14.63 45.34 -41.99
CA VAL C 543 -14.34 44.47 -43.17
C VAL C 543 -12.90 43.96 -43.07
N LEU C 544 -11.94 44.84 -42.76
CA LEU C 544 -10.50 44.49 -42.58
C LEU C 544 -10.37 43.42 -41.48
N TYR C 545 -11.17 43.53 -40.42
CA TYR C 545 -11.18 42.59 -39.27
C TYR C 545 -11.62 41.20 -39.74
N LEU C 546 -12.65 41.11 -40.58
CA LEU C 546 -13.17 39.84 -41.14
C LEU C 546 -12.09 39.17 -42.00
N ILE C 547 -11.33 39.96 -42.76
CA ILE C 547 -10.21 39.47 -43.62
C ILE C 547 -9.13 38.87 -42.71
N ILE C 548 -8.75 39.58 -41.64
CA ILE C 548 -7.76 39.14 -40.62
C ILE C 548 -8.25 37.81 -40.00
N VAL C 549 -9.52 37.74 -39.59
CA VAL C 549 -10.13 36.56 -38.93
C VAL C 549 -10.12 35.38 -39.90
N VAL C 550 -10.47 35.60 -41.17
CA VAL C 550 -10.45 34.57 -42.25
C VAL C 550 -9.00 34.18 -42.53
N GLY C 551 -8.09 35.16 -42.57
CA GLY C 551 -6.64 34.95 -42.73
C GLY C 551 -6.08 34.09 -41.59
N MET C 552 -6.48 34.40 -40.36
CA MET C 552 -6.11 33.65 -39.13
C MET C 552 -6.50 32.17 -39.31
N ALA C 553 -7.76 31.92 -39.67
CA ALA C 553 -8.35 30.57 -39.84
C ALA C 553 -7.56 29.78 -40.90
N TYR C 554 -7.25 30.42 -42.03
CA TYR C 554 -6.49 29.80 -43.16
C TYR C 554 -5.10 29.38 -42.65
N LEU C 555 -4.38 30.29 -41.98
CA LEU C 555 -3.00 30.08 -41.48
C LEU C 555 -2.99 28.95 -40.44
N PHE C 556 -4.05 28.81 -39.64
CA PHE C 556 -4.17 27.79 -38.57
C PHE C 556 -4.31 26.39 -39.17
N VAL C 557 -5.26 26.19 -40.09
CA VAL C 557 -5.62 24.84 -40.63
C VAL C 557 -4.46 24.32 -41.48
N ARG C 558 -3.68 25.20 -42.10
CA ARG C 558 -2.57 24.85 -43.04
C ARG C 558 -1.27 24.60 -42.27
N LEU C 559 -1.10 25.19 -41.08
CA LEU C 559 0.12 25.04 -40.24
C LEU C 559 0.26 23.59 -39.81
N PRO C 560 1.35 22.88 -40.21
CA PRO C 560 1.57 21.50 -39.80
C PRO C 560 1.72 21.39 -38.28
N SER C 561 1.32 20.25 -37.70
CA SER C 561 1.33 19.99 -36.24
C SER C 561 2.43 18.98 -35.88
N SER C 562 2.94 19.07 -34.65
CA SER C 562 3.87 18.10 -34.01
C SER C 562 3.63 18.09 -32.50
N PHE C 563 4.41 17.33 -31.74
CA PHE C 563 4.31 17.25 -30.25
C PHE C 563 5.36 18.16 -29.61
N LEU C 564 6.63 17.75 -29.62
CA LEU C 564 7.76 18.53 -29.04
C LEU C 564 8.94 18.48 -30.02
N PRO C 565 9.73 19.57 -30.13
CA PRO C 565 10.87 19.61 -31.05
C PRO C 565 11.96 18.62 -30.62
N ASP C 566 12.60 17.97 -31.59
CA ASP C 566 13.81 17.14 -31.38
C ASP C 566 14.97 18.07 -30.99
N GLU C 567 15.90 17.58 -30.17
CA GLU C 567 17.11 18.35 -29.75
C GLU C 567 18.36 17.53 -30.07
N ASP C 568 19.48 18.23 -30.24
CA ASP C 568 20.84 17.64 -30.16
C ASP C 568 21.16 17.46 -28.67
N GLN C 569 21.17 16.21 -28.18
CA GLN C 569 21.44 15.86 -26.76
C GLN C 569 22.86 15.31 -26.62
N GLY C 570 23.68 15.48 -27.66
CA GLY C 570 25.12 15.09 -27.67
C GLY C 570 25.31 13.58 -27.77
N VAL C 571 24.21 12.84 -27.97
CA VAL C 571 24.21 11.35 -28.10
C VAL C 571 23.14 10.97 -29.11
N PHE C 572 23.32 9.83 -29.80
CA PHE C 572 22.29 9.19 -30.64
C PHE C 572 22.61 7.69 -30.73
N MET C 573 21.74 6.93 -31.40
CA MET C 573 21.83 5.45 -31.46
C MET C 573 21.74 4.99 -32.92
N THR C 574 22.38 3.85 -33.21
CA THR C 574 22.30 3.12 -34.50
C THR C 574 21.90 1.67 -34.19
N MET C 575 20.85 1.16 -34.84
CA MET C 575 20.37 -0.23 -34.67
C MET C 575 20.71 -1.03 -35.93
N VAL C 576 21.20 -2.26 -35.74
CA VAL C 576 21.64 -3.19 -36.81
C VAL C 576 20.76 -4.45 -36.73
N GLN C 577 20.21 -4.87 -37.88
CA GLN C 577 19.40 -6.11 -38.01
C GLN C 577 19.77 -6.82 -39.32
N LEU C 578 20.34 -8.02 -39.23
CA LEU C 578 20.73 -8.86 -40.38
C LEU C 578 19.58 -9.83 -40.67
N PRO C 579 19.56 -10.48 -41.87
CA PRO C 579 18.55 -11.47 -42.18
C PRO C 579 18.44 -12.60 -41.14
N ALA C 580 17.29 -13.28 -41.13
CA ALA C 580 17.01 -14.45 -40.27
C ALA C 580 18.10 -15.50 -40.46
N GLY C 581 18.66 -16.01 -39.35
CA GLY C 581 19.67 -17.08 -39.35
C GLY C 581 21.09 -16.55 -39.26
N ALA C 582 21.30 -15.25 -39.53
CA ALA C 582 22.62 -14.59 -39.49
C ALA C 582 23.25 -14.77 -38.10
N THR C 583 24.57 -14.96 -38.05
CA THR C 583 25.34 -15.29 -36.83
C THR C 583 25.92 -14.03 -36.20
N GLN C 584 26.37 -14.16 -34.96
CA GLN C 584 27.09 -13.14 -34.15
C GLN C 584 28.28 -12.58 -34.95
N GLU C 585 28.98 -13.44 -35.69
CA GLU C 585 30.18 -13.09 -36.50
C GLU C 585 29.78 -12.17 -37.65
N ARG C 586 28.70 -12.51 -38.37
CA ARG C 586 28.16 -11.72 -39.50
C ARG C 586 27.71 -10.33 -38.99
N THR C 587 27.04 -10.29 -37.83
CA THR C 587 26.53 -9.04 -37.20
C THR C 587 27.71 -8.13 -36.82
N GLN C 588 28.81 -8.73 -36.34
CA GLN C 588 30.03 -8.00 -35.88
C GLN C 588 30.66 -7.25 -37.07
N LYS C 589 30.69 -7.87 -38.25
CA LYS C 589 31.23 -7.27 -39.50
C LYS C 589 30.45 -5.99 -39.81
N VAL C 590 29.12 -6.02 -39.70
CA VAL C 590 28.22 -4.85 -39.97
C VAL C 590 28.48 -3.79 -38.89
N LEU C 591 28.64 -4.21 -37.63
CA LEU C 591 28.90 -3.30 -36.48
C LEU C 591 30.27 -2.64 -36.63
N ASN C 592 31.25 -3.34 -37.23
CA ASN C 592 32.59 -2.81 -37.54
C ASN C 592 32.46 -1.70 -38.60
N GLU C 593 31.66 -1.95 -39.64
CA GLU C 593 31.35 -0.96 -40.71
C GLU C 593 30.72 0.30 -40.10
N VAL C 594 29.81 0.12 -39.14
CA VAL C 594 29.07 1.24 -38.47
C VAL C 594 30.04 2.01 -37.58
N THR C 595 30.86 1.32 -36.78
CA THR C 595 31.89 1.93 -35.91
C THR C 595 32.90 2.67 -36.79
N HIS C 596 33.34 2.05 -37.88
CA HIS C 596 34.32 2.60 -38.85
C HIS C 596 33.86 3.97 -39.34
N TYR C 597 32.64 4.05 -39.87
CA TYR C 597 32.02 5.28 -40.44
C TYR C 597 32.14 6.42 -39.44
N TYR C 598 31.77 6.17 -38.17
CA TYR C 598 31.71 7.19 -37.09
C TYR C 598 33.12 7.61 -36.68
N LEU C 599 34.10 6.71 -36.76
CA LEU C 599 35.49 6.96 -36.28
C LEU C 599 36.38 7.49 -37.42
N THR C 600 35.94 7.41 -38.68
CA THR C 600 36.68 7.94 -39.85
C THR C 600 35.96 9.18 -40.40
N LYS C 601 34.77 9.02 -40.98
CA LYS C 601 34.07 10.09 -41.73
C LYS C 601 33.43 11.12 -40.79
N GLU C 602 33.13 10.75 -39.53
CA GLU C 602 32.51 11.67 -38.52
C GLU C 602 33.44 11.87 -37.32
N LYS C 603 34.75 11.69 -37.51
CA LYS C 603 35.75 11.72 -36.39
C LYS C 603 35.81 13.12 -35.78
N ASN C 604 35.41 14.17 -36.51
CA ASN C 604 35.38 15.57 -36.02
C ASN C 604 34.20 15.77 -35.06
N ASN C 605 33.11 14.99 -35.22
CA ASN C 605 31.85 15.17 -34.45
C ASN C 605 31.69 14.07 -33.39
N VAL C 606 32.07 12.83 -33.71
CA VAL C 606 31.89 11.64 -32.81
C VAL C 606 33.09 11.53 -31.86
N GLU C 607 32.83 11.46 -30.55
CA GLU C 607 33.85 11.24 -29.50
C GLU C 607 34.06 9.72 -29.32
N SER C 608 32.99 8.97 -29.05
CA SER C 608 33.05 7.50 -28.78
C SER C 608 31.90 6.76 -29.46
N VAL C 609 32.15 5.50 -29.84
CA VAL C 609 31.14 4.49 -30.27
C VAL C 609 31.21 3.32 -29.28
N PHE C 610 30.07 2.98 -28.66
CA PHE C 610 29.90 1.77 -27.80
C PHE C 610 28.98 0.79 -28.52
N ALA C 611 29.58 -0.16 -29.23
CA ALA C 611 28.89 -1.14 -30.11
C ALA C 611 28.63 -2.42 -29.33
N VAL C 612 27.37 -2.84 -29.23
CA VAL C 612 26.93 -4.04 -28.48
C VAL C 612 26.31 -5.04 -29.46
N ASN C 613 27.01 -6.14 -29.73
CA ASN C 613 26.57 -7.27 -30.58
C ASN C 613 25.60 -8.14 -29.78
N GLY C 614 24.37 -8.30 -30.27
CA GLY C 614 23.34 -9.20 -29.70
C GLY C 614 22.38 -8.50 -28.76
N PHE C 615 22.43 -7.17 -28.66
CA PHE C 615 21.54 -6.36 -27.79
C PHE C 615 20.51 -5.62 -28.65
N GLY C 616 19.35 -5.32 -28.05
CA GLY C 616 18.23 -4.60 -28.68
C GLY C 616 16.90 -5.24 -28.36
N PHE C 617 16.81 -6.57 -28.48
CA PHE C 617 15.61 -7.40 -28.20
C PHE C 617 15.91 -8.35 -27.03
N ALA C 618 14.87 -8.68 -26.25
CA ALA C 618 14.94 -9.47 -24.99
C ALA C 618 15.54 -10.85 -25.25
N GLY C 619 15.23 -11.47 -26.40
CA GLY C 619 15.76 -12.78 -26.81
C GLY C 619 17.25 -12.76 -27.12
N ARG C 620 17.83 -11.55 -27.26
CA ARG C 620 19.27 -11.34 -27.56
C ARG C 620 19.66 -12.13 -28.81
N PRO C 621 18.91 -11.99 -29.93
CA PRO C 621 19.20 -12.75 -31.15
C PRO C 621 20.53 -12.33 -31.79
N GLN C 622 21.26 -13.30 -32.35
CA GLN C 622 22.62 -13.12 -32.93
C GLN C 622 22.59 -12.13 -34.10
N ASN C 623 21.47 -12.06 -34.84
CA ASN C 623 21.34 -11.27 -36.08
C ASN C 623 20.96 -9.81 -35.77
N THR C 624 21.16 -9.34 -34.52
CA THR C 624 20.87 -7.95 -34.11
C THR C 624 22.06 -7.35 -33.34
N GLY C 625 22.15 -6.02 -33.35
CA GLY C 625 23.17 -5.24 -32.62
C GLY C 625 22.76 -3.78 -32.50
N ILE C 626 23.38 -3.06 -31.58
CA ILE C 626 23.08 -1.62 -31.31
C ILE C 626 24.42 -0.90 -31.05
N ALA C 627 24.53 0.34 -31.52
CA ALA C 627 25.68 1.23 -31.28
C ALA C 627 25.19 2.48 -30.57
N PHE C 628 25.74 2.75 -29.37
CA PHE C 628 25.56 4.02 -28.62
C PHE C 628 26.68 4.98 -29.03
N VAL C 629 26.30 6.06 -29.73
CA VAL C 629 27.26 7.10 -30.25
C VAL C 629 27.18 8.31 -29.32
N SER C 630 28.32 8.75 -28.80
CA SER C 630 28.48 10.02 -28.02
C SER C 630 29.28 11.01 -28.85
N LEU C 631 28.72 12.21 -29.08
CA LEU C 631 29.34 13.30 -29.86
C LEU C 631 30.25 14.12 -28.95
N LYS C 632 31.17 14.88 -29.55
CA LYS C 632 32.03 15.87 -28.84
C LYS C 632 31.12 17.01 -28.37
N ASP C 633 31.65 17.92 -27.54
CA ASP C 633 30.86 19.02 -26.92
C ASP C 633 30.25 19.89 -28.03
N TRP C 634 29.06 20.44 -27.77
CA TRP C 634 28.26 21.30 -28.68
C TRP C 634 29.14 22.44 -29.22
N ALA C 635 30.01 23.00 -28.36
CA ALA C 635 30.95 24.10 -28.67
C ALA C 635 31.86 23.75 -29.85
N ASP C 636 32.29 22.49 -29.95
CA ASP C 636 33.26 22.01 -30.97
C ASP C 636 32.54 21.54 -32.24
N ARG C 637 31.20 21.62 -32.27
CA ARG C 637 30.36 21.19 -33.42
C ARG C 637 29.50 22.36 -33.91
N PRO C 638 30.10 23.48 -34.36
CA PRO C 638 29.34 24.60 -34.90
C PRO C 638 28.84 24.30 -36.31
N GLY C 639 27.73 24.93 -36.72
CA GLY C 639 27.04 24.67 -37.99
C GLY C 639 25.97 23.61 -37.84
N GLU C 640 24.86 23.75 -38.57
CA GLU C 640 23.71 22.81 -38.61
C GLU C 640 24.19 21.42 -39.04
N GLU C 641 25.16 21.35 -39.96
CA GLU C 641 25.62 20.10 -40.61
C GLU C 641 26.36 19.19 -39.63
N ASN C 642 26.77 19.73 -38.47
CA ASN C 642 27.55 19.02 -37.41
C ASN C 642 26.65 18.68 -36.22
N LYS C 643 25.32 18.72 -36.40
CA LYS C 643 24.32 18.40 -35.34
C LYS C 643 23.67 17.05 -35.65
N VAL C 644 23.02 16.47 -34.64
CA VAL C 644 22.51 15.05 -34.66
C VAL C 644 21.63 14.85 -35.89
N GLU C 645 20.74 15.80 -36.20
CA GLU C 645 19.75 15.67 -37.32
C GLU C 645 20.52 15.36 -38.60
N ALA C 646 21.47 16.22 -38.97
CA ALA C 646 22.29 16.11 -40.20
C ALA C 646 23.19 14.88 -40.13
N ILE C 647 23.78 14.60 -38.95
CA ILE C 647 24.75 13.48 -38.74
C ILE C 647 24.01 12.14 -38.96
N THR C 648 22.83 11.97 -38.37
CA THR C 648 22.01 10.73 -38.44
C THR C 648 21.44 10.54 -39.85
N MET C 649 21.11 11.65 -40.53
CA MET C 649 20.62 11.66 -41.93
C MET C 649 21.73 11.13 -42.86
N ARG C 650 22.94 11.68 -42.74
CA ARG C 650 24.12 11.27 -43.56
C ARG C 650 24.45 9.80 -43.27
N ALA C 651 24.41 9.40 -42.00
CA ALA C 651 24.76 8.04 -41.53
C ALA C 651 23.78 7.00 -42.11
N THR C 652 22.47 7.25 -41.99
CA THR C 652 21.40 6.35 -42.51
C THR C 652 21.54 6.22 -44.03
N ARG C 653 21.77 7.34 -44.73
CA ARG C 653 22.00 7.38 -46.20
C ARG C 653 23.23 6.54 -46.55
N ALA C 654 24.32 6.71 -45.80
CA ALA C 654 25.61 6.01 -46.00
C ALA C 654 25.46 4.51 -45.73
N PHE C 655 24.68 4.12 -44.71
CA PHE C 655 24.53 2.72 -44.24
C PHE C 655 23.56 1.93 -45.12
N SER C 656 22.73 2.60 -45.93
CA SER C 656 21.81 1.97 -46.90
C SER C 656 22.62 1.15 -47.92
N GLN C 657 23.88 1.54 -48.15
CA GLN C 657 24.82 0.86 -49.10
C GLN C 657 25.33 -0.45 -48.52
N ILE C 658 25.16 -0.70 -47.21
CA ILE C 658 25.62 -1.95 -46.52
C ILE C 658 24.78 -3.12 -47.05
N LYS C 659 25.45 -4.22 -47.41
CA LYS C 659 24.88 -5.40 -48.11
C LYS C 659 24.30 -6.37 -47.07
N ASP C 660 23.04 -6.79 -47.27
CA ASP C 660 22.31 -7.78 -46.43
C ASP C 660 22.35 -7.32 -44.96
N ALA C 661 21.85 -6.11 -44.69
CA ALA C 661 21.70 -5.56 -43.32
C ALA C 661 20.79 -4.32 -43.34
N MET C 662 19.82 -4.30 -42.43
CA MET C 662 18.95 -3.12 -42.16
CA MET C 662 18.94 -3.13 -42.15
C MET C 662 19.58 -2.31 -41.03
N VAL C 663 20.06 -1.10 -41.34
CA VAL C 663 20.83 -0.22 -40.41
C VAL C 663 20.21 1.18 -40.40
N PHE C 664 19.85 1.69 -39.22
CA PHE C 664 19.25 3.03 -39.03
C PHE C 664 19.96 3.75 -37.87
N ALA C 665 20.44 4.96 -38.14
CA ALA C 665 20.94 5.93 -37.13
C ALA C 665 19.84 6.96 -36.88
N PHE C 666 19.46 7.17 -35.62
CA PHE C 666 18.28 8.00 -35.24
C PHE C 666 18.56 8.77 -33.95
N ASN C 667 18.01 9.99 -33.86
CA ASN C 667 18.00 10.87 -32.67
C ASN C 667 17.04 10.29 -31.62
N LEU C 668 17.16 10.72 -30.37
CA LEU C 668 16.24 10.34 -29.26
C LEU C 668 14.94 11.13 -29.40
N PRO C 669 13.83 10.68 -28.77
CA PRO C 669 12.58 11.45 -28.77
C PRO C 669 12.65 12.65 -27.82
N ALA C 670 11.49 13.18 -27.43
CA ALA C 670 11.33 14.27 -26.43
C ALA C 670 11.16 13.66 -25.03
N ILE C 671 10.24 12.69 -24.89
CA ILE C 671 10.00 11.94 -23.62
C ILE C 671 10.53 10.51 -23.81
N VAL C 672 11.79 10.30 -23.39
CA VAL C 672 12.61 9.08 -23.67
C VAL C 672 11.98 7.84 -23.02
N GLU C 673 11.09 8.01 -22.04
CA GLU C 673 10.48 6.87 -21.26
C GLU C 673 9.51 6.07 -22.13
N LEU C 674 8.95 6.65 -23.20
CA LEU C 674 7.93 6.00 -24.07
C LEU C 674 8.63 5.32 -25.26
N GLY C 675 9.32 6.09 -26.10
CA GLY C 675 10.03 5.60 -27.30
C GLY C 675 11.54 5.69 -27.15
N THR C 676 12.28 4.89 -27.93
CA THR C 676 13.77 4.92 -28.02
C THR C 676 14.20 5.86 -29.15
N ALA C 677 13.35 6.06 -30.15
CA ALA C 677 13.67 6.79 -31.41
C ALA C 677 12.69 7.94 -31.66
N THR C 678 13.17 9.02 -32.27
CA THR C 678 12.39 10.15 -32.80
C THR C 678 11.38 9.65 -33.85
N GLY C 679 10.44 10.49 -34.27
CA GLY C 679 9.44 10.17 -35.30
C GLY C 679 8.17 9.58 -34.70
N PHE C 680 7.45 8.77 -35.47
CA PHE C 680 6.12 8.20 -35.10
C PHE C 680 6.27 6.74 -34.69
N ASP C 681 5.27 6.24 -33.95
CA ASP C 681 5.24 4.87 -33.37
C ASP C 681 3.88 4.24 -33.68
N PHE C 682 3.81 3.49 -34.79
CA PHE C 682 2.57 2.93 -35.40
C PHE C 682 2.43 1.47 -34.98
N GLU C 683 1.19 1.04 -34.71
CA GLU C 683 0.85 -0.36 -34.35
C GLU C 683 -0.15 -0.92 -35.37
N LEU C 684 0.28 -1.90 -36.16
CA LEU C 684 -0.61 -2.66 -37.09
C LEU C 684 -1.22 -3.83 -36.30
N ILE C 685 -2.55 -3.98 -36.32
CA ILE C 685 -3.29 -4.92 -35.43
C ILE C 685 -4.16 -5.86 -36.26
N ASP C 686 -4.07 -7.16 -35.99
CA ASP C 686 -4.96 -8.23 -36.49
C ASP C 686 -6.23 -8.24 -35.64
N GLN C 687 -7.35 -7.75 -36.18
CA GLN C 687 -8.63 -7.54 -35.45
C GLN C 687 -9.70 -8.51 -35.95
N ALA C 688 -9.33 -9.50 -36.77
CA ALA C 688 -10.27 -10.48 -37.39
C ALA C 688 -9.66 -11.89 -37.43
N GLY C 689 -8.72 -12.21 -36.53
CA GLY C 689 -8.06 -13.53 -36.44
C GLY C 689 -7.48 -13.98 -37.77
N LEU C 690 -6.88 -13.05 -38.54
CA LEU C 690 -6.24 -13.32 -39.85
C LEU C 690 -5.01 -14.23 -39.67
N GLY C 691 -4.26 -14.05 -38.58
CA GLY C 691 -3.05 -14.85 -38.26
C GLY C 691 -1.77 -14.13 -38.64
N HIS C 692 -0.63 -14.72 -38.28
CA HIS C 692 0.74 -14.12 -38.40
C HIS C 692 1.07 -13.83 -39.87
N GLU C 693 0.87 -14.80 -40.76
CA GLU C 693 1.27 -14.74 -42.19
C GLU C 693 0.51 -13.59 -42.88
N LYS C 694 -0.80 -13.52 -42.70
CA LYS C 694 -1.68 -12.49 -43.33
C LYS C 694 -1.30 -11.10 -42.82
N LEU C 695 -0.90 -11.00 -41.55
CA LEU C 695 -0.49 -9.73 -40.90
C LEU C 695 0.88 -9.30 -41.45
N THR C 696 1.77 -10.26 -41.71
CA THR C 696 3.09 -10.03 -42.36
C THR C 696 2.89 -9.44 -43.76
N GLN C 697 1.95 -10.00 -44.53
CA GLN C 697 1.59 -9.55 -45.90
C GLN C 697 1.01 -8.14 -45.84
N ALA C 698 0.10 -7.89 -44.90
CA ALA C 698 -0.53 -6.56 -44.64
C ALA C 698 0.57 -5.55 -44.29
N ARG C 699 1.54 -5.95 -43.45
CA ARG C 699 2.70 -5.10 -43.06
C ARG C 699 3.52 -4.76 -44.31
N ASN C 700 3.84 -5.77 -45.13
CA ASN C 700 4.68 -5.64 -46.35
C ASN C 700 3.98 -4.70 -47.33
N GLN C 701 2.65 -4.83 -47.48
CA GLN C 701 1.81 -3.98 -48.37
C GLN C 701 1.97 -2.51 -47.94
N LEU C 702 1.84 -2.24 -46.63
CA LEU C 702 1.93 -0.87 -46.04
C LEU C 702 3.34 -0.30 -46.22
N LEU C 703 4.38 -1.09 -45.92
CA LEU C 703 5.80 -0.70 -46.04
C LEU C 703 6.13 -0.37 -47.51
N ALA C 704 5.59 -1.16 -48.44
CA ALA C 704 5.75 -0.99 -49.90
C ALA C 704 5.11 0.33 -50.35
N GLU C 705 3.91 0.63 -49.84
CA GLU C 705 3.16 1.88 -50.14
C GLU C 705 3.87 3.08 -49.53
N ALA C 706 4.40 2.94 -48.31
CA ALA C 706 5.13 4.01 -47.58
C ALA C 706 6.41 4.39 -48.34
N ALA C 707 7.04 3.41 -49.00
CA ALA C 707 8.31 3.58 -49.75
C ALA C 707 8.10 4.47 -50.99
N LYS C 708 6.87 4.52 -51.53
CA LYS C 708 6.49 5.34 -52.71
C LYS C 708 6.33 6.81 -52.33
N HIS C 709 6.40 7.15 -51.03
CA HIS C 709 6.27 8.53 -50.50
C HIS C 709 7.54 8.94 -49.74
N PRO C 710 8.72 9.00 -50.41
CA PRO C 710 9.95 9.42 -49.74
C PRO C 710 9.98 10.92 -49.39
N ASP C 711 9.07 11.70 -49.98
CA ASP C 711 8.90 13.16 -49.73
C ASP C 711 8.24 13.39 -48.37
N MET C 712 7.54 12.39 -47.82
CA MET C 712 6.78 12.49 -46.53
C MET C 712 7.42 11.59 -45.46
N LEU C 713 7.74 10.34 -45.78
CA LEU C 713 8.22 9.32 -44.81
C LEU C 713 9.63 8.87 -45.19
N THR C 714 10.52 8.72 -44.20
CA THR C 714 11.86 8.09 -44.32
C THR C 714 12.12 7.24 -43.07
N SER C 715 13.13 6.35 -43.15
CA SER C 715 13.54 5.41 -42.08
C SER C 715 12.32 4.68 -41.53
N VAL C 716 11.41 4.27 -42.41
CA VAL C 716 10.22 3.43 -42.06
C VAL C 716 10.70 1.98 -41.97
N ARG C 717 10.59 1.38 -40.78
CA ARG C 717 11.04 -0.02 -40.52
C ARG C 717 10.20 -0.61 -39.39
N PRO C 718 9.94 -1.94 -39.42
CA PRO C 718 9.26 -2.61 -38.31
C PRO C 718 10.21 -2.73 -37.11
N ASN C 719 9.70 -2.51 -35.90
CA ASN C 719 10.41 -2.83 -34.63
C ASN C 719 10.09 -4.28 -34.27
N GLY C 720 10.65 -5.22 -35.04
CA GLY C 720 10.40 -6.66 -34.89
C GLY C 720 11.30 -7.48 -35.79
N LEU C 721 11.26 -8.81 -35.63
CA LEU C 721 12.17 -9.77 -36.32
C LEU C 721 11.40 -10.48 -37.43
N GLU C 722 12.10 -10.94 -38.46
CA GLU C 722 11.55 -11.70 -39.61
C GLU C 722 11.45 -13.17 -39.23
N ASP C 723 10.58 -13.93 -39.91
CA ASP C 723 10.40 -15.39 -39.69
C ASP C 723 11.75 -16.07 -39.85
N THR C 724 12.06 -17.00 -38.93
CA THR C 724 13.35 -17.72 -38.84
C THR C 724 13.15 -19.19 -39.19
N PRO C 725 14.17 -19.85 -39.78
CA PRO C 725 14.11 -21.29 -40.02
C PRO C 725 14.25 -22.02 -38.68
N GLN C 726 13.54 -23.13 -38.50
CA GLN C 726 13.56 -23.97 -37.28
C GLN C 726 13.93 -25.41 -37.69
N PHE C 727 14.85 -26.03 -36.95
CA PHE C 727 15.26 -27.44 -37.11
C PHE C 727 14.41 -28.30 -36.16
N LYS C 728 13.31 -28.86 -36.67
CA LYS C 728 12.41 -29.76 -35.90
C LYS C 728 13.02 -31.16 -35.84
N ILE C 729 13.56 -31.55 -34.69
CA ILE C 729 13.99 -32.95 -34.40
C ILE C 729 12.80 -33.69 -33.79
N ASP C 730 12.59 -34.94 -34.20
CA ASP C 730 11.44 -35.79 -33.77
C ASP C 730 11.98 -37.10 -33.19
N ILE C 731 11.80 -37.31 -31.88
CA ILE C 731 12.23 -38.53 -31.14
C ILE C 731 11.13 -39.59 -31.28
N ASP C 732 11.47 -40.75 -31.87
CA ASP C 732 10.57 -41.93 -31.97
C ASP C 732 10.65 -42.70 -30.64
N GLN C 733 9.70 -42.43 -29.73
CA GLN C 733 9.71 -42.97 -28.34
C GLN C 733 9.53 -44.50 -28.38
N GLU C 734 8.74 -45.00 -29.32
CA GLU C 734 8.43 -46.44 -29.51
C GLU C 734 9.71 -47.20 -29.91
N LYS C 735 10.48 -46.64 -30.86
CA LYS C 735 11.74 -47.22 -31.37
C LYS C 735 12.82 -47.14 -30.29
N ALA C 736 12.79 -46.07 -29.48
CA ALA C 736 13.73 -45.84 -28.35
C ALA C 736 13.47 -46.85 -27.23
N GLN C 737 12.19 -47.05 -26.89
CA GLN C 737 11.74 -48.04 -25.86
C GLN C 737 12.15 -49.46 -26.30
N ALA C 738 12.08 -49.75 -27.60
CA ALA C 738 12.42 -51.05 -28.22
C ALA C 738 13.94 -51.31 -28.15
N LEU C 739 14.75 -50.25 -28.15
CA LEU C 739 16.24 -50.32 -28.06
C LEU C 739 16.69 -50.33 -26.59
N GLY C 740 15.80 -50.00 -25.66
CA GLY C 740 16.04 -50.05 -24.21
C GLY C 740 16.63 -48.76 -23.66
N VAL C 741 16.30 -47.62 -24.28
CA VAL C 741 16.78 -46.26 -23.86
C VAL C 741 15.56 -45.45 -23.39
N SER C 742 15.64 -44.82 -22.22
CA SER C 742 14.56 -44.01 -21.61
C SER C 742 14.52 -42.63 -22.27
N ILE C 743 13.32 -42.05 -22.40
CA ILE C 743 13.08 -40.74 -23.08
C ILE C 743 13.71 -39.62 -22.26
N ASN C 744 13.68 -39.74 -20.92
CA ASN C 744 14.25 -38.75 -19.97
C ASN C 744 15.75 -38.59 -20.26
N ASP C 745 16.47 -39.71 -20.45
CA ASP C 745 17.92 -39.74 -20.75
C ASP C 745 18.17 -39.06 -22.11
N ILE C 746 17.27 -39.27 -23.08
CA ILE C 746 17.35 -38.67 -24.45
C ILE C 746 17.13 -37.15 -24.33
N ASN C 747 16.03 -36.74 -23.69
CA ASN C 747 15.63 -35.32 -23.51
C ASN C 747 16.76 -34.55 -22.83
N THR C 748 17.33 -35.08 -21.75
CA THR C 748 18.42 -34.45 -20.96
C THR C 748 19.69 -34.37 -21.81
N THR C 749 20.03 -35.44 -22.54
CA THR C 749 21.24 -35.52 -23.40
C THR C 749 21.16 -34.45 -24.49
N LEU C 750 20.04 -34.38 -25.22
CA LEU C 750 19.80 -33.41 -26.31
C LEU C 750 19.81 -31.99 -25.71
N GLY C 751 19.01 -31.77 -24.67
CA GLY C 751 18.87 -30.46 -23.99
C GLY C 751 20.19 -29.95 -23.44
N ALA C 752 20.90 -30.80 -22.68
CA ALA C 752 22.17 -30.46 -22.01
C ALA C 752 23.23 -30.12 -23.07
N ALA C 753 23.36 -30.94 -24.11
CA ALA C 753 24.40 -30.82 -25.16
C ALA C 753 24.21 -29.53 -25.94
N TRP C 754 23.03 -29.34 -26.55
CA TRP C 754 22.74 -28.33 -27.61
C TRP C 754 22.31 -26.99 -27.02
N GLY C 755 21.52 -27.00 -25.93
CA GLY C 755 20.97 -25.79 -25.28
C GLY C 755 21.73 -25.41 -24.02
N GLY C 756 22.46 -26.37 -23.42
CA GLY C 756 23.08 -26.21 -22.09
C GLY C 756 22.07 -26.51 -21.00
N SER C 757 22.56 -26.75 -19.77
CA SER C 757 21.73 -27.07 -18.59
C SER C 757 22.36 -26.46 -17.33
N TYR C 758 21.60 -25.57 -16.67
CA TYR C 758 21.91 -25.04 -15.32
C TYR C 758 21.72 -26.17 -14.30
N VAL C 759 22.82 -26.67 -13.74
CA VAL C 759 22.83 -27.88 -12.85
C VAL C 759 22.58 -27.43 -11.41
N ASN C 760 23.45 -26.59 -10.87
CA ASN C 760 23.38 -26.07 -9.48
C ASN C 760 24.38 -24.91 -9.35
N ASP C 761 24.53 -24.34 -8.15
CA ASP C 761 25.42 -23.19 -7.87
C ASP C 761 26.76 -23.69 -7.30
N PHE C 762 27.80 -22.87 -7.44
CA PHE C 762 29.13 -23.04 -6.81
C PHE C 762 29.57 -21.68 -6.26
N ILE C 763 30.69 -21.64 -5.52
CA ILE C 763 31.18 -20.41 -4.82
C ILE C 763 32.49 -19.97 -5.47
N ASP C 764 32.45 -18.88 -6.25
CA ASP C 764 33.62 -18.28 -6.93
C ASP C 764 34.07 -17.05 -6.13
N ARG C 765 35.17 -17.17 -5.39
CA ARG C 765 35.78 -16.09 -4.56
C ARG C 765 34.72 -15.50 -3.63
N GLY C 766 33.95 -16.36 -2.96
CA GLY C 766 32.99 -15.98 -1.90
C GLY C 766 31.63 -15.55 -2.44
N ARG C 767 31.42 -15.60 -3.76
CA ARG C 767 30.14 -15.22 -4.40
C ARG C 767 29.50 -16.45 -5.06
N VAL C 768 28.21 -16.68 -4.78
CA VAL C 768 27.40 -17.76 -5.41
C VAL C 768 27.29 -17.46 -6.91
N LYS C 769 27.62 -18.44 -7.74
CA LYS C 769 27.49 -18.38 -9.22
C LYS C 769 26.99 -19.74 -9.72
N LYS C 770 26.58 -19.82 -10.99
CA LYS C 770 25.91 -21.00 -11.59
C LYS C 770 26.95 -21.99 -12.10
N VAL C 771 26.52 -23.23 -12.33
CA VAL C 771 27.31 -24.32 -12.99
C VAL C 771 26.52 -24.78 -14.21
N TYR C 772 27.09 -24.65 -15.41
CA TYR C 772 26.46 -25.03 -16.71
C TYR C 772 27.23 -26.20 -17.32
N VAL C 773 26.50 -27.25 -17.71
CA VAL C 773 26.99 -28.32 -18.62
C VAL C 773 26.41 -28.03 -20.01
N MET C 774 27.24 -28.20 -21.05
CA MET C 774 26.88 -27.97 -22.46
C MET C 774 27.93 -28.68 -23.33
N SER C 775 27.59 -28.97 -24.59
CA SER C 775 28.55 -29.49 -25.59
C SER C 775 29.60 -28.42 -25.89
N GLU C 776 30.86 -28.83 -26.06
CA GLU C 776 31.94 -28.00 -26.65
C GLU C 776 31.47 -27.57 -28.05
N ALA C 777 31.77 -26.32 -28.43
CA ALA C 777 31.19 -25.62 -29.61
C ALA C 777 31.11 -26.55 -30.82
N LYS C 778 32.18 -27.27 -31.14
CA LYS C 778 32.36 -27.94 -32.46
C LYS C 778 31.47 -29.17 -32.61
N TYR C 779 30.84 -29.65 -31.52
CA TYR C 779 29.93 -30.83 -31.56
C TYR C 779 28.46 -30.40 -31.53
N ARG C 780 28.16 -29.11 -31.68
CA ARG C 780 26.76 -28.59 -31.68
C ARG C 780 26.60 -27.45 -32.69
N MET C 781 27.28 -27.54 -33.84
CA MET C 781 27.25 -26.51 -34.92
C MET C 781 26.32 -26.95 -36.06
N LEU C 782 26.39 -28.22 -36.48
CA LEU C 782 25.78 -28.72 -37.73
C LEU C 782 24.71 -29.77 -37.45
N PRO C 783 23.63 -29.84 -38.27
CA PRO C 783 22.59 -30.87 -38.14
C PRO C 783 23.11 -32.31 -38.00
N ASP C 784 24.17 -32.67 -38.72
CA ASP C 784 24.75 -34.04 -38.75
C ASP C 784 25.41 -34.37 -37.41
N ASP C 785 25.76 -33.36 -36.61
CA ASP C 785 26.38 -33.51 -35.26
C ASP C 785 25.38 -34.14 -34.28
N ILE C 786 24.08 -34.19 -34.62
CA ILE C 786 23.00 -34.82 -33.80
C ILE C 786 23.33 -36.30 -33.58
N GLY C 787 23.76 -37.00 -34.63
CA GLY C 787 24.03 -38.45 -34.61
C GLY C 787 25.27 -38.83 -33.81
N ASP C 788 26.13 -37.86 -33.50
CA ASP C 788 27.40 -38.06 -32.75
C ASP C 788 27.12 -38.25 -31.25
N TRP C 789 25.90 -37.99 -30.79
CA TRP C 789 25.49 -38.10 -29.36
C TRP C 789 24.88 -39.47 -29.09
N TYR C 790 25.38 -40.15 -28.05
CA TYR C 790 24.99 -41.53 -27.64
C TYR C 790 24.34 -41.48 -26.26
N VAL C 791 23.27 -42.27 -26.09
CA VAL C 791 22.56 -42.51 -24.81
C VAL C 791 22.81 -43.97 -24.40
N ARG C 792 22.97 -44.25 -23.11
CA ARG C 792 23.21 -45.63 -22.60
C ARG C 792 21.86 -46.33 -22.39
N ALA C 793 21.68 -47.49 -23.00
CA ALA C 793 20.48 -48.35 -22.87
C ALA C 793 20.56 -49.15 -21.56
N ALA C 794 19.46 -49.82 -21.18
CA ALA C 794 19.36 -50.67 -19.97
C ALA C 794 20.44 -51.76 -19.99
N ASP C 795 20.70 -52.34 -21.17
CA ASP C 795 21.68 -53.43 -21.37
C ASP C 795 23.12 -52.91 -21.17
N GLY C 796 23.34 -51.60 -21.34
CA GLY C 796 24.66 -50.94 -21.17
C GLY C 796 25.30 -50.59 -22.50
N GLN C 797 24.61 -50.87 -23.62
CA GLN C 797 25.04 -50.50 -24.99
C GLN C 797 24.76 -49.01 -25.22
N MET C 798 25.64 -48.34 -25.96
CA MET C 798 25.51 -46.91 -26.33
C MET C 798 24.80 -46.81 -27.69
N VAL C 799 23.66 -46.11 -27.72
CA VAL C 799 22.76 -45.99 -28.92
C VAL C 799 22.85 -44.56 -29.45
N PRO C 800 23.20 -44.35 -30.73
CA PRO C 800 23.25 -43.01 -31.32
C PRO C 800 21.85 -42.44 -31.61
N PHE C 801 21.71 -41.11 -31.55
CA PHE C 801 20.45 -40.36 -31.80
C PHE C 801 19.86 -40.75 -33.16
N SER C 802 20.73 -41.11 -34.13
CA SER C 802 20.35 -41.53 -35.50
C SER C 802 19.45 -42.77 -35.48
N ALA C 803 19.52 -43.58 -34.41
CA ALA C 803 18.80 -44.86 -34.27
C ALA C 803 17.34 -44.65 -33.86
N PHE C 804 16.98 -43.48 -33.33
CA PHE C 804 15.62 -43.20 -32.79
C PHE C 804 15.15 -41.76 -33.04
N SER C 805 15.74 -41.05 -34.01
CA SER C 805 15.38 -39.64 -34.32
C SER C 805 15.48 -39.35 -35.82
N SER C 806 14.56 -38.54 -36.33
CA SER C 806 14.56 -37.94 -37.69
C SER C 806 14.40 -36.41 -37.54
N SER C 807 14.68 -35.66 -38.60
CA SER C 807 14.70 -34.17 -38.60
C SER C 807 14.08 -33.62 -39.90
N ARG C 808 13.53 -32.40 -39.83
CA ARG C 808 13.06 -31.62 -40.99
C ARG C 808 13.10 -30.13 -40.65
N TRP C 809 13.03 -29.27 -41.66
CA TRP C 809 13.07 -27.78 -41.52
C TRP C 809 11.65 -27.22 -41.50
N GLU C 810 11.36 -26.37 -40.52
CA GLU C 810 10.11 -25.58 -40.42
C GLU C 810 10.47 -24.09 -40.42
N TYR C 811 9.46 -23.23 -40.47
CA TYR C 811 9.59 -21.74 -40.39
C TYR C 811 8.60 -21.23 -39.34
N GLY C 812 9.00 -20.22 -38.57
CA GLY C 812 8.21 -19.62 -37.49
C GLY C 812 8.77 -18.29 -37.03
N SER C 813 7.96 -17.50 -36.32
CA SER C 813 8.35 -16.18 -35.78
C SER C 813 9.27 -16.38 -34.59
N PRO C 814 10.43 -15.68 -34.54
CA PRO C 814 11.27 -15.65 -33.33
C PRO C 814 10.82 -14.57 -32.32
N ARG C 815 9.82 -13.76 -32.69
CA ARG C 815 9.28 -12.66 -31.84
C ARG C 815 7.86 -12.32 -32.30
N LEU C 816 6.85 -12.78 -31.55
CA LEU C 816 5.41 -12.46 -31.77
C LEU C 816 5.02 -11.28 -30.87
N GLU C 817 4.45 -10.23 -31.44
CA GLU C 817 4.00 -9.01 -30.71
C GLU C 817 2.48 -9.04 -30.54
N ARG C 818 1.99 -8.45 -29.46
CA ARG C 818 0.53 -8.20 -29.23
C ARG C 818 0.35 -6.76 -28.75
N TYR C 819 -0.77 -6.14 -29.14
CA TYR C 819 -1.16 -4.78 -28.70
C TYR C 819 -2.64 -4.80 -28.28
N ASN C 820 -2.92 -4.34 -27.05
CA ASN C 820 -4.24 -4.39 -26.39
C ASN C 820 -4.85 -5.78 -26.60
N GLY C 821 -4.04 -6.83 -26.41
CA GLY C 821 -4.48 -8.24 -26.34
C GLY C 821 -4.56 -8.92 -27.70
N LEU C 822 -4.27 -8.21 -28.80
CA LEU C 822 -4.44 -8.73 -30.18
C LEU C 822 -3.09 -8.79 -30.91
N PRO C 823 -2.88 -9.78 -31.80
CA PRO C 823 -1.64 -9.87 -32.57
C PRO C 823 -1.34 -8.54 -33.29
N SER C 824 -0.10 -8.08 -33.21
CA SER C 824 0.31 -6.74 -33.71
C SER C 824 1.72 -6.80 -34.30
N MET C 825 2.09 -5.73 -35.02
CA MET C 825 3.47 -5.48 -35.52
C MET C 825 3.73 -3.97 -35.43
N GLU C 826 4.66 -3.58 -34.56
CA GLU C 826 5.08 -2.17 -34.37
C GLU C 826 5.84 -1.72 -35.63
N ILE C 827 5.51 -0.54 -36.15
CA ILE C 827 6.24 0.12 -37.27
C ILE C 827 6.71 1.49 -36.80
N LEU C 828 8.01 1.73 -36.84
CA LEU C 828 8.65 3.03 -36.52
C LEU C 828 8.94 3.77 -37.83
N GLY C 829 9.11 5.08 -37.77
CA GLY C 829 9.43 5.91 -38.94
C GLY C 829 9.58 7.38 -38.57
N GLN C 830 10.14 8.16 -39.49
CA GLN C 830 10.39 9.61 -39.33
C GLN C 830 9.67 10.37 -40.45
N ALA C 831 9.20 11.57 -40.15
CA ALA C 831 8.74 12.56 -41.16
C ALA C 831 9.96 13.01 -41.96
N ALA C 832 9.84 13.05 -43.29
CA ALA C 832 10.92 13.45 -44.23
C ALA C 832 11.35 14.88 -43.90
N PRO C 833 12.58 15.30 -44.28
CA PRO C 833 13.04 16.67 -44.04
C PRO C 833 12.03 17.71 -44.54
N GLY C 834 11.71 18.71 -43.70
CA GLY C 834 10.77 19.80 -44.03
C GLY C 834 9.33 19.46 -43.70
N LYS C 835 9.05 18.21 -43.32
CA LYS C 835 7.69 17.73 -42.93
C LYS C 835 7.62 17.58 -41.41
N SER C 836 6.42 17.63 -40.85
CA SER C 836 6.12 17.42 -39.41
C SER C 836 5.69 15.98 -39.17
N THR C 837 5.83 15.51 -37.93
CA THR C 837 5.36 14.16 -37.49
C THR C 837 3.85 14.06 -37.73
N GLY C 838 3.12 15.17 -37.54
CA GLY C 838 1.66 15.26 -37.77
C GLY C 838 1.28 14.93 -39.19
N GLU C 839 2.01 15.49 -40.16
CA GLU C 839 1.83 15.22 -41.62
C GLU C 839 2.15 13.73 -41.89
N ALA C 840 3.24 13.23 -41.33
CA ALA C 840 3.68 11.81 -41.48
C ALA C 840 2.60 10.88 -40.93
N MET C 841 2.04 11.19 -39.76
CA MET C 841 0.95 10.41 -39.12
C MET C 841 -0.29 10.42 -40.03
N GLU C 842 -0.62 11.57 -40.61
CA GLU C 842 -1.79 11.77 -41.51
C GLU C 842 -1.69 10.81 -42.70
N LEU C 843 -0.51 10.70 -43.33
CA LEU C 843 -0.28 9.83 -44.51
C LEU C 843 -0.37 8.35 -44.09
N MET C 844 0.26 7.98 -42.98
CA MET C 844 0.27 6.58 -42.47
C MET C 844 -1.17 6.11 -42.27
N GLU C 845 -2.04 6.97 -41.73
CA GLU C 845 -3.48 6.70 -41.51
C GLU C 845 -4.18 6.46 -42.86
N GLN C 846 -3.86 7.29 -43.88
CA GLN C 846 -4.42 7.19 -45.25
C GLN C 846 -4.01 5.87 -45.90
N LEU C 847 -2.73 5.50 -45.79
CA LEU C 847 -2.17 4.23 -46.34
C LEU C 847 -2.77 3.04 -45.58
N ALA C 848 -2.92 3.16 -44.26
CA ALA C 848 -3.45 2.11 -43.35
C ALA C 848 -4.91 1.79 -43.70
N SER C 849 -5.67 2.75 -44.23
CA SER C 849 -7.11 2.63 -44.56
C SER C 849 -7.32 1.83 -45.86
N LYS C 850 -6.26 1.60 -46.65
CA LYS C 850 -6.31 0.83 -47.92
C LYS C 850 -5.93 -0.64 -47.70
N LEU C 851 -5.68 -1.05 -46.45
CA LEU C 851 -5.19 -2.41 -46.11
C LEU C 851 -6.36 -3.39 -46.06
N PRO C 852 -6.13 -4.72 -46.16
CA PRO C 852 -7.21 -5.70 -46.08
C PRO C 852 -8.09 -5.54 -44.83
N THR C 853 -9.39 -5.79 -44.97
CA THR C 853 -10.38 -5.78 -43.86
C THR C 853 -9.91 -6.74 -42.77
N GLY C 854 -10.08 -6.36 -41.50
CA GLY C 854 -9.60 -7.11 -40.33
C GLY C 854 -8.27 -6.56 -39.83
N VAL C 855 -7.50 -5.89 -40.68
CA VAL C 855 -6.22 -5.22 -40.32
C VAL C 855 -6.53 -3.76 -39.94
N GLY C 856 -6.54 -3.47 -38.64
CA GLY C 856 -6.64 -2.11 -38.09
C GLY C 856 -5.29 -1.61 -37.61
N TYR C 857 -5.25 -0.46 -36.96
CA TYR C 857 -4.02 0.18 -36.44
C TYR C 857 -4.34 1.04 -35.22
N ASP C 858 -3.30 1.45 -34.50
CA ASP C 858 -3.36 2.43 -33.40
C ASP C 858 -1.99 3.11 -33.28
N TRP C 859 -1.98 4.32 -32.72
CA TRP C 859 -0.75 5.07 -32.36
C TRP C 859 -0.42 4.76 -30.90
N THR C 860 0.86 4.49 -30.60
CA THR C 860 1.36 4.14 -29.25
C THR C 860 2.46 5.14 -28.85
N GLY C 861 2.88 5.07 -27.58
CA GLY C 861 3.98 5.86 -27.00
C GLY C 861 3.90 7.33 -27.38
N MET C 862 4.90 7.79 -28.13
CA MET C 862 5.11 9.21 -28.52
C MET C 862 3.90 9.71 -29.34
N SER C 863 3.49 8.93 -30.35
CA SER C 863 2.42 9.28 -31.31
C SER C 863 1.06 9.34 -30.60
N TYR C 864 0.83 8.48 -29.61
CA TYR C 864 -0.39 8.48 -28.76
C TYR C 864 -0.54 9.85 -28.09
N GLN C 865 0.53 10.35 -27.46
CA GLN C 865 0.57 11.66 -26.76
C GLN C 865 0.34 12.80 -27.76
N GLU C 866 0.87 12.67 -28.98
CA GLU C 866 0.75 13.69 -30.06
C GLU C 866 -0.71 13.78 -30.52
N ARG C 867 -1.34 12.63 -30.79
CA ARG C 867 -2.77 12.53 -31.18
C ARG C 867 -3.63 13.18 -30.09
N LEU C 868 -3.32 12.91 -28.82
CA LEU C 868 -4.04 13.42 -27.63
C LEU C 868 -3.91 14.95 -27.56
N SER C 869 -2.69 15.46 -27.68
CA SER C 869 -2.34 16.91 -27.61
C SER C 869 -3.18 17.71 -28.61
N GLY C 870 -3.22 17.26 -29.87
CA GLY C 870 -3.96 17.93 -30.97
C GLY C 870 -5.46 17.84 -30.79
N ASN C 871 -5.97 16.70 -30.30
CA ASN C 871 -7.43 16.42 -30.17
C ASN C 871 -8.06 17.32 -29.11
N GLN C 872 -7.31 17.71 -28.06
CA GLN C 872 -7.87 18.40 -26.87
C GLN C 872 -7.64 19.92 -26.97
N ALA C 873 -6.86 20.38 -27.94
CA ALA C 873 -6.42 21.79 -28.07
C ALA C 873 -7.61 22.72 -28.35
N PRO C 874 -8.54 22.38 -29.28
CA PRO C 874 -9.69 23.25 -29.56
C PRO C 874 -10.55 23.56 -28.32
N SER C 875 -10.91 22.53 -27.54
CA SER C 875 -11.71 22.65 -26.30
C SER C 875 -10.94 23.47 -25.26
N LEU C 876 -9.61 23.33 -25.22
CA LEU C 876 -8.71 24.09 -24.30
C LEU C 876 -8.78 25.59 -24.63
N TYR C 877 -8.70 25.94 -25.92
CA TYR C 877 -8.80 27.35 -26.40
C TYR C 877 -10.20 27.90 -26.07
N ALA C 878 -11.24 27.11 -26.37
CA ALA C 878 -12.67 27.48 -26.20
C ALA C 878 -12.95 27.83 -24.72
N ILE C 879 -12.62 26.92 -23.79
CA ILE C 879 -12.87 27.11 -22.33
C ILE C 879 -12.02 28.29 -21.83
N SER C 880 -10.78 28.43 -22.31
CA SER C 880 -9.83 29.51 -21.93
C SER C 880 -10.41 30.88 -22.30
N LEU C 881 -10.98 31.01 -23.50
CA LEU C 881 -11.62 32.25 -24.01
C LEU C 881 -12.84 32.59 -23.15
N ILE C 882 -13.71 31.60 -22.91
CA ILE C 882 -14.96 31.75 -22.10
C ILE C 882 -14.59 32.22 -20.68
N VAL C 883 -13.61 31.60 -20.05
CA VAL C 883 -13.17 31.92 -18.65
C VAL C 883 -12.69 33.37 -18.60
N VAL C 884 -11.85 33.78 -19.56
CA VAL C 884 -11.27 35.17 -19.62
C VAL C 884 -12.42 36.17 -19.78
N PHE C 885 -13.39 35.86 -20.66
CA PHE C 885 -14.60 36.68 -20.91
C PHE C 885 -15.39 36.87 -19.61
N LEU C 886 -15.75 35.76 -18.96
CA LEU C 886 -16.58 35.73 -17.72
C LEU C 886 -15.87 36.50 -16.60
N CYS C 887 -14.55 36.33 -16.47
CA CYS C 887 -13.70 37.06 -15.50
C CYS C 887 -13.81 38.57 -15.75
N LEU C 888 -13.72 38.99 -17.01
CA LEU C 888 -13.81 40.42 -17.43
C LEU C 888 -15.21 40.95 -17.15
N ALA C 889 -16.25 40.16 -17.43
CA ALA C 889 -17.68 40.52 -17.22
C ALA C 889 -17.93 40.78 -15.72
N ALA C 890 -17.34 39.97 -14.85
CA ALA C 890 -17.48 40.05 -13.37
C ALA C 890 -16.75 41.28 -12.82
N LEU C 891 -15.49 41.47 -13.24
CA LEU C 891 -14.59 42.52 -12.70
C LEU C 891 -15.13 43.91 -13.07
N TYR C 892 -15.61 44.09 -14.30
CA TYR C 892 -16.05 45.39 -14.88
C TYR C 892 -17.58 45.47 -14.97
N GLU C 893 -18.29 44.56 -14.30
CA GLU C 893 -19.77 44.59 -14.21
C GLU C 893 -20.33 45.06 -15.56
N SER C 894 -19.95 44.38 -16.64
CA SER C 894 -20.29 44.75 -18.04
C SER C 894 -20.30 43.50 -18.93
N TRP C 895 -21.11 43.52 -19.99
CA TRP C 895 -21.02 42.57 -21.13
C TRP C 895 -20.26 43.24 -22.28
N SER C 896 -20.40 44.57 -22.42
CA SER C 896 -19.86 45.38 -23.54
C SER C 896 -18.32 45.45 -23.47
N ILE C 897 -17.76 45.69 -22.27
CA ILE C 897 -16.27 45.76 -22.07
C ILE C 897 -15.67 44.41 -22.43
N PRO C 898 -16.13 43.27 -21.85
CA PRO C 898 -15.64 41.95 -22.24
C PRO C 898 -15.68 41.71 -23.76
N PHE C 899 -16.85 41.88 -24.39
CA PHE C 899 -17.06 41.63 -25.85
C PHE C 899 -16.10 42.51 -26.66
N SER C 900 -15.94 43.78 -26.26
CA SER C 900 -15.03 44.77 -26.91
C SER C 900 -13.58 44.25 -26.85
N VAL C 901 -13.14 43.83 -25.67
CA VAL C 901 -11.77 43.32 -25.39
C VAL C 901 -11.54 42.02 -26.18
N MET C 902 -12.42 41.03 -26.00
CA MET C 902 -12.23 39.65 -26.53
C MET C 902 -12.13 39.65 -28.07
N LEU C 903 -12.60 40.70 -28.75
CA LEU C 903 -12.52 40.84 -30.23
C LEU C 903 -11.05 41.06 -30.66
N VAL C 904 -10.16 41.40 -29.73
CA VAL C 904 -8.71 41.69 -30.01
C VAL C 904 -7.95 40.39 -30.27
N VAL C 905 -8.50 39.23 -29.86
CA VAL C 905 -7.76 37.93 -29.81
C VAL C 905 -7.24 37.57 -31.20
N PRO C 906 -8.07 37.59 -32.27
CA PRO C 906 -7.57 37.32 -33.62
C PRO C 906 -6.37 38.19 -34.05
N LEU C 907 -6.29 39.43 -33.58
CA LEU C 907 -5.18 40.37 -33.92
C LEU C 907 -3.86 39.80 -33.40
N GLY C 908 -3.88 39.18 -32.22
CA GLY C 908 -2.71 38.50 -31.64
C GLY C 908 -2.44 37.17 -32.33
N VAL C 909 -3.47 36.34 -32.48
CA VAL C 909 -3.34 34.92 -32.96
C VAL C 909 -2.75 34.90 -34.39
N ILE C 910 -3.14 35.84 -35.25
CA ILE C 910 -2.65 35.88 -36.67
C ILE C 910 -1.15 36.17 -36.68
N GLY C 911 -0.67 37.01 -35.75
CA GLY C 911 0.77 37.34 -35.61
C GLY C 911 1.58 36.12 -35.17
N ALA C 912 1.05 35.32 -34.25
CA ALA C 912 1.65 34.08 -33.75
C ALA C 912 1.76 33.07 -34.91
N LEU C 913 0.69 32.92 -35.69
CA LEU C 913 0.62 31.99 -36.84
C LEU C 913 1.61 32.43 -37.92
N LEU C 914 1.72 33.73 -38.18
CA LEU C 914 2.64 34.31 -39.19
C LEU C 914 4.09 33.99 -38.80
N ALA C 915 4.48 34.29 -37.55
CA ALA C 915 5.83 34.05 -36.99
C ALA C 915 6.21 32.57 -37.12
N ALA C 916 5.30 31.67 -36.77
CA ALA C 916 5.49 30.20 -36.84
C ALA C 916 5.64 29.77 -38.31
N THR C 917 4.70 30.20 -39.16
CA THR C 917 4.62 29.83 -40.60
C THR C 917 5.90 30.26 -41.32
N PHE C 918 6.30 31.52 -41.16
CA PHE C 918 7.46 32.13 -41.87
C PHE C 918 8.78 31.56 -41.33
N ARG C 919 8.85 31.20 -40.05
CA ARG C 919 10.08 30.61 -39.44
C ARG C 919 10.12 29.10 -39.68
N GLY C 920 9.01 28.50 -40.10
CA GLY C 920 8.94 27.06 -40.42
C GLY C 920 8.79 26.19 -39.17
N LEU C 921 8.24 26.75 -38.09
CA LEU C 921 7.88 26.01 -36.86
C LEU C 921 6.49 25.38 -37.08
N THR C 922 6.03 24.56 -36.13
CA THR C 922 4.80 23.74 -36.25
C THR C 922 3.84 24.09 -35.10
N ASN C 923 2.57 23.68 -35.26
CA ASN C 923 1.54 23.73 -34.20
C ASN C 923 1.86 22.61 -33.19
N ASP C 924 2.79 22.87 -32.27
CA ASP C 924 3.26 21.90 -31.24
C ASP C 924 2.82 22.39 -29.86
N VAL C 925 3.18 21.64 -28.81
CA VAL C 925 2.73 21.87 -27.40
C VAL C 925 3.14 23.29 -26.97
N TYR C 926 4.33 23.74 -27.36
CA TYR C 926 4.87 25.08 -26.99
C TYR C 926 4.07 26.17 -27.72
N PHE C 927 3.63 25.90 -28.95
CA PHE C 927 2.78 26.83 -29.74
C PHE C 927 1.39 26.93 -29.12
N GLN C 928 0.87 25.81 -28.59
CA GLN C 928 -0.44 25.74 -27.89
C GLN C 928 -0.39 26.63 -26.63
N VAL C 929 0.71 26.57 -25.88
CA VAL C 929 0.98 27.46 -24.71
C VAL C 929 1.10 28.89 -25.23
N GLY C 930 1.72 29.08 -26.40
CA GLY C 930 1.94 30.38 -27.04
C GLY C 930 0.64 31.06 -27.41
N LEU C 931 -0.34 30.30 -27.91
CA LEU C 931 -1.67 30.82 -28.33
C LEU C 931 -2.48 31.23 -27.09
N LEU C 932 -2.47 30.40 -26.04
CA LEU C 932 -3.07 30.74 -24.71
C LEU C 932 -2.45 32.04 -24.19
N THR C 933 -1.12 32.16 -24.22
CA THR C 933 -0.37 33.37 -23.80
C THR C 933 -0.83 34.57 -24.64
N THR C 934 -0.98 34.36 -25.96
CA THR C 934 -1.34 35.41 -26.95
C THR C 934 -2.72 35.99 -26.63
N ILE C 935 -3.68 35.15 -26.22
CA ILE C 935 -5.04 35.58 -25.79
C ILE C 935 -4.89 36.60 -24.65
N GLY C 936 -4.06 36.28 -23.66
CA GLY C 936 -3.76 37.14 -22.50
C GLY C 936 -3.08 38.43 -22.90
N LEU C 937 -2.07 38.35 -23.78
CA LEU C 937 -1.30 39.51 -24.30
C LEU C 937 -2.24 40.48 -25.01
N SER C 938 -3.06 39.96 -25.92
CA SER C 938 -4.04 40.73 -26.73
C SER C 938 -5.02 41.46 -25.81
N ALA C 939 -5.64 40.73 -24.88
CA ALA C 939 -6.64 41.25 -23.92
C ALA C 939 -6.02 42.34 -23.04
N LYS C 940 -4.75 42.16 -22.65
CA LYS C 940 -3.98 43.10 -21.80
C LYS C 940 -3.85 44.46 -22.51
N ASN C 941 -3.54 44.46 -23.80
CA ASN C 941 -3.42 45.71 -24.62
C ASN C 941 -4.81 46.33 -24.81
N ALA C 942 -5.82 45.50 -25.10
CA ALA C 942 -7.23 45.93 -25.27
C ALA C 942 -7.75 46.57 -23.99
N ILE C 943 -7.44 45.97 -22.82
CA ILE C 943 -7.89 46.44 -21.48
C ILE C 943 -7.39 47.87 -21.24
N LEU C 944 -6.12 48.13 -21.58
CA LEU C 944 -5.45 49.44 -21.31
C LEU C 944 -6.18 50.58 -22.04
N ILE C 945 -6.85 50.29 -23.16
CA ILE C 945 -7.68 51.28 -23.92
C ILE C 945 -9.12 51.25 -23.38
N VAL C 946 -9.80 50.10 -23.49
CA VAL C 946 -11.27 49.95 -23.26
C VAL C 946 -11.63 50.37 -21.84
N GLU C 947 -10.96 49.82 -20.82
CA GLU C 947 -11.27 50.04 -19.38
C GLU C 947 -11.16 51.54 -19.05
N PHE C 948 -10.15 52.23 -19.59
CA PHE C 948 -9.84 53.64 -19.30
C PHE C 948 -10.87 54.55 -19.99
N ALA C 949 -11.19 54.26 -21.25
CA ALA C 949 -12.22 54.97 -22.05
C ALA C 949 -13.56 54.96 -21.28
N LYS C 950 -14.00 53.77 -20.86
CA LYS C 950 -15.26 53.58 -20.09
C LYS C 950 -15.23 54.42 -18.80
N ASP C 951 -14.10 54.39 -18.10
CA ASP C 951 -13.90 55.06 -16.79
C ASP C 951 -13.98 56.58 -16.97
N LEU C 952 -13.46 57.11 -18.10
CA LEU C 952 -13.51 58.55 -18.44
C LEU C 952 -14.96 58.95 -18.72
N MET C 953 -15.70 58.14 -19.48
CA MET C 953 -17.15 58.35 -19.78
C MET C 953 -17.93 58.38 -18.46
N ASP C 954 -17.61 57.48 -17.53
CA ASP C 954 -18.35 57.31 -16.25
C ASP C 954 -18.00 58.45 -15.28
N LYS C 955 -16.71 58.65 -14.99
CA LYS C 955 -16.24 59.49 -13.87
C LYS C 955 -16.01 60.95 -14.29
N GLU C 956 -15.84 61.22 -15.61
CA GLU C 956 -15.63 62.59 -16.13
C GLU C 956 -16.75 62.97 -17.13
N GLY C 957 -17.79 62.13 -17.26
CA GLY C 957 -18.98 62.41 -18.08
C GLY C 957 -18.66 62.79 -19.52
N LYS C 958 -17.55 62.29 -20.06
CA LYS C 958 -17.08 62.60 -21.44
C LYS C 958 -17.86 61.75 -22.45
N GLY C 959 -17.95 62.22 -23.69
CA GLY C 959 -18.61 61.50 -24.80
C GLY C 959 -17.84 60.25 -25.19
N LEU C 960 -18.48 59.36 -25.96
CA LEU C 960 -17.92 58.05 -26.41
C LEU C 960 -16.62 58.29 -27.18
N ILE C 961 -16.65 59.18 -28.18
CA ILE C 961 -15.49 59.49 -29.08
C ILE C 961 -14.39 60.19 -28.27
N GLU C 962 -14.73 61.24 -27.52
CA GLU C 962 -13.76 62.07 -26.77
C GLU C 962 -13.01 61.20 -25.74
N ALA C 963 -13.72 60.29 -25.08
CA ALA C 963 -13.18 59.37 -24.03
C ALA C 963 -12.17 58.41 -24.68
N THR C 964 -12.58 57.76 -25.78
CA THR C 964 -11.75 56.79 -26.56
C THR C 964 -10.46 57.49 -27.00
N LEU C 965 -10.57 58.70 -27.58
CA LEU C 965 -9.43 59.47 -28.14
C LEU C 965 -8.46 59.89 -27.01
N ASP C 966 -9.01 60.32 -25.87
CA ASP C 966 -8.22 60.70 -24.67
C ASP C 966 -7.53 59.45 -24.10
N ALA C 967 -8.26 58.32 -24.07
CA ALA C 967 -7.77 57.01 -23.56
C ALA C 967 -6.55 56.56 -24.34
N VAL C 968 -6.64 56.54 -25.68
CA VAL C 968 -5.55 56.03 -26.58
C VAL C 968 -4.34 56.98 -26.51
N ARG C 969 -4.57 58.29 -26.38
CA ARG C 969 -3.50 59.32 -26.26
C ARG C 969 -2.66 59.02 -25.01
N MET C 970 -3.32 58.90 -23.85
CA MET C 970 -2.68 58.75 -22.52
C MET C 970 -2.04 57.37 -22.36
N ARG C 971 -2.49 56.36 -23.14
CA ARG C 971 -2.14 54.93 -22.94
C ARG C 971 -1.17 54.43 -24.02
N LEU C 972 -0.87 55.21 -25.07
CA LEU C 972 0.06 54.77 -26.14
C LEU C 972 1.41 54.41 -25.53
N ARG C 973 1.98 55.31 -24.72
CA ARG C 973 3.34 55.13 -24.12
C ARG C 973 3.38 53.83 -23.32
N PRO C 974 2.53 53.63 -22.28
CA PRO C 974 2.60 52.41 -21.47
C PRO C 974 2.25 51.12 -22.24
N ILE C 975 1.37 51.20 -23.24
CA ILE C 975 1.04 50.04 -24.12
C ILE C 975 2.30 49.62 -24.87
N LEU C 976 2.93 50.55 -25.61
CA LEU C 976 4.17 50.30 -26.39
C LEU C 976 5.29 49.88 -25.43
N MET C 977 5.35 50.52 -24.26
CA MET C 977 6.41 50.29 -23.24
C MET C 977 6.35 48.84 -22.74
N THR C 978 5.18 48.41 -22.27
CA THR C 978 4.93 47.06 -21.69
C THR C 978 5.01 45.98 -22.79
N SER C 979 4.52 46.29 -23.99
CA SER C 979 4.48 45.36 -25.15
C SER C 979 5.91 45.09 -25.65
N LEU C 980 6.74 46.13 -25.72
CA LEU C 980 8.14 46.04 -26.19
C LEU C 980 8.98 45.29 -25.14
N ALA C 981 8.65 45.43 -23.85
CA ALA C 981 9.28 44.69 -22.74
C ALA C 981 9.13 43.18 -22.95
N PHE C 982 7.91 42.73 -23.28
CA PHE C 982 7.62 41.29 -23.57
C PHE C 982 8.36 40.84 -24.83
N ILE C 983 8.23 41.62 -25.91
CA ILE C 983 8.80 41.29 -27.25
C ILE C 983 10.31 41.07 -27.12
N LEU C 984 11.03 42.00 -26.50
CA LEU C 984 12.51 41.91 -26.29
C LEU C 984 12.81 40.91 -25.17
N GLY C 985 11.87 40.74 -24.23
CA GLY C 985 11.97 39.74 -23.15
C GLY C 985 12.09 38.32 -23.68
N VAL C 986 11.28 37.96 -24.69
CA VAL C 986 11.23 36.59 -25.28
C VAL C 986 12.25 36.46 -26.42
N MET C 987 12.84 37.58 -26.86
CA MET C 987 13.78 37.60 -28.03
C MET C 987 14.92 36.60 -27.82
N PRO C 988 15.57 36.53 -26.63
CA PRO C 988 16.62 35.55 -26.38
C PRO C 988 16.21 34.11 -26.71
N LEU C 989 14.96 33.73 -26.42
CA LEU C 989 14.37 32.40 -26.76
C LEU C 989 14.37 32.22 -28.29
N VAL C 990 14.02 33.28 -29.01
CA VAL C 990 13.78 33.26 -30.48
C VAL C 990 15.11 33.08 -31.22
N ILE C 991 16.17 33.79 -30.79
CA ILE C 991 17.47 33.84 -31.51
C ILE C 991 18.44 32.81 -30.92
N SER C 992 18.04 32.11 -29.85
CA SER C 992 18.83 31.03 -29.21
C SER C 992 19.20 29.96 -30.25
N THR C 993 20.46 29.55 -30.29
CA THR C 993 21.02 28.48 -31.16
C THR C 993 21.80 27.45 -30.33
N GLY C 994 21.71 27.53 -28.99
CA GLY C 994 22.46 26.64 -28.07
C GLY C 994 21.79 25.28 -27.95
N ALA C 995 22.30 24.44 -27.04
CA ALA C 995 21.71 23.13 -26.70
C ALA C 995 20.32 23.35 -26.10
N GLY C 996 19.29 22.72 -26.68
CA GLY C 996 17.89 22.84 -26.25
C GLY C 996 17.20 24.07 -26.83
N SER C 997 17.77 24.64 -27.90
CA SER C 997 17.25 25.85 -28.60
C SER C 997 15.97 25.51 -29.37
N GLY C 998 15.77 24.23 -29.72
CA GLY C 998 14.54 23.73 -30.36
C GLY C 998 13.31 24.12 -29.56
N ALA C 999 13.34 23.84 -28.25
CA ALA C 999 12.28 24.17 -27.27
C ALA C 999 12.21 25.69 -27.07
N GLN C 1000 13.36 26.34 -26.91
CA GLN C 1000 13.46 27.82 -26.71
C GLN C 1000 12.79 28.53 -27.89
N ASN C 1001 13.20 28.21 -29.12
CA ASN C 1001 12.69 28.79 -30.38
C ASN C 1001 11.17 28.60 -30.47
N ALA C 1002 10.68 27.41 -30.12
CA ALA C 1002 9.24 27.02 -30.19
C ALA C 1002 8.42 27.87 -29.19
N VAL C 1003 8.93 28.05 -27.97
CA VAL C 1003 8.25 28.79 -26.87
C VAL C 1003 8.20 30.29 -27.21
N GLY C 1004 9.26 30.83 -27.79
CA GLY C 1004 9.47 32.29 -27.96
C GLY C 1004 8.82 32.84 -29.21
N THR C 1005 8.92 32.11 -30.34
CA THR C 1005 8.65 32.63 -31.71
C THR C 1005 7.17 33.05 -31.85
N GLY C 1006 6.25 32.15 -31.49
CA GLY C 1006 4.80 32.38 -31.59
C GLY C 1006 4.36 33.61 -30.81
N VAL C 1007 4.75 33.71 -29.52
CA VAL C 1007 4.29 34.78 -28.59
C VAL C 1007 4.94 36.12 -28.97
N MET C 1008 6.15 36.10 -29.51
CA MET C 1008 6.83 37.33 -30.02
C MET C 1008 5.98 37.94 -31.13
N GLY C 1009 5.68 37.16 -32.17
CA GLY C 1009 4.83 37.56 -33.31
C GLY C 1009 3.41 37.88 -32.86
N GLY C 1010 2.91 37.16 -31.86
CA GLY C 1010 1.61 37.40 -31.23
C GLY C 1010 1.52 38.80 -30.64
N MET C 1011 2.54 39.21 -29.87
CA MET C 1011 2.57 40.51 -29.16
C MET C 1011 2.78 41.64 -30.18
N VAL C 1012 3.59 41.42 -31.21
CA VAL C 1012 3.86 42.41 -32.30
C VAL C 1012 2.53 42.84 -32.91
N THR C 1013 1.75 41.89 -33.45
CA THR C 1013 0.45 42.15 -34.12
C THR C 1013 -0.59 42.60 -33.08
N ALA C 1014 -0.53 42.07 -31.86
CA ALA C 1014 -1.46 42.41 -30.76
C ALA C 1014 -1.18 43.82 -30.22
N THR C 1015 -0.06 44.45 -30.62
CA THR C 1015 0.28 45.85 -30.30
C THR C 1015 -0.04 46.72 -31.52
N VAL C 1016 0.58 46.43 -32.66
CA VAL C 1016 0.52 47.26 -33.90
C VAL C 1016 -0.92 47.38 -34.39
N LEU C 1017 -1.69 46.29 -34.38
CA LEU C 1017 -3.10 46.27 -34.89
C LEU C 1017 -4.05 46.78 -33.81
N ALA C 1018 -3.87 46.37 -32.56
CA ALA C 1018 -4.83 46.60 -31.45
C ALA C 1018 -5.01 48.11 -31.19
N ILE C 1019 -3.91 48.88 -31.25
CA ILE C 1019 -3.93 50.34 -30.96
C ILE C 1019 -4.82 51.08 -31.97
N PHE C 1020 -5.11 50.47 -33.12
CA PHE C 1020 -6.00 51.02 -34.18
C PHE C 1020 -7.39 50.37 -34.11
N PHE C 1021 -7.46 49.05 -33.86
CA PHE C 1021 -8.69 48.23 -34.03
C PHE C 1021 -9.54 48.23 -32.74
N VAL C 1022 -8.91 48.27 -31.57
CA VAL C 1022 -9.63 48.21 -30.25
C VAL C 1022 -10.54 49.43 -30.13
N PRO C 1023 -10.07 50.67 -30.43
CA PRO C 1023 -10.96 51.84 -30.45
C PRO C 1023 -12.21 51.62 -31.31
N VAL C 1024 -12.06 50.97 -32.46
CA VAL C 1024 -13.18 50.65 -33.39
C VAL C 1024 -14.14 49.69 -32.68
N PHE C 1025 -13.62 48.59 -32.13
CA PHE C 1025 -14.41 47.55 -31.41
C PHE C 1025 -15.28 48.22 -30.34
N PHE C 1026 -14.66 49.04 -29.49
CA PHE C 1026 -15.30 49.72 -28.34
C PHE C 1026 -16.44 50.62 -28.84
N VAL C 1027 -16.17 51.45 -29.84
CA VAL C 1027 -17.15 52.45 -30.39
C VAL C 1027 -18.33 51.70 -31.03
N VAL C 1028 -18.06 50.78 -31.96
CA VAL C 1028 -19.10 50.02 -32.71
C VAL C 1028 -19.97 49.22 -31.73
N VAL C 1029 -19.38 48.63 -30.70
CA VAL C 1029 -20.08 47.74 -29.72
C VAL C 1029 -20.94 48.62 -28.78
N ARG C 1030 -20.39 49.73 -28.28
CA ARG C 1030 -21.12 50.69 -27.40
C ARG C 1030 -22.34 51.25 -28.14
N ARG C 1031 -22.15 51.67 -29.39
CA ARG C 1031 -23.20 52.33 -30.22
C ARG C 1031 -24.32 51.34 -30.54
N ARG C 1032 -23.99 50.07 -30.81
CA ARG C 1032 -24.95 49.06 -31.32
C ARG C 1032 -25.68 48.38 -30.16
N PHE C 1033 -25.01 48.15 -29.02
CA PHE C 1033 -25.50 47.27 -27.92
C PHE C 1033 -25.75 48.06 -26.62
N SER C 1034 -24.87 49.01 -26.26
CA SER C 1034 -24.99 49.81 -25.01
C SER C 1034 -26.03 50.93 -25.20
N ARG C 1035 -26.73 51.30 -24.13
CA ARG C 1035 -27.83 52.29 -24.10
C ARG C 1035 -28.91 51.90 -25.13
N GLY D 11 -39.82 -47.45 1.43
CA GLY D 11 -39.64 -46.27 2.33
C GLY D 11 -40.89 -45.39 2.38
N SER D 12 -41.40 -45.12 3.59
CA SER D 12 -42.64 -44.34 3.84
C SER D 12 -42.28 -42.92 4.33
N ASP D 13 -43.29 -42.07 4.53
CA ASP D 13 -43.16 -40.69 5.05
C ASP D 13 -42.63 -40.75 6.48
N LEU D 14 -43.29 -41.53 7.34
CA LEU D 14 -42.98 -41.66 8.79
C LEU D 14 -41.67 -42.42 9.00
N GLY D 15 -41.34 -43.35 8.10
CA GLY D 15 -40.05 -44.08 8.07
C GLY D 15 -38.87 -43.11 8.03
N LYS D 16 -38.93 -42.15 7.09
CA LYS D 16 -37.90 -41.10 6.90
C LYS D 16 -37.84 -40.22 8.17
N LYS D 17 -39.01 -39.82 8.69
CA LYS D 17 -39.15 -39.01 9.92
C LYS D 17 -38.51 -39.74 11.11
N LEU D 18 -38.67 -41.06 11.19
CA LEU D 18 -38.15 -41.90 12.30
C LEU D 18 -36.61 -42.00 12.20
N LEU D 19 -36.09 -42.17 10.99
CA LEU D 19 -34.62 -42.21 10.72
C LEU D 19 -34.00 -40.91 11.25
N GLU D 20 -34.57 -39.76 10.91
CA GLU D 20 -34.08 -38.41 11.29
C GLU D 20 -34.20 -38.22 12.82
N ALA D 21 -35.30 -38.67 13.41
CA ALA D 21 -35.61 -38.52 14.85
C ALA D 21 -34.68 -39.43 15.68
N ALA D 22 -34.50 -40.68 15.24
CA ALA D 22 -33.63 -41.69 15.90
C ALA D 22 -32.19 -41.17 15.92
N ARG D 23 -31.75 -40.56 14.82
CA ARG D 23 -30.40 -39.94 14.66
C ARG D 23 -30.25 -38.76 15.63
N ALA D 24 -31.21 -37.83 15.62
CA ALA D 24 -31.17 -36.54 16.35
C ALA D 24 -31.33 -36.75 17.85
N GLY D 25 -31.83 -37.91 18.28
CA GLY D 25 -32.03 -38.26 19.70
C GLY D 25 -33.28 -37.58 20.27
N ARG D 26 -34.23 -37.22 19.42
CA ARG D 26 -35.52 -36.57 19.81
C ARG D 26 -36.47 -37.64 20.34
N ASP D 27 -36.35 -37.99 21.63
CA ASP D 27 -37.09 -39.08 22.30
C ASP D 27 -38.60 -38.89 22.13
N ASP D 28 -39.09 -37.68 22.41
CA ASP D 28 -40.54 -37.36 22.43
C ASP D 28 -41.13 -37.55 21.03
N GLU D 29 -40.38 -37.23 19.97
CA GLU D 29 -40.86 -37.35 18.56
C GLU D 29 -40.91 -38.83 18.17
N VAL D 30 -39.94 -39.63 18.62
CA VAL D 30 -39.88 -41.10 18.37
C VAL D 30 -41.11 -41.76 19.02
N ARG D 31 -41.43 -41.34 20.25
CA ARG D 31 -42.61 -41.81 21.04
C ARG D 31 -43.88 -41.64 20.19
N ILE D 32 -44.11 -40.43 19.67
CA ILE D 32 -45.31 -40.08 18.84
C ILE D 32 -45.31 -40.94 17.56
N LEU D 33 -44.13 -41.13 16.96
CA LEU D 33 -43.96 -41.90 15.69
C LEU D 33 -44.22 -43.40 15.95
N MET D 34 -43.83 -43.92 17.12
CA MET D 34 -44.10 -45.33 17.53
C MET D 34 -45.62 -45.54 17.67
N ALA D 35 -46.33 -44.53 18.19
CA ALA D 35 -47.80 -44.55 18.41
C ALA D 35 -48.54 -44.55 17.07
N ASN D 36 -47.99 -43.88 16.05
CA ASN D 36 -48.60 -43.75 14.70
C ASN D 36 -48.10 -44.86 13.76
N GLY D 37 -47.21 -45.74 14.25
CA GLY D 37 -46.77 -46.95 13.53
C GLY D 37 -45.74 -46.65 12.44
N ALA D 38 -44.81 -45.73 12.72
CA ALA D 38 -43.65 -45.41 11.85
C ALA D 38 -42.78 -46.67 11.69
N ASP D 39 -42.46 -47.03 10.45
CA ASP D 39 -41.75 -48.28 10.07
C ASP D 39 -40.41 -48.35 10.81
N VAL D 40 -40.27 -49.28 11.77
CA VAL D 40 -39.03 -49.50 12.57
C VAL D 40 -37.97 -50.17 11.70
N ASN D 41 -38.39 -50.82 10.60
CA ASN D 41 -37.48 -51.52 9.65
C ASN D 41 -37.20 -50.62 8.44
N ALA D 42 -37.58 -49.34 8.50
CA ALA D 42 -37.21 -48.30 7.51
C ALA D 42 -35.68 -48.23 7.44
N ALA D 43 -35.12 -48.15 6.23
CA ALA D 43 -33.66 -48.10 5.99
C ALA D 43 -33.35 -47.03 4.95
N ASP D 44 -32.25 -46.30 5.14
CA ASP D 44 -31.69 -45.32 4.17
C ASP D 44 -30.93 -46.10 3.10
N VAL D 45 -30.26 -45.39 2.19
CA VAL D 45 -29.63 -45.95 0.95
C VAL D 45 -28.42 -46.84 1.31
N VAL D 46 -27.80 -46.64 2.48
CA VAL D 46 -26.62 -47.44 2.94
C VAL D 46 -27.09 -48.61 3.81
N GLY D 47 -28.40 -48.73 4.07
CA GLY D 47 -29.02 -49.88 4.75
C GLY D 47 -29.05 -49.72 6.26
N TRP D 48 -29.01 -48.48 6.75
CA TRP D 48 -29.05 -48.14 8.20
C TRP D 48 -30.51 -47.96 8.65
N THR D 49 -30.93 -48.74 9.65
CA THR D 49 -32.25 -48.65 10.32
C THR D 49 -32.20 -47.56 11.40
N PRO D 50 -33.36 -47.12 11.95
CA PRO D 50 -33.36 -46.25 13.12
C PRO D 50 -32.49 -46.78 14.28
N LEU D 51 -32.43 -48.11 14.45
CA LEU D 51 -31.65 -48.77 15.52
C LEU D 51 -30.16 -48.59 15.24
N HIS D 52 -29.72 -48.79 14.00
CA HIS D 52 -28.34 -48.49 13.51
C HIS D 52 -27.96 -47.07 13.95
N LEU D 53 -28.80 -46.08 13.58
CA LEU D 53 -28.55 -44.64 13.82
C LEU D 53 -28.49 -44.36 15.33
N ALA D 54 -29.48 -44.85 16.09
CA ALA D 54 -29.56 -44.69 17.57
C ALA D 54 -28.31 -45.30 18.21
N ALA D 55 -27.86 -46.46 17.71
CA ALA D 55 -26.67 -47.21 18.21
C ALA D 55 -25.41 -46.37 17.97
N TYR D 56 -25.27 -45.80 16.78
CA TYR D 56 -24.11 -44.99 16.34
C TYR D 56 -23.96 -43.75 17.21
N TRP D 57 -25.04 -42.94 17.29
CA TRP D 57 -25.02 -41.60 17.95
C TRP D 57 -25.21 -41.72 19.47
N GLY D 58 -25.49 -42.93 19.98
CA GLY D 58 -25.46 -43.25 21.42
C GLY D 58 -26.72 -42.81 22.16
N HIS D 59 -27.88 -42.96 21.53
CA HIS D 59 -29.21 -42.58 22.12
C HIS D 59 -29.86 -43.83 22.74
N LEU D 60 -29.61 -44.05 24.03
CA LEU D 60 -30.01 -45.26 24.80
C LEU D 60 -31.52 -45.41 24.82
N GLU D 61 -32.24 -44.35 25.23
CA GLU D 61 -33.72 -44.35 25.41
C GLU D 61 -34.40 -44.84 24.12
N ILE D 62 -33.92 -44.38 22.96
CA ILE D 62 -34.53 -44.67 21.62
C ILE D 62 -34.17 -46.10 21.21
N VAL D 63 -32.98 -46.59 21.53
CA VAL D 63 -32.57 -48.01 21.27
C VAL D 63 -33.57 -48.93 21.99
N GLU D 64 -33.87 -48.62 23.26
CA GLU D 64 -34.81 -49.41 24.11
C GLU D 64 -36.22 -49.35 23.50
N VAL D 65 -36.69 -48.15 23.11
CA VAL D 65 -38.06 -47.91 22.59
C VAL D 65 -38.24 -48.64 21.26
N LEU D 66 -37.21 -48.63 20.40
CA LEU D 66 -37.26 -49.27 19.05
C LEU D 66 -37.33 -50.79 19.19
N LEU D 67 -36.60 -51.38 20.15
CA LEU D 67 -36.57 -52.85 20.40
C LEU D 67 -37.92 -53.30 20.99
N LYS D 68 -38.50 -52.51 21.89
CA LYS D 68 -39.88 -52.71 22.41
C LYS D 68 -40.87 -52.79 21.24
N ASN D 69 -40.64 -51.98 20.20
CA ASN D 69 -41.54 -51.85 19.01
C ASN D 69 -41.02 -52.72 17.86
N GLY D 70 -40.42 -53.87 18.16
CA GLY D 70 -40.12 -54.95 17.20
C GLY D 70 -39.14 -54.51 16.12
N ALA D 71 -38.11 -53.76 16.48
CA ALA D 71 -36.95 -53.45 15.61
C ALA D 71 -36.08 -54.70 15.48
N ASP D 72 -35.51 -54.94 14.30
CA ASP D 72 -34.56 -56.06 14.04
C ASP D 72 -33.23 -55.71 14.71
N VAL D 73 -32.88 -56.45 15.77
CA VAL D 73 -31.65 -56.24 16.59
C VAL D 73 -30.42 -56.65 15.77
N ASN D 74 -30.61 -57.52 14.76
CA ASN D 74 -29.51 -58.07 13.91
C ASN D 74 -29.67 -57.57 12.46
N ALA D 75 -30.35 -56.45 12.24
CA ALA D 75 -30.43 -55.74 10.94
C ALA D 75 -29.00 -55.40 10.51
N TYR D 76 -28.66 -55.61 9.24
CA TYR D 76 -27.30 -55.34 8.69
C TYR D 76 -27.40 -54.37 7.50
N ASP D 77 -26.42 -53.47 7.41
CA ASP D 77 -26.29 -52.46 6.31
C ASP D 77 -25.74 -53.16 5.06
N THR D 78 -25.46 -52.40 4.00
CA THR D 78 -25.07 -52.94 2.67
C THR D 78 -23.64 -53.52 2.74
N LEU D 79 -22.93 -53.34 3.85
CA LEU D 79 -21.57 -53.90 4.09
C LEU D 79 -21.59 -54.87 5.28
N GLY D 80 -22.78 -55.32 5.71
CA GLY D 80 -22.97 -56.42 6.68
C GLY D 80 -22.73 -56.00 8.12
N SER D 81 -22.79 -54.70 8.43
CA SER D 81 -22.57 -54.15 9.79
C SER D 81 -23.92 -54.02 10.52
N THR D 82 -23.95 -54.42 11.81
CA THR D 82 -25.14 -54.48 12.67
C THR D 82 -25.10 -53.32 13.68
N PRO D 83 -26.20 -53.01 14.39
CA PRO D 83 -26.17 -51.99 15.45
C PRO D 83 -25.16 -52.30 16.56
N LEU D 84 -24.90 -53.58 16.85
CA LEU D 84 -23.95 -54.01 17.90
C LEU D 84 -22.53 -53.63 17.48
N HIS D 85 -22.20 -53.81 16.20
CA HIS D 85 -20.93 -53.34 15.57
C HIS D 85 -20.73 -51.86 15.91
N LEU D 86 -21.72 -51.02 15.61
CA LEU D 86 -21.67 -49.55 15.79
C LEU D 86 -21.50 -49.20 17.28
N ALA D 87 -22.38 -49.75 18.14
CA ALA D 87 -22.39 -49.50 19.60
C ALA D 87 -21.07 -49.92 20.24
N ALA D 88 -20.54 -51.08 19.85
CA ALA D 88 -19.27 -51.64 20.36
C ALA D 88 -18.09 -50.74 19.94
N HIS D 89 -18.10 -50.27 18.69
CA HIS D 89 -17.00 -49.49 18.07
C HIS D 89 -16.91 -48.10 18.70
N PHE D 90 -18.05 -47.47 19.04
CA PHE D 90 -18.13 -46.06 19.50
C PHE D 90 -18.33 -45.97 21.02
N GLY D 91 -18.11 -47.08 21.74
CA GLY D 91 -17.92 -47.09 23.20
C GLY D 91 -19.20 -46.92 24.01
N HIS D 92 -20.37 -47.16 23.40
CA HIS D 92 -21.70 -47.03 24.05
C HIS D 92 -22.01 -48.31 24.83
N LEU D 93 -21.50 -48.41 26.07
CA LEU D 93 -21.56 -49.63 26.92
C LEU D 93 -23.01 -50.03 27.18
N GLU D 94 -23.85 -49.09 27.62
CA GLU D 94 -25.26 -49.34 28.01
C GLU D 94 -26.03 -49.92 26.82
N ILE D 95 -25.85 -49.33 25.62
CA ILE D 95 -26.54 -49.76 24.37
C ILE D 95 -26.08 -51.18 24.00
N VAL D 96 -24.79 -51.50 24.17
CA VAL D 96 -24.22 -52.85 23.88
C VAL D 96 -24.93 -53.89 24.76
N GLU D 97 -25.07 -53.61 26.06
CA GLU D 97 -25.73 -54.50 27.05
C GLU D 97 -27.19 -54.74 26.63
N VAL D 98 -27.93 -53.68 26.30
CA VAL D 98 -29.36 -53.73 25.91
C VAL D 98 -29.51 -54.57 24.64
N LEU D 99 -28.69 -54.30 23.62
CA LEU D 99 -28.72 -55.02 22.31
C LEU D 99 -28.49 -56.52 22.55
N LEU D 100 -27.52 -56.87 23.39
CA LEU D 100 -27.15 -58.27 23.71
C LEU D 100 -28.26 -58.94 24.52
N LYS D 101 -28.94 -58.19 25.38
CA LYS D 101 -30.07 -58.69 26.23
C LYS D 101 -31.29 -58.97 25.34
N ASN D 102 -31.42 -58.25 24.23
CA ASN D 102 -32.55 -58.37 23.27
C ASN D 102 -32.14 -59.27 22.08
N GLY D 103 -31.03 -60.00 22.20
CA GLY D 103 -30.69 -61.16 21.35
C GLY D 103 -29.79 -60.82 20.17
N ALA D 104 -28.95 -59.78 20.29
CA ALA D 104 -28.00 -59.37 19.23
C ALA D 104 -26.91 -60.44 19.08
N ASP D 105 -26.61 -60.83 17.83
CA ASP D 105 -25.54 -61.81 17.49
C ASP D 105 -24.19 -61.22 17.89
N VAL D 106 -23.61 -61.72 18.98
CA VAL D 106 -22.33 -61.21 19.58
C VAL D 106 -21.15 -61.53 18.64
N ASN D 107 -21.31 -62.51 17.74
CA ASN D 107 -20.27 -62.97 16.78
C ASN D 107 -20.64 -62.58 15.35
N ALA D 108 -21.51 -61.58 15.17
CA ALA D 108 -21.93 -61.04 13.86
C ALA D 108 -20.69 -60.60 13.08
N LYS D 109 -20.53 -61.08 11.84
CA LYS D 109 -19.39 -60.74 10.94
C LYS D 109 -19.90 -59.85 9.80
N ASP D 110 -19.26 -58.69 9.59
CA ASP D 110 -19.49 -57.83 8.40
C ASP D 110 -18.78 -58.48 7.21
N ASP D 111 -18.80 -57.82 6.04
CA ASP D 111 -18.23 -58.34 4.77
C ASP D 111 -16.71 -58.48 4.88
N ASN D 112 -16.08 -57.76 5.83
CA ASN D 112 -14.62 -57.78 6.07
C ASN D 112 -14.25 -58.88 7.08
N GLY D 113 -15.25 -59.58 7.63
CA GLY D 113 -15.06 -60.62 8.67
C GLY D 113 -14.81 -60.02 10.03
N ILE D 114 -15.13 -58.72 10.21
CA ILE D 114 -14.90 -57.96 11.47
C ILE D 114 -16.11 -58.14 12.38
N THR D 115 -15.87 -58.31 13.68
CA THR D 115 -16.89 -58.58 14.73
C THR D 115 -16.92 -57.39 15.69
N PRO D 116 -17.99 -57.26 16.53
CA PRO D 116 -18.01 -56.26 17.59
C PRO D 116 -16.77 -56.31 18.50
N LEU D 117 -16.24 -57.51 18.78
CA LEU D 117 -15.04 -57.72 19.63
C LEU D 117 -13.82 -57.04 18.98
N HIS D 118 -13.63 -57.27 17.67
CA HIS D 118 -12.55 -56.65 16.86
C HIS D 118 -12.59 -55.13 17.01
N LEU D 119 -13.76 -54.53 16.79
CA LEU D 119 -13.96 -53.05 16.77
C LEU D 119 -13.69 -52.47 18.16
N ALA D 120 -14.26 -53.09 19.20
CA ALA D 120 -14.12 -52.67 20.62
C ALA D 120 -12.65 -52.73 21.03
N ALA D 121 -11.97 -53.83 20.70
CA ALA D 121 -10.53 -54.06 20.95
C ALA D 121 -9.71 -52.93 20.29
N ASN D 122 -10.04 -52.59 19.05
CA ASN D 122 -9.30 -51.58 18.23
C ASN D 122 -9.34 -50.21 18.92
N ARG D 123 -10.50 -49.82 19.47
CA ARG D 123 -10.73 -48.50 20.13
C ARG D 123 -10.50 -48.61 21.64
N GLY D 124 -10.09 -49.78 22.14
CA GLY D 124 -9.63 -50.00 23.53
C GLY D 124 -10.74 -49.83 24.55
N HIS D 125 -11.97 -50.20 24.19
CA HIS D 125 -13.17 -50.16 25.07
C HIS D 125 -13.21 -51.41 25.95
N LEU D 126 -12.50 -51.39 27.08
CA LEU D 126 -12.24 -52.57 27.95
C LEU D 126 -13.57 -53.11 28.51
N GLU D 127 -14.41 -52.22 29.06
CA GLU D 127 -15.73 -52.57 29.65
C GLU D 127 -16.58 -53.33 28.62
N ILE D 128 -16.59 -52.86 27.36
CA ILE D 128 -17.39 -53.45 26.25
C ILE D 128 -16.83 -54.83 25.88
N VAL D 129 -15.51 -54.97 25.82
CA VAL D 129 -14.82 -56.26 25.50
C VAL D 129 -15.27 -57.32 26.51
N GLU D 130 -15.29 -56.97 27.80
CA GLU D 130 -15.69 -57.89 28.91
C GLU D 130 -17.14 -58.33 28.72
N VAL D 131 -18.04 -57.40 28.41
CA VAL D 131 -19.50 -57.68 28.18
C VAL D 131 -19.64 -58.66 27.00
N LEU D 132 -18.96 -58.39 25.88
CA LEU D 132 -19.01 -59.22 24.66
C LEU D 132 -18.53 -60.64 24.98
N LEU D 133 -17.42 -60.76 25.72
CA LEU D 133 -16.83 -62.07 26.15
C LEU D 133 -17.80 -62.77 27.11
N LYS D 134 -18.51 -61.99 27.95
CA LYS D 134 -19.50 -62.51 28.93
C LYS D 134 -20.67 -63.17 28.20
N TYR D 135 -21.11 -62.57 27.07
CA TYR D 135 -22.22 -63.08 26.21
C TYR D 135 -21.68 -64.05 25.15
N GLY D 136 -20.42 -64.49 25.29
CA GLY D 136 -19.83 -65.59 24.51
C GLY D 136 -19.30 -65.14 23.16
N ALA D 137 -18.59 -64.01 23.11
CA ALA D 137 -17.87 -63.54 21.90
C ALA D 137 -16.70 -64.49 21.62
N ASP D 138 -16.57 -64.95 20.37
CA ASP D 138 -15.50 -65.86 19.91
C ASP D 138 -14.18 -65.08 19.86
N VAL D 139 -13.32 -65.28 20.86
CA VAL D 139 -12.02 -64.57 21.03
C VAL D 139 -11.04 -64.99 19.92
N ASN D 140 -11.26 -66.16 19.32
CA ASN D 140 -10.39 -66.75 18.26
C ASN D 140 -10.90 -66.38 16.86
N ALA D 141 -11.98 -65.58 16.77
CA ALA D 141 -12.60 -65.13 15.50
C ALA D 141 -11.59 -64.29 14.71
N GLN D 142 -11.35 -64.66 13.46
CA GLN D 142 -10.38 -63.99 12.54
C GLN D 142 -11.14 -63.18 11.49
N ASP D 143 -10.64 -61.99 11.15
CA ASP D 143 -11.18 -61.16 10.04
C ASP D 143 -10.56 -61.67 8.72
N LYS D 144 -10.82 -60.98 7.60
CA LYS D 144 -10.38 -61.38 6.24
C LYS D 144 -8.84 -61.44 6.16
N PHE D 145 -8.13 -60.78 7.08
CA PHE D 145 -6.64 -60.74 7.13
C PHE D 145 -6.11 -61.74 8.17
N GLY D 146 -6.98 -62.57 8.74
CA GLY D 146 -6.62 -63.59 9.75
C GLY D 146 -6.21 -62.97 11.08
N LYS D 147 -6.76 -61.79 11.41
CA LYS D 147 -6.44 -61.04 12.65
C LYS D 147 -7.53 -61.29 13.71
N THR D 148 -7.10 -61.58 14.94
CA THR D 148 -7.96 -61.73 16.15
C THR D 148 -8.00 -60.40 16.91
N ALA D 149 -8.87 -60.29 17.92
CA ALA D 149 -8.96 -59.13 18.83
C ALA D 149 -7.65 -59.00 19.63
N PHE D 150 -6.95 -60.12 19.86
CA PHE D 150 -5.65 -60.20 20.55
C PHE D 150 -4.55 -59.59 19.67
N ASP D 151 -4.53 -59.96 18.38
CA ASP D 151 -3.58 -59.43 17.36
C ASP D 151 -3.69 -57.91 17.32
N ILE D 152 -4.91 -57.37 17.45
CA ILE D 152 -5.21 -55.91 17.44
C ILE D 152 -4.63 -55.27 18.71
N SER D 153 -4.72 -55.94 19.85
CA SER D 153 -4.31 -55.42 21.19
C SER D 153 -2.78 -55.26 21.26
N ILE D 154 -2.01 -56.24 20.76
CA ILE D 154 -0.52 -56.20 20.78
C ILE D 154 -0.01 -55.17 19.75
N ASN D 155 -0.66 -55.08 18.58
CA ASN D 155 -0.28 -54.12 17.50
C ASN D 155 -0.53 -52.69 17.98
N ASN D 156 -1.65 -52.46 18.69
CA ASN D 156 -2.02 -51.15 19.30
C ASN D 156 -1.16 -50.88 20.53
N GLY D 157 -0.57 -51.93 21.11
CA GLY D 157 0.29 -51.84 22.30
C GLY D 157 -0.53 -51.63 23.57
N ASN D 158 -1.78 -52.08 23.56
CA ASN D 158 -2.73 -51.99 24.71
C ASN D 158 -2.42 -53.13 25.68
N GLU D 159 -1.75 -52.82 26.80
CA GLU D 159 -1.28 -53.81 27.80
C GLU D 159 -2.48 -54.41 28.54
N ASP D 160 -3.36 -53.57 29.09
CA ASP D 160 -4.58 -53.97 29.85
C ASP D 160 -5.42 -54.93 29.01
N LEU D 161 -5.73 -54.54 27.76
CA LEU D 161 -6.61 -55.30 26.81
C LEU D 161 -6.00 -56.66 26.50
N ALA D 162 -4.70 -56.70 26.16
CA ALA D 162 -3.94 -57.92 25.80
C ALA D 162 -4.05 -58.96 26.93
N GLU D 163 -4.04 -58.50 28.20
CA GLU D 163 -4.07 -59.35 29.40
C GLU D 163 -5.45 -59.99 29.58
N ILE D 164 -6.52 -59.27 29.20
CA ILE D 164 -7.94 -59.73 29.32
C ILE D 164 -8.23 -60.79 28.25
N LEU D 165 -7.66 -60.64 27.04
CA LEU D 165 -7.91 -61.52 25.87
C LEU D 165 -7.01 -62.78 25.93
N GLN D 166 -6.40 -63.05 27.09
CA GLN D 166 -5.71 -64.33 27.42
C GLN D 166 -6.62 -65.51 27.01
N ASP E 13 42.15 -20.73 36.41
CA ASP E 13 41.99 -21.25 35.01
C ASP E 13 43.19 -20.79 34.17
N LEU E 14 44.41 -21.10 34.61
CA LEU E 14 45.68 -20.64 33.98
C LEU E 14 45.85 -21.31 32.60
N GLY E 15 45.53 -22.60 32.50
CA GLY E 15 45.57 -23.39 31.25
C GLY E 15 44.57 -22.85 30.23
N LYS E 16 43.35 -22.52 30.69
CA LYS E 16 42.26 -21.96 29.87
C LYS E 16 42.67 -20.58 29.32
N LYS E 17 43.30 -19.75 30.15
CA LYS E 17 43.76 -18.38 29.76
C LYS E 17 44.95 -18.48 28.79
N LEU E 18 45.76 -19.55 28.89
CA LEU E 18 46.89 -19.81 27.96
C LEU E 18 46.34 -20.29 26.61
N LEU E 19 45.39 -21.23 26.62
CA LEU E 19 44.70 -21.74 25.40
C LEU E 19 44.19 -20.55 24.58
N GLU E 20 43.50 -19.60 25.23
CA GLU E 20 42.95 -18.37 24.61
C GLU E 20 44.09 -17.48 24.11
N ALA E 21 45.10 -17.25 24.97
CA ALA E 21 46.26 -16.37 24.71
C ALA E 21 47.06 -16.88 23.50
N ALA E 22 47.27 -18.20 23.41
CA ALA E 22 47.97 -18.88 22.30
C ALA E 22 47.22 -18.65 20.98
N ARG E 23 45.89 -18.80 21.01
CA ARG E 23 44.98 -18.67 19.84
C ARG E 23 45.03 -17.22 19.31
N ALA E 24 44.76 -16.24 20.18
CA ALA E 24 44.70 -14.79 19.88
C ALA E 24 46.06 -14.32 19.32
N GLY E 25 47.15 -14.89 19.81
CA GLY E 25 48.53 -14.60 19.36
C GLY E 25 49.22 -13.53 20.19
N ARG E 26 48.83 -13.40 21.46
CA ARG E 26 49.41 -12.43 22.42
C ARG E 26 50.73 -13.01 22.96
N ASP E 27 51.87 -12.54 22.42
CA ASP E 27 53.23 -13.09 22.72
C ASP E 27 53.55 -12.92 24.22
N ASP E 28 53.49 -11.68 24.73
CA ASP E 28 53.86 -11.33 26.13
C ASP E 28 52.99 -12.09 27.12
N GLU E 29 51.69 -12.27 26.81
CA GLU E 29 50.70 -12.89 27.74
C GLU E 29 50.97 -14.40 27.86
N VAL E 30 51.51 -15.03 26.82
CA VAL E 30 51.92 -16.47 26.84
C VAL E 30 53.11 -16.61 27.80
N ARG E 31 54.05 -15.66 27.77
CA ARG E 31 55.26 -15.63 28.64
C ARG E 31 54.83 -15.39 30.10
N ILE E 32 53.97 -14.41 30.32
CA ILE E 32 53.42 -14.02 31.67
C ILE E 32 52.77 -15.26 32.31
N LEU E 33 51.92 -15.97 31.57
CA LEU E 33 51.15 -17.15 32.07
C LEU E 33 52.09 -18.34 32.30
N MET E 34 53.26 -18.36 31.65
CA MET E 34 54.27 -19.43 31.80
C MET E 34 55.13 -19.17 33.05
N ALA E 35 55.40 -17.90 33.36
CA ALA E 35 56.10 -17.45 34.58
C ALA E 35 55.30 -17.83 35.82
N ASN E 36 53.96 -17.90 35.70
CA ASN E 36 53.02 -18.27 36.78
C ASN E 36 52.74 -19.79 36.75
N GLY E 37 53.49 -20.54 35.94
CA GLY E 37 53.48 -22.02 35.91
C GLY E 37 52.14 -22.58 35.45
N ALA E 38 51.56 -22.02 34.38
CA ALA E 38 50.34 -22.54 33.71
C ALA E 38 50.71 -23.79 32.92
N ASP E 39 49.78 -24.75 32.80
CA ASP E 39 49.99 -26.04 32.10
C ASP E 39 50.17 -25.78 30.60
N VAL E 40 51.32 -26.18 30.05
CA VAL E 40 51.68 -25.99 28.61
C VAL E 40 51.00 -27.07 27.75
N ASN E 41 50.43 -28.10 28.37
CA ASN E 41 49.71 -29.23 27.70
C ASN E 41 48.24 -29.23 28.12
N ALA E 42 47.69 -28.06 28.50
CA ALA E 42 46.26 -27.85 28.81
C ALA E 42 45.43 -28.13 27.56
N ALA E 43 44.36 -28.93 27.68
CA ALA E 43 43.52 -29.42 26.55
C ALA E 43 42.12 -28.81 26.65
N ASP E 44 41.60 -28.28 25.54
CA ASP E 44 40.19 -27.80 25.40
C ASP E 44 39.30 -29.02 25.15
N VAL E 45 37.99 -28.79 24.95
CA VAL E 45 36.94 -29.85 24.88
C VAL E 45 37.18 -30.78 23.67
N VAL E 46 37.84 -30.31 22.61
CA VAL E 46 38.16 -31.12 21.39
C VAL E 46 39.58 -31.69 21.51
N GLY E 47 40.29 -31.40 22.60
CA GLY E 47 41.61 -31.96 22.93
C GLY E 47 42.74 -31.22 22.22
N TRP E 48 42.59 -29.91 22.04
CA TRP E 48 43.61 -29.03 21.40
C TRP E 48 44.45 -28.38 22.51
N THR E 49 45.79 -28.47 22.38
CA THR E 49 46.79 -27.81 23.26
C THR E 49 47.08 -26.41 22.73
N PRO E 50 47.72 -25.52 23.51
CA PRO E 50 48.15 -24.23 23.01
C PRO E 50 48.97 -24.35 21.71
N LEU E 51 49.78 -25.40 21.61
CA LEU E 51 50.66 -25.68 20.43
C LEU E 51 49.81 -25.97 19.20
N HIS E 52 48.71 -26.73 19.36
CA HIS E 52 47.69 -26.99 18.31
C HIS E 52 47.17 -25.65 17.77
N LEU E 53 46.74 -24.76 18.67
CA LEU E 53 46.11 -23.45 18.32
C LEU E 53 47.14 -22.55 17.64
N ALA E 54 48.36 -22.48 18.16
CA ALA E 54 49.50 -21.71 17.60
C ALA E 54 49.81 -22.20 16.19
N ALA E 55 49.85 -23.53 16.00
CA ALA E 55 50.14 -24.20 14.71
C ALA E 55 49.05 -23.87 13.67
N TYR E 56 47.78 -23.89 14.10
CA TYR E 56 46.60 -23.69 13.23
C TYR E 56 46.52 -22.23 12.76
N TRP E 57 46.57 -21.28 13.70
CA TRP E 57 46.41 -19.82 13.45
C TRP E 57 47.74 -19.21 12.99
N GLY E 58 48.82 -20.00 12.97
CA GLY E 58 50.11 -19.64 12.33
C GLY E 58 50.90 -18.64 13.14
N HIS E 59 50.90 -18.77 14.47
CA HIS E 59 51.67 -17.90 15.41
C HIS E 59 53.02 -18.57 15.73
N LEU E 60 54.00 -18.39 14.83
CA LEU E 60 55.37 -18.98 14.89
C LEU E 60 56.04 -18.59 16.22
N GLU E 61 55.87 -17.34 16.65
CA GLU E 61 56.52 -16.75 17.86
C GLU E 61 56.14 -17.60 19.09
N ILE E 62 54.89 -18.06 19.17
CA ILE E 62 54.30 -18.78 20.34
C ILE E 62 54.64 -20.28 20.25
N VAL E 63 54.66 -20.85 19.04
CA VAL E 63 55.04 -22.28 18.81
C VAL E 63 56.42 -22.54 19.44
N GLU E 64 57.37 -21.62 19.22
CA GLU E 64 58.75 -21.69 19.74
C GLU E 64 58.75 -21.57 21.28
N VAL E 65 58.04 -20.58 21.82
CA VAL E 65 58.00 -20.24 23.28
C VAL E 65 57.33 -21.40 24.05
N LEU E 66 56.38 -22.10 23.44
CA LEU E 66 55.65 -23.25 24.06
C LEU E 66 56.58 -24.47 24.09
N LEU E 67 57.31 -24.73 23.01
CA LEU E 67 58.33 -25.81 22.91
C LEU E 67 59.51 -25.50 23.84
N LYS E 68 59.85 -24.21 23.98
CA LYS E 68 60.91 -23.68 24.90
C LYS E 68 60.60 -24.10 26.34
N ASN E 69 59.31 -24.24 26.70
CA ASN E 69 58.85 -24.67 28.04
C ASN E 69 58.33 -26.12 27.98
N GLY E 70 58.90 -26.93 27.08
CA GLY E 70 58.73 -28.40 27.04
C GLY E 70 57.29 -28.84 26.81
N ALA E 71 56.57 -28.18 25.91
CA ALA E 71 55.20 -28.56 25.48
C ALA E 71 55.27 -29.86 24.67
N ASP E 72 54.39 -30.83 24.96
CA ASP E 72 54.32 -32.13 24.23
C ASP E 72 54.11 -31.82 22.74
N VAL E 73 55.13 -32.10 21.93
CA VAL E 73 55.18 -31.77 20.47
C VAL E 73 54.27 -32.74 19.69
N ASN E 74 54.02 -33.93 20.24
CA ASN E 74 53.18 -34.98 19.60
C ASN E 74 51.88 -35.17 20.40
N ALA E 75 51.43 -34.11 21.10
CA ALA E 75 50.06 -34.00 21.65
C ALA E 75 49.08 -34.18 20.50
N TYR E 76 48.01 -34.97 20.70
CA TYR E 76 47.00 -35.25 19.65
C TYR E 76 45.59 -35.03 20.20
N ASP E 77 44.71 -34.47 19.35
CA ASP E 77 43.30 -34.14 19.66
C ASP E 77 42.49 -35.44 19.71
N THR E 78 41.17 -35.35 19.91
CA THR E 78 40.25 -36.51 20.10
C THR E 78 40.07 -37.29 18.79
N LEU E 79 40.64 -36.81 17.67
CA LEU E 79 40.65 -37.52 16.37
C LEU E 79 42.09 -37.88 15.96
N GLY E 80 43.08 -37.68 16.86
CA GLY E 80 44.46 -38.15 16.67
C GLY E 80 45.31 -37.23 15.81
N SER E 81 44.86 -36.00 15.56
CA SER E 81 45.58 -34.96 14.78
C SER E 81 46.57 -34.23 15.69
N THR E 82 47.76 -33.92 15.17
CA THR E 82 48.91 -33.30 15.89
C THR E 82 49.10 -31.87 15.39
N PRO E 83 49.84 -31.00 16.13
CA PRO E 83 50.19 -29.68 15.63
C PRO E 83 50.87 -29.68 14.24
N LEU E 84 51.66 -30.72 13.95
CA LEU E 84 52.34 -30.89 12.63
C LEU E 84 51.28 -31.04 11.53
N HIS E 85 50.27 -31.89 11.76
CA HIS E 85 49.09 -32.05 10.86
C HIS E 85 48.54 -30.68 10.48
N LEU E 86 48.28 -29.83 11.49
CA LEU E 86 47.64 -28.50 11.33
C LEU E 86 48.59 -27.57 10.57
N ALA E 87 49.86 -27.48 10.98
CA ALA E 87 50.90 -26.63 10.37
C ALA E 87 51.09 -26.99 8.90
N ALA E 88 51.17 -28.29 8.59
CA ALA E 88 51.39 -28.83 7.23
C ALA E 88 50.16 -28.59 6.34
N HIS E 89 48.96 -28.64 6.93
CA HIS E 89 47.66 -28.52 6.21
C HIS E 89 47.44 -27.06 5.78
N PHE E 90 47.74 -26.09 6.66
CA PHE E 90 47.44 -24.65 6.49
C PHE E 90 48.68 -23.87 6.00
N GLY E 91 49.71 -24.58 5.54
CA GLY E 91 50.82 -24.01 4.75
C GLY E 91 51.75 -23.12 5.56
N HIS E 92 51.91 -23.39 6.86
CA HIS E 92 52.82 -22.65 7.77
C HIS E 92 54.20 -23.33 7.78
N LEU E 93 55.05 -22.99 6.80
CA LEU E 93 56.37 -23.64 6.53
C LEU E 93 57.26 -23.54 7.76
N GLU E 94 57.45 -22.33 8.29
CA GLU E 94 58.39 -22.04 9.40
C GLU E 94 57.98 -22.85 10.64
N ILE E 95 56.68 -23.01 10.88
CA ILE E 95 56.11 -23.78 12.03
C ILE E 95 56.41 -25.26 11.83
N VAL E 96 56.24 -25.78 10.60
CA VAL E 96 56.53 -27.20 10.23
C VAL E 96 57.98 -27.52 10.62
N GLU E 97 58.92 -26.66 10.20
CA GLU E 97 60.39 -26.81 10.44
C GLU E 97 60.66 -26.86 11.95
N VAL E 98 60.12 -25.88 12.71
CA VAL E 98 60.35 -25.72 14.17
C VAL E 98 59.85 -26.97 14.90
N LEU E 99 58.65 -27.45 14.57
CA LEU E 99 58.04 -28.68 15.16
C LEU E 99 58.95 -29.88 14.86
N LEU E 100 59.37 -30.04 13.61
CA LEU E 100 60.21 -31.18 13.14
C LEU E 100 61.59 -31.15 13.83
N LYS E 101 62.13 -29.96 14.08
CA LYS E 101 63.43 -29.76 14.79
C LYS E 101 63.29 -30.22 16.25
N ASN E 102 62.12 -30.03 16.86
CA ASN E 102 61.83 -30.38 18.28
C ASN E 102 61.26 -31.80 18.36
N GLY E 103 61.56 -32.66 17.37
CA GLY E 103 61.30 -34.10 17.40
C GLY E 103 59.82 -34.43 17.26
N ALA E 104 59.13 -33.78 16.31
CA ALA E 104 57.72 -34.06 15.95
C ALA E 104 57.67 -35.29 15.05
N ASP E 105 56.80 -36.26 15.38
CA ASP E 105 56.58 -37.50 14.59
C ASP E 105 56.10 -37.10 13.19
N VAL E 106 56.93 -37.35 12.18
CA VAL E 106 56.70 -36.94 10.76
C VAL E 106 55.69 -37.90 10.12
N ASN E 107 55.71 -39.18 10.49
CA ASN E 107 54.83 -40.25 9.95
C ASN E 107 53.62 -40.43 10.86
N ALA E 108 53.24 -39.41 11.63
CA ALA E 108 52.13 -39.41 12.60
C ALA E 108 50.80 -39.60 11.86
N LYS E 109 50.01 -40.60 12.26
CA LYS E 109 48.67 -40.91 11.69
C LYS E 109 47.58 -40.45 12.66
N ASP E 110 46.53 -39.79 12.16
CA ASP E 110 45.28 -39.53 12.90
C ASP E 110 44.38 -40.76 12.78
N ASP E 111 43.20 -40.76 13.41
CA ASP E 111 42.25 -41.91 13.45
C ASP E 111 41.94 -42.38 12.02
N ASN E 112 42.00 -41.47 11.05
CA ASN E 112 41.68 -41.73 9.62
C ASN E 112 42.88 -42.36 8.91
N GLY E 113 44.05 -42.36 9.55
CA GLY E 113 45.34 -42.81 8.96
C GLY E 113 45.98 -41.74 8.09
N ILE E 114 45.56 -40.48 8.27
CA ILE E 114 46.05 -39.32 7.47
C ILE E 114 47.30 -38.76 8.15
N THR E 115 48.34 -38.47 7.36
CA THR E 115 49.67 -37.98 7.80
C THR E 115 49.84 -36.52 7.36
N PRO E 116 50.77 -35.76 7.98
CA PRO E 116 51.06 -34.39 7.55
C PRO E 116 51.37 -34.29 6.05
N LEU E 117 52.02 -35.32 5.49
CA LEU E 117 52.37 -35.40 4.04
C LEU E 117 51.09 -35.41 3.21
N HIS E 118 50.10 -36.23 3.60
CA HIS E 118 48.77 -36.35 2.93
C HIS E 118 48.12 -34.97 2.82
N LEU E 119 48.07 -34.23 3.94
CA LEU E 119 47.40 -32.91 4.07
C LEU E 119 48.13 -31.87 3.22
N ALA E 120 49.45 -31.77 3.38
CA ALA E 120 50.32 -30.81 2.65
C ALA E 120 50.19 -31.04 1.14
N ALA E 121 50.24 -32.31 0.72
CA ALA E 121 50.13 -32.75 -0.70
C ALA E 121 48.76 -32.36 -1.27
N ASN E 122 47.70 -32.57 -0.49
CA ASN E 122 46.28 -32.32 -0.89
C ASN E 122 46.07 -30.82 -1.11
N ARG E 123 46.75 -29.97 -0.34
CA ARG E 123 46.65 -28.48 -0.42
C ARG E 123 47.74 -27.92 -1.35
N GLY E 124 48.64 -28.77 -1.86
CA GLY E 124 49.66 -28.42 -2.87
C GLY E 124 50.75 -27.51 -2.32
N HIS E 125 51.05 -27.61 -1.02
CA HIS E 125 52.16 -26.87 -0.35
C HIS E 125 53.49 -27.58 -0.63
N LEU E 126 54.13 -27.23 -1.75
CA LEU E 126 55.32 -27.95 -2.31
C LEU E 126 56.53 -27.82 -1.37
N GLU E 127 56.74 -26.62 -0.81
CA GLU E 127 57.89 -26.31 0.08
C GLU E 127 57.81 -27.19 1.34
N ILE E 128 56.61 -27.44 1.86
CA ILE E 128 56.35 -28.24 3.10
C ILE E 128 56.53 -29.73 2.78
N VAL E 129 56.05 -30.19 1.62
CA VAL E 129 56.19 -31.60 1.15
C VAL E 129 57.68 -31.98 1.21
N GLU E 130 58.54 -31.15 0.60
CA GLU E 130 60.01 -31.38 0.49
C GLU E 130 60.63 -31.48 1.90
N VAL E 131 60.23 -30.60 2.83
CA VAL E 131 60.76 -30.55 4.23
C VAL E 131 60.32 -31.82 4.97
N LEU E 132 59.11 -32.31 4.72
CA LEU E 132 58.57 -33.55 5.37
C LEU E 132 59.34 -34.78 4.85
N LEU E 133 59.62 -34.83 3.54
CA LEU E 133 60.38 -35.92 2.87
C LEU E 133 61.82 -35.94 3.42
N LYS E 134 62.39 -34.76 3.70
CA LYS E 134 63.77 -34.57 4.23
C LYS E 134 63.90 -35.23 5.61
N TYR E 135 62.90 -35.05 6.47
CA TYR E 135 62.87 -35.58 7.87
C TYR E 135 62.38 -37.05 7.88
N GLY E 136 62.18 -37.65 6.71
CA GLY E 136 61.96 -39.10 6.54
C GLY E 136 60.48 -39.47 6.53
N ALA E 137 59.66 -38.69 5.81
CA ALA E 137 58.22 -38.97 5.60
C ALA E 137 58.09 -40.19 4.66
N ASP E 138 57.29 -41.18 5.06
CA ASP E 138 57.00 -42.40 4.26
C ASP E 138 56.06 -42.01 3.11
N VAL E 139 56.56 -42.02 1.87
CA VAL E 139 55.80 -41.63 0.64
C VAL E 139 54.76 -42.69 0.31
N ASN E 140 54.96 -43.93 0.77
CA ASN E 140 54.08 -45.10 0.46
C ASN E 140 53.04 -45.28 1.58
N ALA E 141 53.05 -44.41 2.59
CA ALA E 141 52.08 -44.38 3.73
C ALA E 141 50.66 -44.22 3.17
N GLN E 142 49.75 -45.12 3.56
CA GLN E 142 48.34 -45.15 3.10
C GLN E 142 47.42 -44.68 4.24
N ASP E 143 46.32 -44.00 3.89
CA ASP E 143 45.20 -43.68 4.80
C ASP E 143 44.22 -44.86 4.80
N LYS E 144 43.08 -44.74 5.49
CA LYS E 144 42.08 -45.82 5.67
C LYS E 144 41.52 -46.29 4.32
N PHE E 145 41.56 -45.44 3.29
CA PHE E 145 41.02 -45.72 1.92
C PHE E 145 42.13 -46.24 1.00
N GLY E 146 43.38 -46.30 1.48
CA GLY E 146 44.53 -46.86 0.75
C GLY E 146 45.16 -45.86 -0.19
N LYS E 147 45.11 -44.56 0.15
CA LYS E 147 45.60 -43.44 -0.70
C LYS E 147 46.95 -42.96 -0.18
N THR E 148 47.92 -42.77 -1.09
CA THR E 148 49.25 -42.17 -0.83
C THR E 148 49.23 -40.70 -1.25
N ALA E 149 50.23 -39.92 -0.81
CA ALA E 149 50.45 -38.51 -1.23
C ALA E 149 50.51 -38.43 -2.75
N PHE E 150 51.05 -39.46 -3.40
CA PHE E 150 51.17 -39.58 -4.89
C PHE E 150 49.77 -39.66 -5.51
N ASP E 151 48.91 -40.55 -4.99
CA ASP E 151 47.51 -40.75 -5.48
C ASP E 151 46.77 -39.41 -5.42
N ILE E 152 46.96 -38.66 -4.33
CA ILE E 152 46.34 -37.31 -4.10
C ILE E 152 46.82 -36.35 -5.19
N SER E 153 48.11 -36.39 -5.53
CA SER E 153 48.75 -35.50 -6.54
C SER E 153 48.22 -35.81 -7.94
N ILE E 154 48.08 -37.08 -8.30
CA ILE E 154 47.53 -37.54 -9.61
C ILE E 154 46.07 -37.09 -9.71
N ASN E 155 45.28 -37.28 -8.64
CA ASN E 155 43.83 -36.98 -8.57
C ASN E 155 43.61 -35.46 -8.65
N ASN E 156 44.41 -34.68 -7.91
CA ASN E 156 44.35 -33.19 -7.90
C ASN E 156 44.90 -32.62 -9.21
N GLY E 157 45.64 -33.42 -9.98
CA GLY E 157 46.26 -33.00 -11.25
C GLY E 157 47.41 -32.03 -11.02
N ASN E 158 48.04 -32.13 -9.85
CA ASN E 158 49.22 -31.29 -9.45
C ASN E 158 50.47 -31.94 -10.04
N GLU E 159 50.97 -31.40 -11.16
CA GLU E 159 52.06 -31.98 -11.98
C GLU E 159 53.41 -31.79 -11.27
N ASP E 160 53.66 -30.58 -10.74
CA ASP E 160 54.90 -30.21 -10.00
C ASP E 160 55.08 -31.14 -8.80
N LEU E 161 54.00 -31.44 -8.07
CA LEU E 161 54.01 -32.29 -6.85
C LEU E 161 54.22 -33.75 -7.25
N ALA E 162 53.60 -34.19 -8.35
CA ALA E 162 53.61 -35.59 -8.84
C ALA E 162 55.05 -36.06 -9.11
N GLU E 163 55.89 -35.21 -9.72
CA GLU E 163 57.27 -35.56 -10.12
C GLU E 163 58.19 -35.58 -8.88
N ILE E 164 57.92 -34.73 -7.88
CA ILE E 164 58.66 -34.70 -6.58
C ILE E 164 58.48 -36.04 -5.87
N LEU E 165 57.26 -36.61 -5.92
CA LEU E 165 56.89 -37.90 -5.27
C LEU E 165 57.14 -39.08 -6.22
N GLN E 166 57.43 -38.81 -7.49
CA GLN E 166 57.75 -39.82 -8.55
C GLN E 166 56.49 -40.64 -8.85
C1B LMT F . -12.13 6.74 24.46
C2B LMT F . -12.97 6.37 25.68
C3B LMT F . -14.46 6.43 25.38
C4B LMT F . -14.75 6.98 23.99
C5B LMT F . -13.93 6.28 22.90
C6B LMT F . -13.88 7.13 21.63
O1B LMT F . -10.75 6.46 24.73
O2B LMT F . -12.62 5.05 26.12
O3B LMT F . -15.12 7.24 26.36
O4' LMT F . -16.14 6.82 23.70
O5B LMT F . -12.59 5.98 23.33
O6B LMT F . -15.19 7.26 21.08
C1' LMT F . -7.48 9.02 25.32
C2' LMT F . -8.86 9.61 25.55
C3' LMT F . -9.87 8.48 25.77
C4' LMT F . -9.86 7.57 24.55
C5' LMT F . -8.42 7.06 24.33
C6' LMT F . -8.30 6.10 23.15
O1' LMT F . -6.53 10.07 25.16
O2' LMT F . -8.85 10.47 26.69
O3' LMT F . -11.15 9.06 26.03
O5' LMT F . -7.54 8.18 24.15
O6' LMT F . -8.91 6.62 21.97
C1 LMT F . -5.70 10.23 26.32
C2 LMT F . -4.98 11.57 26.29
C3 LMT F . -5.96 12.74 26.22
C4 LMT F . -5.56 13.89 27.16
C5 LMT F . -6.01 15.24 26.63
C6 LMT F . -6.59 16.15 27.72
C7 LMT F . -6.38 17.60 27.36
C8 LMT F . -7.39 18.51 28.04
C9 LMT F . -6.91 19.96 28.05
C10 LMT F . -8.03 20.94 28.41
C11 LMT F . -7.64 21.88 29.55
C12 LMT F . -8.86 22.34 30.31
C1B LMT G . -2.57 50.55 11.98
C2B LMT G . -2.86 51.92 11.34
C3B LMT G . -3.71 52.86 12.20
C4B LMT G . -4.80 52.14 12.97
C5B LMT G . -4.19 50.94 13.70
C6B LMT G . -5.19 50.22 14.61
O1B LMT G . -1.41 50.63 12.83
O2B LMT G . -1.61 52.56 11.04
O3B LMT G . -4.30 53.84 11.34
O4' LMT G . -5.43 53.03 13.90
O5B LMT G . -3.68 50.05 12.72
O6B LMT G . -6.29 49.71 13.85
C1' LMT G . 0.45 46.91 12.01
C2' LMT G . -0.50 46.95 13.20
C3' LMT G . -1.41 48.17 13.16
C4' LMT G . -0.59 49.45 12.94
C5' LMT G . 0.35 49.31 11.74
C6' LMT G . 1.21 50.57 11.58
O1' LMT G . 1.37 45.83 12.19
O2' LMT G . -1.30 45.76 13.22
O3' LMT G . -2.17 48.27 14.37
O5' LMT G . 1.17 48.15 11.91
O6' LMT G . 2.44 50.30 10.90
C1 LMT G . 1.04 44.64 11.48
C2 LMT G . 2.09 43.57 11.74
C3 LMT G . 3.31 43.75 10.86
C4 LMT G . 4.07 42.44 10.68
C5 LMT G . 3.53 41.60 9.53
C6 LMT G . 4.41 41.64 8.28
C7 LMT G . 4.36 40.33 7.49
C8 LMT G . 4.30 40.57 5.99
C9 LMT G . 4.77 39.33 5.21
C10 LMT G . 3.94 39.10 3.95
C11 LMT G . 4.49 37.93 3.14
C12 LMT G . 3.50 36.80 3.05
C1B LMT H . 19.75 58.31 41.44
C2B LMT H . 18.96 59.63 41.52
C3B LMT H . 18.92 60.31 40.17
C4B LMT H . 20.34 60.57 39.70
C5B LMT H . 21.10 59.24 39.64
C6B LMT H . 22.55 59.48 39.21
O1B LMT H . 19.04 57.40 40.60
O2B LMT H . 17.63 59.36 41.98
O3B LMT H . 18.20 61.55 40.25
O4' LMT H . 20.32 61.19 38.41
O5B LMT H . 21.06 58.57 40.91
O6B LMT H . 23.44 58.55 39.85
C1' LMT H . 17.92 53.38 40.83
C2' LMT H . 17.51 54.27 42.01
C3' LMT H . 17.59 55.73 41.62
C4' LMT H . 18.98 56.05 41.07
C5' LMT H . 19.34 55.08 39.95
C6' LMT H . 20.75 55.36 39.42
O1' LMT H . 17.91 52.01 41.23
O2' LMT H . 16.18 53.94 42.44
O3' LMT H . 17.31 56.56 42.75
O5' LMT H . 19.24 53.73 40.41
O6' LMT H . 21.22 54.29 38.59
C1 LMT H . 17.89 51.10 40.13
C2 LMT H . 18.80 49.91 40.44
C3 LMT H . 18.05 48.58 40.41
C4 LMT H . 18.85 47.48 39.70
C5 LMT H . 18.29 47.17 38.30
C6 LMT H . 18.38 45.69 37.96
C7 LMT H . 19.75 45.28 37.40
C8 LMT H . 20.55 44.36 38.34
C9 LMT H . 19.86 43.02 38.64
C10 LMT H . 19.83 42.74 40.13
C11 LMT H . 19.06 41.46 40.47
C12 LMT H . 18.20 41.65 41.71
C1B LMT I . 12.12 17.87 4.32
C2B LMT I . 12.52 16.45 4.74
C3B LMT I . 14.02 16.35 4.99
C4B LMT I . 14.80 17.42 4.22
C5B LMT I . 14.32 18.83 4.56
C6B LMT I . 14.45 19.79 3.37
O1B LMT I . 10.71 18.09 4.54
O2B LMT I . 11.81 16.05 5.91
O3B LMT I . 14.49 15.06 4.62
O4' LMT I . 16.20 17.31 4.53
O5B LMT I . 12.96 18.81 5.02
O6B LMT I . 15.07 21.01 3.79
C1' LMT I . 8.08 20.67 6.37
C2' LMT I . 9.46 21.27 6.15
C3' LMT I . 10.47 20.33 5.45
C4' LMT I . 10.27 18.83 5.69
C5' LMT I . 8.79 18.46 5.92
C6' LMT I . 8.64 17.02 6.41
O1' LMT I . 7.38 21.48 7.32
O2' LMT I . 9.32 22.44 5.34
O3' LMT I . 11.78 20.71 5.91
O5' LMT I . 8.21 19.34 6.88
O6' LMT I . 7.26 16.64 6.33
C1 LMT I . 6.26 22.22 6.80
C2 LMT I . 6.23 23.62 7.41
C3 LMT I . 4.83 24.01 7.87
C4 LMT I . 4.79 25.41 8.48
C5 LMT I . 3.40 26.04 8.38
C6 LMT I . 3.02 26.80 9.64
C7 LMT I . 1.87 27.77 9.37
C8 LMT I . 1.02 28.03 10.61
C9 LMT I . -0.38 27.41 10.50
C10 LMT I . -1.32 27.98 11.56
C11 LMT I . -2.65 27.23 11.57
C12 LMT I . -3.74 28.06 12.24
C1B LMT J . -13.67 47.43 11.18
C2B LMT J . -12.66 48.04 12.16
C3B LMT J . -13.34 48.70 13.35
C4B LMT J . -14.69 49.27 12.96
C5B LMT J . -15.62 48.18 12.42
C6B LMT J . -16.60 48.74 11.38
O1B LMT J . -13.07 46.30 10.50
O2B LMT J . -11.75 47.04 12.64
O3B LMT J . -12.50 49.74 13.87
O4' LMT J . -15.31 49.90 14.09
O5B LMT J . -14.89 47.08 11.87
O6B LMT J . -17.81 47.98 11.40
C1' LMT J . -13.42 42.30 9.60
C2' LMT J . -14.69 42.96 10.11
C3' LMT J . -14.59 44.48 10.06
C4' LMT J . -13.44 44.98 10.93
C5' LMT J . -12.22 44.05 10.84
C6' LMT J . -12.00 43.22 12.11
O1' LMT J . -13.16 41.09 10.34
O2' LMT J . -15.81 42.53 9.32
O3' LMT J . -15.82 45.08 10.48
O5' LMT J . -12.29 43.19 9.70
O6' LMT J . -11.28 43.98 13.10
C1 LMT J . -13.75 39.89 9.82
C2 LMT J . -12.75 38.75 10.00
C3 LMT J . -13.41 37.38 10.10
C4 LMT J . -12.46 36.35 10.74
C5 LMT J . -12.32 35.07 9.91
C6 LMT J . -11.08 34.27 10.33
C7 LMT J . -11.40 32.84 10.77
C8 LMT J . -10.59 31.81 9.99
C9 LMT J . -11.05 30.39 10.30
C10 LMT J . -12.24 29.97 9.44
C11 LMT J . -12.56 28.48 9.59
C12 LMT J . -14.04 28.23 9.47
C1 GOL K . -16.89 -35.37 -8.68
O1 GOL K . -16.91 -36.76 -8.95
C2 GOL K . -16.53 -35.08 -7.23
O2 GOL K . -16.73 -33.69 -6.95
C3 GOL K . -15.11 -35.49 -6.87
O3 GOL K . -15.10 -36.51 -5.88
C1 GOL L . 15.17 -30.35 15.50
O1 GOL L . 14.81 -30.37 16.88
C2 GOL L . 14.37 -29.33 14.73
O2 GOL L . 14.32 -28.10 15.43
C3 GOL L . 14.93 -29.10 13.33
O3 GOL L . 16.21 -28.46 13.38
C1 D10 M . 17.59 42.62 4.85
C2 D10 M . 17.75 43.71 5.89
C3 D10 M . 16.99 44.98 5.58
C4 D10 M . 17.77 46.25 5.84
C5 D10 M . 16.93 47.50 5.86
C6 D10 M . 17.70 48.77 5.54
C7 D10 M . 16.99 50.04 5.95
C8 D10 M . 17.67 51.31 5.46
C9 D10 M . 17.66 52.46 6.45
C10 D10 M . 17.65 53.84 5.81
C1 D10 N . -20.79 26.05 28.63
C2 D10 N . -20.55 27.46 29.13
C3 D10 N . -21.73 28.39 29.01
C4 D10 N . -21.60 29.64 29.85
C5 D10 N . -22.64 30.71 29.58
C6 D10 N . -22.49 31.93 30.46
C7 D10 N . -23.60 32.96 30.32
C8 D10 N . -23.80 33.82 31.55
C9 D10 N . -24.01 35.29 31.28
C10 D10 N . -23.64 36.20 32.44
C01 C14 O . -18.46 6.84 21.49
C02 C14 O . -18.23 6.72 20.00
C03 C14 O . -18.19 8.06 19.29
C04 C14 O . -18.14 7.97 17.78
C05 C14 O . -18.74 9.15 17.05
C06 C14 O . -17.75 10.24 16.69
C07 C14 O . -18.36 11.62 16.55
C08 C14 O . -17.93 12.41 15.33
C09 C14 O . -19.05 13.16 14.65
C10 C14 O . -18.65 14.49 14.03
C11 C14 O . -19.82 15.26 13.45
C12 C14 O . -19.56 16.73 13.23
C13 C14 O . -20.82 17.52 12.95
C14 C14 O . -20.58 18.91 12.38
C1 EDO P . 34.85 -17.36 2.92
O1 EDO P . 35.90 -17.19 3.85
C2 EDO P . 35.28 -17.25 1.50
O2 EDO P . 34.65 -18.20 0.65
C1 EDO Q . 12.78 9.57 36.72
O1 EDO Q . 11.62 9.53 35.91
C2 EDO Q . 13.91 10.31 36.12
O2 EDO Q . 13.99 10.17 34.71
O8 MIY R . -14.63 -26.19 -9.42
C21 MIY R . -15.70 -26.24 -9.98
N2 MIY R . -16.71 -27.24 -9.57
C2 MIY R . -16.01 -25.30 -11.10
C1 MIY R . -17.18 -25.46 -11.92
O1 MIY R . -18.03 -26.34 -11.71
C3 MIY R . -15.15 -24.25 -11.39
O2 MIY R . -13.86 -24.26 -11.07
C4 MIY R . -15.61 -22.97 -12.03
N1 MIY R . -14.55 -22.40 -12.90
C20 MIY R . -14.72 -21.00 -13.29
C19 MIY R . -14.05 -23.22 -14.01
C5 MIY R . -16.97 -23.08 -12.76
C18 MIY R . -17.38 -24.52 -13.13
O7 MIY R . -16.54 -24.99 -14.18
C17 MIY R . -18.80 -24.57 -13.65
O6 MIY R . -19.12 -25.72 -14.24
C16 MIY R . -19.70 -23.54 -13.55
C7 MIY R . -19.37 -22.27 -12.81
C6 MIY R . -18.09 -22.42 -11.98
C15 MIY R . -21.00 -23.65 -14.18
O5 MIY R . -21.23 -24.55 -15.06
C14 MIY R . -22.05 -22.71 -13.79
C9 MIY R . -21.87 -21.84 -12.71
C8 MIY R . -20.57 -21.85 -11.96
C13 MIY R . -23.25 -22.69 -14.50
O4 MIY R . -23.48 -23.50 -15.56
C12 MIY R . -24.26 -21.80 -14.14
C11 MIY R . -24.08 -20.95 -13.07
C10 MIY R . -22.90 -20.94 -12.37
N7 MIY R . -22.73 -20.06 -11.26
CN7 MIY R . -22.79 -20.60 -9.91
C71 MIY R . -23.14 -18.67 -11.37
C1B LMU S . -35.56 -12.58 2.41
C2B LMU S . -37.05 -12.53 2.77
C3B LMU S . -37.90 -12.15 1.57
C4B LMU S . -37.40 -10.85 0.94
C5B LMU S . -35.89 -10.88 0.69
C6B LMU S . -35.38 -9.51 0.29
O1B LMU S . -35.28 -13.62 1.47
O2B LMU S . -37.48 -13.80 3.27
O3B LMU S . -39.26 -11.99 1.96
O4' LMU S . -38.08 -10.64 -0.30
O5B LMU S . -35.17 -11.30 1.86
O6B LMU S . -35.64 -9.29 -1.10
C1' LMU S . -32.44 -16.80 1.90
C2' LMU S . -33.79 -16.91 2.62
C3' LMU S . -34.86 -15.93 2.13
C4' LMU S . -34.26 -14.55 1.89
C5' LMU S . -33.14 -14.70 0.88
C6' LMU S . -32.57 -13.37 0.42
O1' LMU S . -32.39 -17.67 0.76
O2' LMU S . -34.31 -18.23 2.47
O3' LMU S . -35.91 -15.86 3.10
O5' LMU S . -32.10 -15.47 1.49
O6' LMU S . -33.01 -13.08 -0.91
C1 LMU S . -31.06 -17.92 0.30
C2 LMU S . -30.68 -16.91 -0.79
C3 LMU S . -29.53 -16.00 -0.37
C4 LMU S . -28.79 -15.44 -1.58
C5 LMU S . -29.64 -14.41 -2.35
C6 LMU S . -28.74 -13.53 -3.22
C7 LMU S . -29.30 -13.30 -4.63
C8 LMU S . -28.17 -13.09 -5.63
C9 LMU S . -28.68 -12.40 -6.90
C10 LMU S . -27.87 -12.79 -8.13
C11 LMU S . -28.54 -12.31 -9.41
C12 LMU S . -27.99 -13.05 -10.62
C1B LMT T . -62.03 30.40 20.90
C2B LMT T . -62.68 31.78 20.88
C3B LMT T . -61.77 32.82 21.51
C4B LMT T . -61.37 32.40 22.92
C5B LMT T . -60.79 30.98 22.91
C6B LMT T . -60.51 30.50 24.33
O1B LMT T . -60.87 30.37 20.05
O2B LMT T . -62.98 32.17 19.54
O3B LMT T . -62.42 34.10 21.57
O4' LMT T . -60.42 33.33 23.44
O5B LMT T . -61.68 30.07 22.25
O6B LMT T . -61.72 30.50 25.09
C1' LMT T . -59.40 28.14 16.82
C2' LMT T . -60.64 28.98 16.56
C3' LMT T . -60.77 30.04 17.65
C4' LMT T . -60.83 29.37 19.03
C5' LMT T . -59.63 28.45 19.20
C6' LMT T . -59.74 27.63 20.50
O1' LMT T . -59.29 27.13 15.81
O2' LMT T . -60.57 29.59 15.26
O3' LMT T . -61.95 30.81 17.42
O5' LMT T . -59.50 27.53 18.11
O6' LMT T . -58.69 27.97 21.41
C1 LMT T . -57.94 26.71 15.59
C2 LMT T . -57.91 25.40 14.81
C3 LMT T . -56.58 24.68 14.98
C4 LMT T . -56.58 23.34 14.25
C5 LMT T . -55.25 22.58 14.40
C6 LMT T . -55.20 21.74 15.67
C7 LMT T . -56.05 20.47 15.57
C8 LMT T . -55.22 19.18 15.57
C9 LMT T . -55.19 18.51 14.19
C10 LMT T . -56.28 17.45 14.04
C11 LMT T . -56.21 16.78 12.68
C12 LMT T . -56.92 15.44 12.68
C1 PTY U . -22.92 42.87 9.10
C2 PTY U . -19.67 50.38 9.12
C3 PTY U . -19.91 49.71 7.80
O4 PTY U . -23.72 42.28 10.14
C5 PTY U . -21.32 44.79 8.68
C6 PTY U . -22.39 44.21 9.59
O7 PTY U . -21.83 44.03 10.92
C8 PTY U . -21.71 45.10 11.72
O10 PTY U . -22.66 45.58 12.29
C11 PTY U . -20.31 45.63 11.83
C12 PTY U . -19.33 44.64 12.40
C13 PTY U . -18.77 43.70 11.35
C14 PTY U . -18.07 42.50 11.92
C15 PTY U . -18.64 41.17 11.47
C16 PTY U . -17.92 39.97 12.04
C17 PTY U . -18.73 38.70 12.02
C18 PTY U . -18.15 37.59 12.87
C19 PTY U . -18.19 36.22 12.24
C20 PTY U . -16.95 35.38 12.49
C21 PTY U . -17.17 33.89 12.39
C22 PTY U . -16.26 33.07 13.26
C23 PTY U . -14.86 32.89 12.73
C24 PTY U . -14.04 31.86 13.46
C25 PTY U . -14.34 30.43 13.10
C26 PTY U . -13.80 29.41 14.08
C27 PTY U . -14.46 28.05 13.98
C28 PTY U . -15.82 27.95 14.63
C29 PTY U . -16.96 27.74 13.66
C30 PTY U . -25.04 42.34 10.01
C31 PTY U . -25.68 40.98 10.13
O30 PTY U . -25.63 43.37 9.81
C32 PTY U . -27.05 41.00 10.76
C33 PTY U . -27.02 40.76 12.27
C34 PTY U . -26.48 39.41 12.71
C35 PTY U . -26.94 38.23 11.87
C36 PTY U . -26.51 36.89 12.40
C37 PTY U . -25.90 35.96 11.36
C38 PTY U . -26.40 34.53 11.41
C39 PTY U . -25.78 33.69 12.50
C40 PTY U . -25.81 32.20 12.22
C41 PTY U . -25.21 31.35 13.32
C42 PTY U . -23.76 30.95 13.10
C43 PTY U . -23.24 29.96 14.09
C44 PTY U . -21.73 29.81 14.07
P1 PTY U . -20.13 47.09 8.11
O11 PTY U . -20.77 48.55 7.98
O12 PTY U . -19.93 46.55 6.72
O13 PTY U . -18.98 47.17 9.07
O14 PTY U . -21.32 46.24 8.79
N1 PTY U . -18.70 51.48 9.01
O21 DDR V . -33.23 8.01 11.50
C21 DDR V . -33.07 9.17 11.18
C22 DDR V . -34.17 10.19 11.43
C23 DDR V . -34.30 10.44 12.93
C24 DDR V . -35.59 11.20 13.26
C25 DDR V . -35.75 11.29 14.77
C26 DDR V . -37.00 12.08 15.17
C27 DDR V . -36.80 12.72 16.54
C28 DDR V . -38.10 12.84 17.34
C29 DDR V . -37.84 13.13 18.81
C30 DDR V . -37.24 14.50 19.03
O52 DDR V . -31.82 9.56 10.53
C52 DDR V . -30.66 9.34 11.32
C53 DDR V . -29.87 8.18 10.74
O53 DDR V . -30.68 7.00 10.74
C51 DDR V . -29.79 10.60 11.33
O51 DDR V . -29.13 10.76 12.59
C1 DDR V . -28.66 12.08 12.97
O1 DDR V . -27.70 12.55 12.39
C2 DDR V . -29.36 12.86 14.05
C3 DDR V . -30.58 13.57 13.48
C4 DDR V . -31.47 14.16 14.57
C5 DDR V . -31.93 15.57 14.23
C6 DDR V . -33.12 15.98 15.10
C7 DDR V . -33.00 17.42 15.63
C8 DDR V . -33.61 18.45 14.68
C9 DDR V . -33.87 19.77 15.40
C10 DDR V . -34.29 20.86 14.42
C1 GOL W . -9.19 -11.46 12.93
O1 GOL W . -8.90 -12.74 12.38
C2 GOL W . -8.27 -11.14 14.08
O2 GOL W . -8.17 -9.72 14.26
C3 GOL W . -8.72 -11.79 15.38
O3 GOL W . -8.91 -13.18 15.21
C1 GOL X . 18.17 -16.27 -31.74
O1 GOL X . 19.56 -16.12 -32.01
C2 GOL X . 17.42 -16.76 -32.96
O2 GOL X . 16.22 -15.98 -33.13
C3 GOL X . 17.05 -18.22 -32.90
O3 GOL X . 17.06 -18.82 -34.20
C1 GOL Y . -12.38 -33.93 -12.22
O1 GOL Y . -13.38 -34.82 -12.71
C2 GOL Y . -12.98 -32.89 -11.29
O2 GOL Y . -12.40 -31.62 -11.56
C3 GOL Y . -12.83 -33.23 -9.83
O3 GOL Y . -13.19 -34.58 -9.56
C1 GOL Z . -13.87 -54.82 -0.82
O1 GOL Z . -13.88 -54.86 -2.25
C2 GOL Z . -13.66 -53.41 -0.31
O2 GOL Z . -12.78 -53.43 0.82
C3 GOL Z . -14.96 -52.74 0.08
O3 GOL Z . -15.91 -52.74 -0.99
C1 GOL AA . -38.84 -1.81 17.86
O1 GOL AA . -39.25 -1.46 16.55
C2 GOL AA . -37.96 -0.73 18.48
O2 GOL AA . -37.88 -0.94 19.89
C3 GOL AA . -36.56 -0.68 17.90
O3 GOL AA . -36.51 -1.21 16.58
C1 D10 BA . -16.79 11.42 5.94
C2 D10 BA . -16.71 12.84 5.46
C3 D10 BA . -17.95 13.66 5.74
C4 D10 BA . -17.85 15.12 5.38
C5 D10 BA . -19.18 15.77 5.06
C6 D10 BA . -19.08 17.23 4.65
C7 D10 BA . -20.06 17.64 3.57
C8 D10 BA . -19.90 19.06 3.08
C9 D10 BA . -20.40 19.31 1.68
C10 D10 BA . -20.31 20.75 1.23
C1 D10 CA . -63.47 27.87 13.33
C2 D10 CA . -62.08 27.46 12.87
C3 D10 CA . -61.44 28.47 11.95
C4 D10 CA . -60.17 28.01 11.27
C5 D10 CA . -59.90 28.68 9.94
C6 D10 CA . -58.44 28.69 9.53
C7 D10 CA . -58.20 29.29 8.16
C8 D10 CA . -56.89 28.92 7.53
C9 D10 CA . -56.76 29.31 6.08
C10 D10 CA . -55.44 28.91 5.44
C1 OCT DA . -29.32 12.77 -13.63
C2 OCT DA . -28.56 12.93 -14.92
C3 OCT DA . -28.31 11.64 -15.65
C4 OCT DA . -27.37 11.76 -16.83
C5 OCT DA . -27.17 10.48 -17.61
C6 OCT DA . -26.05 10.53 -18.62
C7 OCT DA . -25.71 9.21 -19.27
C8 OCT DA . -24.68 9.32 -20.38
C1 D12 EA . -22.76 20.80 25.61
C2 D12 EA . -22.85 22.28 25.94
C3 D12 EA . -24.25 22.83 25.70
C4 D12 EA . -24.29 24.35 25.84
C5 D12 EA . -25.33 24.82 26.86
C6 D12 EA . -25.07 26.26 27.28
C7 D12 EA . -26.27 26.84 28.03
C8 D12 EA . -25.90 28.10 28.82
C9 D12 EA . -27.07 28.58 29.68
C10 D12 EA . -26.79 29.95 30.28
C11 D12 EA . -27.99 30.47 31.08
C12 D12 EA . -27.81 31.91 31.49
C1 HEX FA . -21.92 33.71 4.57
C2 HEX FA . -21.88 35.13 5.08
C3 HEX FA . -23.10 35.95 4.72
C4 HEX FA . -23.31 37.16 5.60
C5 HEX FA . -24.27 38.19 5.03
C6 HEX FA . -24.09 39.58 5.60
C1 EDO GA . -22.71 -35.04 0.34
O1 EDO GA . -22.86 -36.26 1.06
C2 EDO GA . -21.32 -34.81 -0.11
O2 EDO GA . -20.80 -35.88 -0.86
C1 EDO HA . -16.10 -39.99 12.45
O1 EDO HA . -15.93 -41.34 12.86
C2 EDO HA . -15.17 -39.58 11.39
O2 EDO HA . -15.62 -38.45 10.65
C1 EDO IA . 2.41 -40.81 -28.80
O1 EDO IA . 2.86 -41.47 -29.97
C2 EDO IA . 1.67 -39.54 -29.09
O2 EDO IA . 0.42 -39.75 -29.72
C1 EDO JA . 3.06 -40.55 -12.64
O1 EDO JA . 3.44 -41.87 -12.30
C2 EDO JA . 4.18 -39.57 -12.57
O2 EDO JA . 4.01 -38.58 -11.57
S SO4 KA . 2.09 -28.52 -16.68
O1 SO4 KA . 1.65 -28.66 -18.04
O2 SO4 KA . 2.15 -27.13 -16.33
O3 SO4 KA . 3.40 -29.11 -16.53
O4 SO4 KA . 1.16 -29.19 -15.81
N1 DDQ LA . -29.27 45.16 -16.52
O1 DDQ LA . -30.03 45.69 -15.68
CM1 DDQ LA . -27.89 45.56 -16.22
CM2 DDQ LA . -29.67 45.64 -17.86
C1 DDQ LA . -29.43 43.69 -16.41
C2 DDQ LA . -28.72 42.88 -17.51
C3 DDQ LA . -28.71 41.40 -17.16
C4 DDQ LA . -28.81 40.52 -18.40
C5 DDQ LA . -28.72 39.05 -17.98
C6 DDQ LA . -28.57 38.09 -19.17
C7 DDQ LA . -27.54 37.00 -18.88
C8 DDQ LA . -27.94 35.64 -19.45
C9 DDQ LA . -26.84 34.62 -19.20
C10 DDQ LA . -27.21 33.25 -19.75
NA NA MA . 0.81 -41.90 -0.40
CL CL NA . -45.88 39.38 -16.39
C1B LMT OA . -9.04 59.96 -43.22
C2B LMT OA . -9.21 61.43 -42.83
C3B LMT OA . -10.41 61.60 -41.91
C4B LMT OA . -11.65 61.04 -42.60
C5B LMT OA . -11.41 59.58 -42.95
C6B LMT OA . -12.63 58.97 -43.65
O1B LMT OA . -8.66 59.19 -42.08
O2B LMT OA . -8.03 61.90 -42.18
O3B LMT OA . -10.61 62.97 -41.57
O4' LMT OA . -12.77 61.17 -41.72
O5B LMT OA . -10.26 59.46 -43.79
O6B LMT OA . -12.98 59.71 -44.82
C1' LMT OA . -5.67 56.51 -40.93
C2' LMT OA . -5.21 57.89 -41.35
C3' LMT OA . -6.39 58.86 -41.29
C4' LMT OA . -7.49 58.36 -42.23
C5' LMT OA . -7.85 56.91 -41.93
C6' LMT OA . -8.72 56.33 -43.04
O1' LMT OA . -4.56 55.61 -40.99
O2' LMT OA . -4.14 58.35 -40.52
O3' LMT OA . -5.98 60.18 -41.66
O5' LMT OA . -6.70 56.06 -41.82
O6' LMT OA . -9.82 55.60 -42.49
C1 LMT OA . -4.78 54.36 -40.35
C2 LMT OA . -3.60 53.44 -40.63
C3 LMT OA . -3.56 52.22 -39.69
C4 LMT OA . -4.22 50.99 -40.29
C5 LMT OA . -3.61 49.70 -39.72
C6 LMT OA . -4.30 48.46 -40.29
C7 LMT OA . -3.93 48.19 -41.74
C8 LMT OA . -3.40 46.77 -41.95
C9 LMT OA . -4.51 45.74 -41.91
C10 LMT OA . -3.97 44.31 -41.95
C11 LMT OA . -4.02 43.72 -43.36
C12 LMT OA . -5.33 43.03 -43.60
C1B LMT PA . 8.94 18.55 -1.31
C2B LMT PA . 8.48 17.66 -2.46
C3B LMT PA . 9.66 16.95 -3.11
C4B LMT PA . 11.00 17.53 -2.68
C5B LMT PA . 11.15 17.63 -1.15
C6B LMT PA . 12.10 18.74 -0.77
O1B LMT PA . 7.79 18.99 -0.54
O2B LMT PA . 7.53 16.69 -1.98
O3B LMT PA . 9.54 17.05 -4.53
O4' LMT PA . 12.06 16.71 -3.20
O5B LMT PA . 9.88 17.84 -0.51
O6B LMT PA . 13.32 18.64 -1.50
C1' LMT PA . 7.42 22.36 1.08
C2' LMT PA . 8.78 21.81 1.53
C3' LMT PA . 9.16 20.51 0.84
C4' LMT PA . 8.03 19.47 0.79
C5' LMT PA . 6.69 20.01 1.32
C6' LMT PA . 6.59 19.97 2.84
O1' LMT PA . 6.85 23.28 2.02
O2' LMT PA . 9.81 22.75 1.23
O3' LMT PA . 10.29 19.95 1.51
O5' LMT PA . 6.44 21.33 0.83
O6' LMT PA . 5.74 18.90 3.26
C1 LMT PA . 7.65 24.37 2.50
C2 LMT PA . 8.06 25.36 1.40
C3 LMT PA . 9.43 25.98 1.69
C4 LMT PA . 9.62 27.33 1.01
C5 LMT PA . 9.71 28.47 2.01
C6 LMT PA . 8.33 28.89 2.53
C7 LMT PA . 7.64 29.86 1.57
C8 LMT PA . 6.14 29.61 1.52
C9 LMT PA . 5.39 30.79 0.88
C10 LMT PA . 4.35 30.34 -0.14
C11 LMT PA . 2.96 30.15 0.50
C12 LMT PA . 1.90 29.94 -0.56
C1B LMT QA . 25.74 30.14 -27.78
C2B LMT QA . 26.57 29.11 -28.55
C3B LMT QA . 27.61 28.44 -27.64
C4B LMT QA . 27.75 29.16 -26.30
C5B LMT QA . 26.38 29.22 -25.62
C6B LMT QA . 26.39 30.17 -24.43
O1B LMT QA . 24.58 30.50 -28.56
O2B LMT QA . 25.73 28.11 -29.11
O3B LMT QA . 28.89 28.38 -28.30
O4' LMT QA . 28.67 28.46 -25.47
O5B LMT QA . 25.32 29.60 -26.53
O6B LMT QA . 27.10 29.60 -23.33
C1' LMT QA . 23.10 33.47 -30.93
C2' LMT QA . 24.62 33.45 -30.87
C3' LMT QA . 25.17 32.24 -30.11
C4' LMT QA . 24.40 31.88 -28.84
C5' LMT QA . 22.90 32.15 -28.95
C6' LMT QA . 22.26 32.14 -27.56
O1' LMT QA . 22.59 34.67 -31.54
O2' LMT QA . 25.21 33.43 -32.18
O3' LMT QA . 26.54 32.51 -29.78
O5' LMT QA . 22.60 33.39 -29.60
O6' LMT QA . 22.36 30.83 -26.98
C1 LMT QA . 22.86 34.84 -32.93
C2 LMT QA . 21.61 35.22 -33.71
C3 LMT QA . 21.66 36.63 -34.28
C4 LMT QA . 20.55 36.87 -35.31
C5 LMT QA . 19.52 37.89 -34.83
C6 LMT QA . 18.32 37.96 -35.77
C7 LMT QA . 17.78 39.39 -35.94
C8 LMT QA . 17.77 39.83 -37.41
C9 LMT QA . 17.86 41.36 -37.56
C10 LMT QA . 16.48 42.03 -37.49
C11 LMT QA . 16.09 42.60 -38.85
C12 LMT QA . 14.71 43.21 -38.80
C1 PTY RA . -14.90 47.71 -8.55
C2 PTY RA . -17.03 49.23 -16.64
C3 PTY RA . -16.05 49.82 -15.66
O4 PTY RA . -16.25 47.22 -8.71
C5 PTY RA . -15.61 49.14 -10.53
C6 PTY RA . -14.48 48.44 -9.81
O7 PTY RA . -13.85 47.47 -10.70
C8 PTY RA . -12.51 47.53 -10.84
O10 PTY RA . -12.00 48.17 -11.72
C11 PTY RA . -11.76 46.72 -9.81
C12 PTY RA . -10.75 47.52 -9.03
C13 PTY RA . -11.12 47.70 -7.55
C14 PTY RA . -11.50 46.44 -6.79
C15 PTY RA . -10.63 45.22 -7.07
C16 PTY RA . -11.33 43.92 -6.77
C17 PTY RA . -10.45 42.84 -6.16
C18 PTY RA . -9.83 41.89 -7.15
C19 PTY RA . -10.34 40.47 -7.07
C20 PTY RA . -9.57 39.48 -7.92
C21 PTY RA . -10.37 38.26 -8.33
C22 PTY RA . -9.53 37.02 -8.56
C23 PTY RA . -9.62 35.98 -7.45
C24 PTY RA . -9.73 34.55 -7.94
C25 PTY RA . -10.47 33.63 -7.01
C26 PTY RA . -10.09 32.17 -7.12
C27 PTY RA . -11.06 31.31 -7.92
C28 PTY RA . -10.42 30.31 -8.85
C29 PTY RA . -10.89 28.88 -8.64
C30 PTY RA . -16.54 46.02 -8.18
C31 PTY RA . -16.24 45.98 -6.70
O30 PTY RA . -17.01 45.13 -8.83
C32 PTY RA . -15.65 44.68 -6.23
C33 PTY RA . -14.72 44.01 -7.23
C34 PTY RA . -15.29 42.79 -7.92
C35 PTY RA . -14.37 41.58 -7.92
C36 PTY RA . -14.30 40.87 -9.24
C37 PTY RA . -13.67 39.49 -9.15
C38 PTY RA . -13.52 38.81 -10.49
C39 PTY RA . -13.27 37.32 -10.39
C40 PTY RA . -14.06 36.49 -11.37
C41 PTY RA . -14.06 35.00 -11.09
C42 PTY RA . -15.41 34.41 -10.79
C43 PTY RA . -15.67 34.06 -9.34
C44 PTY RA . -16.00 32.61 -9.09
P1 PTY RA . -15.47 49.84 -13.08
O11 PTY RA . -16.17 49.17 -14.36
O12 PTY RA . -16.27 51.05 -12.71
O13 PTY RA . -14.00 49.97 -13.37
O14 PTY RA . -15.66 48.73 -11.94
N1 PTY RA . -18.31 49.96 -16.67
C1 GOL SA . 21.76 -21.64 -21.02
O1 GOL SA . 21.74 -23.06 -21.05
C2 GOL SA . 22.87 -21.09 -21.89
O2 GOL SA . 23.32 -19.84 -21.36
C3 GOL SA . 24.05 -22.03 -22.03
O3 GOL SA . 25.22 -21.36 -22.49
C1 GOL TA . 19.79 -28.32 17.19
O1 GOL TA . 19.70 -29.65 17.70
C2 GOL TA . 19.13 -28.20 15.85
O2 GOL TA . 18.92 -26.82 15.54
C3 GOL TA . 19.92 -28.87 14.73
O3 GOL TA . 21.27 -28.40 14.68
C1 GOL UA . -10.39 -3.69 -19.46
O1 GOL UA . -11.78 -3.44 -19.24
C2 GOL UA . -9.53 -2.56 -18.92
O2 GOL UA . -8.53 -3.09 -18.04
C3 GOL UA . -8.86 -1.77 -20.03
O3 GOL UA . -8.46 -0.47 -19.57
C1 GOL VA . -6.74 -5.13 -22.18
O1 GOL VA . -5.61 -5.39 -21.38
C2 GOL VA . -6.51 -3.99 -23.15
O2 GOL VA . -7.76 -3.54 -23.68
C3 GOL VA . -5.78 -2.82 -22.52
O3 GOL VA . -6.03 -1.60 -23.21
C1 GOL WA . 17.20 22.08 -33.20
O1 GOL WA . 16.71 23.33 -33.70
C2 GOL WA . 18.45 22.26 -32.36
O2 GOL WA . 18.48 21.28 -31.33
C3 GOL WA . 19.73 22.17 -33.18
O3 GOL WA . 20.88 22.24 -32.34
C1 GOL XA . 21.94 -18.02 -7.48
O1 GOL XA . 20.82 -18.88 -7.30
C2 GOL XA . 22.38 -18.00 -8.93
O2 GOL XA . 21.56 -17.10 -9.66
C3 GOL XA . 23.84 -17.63 -9.10
O3 GOL XA . 24.02 -16.52 -9.96
C1 GOL YA . -10.20 3.25 -37.39
O1 GOL YA . -10.17 4.03 -38.58
C2 GOL YA . -8.81 3.03 -36.84
O2 GOL YA . -8.54 3.99 -35.82
C3 GOL YA . -8.60 1.63 -36.29
O3 GOL YA . -8.03 0.76 -37.27
C1 GOL ZA . 24.41 26.08 -33.40
O1 GOL ZA . 25.17 26.48 -32.27
C2 GOL ZA . 25.20 26.23 -34.70
O2 GOL ZA . 26.33 27.09 -34.48
C3 GOL ZA . 24.37 26.76 -35.85
O3 GOL ZA . 24.10 28.15 -35.71
C1 GOL AB . 31.52 4.11 -44.58
O1 GOL AB . 31.13 4.56 -45.87
C2 GOL AB . 31.31 2.62 -44.43
O2 GOL AB . 32.08 2.13 -43.32
C3 GOL AB . 29.85 2.24 -44.25
O3 GOL AB . 29.07 2.57 -45.38
C1 D10 BB . -8.36 46.61 8.22
C2 D10 BB . -8.64 45.21 7.74
C3 D10 BB . -7.73 44.74 6.64
C4 D10 BB . -7.31 43.29 6.74
C5 D10 BB . -6.53 42.78 5.54
C6 D10 BB . -5.64 41.60 5.84
C7 D10 BB . -5.57 40.56 4.73
C8 D10 BB . -4.49 39.52 4.91
C9 D10 BB . -4.47 38.46 3.85
C10 D10 BB . -3.40 37.41 4.04
C1 D10 CB . 2.87 54.93 -33.29
C2 D10 CB . 2.96 55.58 -34.64
C3 D10 CB . 1.63 55.99 -35.21
C4 D10 CB . 1.60 56.04 -36.72
C5 D10 CB . 0.45 56.86 -37.30
C6 D10 CB . 0.01 56.44 -38.68
C7 D10 CB . -0.38 57.58 -39.58
C8 D10 CB . -0.72 57.16 -41.00
C9 D10 CB . -0.88 58.29 -41.98
C10 D10 CB . -1.12 57.84 -43.40
C1 D10 DB . -7.64 15.82 -13.42
C2 D10 DB . -6.23 15.66 -12.89
C3 D10 DB . -5.35 16.85 -13.17
C4 D10 DB . -4.44 17.25 -12.03
C5 D10 DB . -5.07 18.17 -11.02
C6 D10 DB . -4.62 19.62 -11.13
C7 D10 DB . -5.67 20.62 -10.70
C8 D10 DB . -5.12 21.97 -10.30
C9 D10 DB . -6.11 23.11 -10.42
C10 D10 DB . -5.67 24.40 -9.76
C1 OCT EB . -9.15 47.56 2.11
C2 OCT EB . -7.90 46.71 2.17
C3 OCT EB . -7.83 45.67 1.08
C4 OCT EB . -6.88 44.53 1.40
C5 OCT EB . -6.82 43.45 0.33
C6 OCT EB . -5.81 42.36 0.62
C7 OCT EB . -5.92 41.15 -0.28
C8 OCT EB . -4.88 40.08 0.01
C1 OCT FB . -7.14 30.78 -30.09
C2 OCT FB . -6.78 30.02 -31.34
C3 OCT FB . -7.90 29.94 -32.35
C4 OCT FB . -7.58 29.10 -33.57
C5 OCT FB . -8.45 29.40 -34.78
C6 OCT FB . -9.04 28.16 -35.44
C7 OCT FB . -10.00 28.45 -36.56
C8 OCT FB . -10.48 27.21 -37.29
C01 C14 GB . -9.76 16.02 -19.33
C02 C14 GB . -10.03 17.11 -20.34
C03 C14 GB . -11.14 18.06 -19.95
C04 C14 GB . -10.86 18.90 -18.73
C05 C14 GB . -11.59 20.22 -18.71
C06 C14 GB . -11.39 21.03 -17.44
C07 C14 GB . -11.66 22.51 -17.57
C08 C14 GB . -11.28 23.32 -16.35
C09 C14 GB . -12.11 24.56 -16.14
C10 C14 GB . -11.72 25.37 -14.93
C11 C14 GB . -12.23 26.79 -14.93
C12 C14 GB . -11.83 27.62 -13.72
C13 C14 GB . -12.40 29.01 -13.70
C14 C14 GB . -11.63 30.00 -12.85
C1 D12 HB . 17.11 42.58 -0.43
C2 D12 HB . 17.12 43.66 0.63
C3 D12 HB . 16.96 45.04 -0.01
C4 D12 HB . 16.89 46.14 1.06
C5 D12 HB . 16.21 47.39 0.52
C6 D12 HB . 16.16 48.49 1.57
C7 D12 HB . 15.36 49.69 1.10
C8 D12 HB . 16.06 51.01 1.46
C9 D12 HB . 15.14 52.21 1.24
C10 D12 HB . 14.63 52.76 2.57
C11 D12 HB . 13.42 53.67 2.36
C12 D12 HB . 12.89 54.19 3.68
C1 D12 IB . -7.79 51.03 3.96
C2 D12 IB . -7.32 49.90 4.84
C3 D12 IB . -5.94 49.40 4.43
C4 D12 IB . -5.64 48.03 5.01
C5 D12 IB . -4.17 47.66 4.76
C6 D12 IB . -3.90 46.16 4.87
C7 D12 IB . -2.92 45.69 3.80
C8 D12 IB . -2.23 44.37 4.17
C9 D12 IB . -2.05 43.46 2.94
C10 D12 IB . -0.90 42.48 3.10
C11 D12 IB . -0.95 41.42 1.99
C12 D12 IB . 0.36 40.68 1.85
O7 LPX JB . -1.37 24.86 -9.14
C6 LPX JB . -1.85 24.33 -10.12
O6 LPX JB . -1.91 23.02 -10.29
C5 LPX JB . -0.71 22.26 -10.00
C4 LPX JB . -1.00 21.27 -8.90
O5 LPX JB . -0.99 21.94 -7.64
C3 LPX JB . 0.01 20.13 -8.85
O1 LPX JB . -0.10 19.33 -10.06
P1 LPX JB . 0.94 18.14 -10.35
O3 LPX JB . 1.10 18.05 -11.85
O2 LPX JB . 2.33 18.65 -9.73
C1 LPX JB . 3.55 18.54 -10.52
C2 LPX JB . 4.75 18.48 -9.62
N1 LPX JB . 6.00 18.55 -10.38
O4 LPX JB . 0.49 16.93 -9.59
C7 LPX JB . -2.47 25.07 -11.28
C8 LPX JB . -2.44 26.56 -11.14
C9 LPX JB . -3.44 27.08 -10.13
C10 LPX JB . -3.15 28.48 -9.62
C11 LPX JB . -2.29 28.55 -8.37
C12 LPX JB . -2.40 29.85 -7.61
C13 LPX JB . -1.31 30.07 -6.57
C14 LPX JB . -0.64 31.42 -6.63
C15 LPX JB . -0.85 32.29 -5.41
C16 LPX JB . 0.20 33.38 -5.23
C17 LPX JB . 0.01 34.23 -4.00
C18 LPX JB . 1.28 34.86 -3.47
C19 LPX JB . 1.99 34.06 -2.40
C20 LPX JB . 3.00 34.85 -1.59
C21 LPX JB . 4.27 34.09 -1.26
O7 LPX KB . -25.24 39.83 -22.44
C6 LPX KB . -26.05 40.43 -23.09
O6 LPX KB . -25.79 41.57 -23.73
C5 LPX KB . -26.52 42.74 -23.32
C4 LPX KB . -25.69 43.98 -23.59
O5 LPX KB . -24.49 43.62 -24.26
C3 LPX KB . -25.34 44.73 -22.32
O1 LPX KB . -24.34 45.74 -22.62
P1 LPX KB . -23.78 46.68 -21.43
O3 LPX KB . -23.93 48.11 -21.89
O2 LPX KB . -24.81 46.43 -20.23
C1 LPX KB . -24.31 46.25 -18.87
C2 LPX KB . -24.97 47.25 -17.95
N1 LPX KB . -24.06 47.73 -16.92
O4 LPX KB . -22.42 46.17 -21.04
C7 LPX KB . -27.47 39.98 -23.32
C8 LPX KB . -27.62 38.49 -23.36
C9 LPX KB . -28.98 38.00 -23.83
C10 LPX KB . -28.93 36.65 -24.51
C11 LPX KB . -28.16 35.57 -23.76
C12 LPX KB . -26.73 35.35 -24.24
C13 LPX KB . -25.68 35.31 -23.14
C14 LPX KB . -24.99 36.63 -22.86
C15 LPX KB . -23.84 36.57 -21.89
C16 LPX KB . -22.68 35.73 -22.35
C17 LPX KB . -22.57 34.41 -21.64
C18 LPX KB . -21.32 33.64 -21.98
C19 LPX KB . -21.30 32.23 -21.44
C20 LPX KB . -20.54 31.23 -22.27
C21 LPX KB . -21.13 29.84 -22.25
C1 HEX LB . -15.03 37.38 -30.23
C2 HEX LB . -13.99 36.33 -29.93
C3 HEX LB . -13.19 35.91 -31.15
C4 HEX LB . -12.21 34.78 -30.91
C5 HEX LB . -12.15 33.77 -32.03
C6 HEX LB . -10.92 32.88 -32.00
C1 HEX MB . 21.86 24.62 -11.51
C2 HEX MB . 21.16 25.90 -11.91
C3 HEX MB . 20.23 26.45 -10.85
C4 HEX MB . 19.30 27.54 -11.34
C5 HEX MB . 18.83 28.50 -10.28
C6 HEX MB . 18.02 29.66 -10.83
C1 EDO NB . 11.94 -5.43 -27.43
O1 EDO NB . 12.54 -6.44 -26.64
C2 EDO NB . 12.53 -4.08 -27.24
O2 EDO NB . 12.52 -3.29 -28.42
C1 EDO OB . 28.68 -23.41 17.33
O1 EDO OB . 29.27 -23.73 18.58
C2 EDO OB . 27.20 -23.54 17.35
O2 EDO OB . 26.75 -24.85 17.06
S SO4 PB . -1.40 -18.00 -36.29
O1 SO4 PB . -0.92 -16.84 -37.00
O2 SO4 PB . -2.66 -18.40 -36.86
O3 SO4 PB . -0.45 -19.06 -36.42
O4 SO4 PB . -1.58 -17.67 -34.90
S SO4 QB . -23.37 51.34 -18.97
O1 SO4 QB . -24.21 51.93 -19.96
O2 SO4 QB . -24.18 50.64 -18.00
O3 SO4 QB . -22.46 50.40 -19.59
O4 SO4 QB . -22.61 52.37 -18.30
C1 EDO RB . -4.56 -53.27 14.41
O1 EDO RB . -4.32 -52.57 15.61
C2 EDO RB . -4.97 -52.38 13.29
O2 EDO RB . -4.52 -52.84 12.03
C1 EDO SB . -30.36 -39.95 8.54
O1 EDO SB . -30.95 -38.68 8.67
C2 EDO SB . -29.96 -40.27 7.15
O2 EDO SB . -30.35 -41.57 6.73
C1 EDO TB . -32.36 -56.27 5.14
O1 EDO TB . -31.87 -56.45 3.83
C2 EDO TB . -31.32 -55.84 6.11
O2 EDO TB . -31.40 -56.49 7.36
C1 EDO UB . 38.93 -22.64 22.40
O1 EDO UB . 39.17 -23.96 22.86
C2 EDO UB . 40.14 -21.79 22.45
O2 EDO UB . 39.92 -20.54 23.06
#